data_9CUH
#
_entry.id   9CUH
#
_cell.length_a   1.00
_cell.length_b   1.00
_cell.length_c   1.00
_cell.angle_alpha   90.00
_cell.angle_beta   90.00
_cell.angle_gamma   90.00
#
_symmetry.space_group_name_H-M   'P 1'
#
loop_
_entity.id
_entity.type
_entity.pdbx_description
1 polymer 'Transient receptor potential cation channel subfamily V member 6'
2 non-polymer 'CHOLESTEROL HEMISUCCINATE'
3 non-polymer 1,2-DIOLEOYL-SN-GLYCERO-3-PHOSPHOCHOLINE
4 non-polymer '(2S)-3-(hexadecanoyloxy)-2-[(9Z)-octadec-9-enoyloxy]propyl 2-(trimethylammonio)ethyl phosphate'
5 non-polymer 'CALCIUM ION'
6 water water
#
_entity_poly.entity_id   1
_entity_poly.type   'polypeptide(L)'
_entity_poly.pdbx_seq_one_letter_code
;MGPLQGDGGPALGGADVAPRLSPVRVWPRPQAPKEPALHPMGLSLPKEKGLILCLWSKFCRWFQRRESWAQSRDEQNLLQ
QKRIWESPLLLAAKDNDVQALNKLLKYEDCKVHQRGAMGETALHIAALYDNLEAAMVLMEAAPELVFEPMTSELYEGQTA
LHIAVVNQNMNLVRALLARRASVSARATGTAFRRSPRNLIYFGEHPLSFAACVNSEEIVRLLIEHGADIRAQDSLGNTVL
HILILQPNKTFACQMYNLLLSYDRHGDHLQPLDLVPNHQGLTPFKLAGVEGNTVMFQHLMQKRKHTQWTYGPLTSTLYDL
TEIDSSGDEQSLLELIITTKKREARQILDQTPVKELVSLKWKRYGRPYFCMLGAIYLLYIICFTMCCIYRPLKPRTNNRT
SPRDNTLLQQKLLQEAYVTPKDDIRLVGELVTVIGAIIILLVEVPDIFRMGVTRFFGQTILGGPFHVLIITYAFMVLVTM
VMRLISASGEVVPMSFALVLGWCNVMYFARGFQMLGPFTIMIQKMIFGDLMRFCWLMAVVILGFASAFYIIFQTEDPEEL
GHFYDYPMALFSTFELFLTIIDGPANYNVDLPFMYSITYAAFAIIATLLMLNLLIAMMGDTHWRVAHERDELWRAQIVAT
TVMLERKLPRCLWPRSGICGREYGLGDRWFLRVEDRQDLNRQRIQRYAQAFHTRGSEDLDKDSVEKLELGCPFSPHLSLP
TPSVSRSTSRSSANWERLRQGTLRRDLRGIINRGLEDGESWEYQI
;
_entity_poly.pdbx_strand_id   A,B,C,D
#
loop_
_chem_comp.id
_chem_comp.type
_chem_comp.name
_chem_comp.formula
CA non-polymer 'CALCIUM ION' 'Ca 2'
PCW non-polymer 1,2-DIOLEOYL-SN-GLYCERO-3-PHOSPHOCHOLINE 'C44 H85 N O8 P 1'
POV non-polymer '(2S)-3-(hexadecanoyloxy)-2-[(9Z)-octadec-9-enoyloxy]propyl 2-(trimethylammonio)ethyl phosphate' 'C42 H82 N O8 P'
Y01 non-polymer 'CHOLESTEROL HEMISUCCINATE' 'C31 H50 O4'
#
# COMPACT_ATOMS: atom_id res chain seq x y z
N SER A 68 -14.91 7.99 -40.09
CA SER A 68 -15.04 8.29 -41.50
C SER A 68 -14.51 7.15 -42.35
N TRP A 69 -13.28 6.74 -42.08
CA TRP A 69 -12.70 5.62 -42.81
C TRP A 69 -13.31 4.30 -42.38
N ALA A 70 -13.71 4.22 -41.10
CA ALA A 70 -14.30 2.98 -40.59
C ALA A 70 -15.73 2.82 -41.08
N GLN A 71 -16.48 3.93 -41.13
CA GLN A 71 -17.84 3.89 -41.63
C GLN A 71 -17.87 3.57 -43.13
N SER A 72 -16.82 3.97 -43.85
CA SER A 72 -16.73 3.62 -45.27
C SER A 72 -16.38 2.15 -45.44
N ARG A 73 -15.58 1.60 -44.53
CA ARG A 73 -15.19 0.19 -44.65
C ARG A 73 -16.34 -0.72 -44.27
N ASP A 74 -17.19 -0.27 -43.35
CA ASP A 74 -18.29 -1.12 -42.90
C ASP A 74 -19.38 -1.22 -43.96
N GLU A 75 -19.54 -0.18 -44.77
CA GLU A 75 -20.54 -0.20 -45.82
C GLU A 75 -20.09 -1.05 -47.00
N GLN A 76 -18.80 -1.37 -47.07
CA GLN A 76 -18.31 -2.22 -48.15
C GLN A 76 -18.39 -3.69 -47.78
N ASN A 77 -18.25 -4.00 -46.49
CA ASN A 77 -18.32 -5.39 -46.05
C ASN A 77 -19.76 -5.86 -45.92
N LEU A 78 -20.71 -4.93 -45.82
CA LEU A 78 -22.11 -5.29 -45.93
C LEU A 78 -22.54 -5.36 -47.39
N LEU A 79 -21.87 -4.61 -48.26
CA LEU A 79 -22.22 -4.64 -49.68
C LEU A 79 -21.71 -5.92 -50.32
N GLN A 80 -20.65 -6.51 -49.77
CA GLN A 80 -20.17 -7.79 -50.26
C GLN A 80 -21.17 -8.89 -49.98
N GLN A 81 -21.76 -8.89 -48.80
CA GLN A 81 -22.68 -9.96 -48.41
C GLN A 81 -24.00 -9.84 -49.14
N LYS A 82 -24.29 -8.66 -49.67
CA LYS A 82 -25.49 -8.48 -50.49
C LYS A 82 -25.27 -9.04 -51.90
N ARG A 83 -24.10 -8.78 -52.48
CA ARG A 83 -23.83 -9.18 -53.86
C ARG A 83 -23.60 -10.68 -53.96
N ILE A 84 -23.18 -11.31 -52.87
CA ILE A 84 -23.08 -12.76 -52.81
C ILE A 84 -24.49 -13.32 -52.80
N TRP A 85 -25.34 -12.74 -51.97
CA TRP A 85 -26.70 -13.21 -51.73
C TRP A 85 -27.59 -13.01 -52.95
N GLU A 86 -27.27 -12.02 -53.79
CA GLU A 86 -28.02 -11.82 -55.03
C GLU A 86 -27.61 -12.79 -56.12
N SER A 87 -26.32 -13.05 -56.28
CA SER A 87 -25.81 -13.86 -57.39
C SER A 87 -25.99 -15.32 -57.06
N PRO A 88 -26.63 -16.11 -57.93
CA PRO A 88 -26.76 -17.55 -57.66
C PRO A 88 -25.43 -18.29 -57.78
N LEU A 89 -24.51 -17.75 -58.57
CA LEU A 89 -23.19 -18.36 -58.71
C LEU A 89 -22.38 -18.21 -57.43
N LEU A 90 -22.32 -16.99 -56.90
CA LEU A 90 -21.53 -16.73 -55.71
C LEU A 90 -22.17 -17.31 -54.46
N LEU A 91 -23.51 -17.40 -54.44
CA LEU A 91 -24.18 -17.97 -53.27
C LEU A 91 -23.96 -19.47 -53.21
N ALA A 92 -23.83 -20.12 -54.36
CA ALA A 92 -23.57 -21.54 -54.39
C ALA A 92 -22.13 -21.85 -54.02
N ALA A 93 -21.25 -20.84 -54.12
CA ALA A 93 -19.86 -21.02 -53.71
C ALA A 93 -19.68 -20.76 -52.23
N LYS A 94 -20.44 -19.80 -51.68
CA LYS A 94 -20.43 -19.52 -50.25
C LYS A 94 -20.90 -20.72 -49.45
N ASP A 95 -22.04 -21.27 -49.82
CA ASP A 95 -22.48 -22.56 -49.31
C ASP A 95 -21.70 -23.66 -49.99
N ASN A 96 -21.81 -24.87 -49.47
CA ASN A 96 -21.07 -25.96 -50.10
C ASN A 96 -21.96 -26.63 -51.13
N ASP A 97 -22.41 -25.86 -52.12
CA ASP A 97 -23.46 -26.29 -53.04
C ASP A 97 -22.85 -26.73 -54.38
N VAL A 98 -22.39 -27.99 -54.42
CA VAL A 98 -21.82 -28.51 -55.66
C VAL A 98 -22.92 -28.94 -56.61
N GLN A 99 -24.15 -29.01 -56.11
CA GLN A 99 -25.29 -29.36 -56.96
C GLN A 99 -25.60 -28.22 -57.93
N ALA A 100 -25.74 -27.00 -57.41
CA ALA A 100 -26.14 -25.88 -58.25
C ALA A 100 -25.00 -25.43 -59.15
N LEU A 101 -23.75 -25.59 -58.69
CA LEU A 101 -22.60 -25.19 -59.49
C LEU A 101 -22.43 -26.06 -60.72
N ASN A 102 -22.91 -27.31 -60.64
CA ASN A 102 -23.06 -28.12 -61.83
C ASN A 102 -24.08 -27.49 -62.75
N LYS A 103 -25.28 -27.20 -62.22
CA LYS A 103 -26.38 -26.74 -63.06
C LYS A 103 -26.22 -25.29 -63.50
N LEU A 104 -25.44 -24.49 -62.76
CA LEU A 104 -25.19 -23.12 -63.17
C LEU A 104 -24.16 -23.05 -64.29
N LEU A 105 -23.10 -23.83 -64.18
CA LEU A 105 -22.00 -23.73 -65.14
C LEU A 105 -22.34 -24.37 -66.48
N LYS A 106 -23.35 -25.24 -66.53
CA LYS A 106 -23.77 -25.84 -67.78
C LYS A 106 -24.69 -24.93 -68.59
N TYR A 107 -25.06 -23.77 -68.05
CA TYR A 107 -25.80 -22.77 -68.82
C TYR A 107 -24.82 -22.02 -69.70
N GLU A 108 -25.32 -21.34 -70.73
CA GLU A 108 -24.47 -20.64 -71.68
C GLU A 108 -24.01 -19.31 -71.10
N ASP A 109 -22.68 -19.15 -71.04
CA ASP A 109 -21.88 -17.96 -70.74
C ASP A 109 -21.92 -17.56 -69.26
N CYS A 110 -22.96 -17.97 -68.53
CA CYS A 110 -22.98 -18.18 -67.07
C CYS A 110 -22.64 -16.98 -66.18
N LYS A 111 -22.21 -15.86 -66.77
CA LYS A 111 -21.48 -14.79 -66.09
C LYS A 111 -20.43 -15.34 -65.14
N VAL A 112 -19.42 -16.04 -65.68
CA VAL A 112 -18.37 -16.62 -64.85
C VAL A 112 -17.46 -15.52 -64.34
N HIS A 113 -17.20 -14.53 -65.19
CA HIS A 113 -16.28 -13.44 -64.86
C HIS A 113 -17.01 -12.26 -64.23
N GLN A 114 -18.12 -12.52 -63.54
CA GLN A 114 -18.84 -11.44 -62.90
C GLN A 114 -18.11 -11.00 -61.64
N ARG A 115 -18.20 -9.71 -61.35
CA ARG A 115 -17.35 -9.05 -60.37
C ARG A 115 -18.15 -8.90 -59.07
N GLY A 116 -17.52 -8.76 -57.91
CA GLY A 116 -18.26 -8.56 -56.69
C GLY A 116 -18.04 -7.16 -56.16
N ALA A 117 -18.41 -6.95 -54.90
CA ALA A 117 -18.25 -5.63 -54.31
C ALA A 117 -16.81 -5.35 -53.93
N MET A 118 -16.07 -6.39 -53.56
CA MET A 118 -14.66 -6.27 -53.21
C MET A 118 -13.72 -6.50 -54.37
N GLY A 119 -14.23 -6.57 -55.60
CA GLY A 119 -13.43 -6.98 -56.72
C GLY A 119 -13.26 -8.48 -56.84
N GLU A 120 -14.02 -9.25 -56.09
CA GLU A 120 -13.81 -10.68 -55.92
C GLU A 120 -14.47 -11.45 -57.07
N THR A 121 -14.06 -12.70 -57.25
CA THR A 121 -14.69 -13.58 -58.23
C THR A 121 -15.33 -14.73 -57.47
N ALA A 122 -15.81 -15.73 -58.21
CA ALA A 122 -16.49 -16.86 -57.59
C ALA A 122 -15.51 -17.76 -56.87
N LEU A 123 -14.27 -17.84 -57.38
CA LEU A 123 -13.31 -18.78 -56.81
C LEU A 123 -12.66 -18.19 -55.57
N HIS A 124 -12.70 -16.87 -55.41
CA HIS A 124 -12.27 -16.25 -54.17
C HIS A 124 -13.20 -16.60 -53.03
N ILE A 125 -14.51 -16.69 -53.33
CA ILE A 125 -15.53 -16.93 -52.32
C ILE A 125 -15.41 -18.34 -51.75
N ALA A 126 -15.20 -19.31 -52.63
CA ALA A 126 -15.06 -20.69 -52.18
C ALA A 126 -13.77 -20.88 -51.40
N ALA A 127 -12.74 -20.09 -51.72
CA ALA A 127 -11.51 -20.11 -50.94
C ALA A 127 -11.69 -19.38 -49.62
N LEU A 128 -12.58 -18.39 -49.56
CA LEU A 128 -12.69 -17.56 -48.37
C LEU A 128 -13.53 -18.25 -47.31
N TYR A 129 -14.50 -19.06 -47.72
CA TYR A 129 -15.38 -19.76 -46.80
C TYR A 129 -14.97 -21.21 -46.59
N ASP A 130 -13.73 -21.57 -46.98
CA ASP A 130 -13.15 -22.90 -46.82
C ASP A 130 -13.96 -23.99 -47.51
N ASN A 131 -14.52 -23.68 -48.68
CA ASN A 131 -15.30 -24.66 -49.44
C ASN A 131 -14.39 -25.30 -50.47
N LEU A 132 -13.89 -26.50 -50.13
CA LEU A 132 -12.98 -27.21 -51.01
C LEU A 132 -13.71 -27.79 -52.21
N GLU A 133 -14.89 -28.37 -51.98
CA GLU A 133 -15.59 -29.08 -53.04
C GLU A 133 -16.20 -28.10 -54.05
N ALA A 134 -16.48 -26.88 -53.61
CA ALA A 134 -17.00 -25.88 -54.53
C ALA A 134 -15.87 -25.21 -55.30
N ALA A 135 -14.66 -25.20 -54.72
CA ALA A 135 -13.55 -24.52 -55.37
C ALA A 135 -12.94 -25.36 -56.47
N MET A 136 -13.04 -26.69 -56.35
CA MET A 136 -12.48 -27.57 -57.36
C MET A 136 -13.32 -27.54 -58.64
N VAL A 137 -14.65 -27.53 -58.49
CA VAL A 137 -15.56 -27.52 -59.63
C VAL A 137 -15.41 -26.24 -60.44
N LEU A 138 -15.09 -25.13 -59.76
CA LEU A 138 -14.90 -23.87 -60.46
C LEU A 138 -13.57 -23.84 -61.22
N MET A 139 -12.63 -24.71 -60.88
CA MET A 139 -11.34 -24.69 -61.55
C MET A 139 -11.36 -25.49 -62.85
N GLU A 140 -12.09 -26.60 -62.90
CA GLU A 140 -12.22 -27.31 -64.18
C GLU A 140 -13.18 -26.59 -65.11
N ALA A 141 -14.08 -25.79 -64.57
CA ALA A 141 -15.03 -25.03 -65.40
C ALA A 141 -14.32 -23.84 -66.03
N ALA A 142 -13.73 -22.98 -65.20
CA ALA A 142 -12.93 -21.87 -65.68
C ALA A 142 -11.55 -21.95 -65.06
N PRO A 143 -10.52 -22.34 -65.80
CA PRO A 143 -9.20 -22.48 -65.20
C PRO A 143 -8.48 -21.15 -65.06
N GLU A 144 -9.00 -20.12 -65.75
CA GLU A 144 -8.37 -18.81 -65.74
C GLU A 144 -8.83 -17.93 -64.58
N LEU A 145 -9.61 -18.47 -63.64
CA LEU A 145 -9.97 -17.70 -62.47
C LEU A 145 -8.87 -17.72 -61.42
N VAL A 146 -7.87 -18.56 -61.62
CA VAL A 146 -6.79 -18.72 -60.66
C VAL A 146 -5.86 -17.51 -60.78
N PHE A 147 -5.83 -16.91 -61.96
CA PHE A 147 -4.90 -15.82 -62.23
C PHE A 147 -5.58 -14.47 -62.07
N GLU A 148 -6.59 -14.39 -61.22
CA GLU A 148 -7.30 -13.13 -61.13
C GLU A 148 -7.15 -12.49 -59.76
N PRO A 149 -6.70 -11.24 -59.71
CA PRO A 149 -6.63 -10.55 -58.42
C PRO A 149 -7.92 -9.84 -58.08
N MET A 150 -8.13 -9.52 -56.81
CA MET A 150 -9.21 -8.62 -56.45
C MET A 150 -8.87 -7.22 -56.92
N THR A 151 -9.90 -6.50 -57.36
CA THR A 151 -9.71 -5.22 -58.04
C THR A 151 -10.22 -4.04 -57.25
N SER A 152 -10.41 -4.17 -55.95
CA SER A 152 -10.86 -3.02 -55.17
C SER A 152 -9.70 -2.14 -54.77
N GLU A 153 -9.94 -1.19 -53.88
CA GLU A 153 -8.88 -0.40 -53.27
C GLU A 153 -8.48 -1.00 -51.93
N LEU A 154 -9.37 -1.70 -51.29
CA LEU A 154 -9.08 -2.23 -49.97
C LEU A 154 -8.61 -3.67 -50.00
N TYR A 155 -8.66 -4.35 -51.14
CA TYR A 155 -7.99 -5.64 -51.24
C TYR A 155 -7.24 -5.80 -52.55
N GLU A 156 -6.61 -4.75 -53.07
CA GLU A 156 -5.98 -4.78 -54.39
C GLU A 156 -4.83 -5.75 -54.49
N GLY A 157 -4.90 -6.66 -55.45
CA GLY A 157 -3.81 -7.56 -55.78
C GLY A 157 -3.93 -8.93 -55.14
N GLN A 158 -4.81 -9.05 -54.15
CA GLN A 158 -4.97 -10.32 -53.44
C GLN A 158 -5.56 -11.38 -54.34
N THR A 159 -4.89 -12.51 -54.47
CA THR A 159 -5.37 -13.60 -55.29
C THR A 159 -5.99 -14.65 -54.40
N ALA A 160 -6.47 -15.72 -55.03
CA ALA A 160 -7.04 -16.83 -54.26
C ALA A 160 -5.96 -17.68 -53.62
N LEU A 161 -4.72 -17.51 -54.05
CA LEU A 161 -3.63 -18.28 -53.45
C LEU A 161 -3.23 -17.67 -52.12
N HIS A 162 -3.48 -16.37 -51.93
CA HIS A 162 -3.29 -15.77 -50.62
C HIS A 162 -4.35 -16.24 -49.64
N ILE A 163 -5.58 -16.41 -50.12
CA ILE A 163 -6.70 -16.68 -49.22
C ILE A 163 -6.65 -18.12 -48.70
N ALA A 164 -6.20 -19.05 -49.55
CA ALA A 164 -6.04 -20.43 -49.12
C ALA A 164 -4.87 -20.58 -48.16
N VAL A 165 -3.87 -19.71 -48.30
CA VAL A 165 -2.69 -19.76 -47.44
C VAL A 165 -3.01 -19.23 -46.04
N VAL A 166 -3.80 -18.16 -45.94
CA VAL A 166 -4.17 -17.61 -44.65
C VAL A 166 -5.09 -18.54 -43.90
N ASN A 167 -6.09 -19.11 -44.59
CA ASN A 167 -7.04 -20.03 -43.97
C ASN A 167 -6.46 -21.41 -43.74
N GLN A 168 -5.22 -21.65 -44.18
CA GLN A 168 -4.47 -22.89 -44.04
C GLN A 168 -5.22 -24.08 -44.64
N ASN A 169 -5.87 -23.86 -45.77
CA ASN A 169 -6.60 -24.93 -46.45
C ASN A 169 -5.56 -25.72 -47.24
N MET A 170 -5.01 -26.74 -46.58
CA MET A 170 -3.83 -27.44 -47.08
C MET A 170 -4.11 -28.18 -48.38
N ASN A 171 -5.34 -28.70 -48.52
CA ASN A 171 -5.68 -29.44 -49.73
C ASN A 171 -5.93 -28.50 -50.91
N LEU A 172 -6.28 -27.25 -50.63
CA LEU A 172 -6.66 -26.33 -51.70
C LEU A 172 -5.46 -25.54 -52.19
N VAL A 173 -4.39 -25.50 -51.40
CA VAL A 173 -3.16 -24.84 -51.84
C VAL A 173 -2.47 -25.69 -52.89
N ARG A 174 -2.45 -27.02 -52.69
CA ARG A 174 -1.83 -27.92 -53.66
C ARG A 174 -2.61 -27.96 -54.96
N ALA A 175 -3.91 -27.64 -54.90
CA ALA A 175 -4.71 -27.58 -56.12
C ALA A 175 -4.35 -26.38 -56.97
N LEU A 176 -4.16 -25.21 -56.34
CA LEU A 176 -3.85 -24.01 -57.10
C LEU A 176 -2.41 -24.01 -57.58
N LEU A 177 -1.52 -24.67 -56.86
CA LEU A 177 -0.15 -24.78 -57.35
C LEU A 177 -0.08 -25.77 -58.51
N ALA A 178 -0.99 -26.72 -58.55
CA ALA A 178 -1.12 -27.58 -59.72
C ALA A 178 -1.70 -26.82 -60.90
N ARG A 179 -2.48 -25.77 -60.63
CA ARG A 179 -2.95 -24.89 -61.68
C ARG A 179 -2.02 -23.71 -61.90
N ARG A 180 -0.74 -23.84 -61.53
CA ARG A 180 0.37 -22.88 -61.64
C ARG A 180 0.00 -21.45 -61.24
N ALA A 181 -0.59 -21.31 -60.05
CA ALA A 181 -0.82 -19.99 -59.46
C ALA A 181 0.50 -19.33 -59.09
N SER A 182 0.59 -18.03 -59.36
CA SER A 182 1.84 -17.31 -59.16
C SER A 182 2.10 -17.09 -57.68
N VAL A 183 3.29 -17.49 -57.23
CA VAL A 183 3.67 -17.37 -55.83
C VAL A 183 4.39 -16.06 -55.60
N SER A 184 4.44 -15.21 -56.61
CA SER A 184 5.08 -13.91 -56.49
C SER A 184 4.07 -12.80 -56.79
N ALA A 185 2.83 -12.99 -56.38
CA ALA A 185 1.78 -12.01 -56.57
C ALA A 185 1.63 -11.16 -55.32
N ARG A 186 1.58 -9.85 -55.51
CA ARG A 186 1.69 -8.88 -54.42
C ARG A 186 0.31 -8.38 -54.01
N ALA A 187 -0.03 -8.56 -52.74
CA ALA A 187 -1.28 -8.04 -52.19
C ALA A 187 -1.05 -6.60 -51.76
N THR A 188 -1.21 -5.69 -52.69
CA THR A 188 -0.90 -4.29 -52.49
C THR A 188 -2.12 -3.45 -52.14
N GLY A 189 -3.03 -3.97 -51.33
CA GLY A 189 -4.27 -3.26 -51.03
C GLY A 189 -4.11 -2.14 -50.03
N THR A 190 -5.10 -1.94 -49.17
CA THR A 190 -4.94 -1.08 -48.02
C THR A 190 -5.35 -1.79 -46.74
N ALA A 191 -5.88 -2.99 -46.83
CA ALA A 191 -6.10 -3.82 -45.67
C ALA A 191 -4.89 -4.67 -45.35
N PHE A 192 -3.78 -4.43 -46.03
CA PHE A 192 -2.55 -5.18 -45.80
C PHE A 192 -1.38 -4.32 -45.37
N ARG A 193 -1.51 -3.00 -45.41
CA ARG A 193 -0.45 -2.12 -44.95
C ARG A 193 -0.30 -2.22 -43.44
N ARG A 194 0.92 -1.98 -42.98
CA ARG A 194 1.19 -1.82 -41.57
C ARG A 194 0.62 -0.48 -41.15
N SER A 195 -0.45 -0.50 -40.37
CA SER A 195 -1.21 0.69 -40.06
C SER A 195 -2.01 0.44 -38.81
N PRO A 196 -2.37 1.49 -38.06
CA PRO A 196 -3.30 1.29 -36.94
C PRO A 196 -4.71 0.90 -37.36
N ARG A 197 -5.06 1.11 -38.63
CA ARG A 197 -6.38 0.74 -39.11
C ARG A 197 -6.57 -0.76 -39.27
N ASN A 198 -5.48 -1.50 -39.42
CA ASN A 198 -5.52 -2.92 -39.73
C ASN A 198 -5.09 -3.71 -38.51
N LEU A 199 -5.74 -4.84 -38.29
CA LEU A 199 -5.40 -5.69 -37.17
C LEU A 199 -4.30 -6.68 -37.51
N ILE A 200 -4.01 -6.88 -38.78
CA ILE A 200 -2.95 -7.79 -39.21
C ILE A 200 -1.99 -7.03 -40.12
N TYR A 201 -0.72 -7.41 -40.05
CA TYR A 201 0.27 -7.03 -41.06
C TYR A 201 1.01 -8.29 -41.45
N PHE A 202 0.59 -8.91 -42.54
CA PHE A 202 1.17 -10.16 -42.96
C PHE A 202 2.14 -10.01 -44.11
N GLY A 203 2.28 -8.82 -44.70
CA GLY A 203 3.21 -8.61 -45.80
C GLY A 203 2.47 -8.44 -47.12
N GLU A 204 3.07 -8.97 -48.19
CA GLU A 204 2.46 -8.91 -49.50
C GLU A 204 2.51 -10.19 -50.31
N HIS A 205 3.34 -11.15 -49.98
CA HIS A 205 3.57 -12.32 -50.81
C HIS A 205 3.01 -13.54 -50.10
N PRO A 206 2.75 -14.65 -50.83
CA PRO A 206 2.23 -15.85 -50.16
C PRO A 206 3.19 -16.47 -49.17
N LEU A 207 4.49 -16.27 -49.34
CA LEU A 207 5.46 -16.79 -48.38
C LEU A 207 5.39 -16.00 -47.08
N SER A 208 5.04 -14.71 -47.18
CA SER A 208 4.92 -13.89 -45.99
C SER A 208 3.64 -14.20 -45.26
N PHE A 209 2.58 -14.56 -45.99
CA PHE A 209 1.31 -14.87 -45.33
C PHE A 209 1.39 -16.21 -44.61
N ALA A 210 2.10 -17.17 -45.21
CA ALA A 210 2.19 -18.50 -44.63
C ALA A 210 3.10 -18.51 -43.43
N ALA A 211 4.12 -17.66 -43.42
CA ALA A 211 5.05 -17.64 -42.31
C ALA A 211 4.43 -16.99 -41.08
N CYS A 212 3.55 -16.01 -41.28
CA CYS A 212 2.95 -15.28 -40.18
C CYS A 212 1.78 -15.99 -39.54
N VAL A 213 1.14 -16.94 -40.23
CA VAL A 213 0.10 -17.75 -39.62
C VAL A 213 0.65 -19.01 -39.00
N ASN A 214 1.98 -19.15 -38.96
CA ASN A 214 2.70 -20.34 -38.46
C ASN A 214 2.25 -21.60 -39.18
N SER A 215 2.44 -21.64 -40.48
CA SER A 215 2.14 -22.81 -41.27
C SER A 215 3.44 -23.29 -41.90
N GLU A 216 4.11 -24.21 -41.20
CA GLU A 216 5.43 -24.65 -41.65
C GLU A 216 5.32 -25.55 -42.88
N GLU A 217 4.16 -26.17 -43.08
CA GLU A 217 3.99 -27.09 -44.19
C GLU A 217 3.80 -26.33 -45.50
N ILE A 218 3.09 -25.21 -45.45
CA ILE A 218 2.86 -24.42 -46.67
C ILE A 218 4.12 -23.66 -47.04
N VAL A 219 4.92 -23.27 -46.06
CA VAL A 219 6.18 -22.56 -46.31
C VAL A 219 7.18 -23.49 -46.99
N ARG A 220 7.24 -24.74 -46.53
CA ARG A 220 8.04 -25.74 -47.24
C ARG A 220 7.45 -26.05 -48.61
N LEU A 221 6.14 -25.89 -48.77
CA LEU A 221 5.48 -26.30 -50.00
C LEU A 221 5.74 -25.30 -51.12
N LEU A 222 5.65 -24.00 -50.83
CA LEU A 222 5.73 -23.04 -51.91
C LEU A 222 7.11 -22.40 -52.05
N ILE A 223 8.07 -22.73 -51.19
CA ILE A 223 9.47 -22.45 -51.53
C ILE A 223 9.92 -23.40 -52.62
N GLU A 224 9.44 -24.65 -52.57
CA GLU A 224 9.74 -25.64 -53.61
C GLU A 224 9.14 -25.25 -54.95
N HIS A 225 8.02 -24.53 -54.93
CA HIS A 225 7.40 -24.09 -56.17
C HIS A 225 7.92 -22.72 -56.59
N GLY A 226 8.94 -22.22 -55.88
CA GLY A 226 9.72 -21.11 -56.39
C GLY A 226 9.37 -19.73 -55.89
N ALA A 227 9.09 -19.61 -54.59
CA ALA A 227 8.88 -18.31 -53.98
C ALA A 227 10.22 -17.75 -53.54
N ASP A 228 10.55 -16.57 -54.05
CA ASP A 228 11.78 -15.89 -53.65
C ASP A 228 11.68 -15.49 -52.19
N ILE A 229 12.67 -15.90 -51.40
CA ILE A 229 12.62 -15.74 -49.96
C ILE A 229 13.17 -14.36 -49.62
N ARG A 230 13.73 -13.68 -50.62
CA ARG A 230 14.38 -12.39 -50.47
C ARG A 230 13.51 -11.26 -51.00
N ALA A 231 12.19 -11.45 -50.99
CA ALA A 231 11.27 -10.48 -51.55
C ALA A 231 10.94 -9.40 -50.54
N GLN A 232 10.70 -8.19 -51.04
CA GLN A 232 10.46 -7.02 -50.21
C GLN A 232 9.14 -6.38 -50.59
N ASP A 233 8.34 -6.01 -49.59
CA ASP A 233 7.12 -5.25 -49.83
C ASP A 233 7.41 -3.76 -49.94
N SER A 234 6.37 -2.94 -49.86
CA SER A 234 6.47 -1.50 -50.08
C SER A 234 7.29 -0.82 -49.00
N LEU A 235 7.23 -1.32 -47.77
CA LEU A 235 8.00 -0.75 -46.68
C LEU A 235 9.45 -1.21 -46.74
N GLY A 236 9.74 -2.21 -47.57
CA GLY A 236 11.07 -2.75 -47.71
C GLY A 236 11.33 -3.97 -46.87
N ASN A 237 10.33 -4.43 -46.14
CA ASN A 237 10.51 -5.53 -45.20
C ASN A 237 10.63 -6.85 -45.95
N THR A 238 11.63 -7.64 -45.60
CA THR A 238 11.72 -8.99 -46.09
C THR A 238 10.84 -9.88 -45.23
N VAL A 239 10.96 -11.19 -45.40
CA VAL A 239 10.13 -12.11 -44.63
C VAL A 239 10.64 -12.22 -43.20
N LEU A 240 11.86 -11.75 -42.94
CA LEU A 240 12.41 -11.81 -41.60
C LEU A 240 12.06 -10.57 -40.79
N HIS A 241 11.83 -9.44 -41.46
CA HIS A 241 11.36 -8.26 -40.77
C HIS A 241 9.92 -8.43 -40.31
N ILE A 242 9.11 -9.12 -41.11
CA ILE A 242 7.69 -9.23 -40.82
C ILE A 242 7.47 -10.18 -39.66
N LEU A 243 8.29 -11.21 -39.52
CA LEU A 243 8.20 -12.13 -38.39
C LEU A 243 8.54 -11.48 -37.06
N ILE A 244 9.31 -10.40 -37.07
CA ILE A 244 9.61 -9.70 -35.83
C ILE A 244 8.41 -8.88 -35.36
N LEU A 245 7.59 -8.43 -36.31
CA LEU A 245 6.47 -7.56 -36.03
C LEU A 245 5.21 -8.32 -35.61
N GLN A 246 5.29 -9.64 -35.47
CA GLN A 246 4.09 -10.43 -35.20
C GLN A 246 3.86 -10.55 -33.71
N PRO A 247 2.61 -10.60 -33.25
CA PRO A 247 2.35 -10.56 -31.81
C PRO A 247 2.69 -11.84 -31.06
N ASN A 248 2.72 -12.98 -31.73
CA ASN A 248 3.07 -14.25 -31.07
C ASN A 248 4.57 -14.44 -31.27
N LYS A 249 5.34 -14.05 -30.26
CA LYS A 249 6.77 -13.92 -30.41
C LYS A 249 7.47 -15.27 -30.32
N THR A 250 6.85 -16.24 -29.67
CA THR A 250 7.49 -17.53 -29.49
C THR A 250 7.50 -18.33 -30.78
N PHE A 251 6.39 -18.29 -31.53
CA PHE A 251 6.32 -19.05 -32.77
C PHE A 251 7.10 -18.38 -33.88
N ALA A 252 7.46 -17.11 -33.70
CA ALA A 252 8.27 -16.43 -34.71
C ALA A 252 9.73 -16.81 -34.58
N CYS A 253 10.11 -17.38 -33.43
CA CYS A 253 11.49 -17.80 -33.24
C CYS A 253 11.75 -19.13 -33.94
N GLN A 254 10.76 -20.02 -33.92
CA GLN A 254 10.86 -21.28 -34.65
C GLN A 254 10.78 -21.03 -36.15
N MET A 255 10.05 -19.99 -36.54
CA MET A 255 9.83 -19.72 -37.95
C MET A 255 11.01 -18.98 -38.56
N TYR A 256 11.72 -18.21 -37.74
CA TYR A 256 12.88 -17.46 -38.20
C TYR A 256 14.01 -18.41 -38.58
N ASN A 257 14.13 -19.51 -37.84
CA ASN A 257 15.21 -20.46 -38.10
C ASN A 257 14.94 -21.27 -39.35
N LEU A 258 13.65 -21.52 -39.65
CA LEU A 258 13.31 -22.35 -40.78
C LEU A 258 13.60 -21.63 -42.08
N LEU A 259 13.47 -20.31 -42.09
CA LEU A 259 13.74 -19.53 -43.28
C LEU A 259 15.23 -19.21 -43.44
N LEU A 260 16.05 -19.54 -42.44
CA LEU A 260 17.49 -19.45 -42.62
C LEU A 260 18.10 -20.79 -42.94
N SER A 261 17.31 -21.87 -42.87
CA SER A 261 17.75 -23.17 -43.36
C SER A 261 17.72 -23.15 -44.88
N TYR A 262 16.95 -22.24 -45.44
CA TYR A 262 16.99 -21.87 -46.84
C TYR A 262 17.98 -20.72 -46.98
N ASP A 263 17.92 -19.99 -48.09
CA ASP A 263 18.89 -18.97 -48.51
C ASP A 263 20.23 -19.69 -48.68
N ARG A 264 20.17 -20.83 -49.36
CA ARG A 264 21.31 -21.71 -49.61
C ARG A 264 21.80 -21.42 -51.03
N HIS A 265 21.28 -20.34 -51.60
CA HIS A 265 21.60 -19.92 -52.96
C HIS A 265 22.94 -19.23 -53.04
N GLY A 266 23.21 -18.56 -54.15
CA GLY A 266 24.49 -17.92 -54.38
C GLY A 266 24.81 -16.72 -53.53
N ASP A 267 23.83 -16.26 -52.74
CA ASP A 267 23.93 -15.12 -51.84
C ASP A 267 24.33 -13.87 -52.60
N HIS A 268 23.42 -13.42 -53.46
CA HIS A 268 23.69 -12.38 -54.46
C HIS A 268 23.85 -10.99 -53.87
N LEU A 269 23.83 -10.88 -52.54
CA LEU A 269 24.03 -9.65 -51.80
C LEU A 269 24.52 -10.14 -50.44
N GLN A 270 24.47 -9.30 -49.42
CA GLN A 270 24.74 -9.77 -48.07
C GLN A 270 23.64 -10.73 -47.63
N PRO A 271 23.92 -11.63 -46.68
CA PRO A 271 22.92 -12.64 -46.29
C PRO A 271 21.65 -12.05 -45.71
N LEU A 272 20.62 -12.90 -45.63
CA LEU A 272 19.23 -12.46 -45.54
C LEU A 272 18.93 -11.73 -44.23
N ASP A 273 19.69 -12.04 -43.19
CA ASP A 273 19.51 -11.36 -41.91
C ASP A 273 20.31 -10.06 -41.83
N LEU A 274 20.81 -9.58 -42.97
CA LEU A 274 21.60 -8.36 -43.01
C LEU A 274 21.03 -7.37 -44.01
N VAL A 275 19.87 -7.68 -44.60
CA VAL A 275 19.27 -6.86 -45.64
C VAL A 275 18.43 -5.78 -44.97
N PRO A 276 18.67 -4.50 -45.21
CA PRO A 276 17.85 -3.47 -44.57
C PRO A 276 16.57 -3.19 -45.34
N ASN A 277 15.56 -2.68 -44.63
CA ASN A 277 14.37 -2.14 -45.26
C ASN A 277 14.59 -0.68 -45.64
N HIS A 278 13.54 0.05 -45.98
CA HIS A 278 13.70 1.42 -46.44
C HIS A 278 14.04 2.41 -45.33
N GLN A 279 14.03 1.98 -44.07
CA GLN A 279 14.53 2.80 -42.99
C GLN A 279 15.94 2.42 -42.57
N GLY A 280 16.58 1.48 -43.26
CA GLY A 280 17.93 1.08 -42.96
C GLY A 280 18.08 0.13 -41.81
N LEU A 281 17.01 -0.54 -41.38
CA LEU A 281 17.08 -1.44 -40.24
C LEU A 281 17.20 -2.87 -40.76
N THR A 282 18.22 -3.55 -40.28
CA THR A 282 18.37 -4.99 -40.43
C THR A 282 17.38 -5.66 -39.48
N PRO A 283 17.13 -6.98 -39.56
CA PRO A 283 16.25 -7.60 -38.57
C PRO A 283 16.75 -7.52 -37.14
N PHE A 284 18.07 -7.42 -36.93
CA PHE A 284 18.58 -7.37 -35.57
C PHE A 284 18.30 -6.01 -34.92
N LYS A 285 18.36 -4.93 -35.69
CA LYS A 285 18.05 -3.63 -35.14
C LYS A 285 16.56 -3.44 -34.99
N LEU A 286 15.77 -4.07 -35.85
CA LEU A 286 14.32 -3.91 -35.79
C LEU A 286 13.74 -4.65 -34.60
N ALA A 287 14.41 -5.70 -34.15
CA ALA A 287 13.98 -6.39 -32.94
C ALA A 287 14.27 -5.59 -31.70
N GLY A 288 15.19 -4.63 -31.79
CA GLY A 288 15.49 -3.76 -30.67
C GLY A 288 14.65 -2.51 -30.67
N VAL A 289 14.42 -1.93 -31.84
CA VAL A 289 13.59 -0.72 -31.97
C VAL A 289 12.15 -1.01 -31.62
N GLU A 290 11.62 -2.15 -32.05
CA GLU A 290 10.23 -2.46 -31.77
C GLU A 290 10.03 -2.96 -30.35
N GLY A 291 11.08 -3.43 -29.70
CA GLY A 291 10.98 -3.83 -28.32
C GLY A 291 10.79 -5.31 -28.16
N ASN A 292 11.07 -6.06 -29.21
CA ASN A 292 10.89 -7.51 -29.22
C ASN A 292 12.07 -8.13 -28.50
N THR A 293 11.88 -8.41 -27.21
CA THR A 293 12.99 -8.90 -26.39
C THR A 293 13.22 -10.39 -26.58
N VAL A 294 12.19 -11.11 -27.04
CA VAL A 294 12.34 -12.54 -27.26
C VAL A 294 13.13 -12.80 -28.53
N MET A 295 12.84 -12.04 -29.59
CA MET A 295 13.59 -12.15 -30.83
C MET A 295 14.90 -11.39 -30.78
N PHE A 296 15.16 -10.63 -29.72
CA PHE A 296 16.46 -10.01 -29.56
C PHE A 296 17.47 -11.01 -29.01
N GLN A 297 17.08 -11.73 -27.96
CA GLN A 297 17.95 -12.72 -27.35
C GLN A 297 18.18 -13.89 -28.28
N HIS A 298 17.21 -14.20 -29.14
CA HIS A 298 17.38 -15.29 -30.07
C HIS A 298 18.35 -14.92 -31.19
N LEU A 299 18.30 -13.67 -31.63
CA LEU A 299 19.20 -13.21 -32.68
C LEU A 299 20.57 -12.86 -32.13
N MET A 300 20.70 -12.75 -30.82
CA MET A 300 21.96 -12.36 -30.23
C MET A 300 22.90 -13.56 -30.12
N GLN A 301 22.34 -14.76 -30.03
CA GLN A 301 23.12 -15.98 -29.88
C GLN A 301 23.90 -16.36 -31.13
N LYS A 302 23.65 -15.69 -32.24
CA LYS A 302 24.51 -15.83 -33.41
C LYS A 302 25.78 -15.00 -33.25
N ARG A 303 25.78 -14.08 -32.31
CA ARG A 303 26.88 -13.12 -32.18
C ARG A 303 27.83 -13.44 -31.04
N LYS A 304 27.36 -14.12 -29.99
CA LYS A 304 28.25 -14.49 -28.91
C LYS A 304 29.11 -15.67 -29.32
N HIS A 305 30.17 -15.89 -28.56
CA HIS A 305 31.20 -16.85 -28.92
C HIS A 305 31.92 -17.29 -27.65
N THR A 306 31.68 -18.52 -27.23
CA THR A 306 32.22 -18.98 -25.95
C THR A 306 33.68 -19.38 -26.09
N GLN A 307 34.54 -18.76 -25.29
CA GLN A 307 35.98 -19.02 -25.29
C GLN A 307 36.37 -20.26 -24.50
N TRP A 308 36.12 -20.27 -23.19
CA TRP A 308 36.42 -21.43 -22.38
C TRP A 308 35.33 -21.60 -21.33
N THR A 309 35.26 -22.79 -20.76
CA THR A 309 34.35 -23.10 -19.66
C THR A 309 35.15 -23.78 -18.56
N TYR A 310 35.42 -23.07 -17.48
CA TYR A 310 36.27 -23.54 -16.39
C TYR A 310 35.37 -23.80 -15.20
N GLY A 311 34.78 -24.99 -15.18
CA GLY A 311 33.87 -25.35 -14.14
C GLY A 311 32.58 -24.57 -14.22
N PRO A 312 32.25 -23.88 -13.14
CA PRO A 312 31.09 -22.97 -13.18
C PRO A 312 31.44 -21.59 -13.70
N LEU A 313 32.24 -21.50 -14.76
CA LEU A 313 32.64 -20.22 -15.31
C LEU A 313 32.58 -20.30 -16.82
N THR A 314 32.33 -19.15 -17.44
CA THR A 314 32.18 -19.10 -18.88
C THR A 314 32.68 -17.73 -19.31
N SER A 315 33.69 -17.69 -20.16
CA SER A 315 34.10 -16.46 -20.81
C SER A 315 33.47 -16.42 -22.18
N THR A 316 32.46 -15.57 -22.34
CA THR A 316 31.71 -15.41 -23.57
C THR A 316 32.19 -14.11 -24.21
N LEU A 317 32.24 -14.07 -25.53
CA LEU A 317 32.80 -12.94 -26.25
C LEU A 317 31.76 -12.42 -27.24
N TYR A 318 31.20 -11.24 -26.95
CA TYR A 318 30.10 -10.69 -27.72
C TYR A 318 30.63 -9.84 -28.87
N ASP A 319 29.75 -9.48 -29.79
CA ASP A 319 30.21 -9.02 -31.10
C ASP A 319 30.24 -7.51 -31.25
N LEU A 320 29.21 -6.80 -30.80
CA LEU A 320 29.19 -5.31 -30.75
C LEU A 320 29.41 -4.64 -32.10
N THR A 321 28.95 -5.26 -33.17
CA THR A 321 29.08 -4.63 -34.48
C THR A 321 27.88 -3.76 -34.82
N GLU A 322 26.68 -4.23 -34.54
CA GLU A 322 25.50 -3.42 -34.79
C GLU A 322 25.00 -2.73 -33.54
N ILE A 323 25.54 -3.10 -32.37
CA ILE A 323 25.07 -2.52 -31.13
C ILE A 323 25.76 -1.20 -30.86
N ASP A 324 27.04 -1.10 -31.18
CA ASP A 324 27.83 0.08 -30.89
C ASP A 324 28.09 0.86 -32.16
N SER A 325 28.28 2.18 -32.02
CA SER A 325 28.38 3.09 -33.16
C SER A 325 29.67 2.92 -33.96
N SER A 326 29.57 2.47 -35.20
CA SER A 326 30.75 2.30 -36.03
C SER A 326 31.28 3.63 -36.52
N GLY A 327 30.48 4.34 -37.31
CA GLY A 327 30.85 5.64 -37.83
C GLY A 327 29.82 6.70 -37.50
N ASP A 328 29.22 7.28 -38.54
CA ASP A 328 28.15 8.24 -38.37
C ASP A 328 26.77 7.62 -38.56
N GLU A 329 26.70 6.32 -38.82
CA GLU A 329 25.41 5.64 -38.90
C GLU A 329 24.80 5.53 -37.50
N GLN A 330 23.48 5.33 -37.47
CA GLN A 330 22.76 5.24 -36.22
C GLN A 330 22.80 3.81 -35.69
N SER A 331 23.42 3.64 -34.54
CA SER A 331 23.56 2.36 -33.86
C SER A 331 22.31 2.04 -33.08
N LEU A 332 22.35 0.90 -32.39
CA LEU A 332 21.15 0.43 -31.70
C LEU A 332 20.85 1.23 -30.45
N LEU A 333 21.87 1.82 -29.83
CA LEU A 333 21.61 2.64 -28.64
C LEU A 333 21.04 3.99 -29.02
N GLU A 334 21.36 4.48 -30.21
CA GLU A 334 20.83 5.77 -30.65
C GLU A 334 19.39 5.64 -31.13
N LEU A 335 18.96 4.41 -31.42
CA LEU A 335 17.62 4.21 -31.97
C LEU A 335 16.61 3.86 -30.89
N ILE A 336 17.07 3.30 -29.78
CA ILE A 336 16.17 3.00 -28.69
C ILE A 336 15.80 4.26 -27.92
N ILE A 337 16.72 5.20 -27.83
CA ILE A 337 16.48 6.48 -27.16
C ILE A 337 15.58 7.35 -28.01
N THR A 338 15.72 7.27 -29.33
CA THR A 338 15.02 8.13 -30.26
C THR A 338 13.78 7.41 -30.83
N THR A 339 13.08 6.63 -30.01
CA THR A 339 11.85 6.00 -30.43
C THR A 339 10.80 6.18 -29.36
N LYS A 340 9.54 5.95 -29.74
CA LYS A 340 8.43 6.28 -28.85
C LYS A 340 7.88 5.04 -28.15
N LYS A 341 8.37 3.86 -28.50
CA LYS A 341 7.97 2.64 -27.83
C LYS A 341 8.55 2.58 -26.43
N ARG A 342 7.68 2.39 -25.43
CA ARG A 342 8.15 2.12 -24.09
C ARG A 342 8.72 0.71 -23.98
N GLU A 343 8.33 -0.20 -24.88
CA GLU A 343 8.87 -1.55 -24.88
C GLU A 343 10.33 -1.60 -25.30
N ALA A 344 10.79 -0.60 -26.05
CA ALA A 344 12.14 -0.64 -26.61
C ALA A 344 13.19 -0.45 -25.53
N ARG A 345 12.82 0.20 -24.42
CA ARG A 345 13.74 0.38 -23.30
C ARG A 345 13.85 -0.85 -22.41
N GLN A 346 13.32 -1.99 -22.83
CA GLN A 346 13.62 -3.25 -22.18
C GLN A 346 14.88 -3.89 -22.73
N ILE A 347 15.33 -3.45 -23.91
CA ILE A 347 16.56 -3.94 -24.53
C ILE A 347 17.79 -3.49 -23.76
N LEU A 348 17.69 -2.43 -22.98
CA LEU A 348 18.80 -1.90 -22.18
C LEU A 348 19.20 -2.81 -21.03
N ASP A 349 18.44 -3.85 -20.75
CA ASP A 349 18.71 -4.76 -19.65
C ASP A 349 19.21 -6.10 -20.18
N GLN A 350 19.72 -6.13 -21.40
CA GLN A 350 20.16 -7.36 -22.04
C GLN A 350 21.67 -7.48 -21.97
N THR A 351 22.14 -8.71 -21.91
CA THR A 351 23.52 -9.05 -21.55
C THR A 351 24.68 -8.58 -22.42
N PRO A 352 24.55 -8.15 -23.68
CA PRO A 352 25.65 -7.36 -24.24
C PRO A 352 25.47 -5.86 -24.02
N VAL A 353 24.24 -5.42 -23.79
CA VAL A 353 23.93 -3.99 -23.83
C VAL A 353 24.01 -3.41 -22.42
N LYS A 354 23.74 -4.22 -21.42
CA LYS A 354 23.83 -3.77 -20.04
C LYS A 354 25.28 -3.57 -19.62
N GLU A 355 26.18 -4.38 -20.17
CA GLU A 355 27.59 -4.27 -19.84
C GLU A 355 28.29 -3.24 -20.71
N LEU A 356 27.66 -2.82 -21.80
CA LEU A 356 28.29 -1.84 -22.68
C LEU A 356 28.03 -0.44 -22.17
N VAL A 357 26.87 -0.22 -21.56
CA VAL A 357 26.54 1.10 -21.03
C VAL A 357 27.34 1.38 -19.77
N SER A 358 27.61 0.35 -18.98
CA SER A 358 28.40 0.52 -17.77
C SER A 358 29.86 0.78 -18.07
N LEU A 359 30.35 0.28 -19.20
CA LEU A 359 31.72 0.59 -19.60
C LEU A 359 31.85 1.99 -20.16
N LYS A 360 30.84 2.46 -20.88
CA LYS A 360 30.90 3.81 -21.43
C LYS A 360 30.77 4.84 -20.33
N TRP A 361 30.04 4.51 -19.27
CA TRP A 361 29.73 5.50 -18.27
C TRP A 361 30.81 5.57 -17.20
N LYS A 362 31.22 4.42 -16.68
CA LYS A 362 32.23 4.39 -15.62
C LYS A 362 33.58 4.86 -16.11
N ARG A 363 33.90 4.69 -17.38
CA ARG A 363 35.22 5.04 -17.87
C ARG A 363 35.28 6.44 -18.47
N TYR A 364 34.47 6.73 -19.48
CA TYR A 364 34.65 7.97 -20.21
C TYR A 364 33.42 8.87 -20.13
N GLY A 365 32.37 8.43 -19.48
CA GLY A 365 31.17 9.23 -19.42
C GLY A 365 31.08 10.03 -18.13
N ARG A 366 31.26 9.38 -17.00
CA ARG A 366 31.15 10.06 -15.72
C ARG A 366 32.29 11.04 -15.42
N PRO A 367 33.54 10.82 -15.87
CA PRO A 367 34.51 11.93 -15.81
C PRO A 367 34.14 13.16 -16.63
N TYR A 368 33.65 13.00 -17.85
CA TYR A 368 33.40 14.16 -18.70
C TYR A 368 32.04 14.78 -18.44
N PHE A 369 31.23 14.19 -17.57
CA PHE A 369 29.94 14.76 -17.23
C PHE A 369 30.01 15.46 -15.89
N CYS A 370 30.95 15.06 -15.05
CA CYS A 370 31.19 15.81 -13.81
C CYS A 370 32.23 16.89 -14.05
N MET A 371 32.81 16.96 -15.23
CA MET A 371 33.69 18.06 -15.57
C MET A 371 32.91 19.19 -16.20
N LEU A 372 31.94 18.87 -17.06
CA LEU A 372 31.05 19.90 -17.58
C LEU A 372 30.12 20.42 -16.51
N GLY A 373 29.86 19.61 -15.49
CA GLY A 373 28.95 20.02 -14.45
C GLY A 373 29.59 20.94 -13.44
N ALA A 374 30.92 20.99 -13.42
CA ALA A 374 31.63 21.89 -12.52
C ALA A 374 32.06 23.14 -13.25
N ILE A 375 32.19 23.07 -14.57
CA ILE A 375 32.37 24.28 -15.35
C ILE A 375 31.06 25.05 -15.43
N TYR A 376 29.94 24.36 -15.30
CA TYR A 376 28.66 25.06 -15.34
C TYR A 376 28.32 25.69 -14.00
N LEU A 377 28.81 25.15 -12.89
CA LEU A 377 28.63 25.82 -11.61
C LEU A 377 29.45 27.10 -11.54
N LEU A 378 30.66 27.10 -12.10
CA LEU A 378 31.47 28.30 -12.03
C LEU A 378 30.97 29.36 -13.00
N TYR A 379 30.15 28.95 -13.96
CA TYR A 379 29.56 29.91 -14.88
C TYR A 379 28.33 30.57 -14.29
N ILE A 380 27.58 29.85 -13.46
CA ILE A 380 26.36 30.41 -12.90
C ILE A 380 26.65 31.26 -11.67
N ILE A 381 27.72 30.95 -10.95
CA ILE A 381 28.15 31.81 -9.85
C ILE A 381 28.71 33.12 -10.39
N CYS A 382 29.38 33.05 -11.55
CA CYS A 382 29.88 34.26 -12.19
C CYS A 382 28.77 35.10 -12.77
N PHE A 383 27.70 34.46 -13.24
CA PHE A 383 26.55 35.19 -13.73
C PHE A 383 25.73 35.77 -12.59
N THR A 384 25.71 35.09 -11.45
CA THR A 384 24.96 35.56 -10.29
C THR A 384 25.60 36.83 -9.72
N MET A 385 26.92 36.82 -9.54
CA MET A 385 27.57 37.96 -8.90
C MET A 385 27.64 39.17 -9.80
N CYS A 386 27.34 39.05 -11.09
CA CYS A 386 27.25 40.25 -11.90
C CYS A 386 25.80 40.68 -12.05
N CYS A 387 24.88 39.97 -11.40
CA CYS A 387 23.52 40.47 -11.22
C CYS A 387 23.34 41.05 -9.83
N ILE A 388 24.11 40.58 -8.85
CA ILE A 388 24.11 41.20 -7.53
C ILE A 388 24.70 42.59 -7.60
N TYR A 389 25.80 42.76 -8.32
CA TYR A 389 26.56 44.00 -8.35
C TYR A 389 26.21 44.86 -9.54
N ARG A 390 24.98 44.78 -10.05
CA ARG A 390 24.56 45.55 -11.21
C ARG A 390 24.49 47.04 -10.89
N PRO A 391 24.64 47.92 -11.89
CA PRO A 391 24.74 49.36 -11.60
C PRO A 391 23.40 49.97 -11.24
N LEU A 392 23.33 50.59 -10.06
CA LEU A 392 22.13 51.27 -9.58
C LEU A 392 22.51 52.62 -8.99
N LYS A 393 21.65 53.60 -9.20
CA LYS A 393 21.87 54.97 -8.73
C LYS A 393 20.60 55.42 -8.02
N PRO A 394 20.69 56.44 -7.16
CA PRO A 394 19.49 56.98 -6.53
C PRO A 394 18.52 57.58 -7.55
N ARG A 395 17.26 57.60 -7.16
CA ARG A 395 16.18 58.01 -8.04
C ARG A 395 16.24 59.51 -8.33
N THR A 396 16.17 59.84 -9.60
CA THR A 396 16.21 61.23 -10.06
C THR A 396 14.89 61.96 -9.85
N ASN A 397 13.77 61.30 -10.15
CA ASN A 397 12.47 61.93 -10.05
C ASN A 397 12.00 61.95 -8.60
N ASN A 398 10.80 62.49 -8.40
CA ASN A 398 10.13 62.46 -7.11
C ASN A 398 8.97 61.47 -7.17
N ARG A 399 8.46 61.12 -6.00
CA ARG A 399 7.43 60.09 -5.88
C ARG A 399 6.12 60.57 -6.45
N THR A 400 5.53 59.74 -7.32
CA THR A 400 4.25 60.05 -7.93
C THR A 400 3.12 60.00 -6.92
N SER A 401 2.90 58.83 -6.33
CA SER A 401 1.80 58.56 -5.42
C SER A 401 2.38 58.09 -4.11
N PRO A 402 1.59 57.95 -3.03
CA PRO A 402 2.11 57.29 -1.83
C PRO A 402 2.33 55.79 -2.00
N ARG A 403 1.86 55.19 -3.09
CA ARG A 403 2.07 53.79 -3.39
C ARG A 403 3.35 53.54 -4.17
N ASP A 404 4.18 54.55 -4.33
CA ASP A 404 5.42 54.49 -5.09
C ASP A 404 6.54 54.13 -4.13
N ASN A 405 7.07 52.92 -4.25
CA ASN A 405 8.03 52.39 -3.30
C ASN A 405 9.46 52.42 -3.81
N THR A 406 9.64 52.61 -5.12
CA THR A 406 10.97 52.50 -5.73
C THR A 406 11.80 53.74 -5.42
N LEU A 407 13.01 53.53 -4.90
CA LEU A 407 13.87 54.65 -4.58
C LEU A 407 15.28 54.54 -5.15
N LEU A 408 15.60 53.50 -5.92
CA LEU A 408 16.82 53.44 -6.71
C LEU A 408 16.44 53.27 -8.17
N GLN A 409 17.45 53.34 -9.02
CA GLN A 409 17.25 53.39 -10.46
C GLN A 409 18.53 52.92 -11.11
N GLN A 410 18.42 52.28 -12.26
CA GLN A 410 19.61 51.74 -12.90
C GLN A 410 20.33 52.81 -13.71
N LYS A 411 21.64 52.71 -13.74
CA LYS A 411 22.49 53.71 -14.37
C LYS A 411 22.42 53.63 -15.88
N LEU A 412 22.81 54.72 -16.52
CA LEU A 412 23.00 54.76 -17.96
C LEU A 412 24.33 54.08 -18.30
N LEU A 413 24.53 53.78 -19.58
CA LEU A 413 25.71 53.03 -20.00
C LEU A 413 26.99 53.83 -19.84
N GLN A 414 26.89 55.15 -19.93
CA GLN A 414 28.05 56.03 -19.81
C GLN A 414 28.58 56.03 -18.39
N GLU A 415 27.69 56.13 -17.42
CA GLU A 415 28.06 56.21 -16.01
C GLU A 415 28.13 54.85 -15.34
N ALA A 416 27.95 53.76 -16.09
CA ALA A 416 27.94 52.45 -15.47
C ALA A 416 29.34 51.95 -15.14
N TYR A 417 30.31 52.23 -16.01
CA TYR A 417 31.65 51.66 -15.87
C TYR A 417 32.66 52.77 -15.71
N VAL A 418 32.81 53.29 -14.48
CA VAL A 418 33.71 54.41 -14.22
C VAL A 418 34.56 54.19 -12.97
N THR A 419 34.73 52.95 -12.53
CA THR A 419 35.45 52.70 -11.29
C THR A 419 36.16 51.35 -11.43
N PRO A 420 37.18 51.06 -10.60
CA PRO A 420 37.84 49.74 -10.69
C PRO A 420 36.95 48.56 -10.36
N LYS A 421 35.93 48.73 -9.52
CA LYS A 421 35.03 47.61 -9.25
C LYS A 421 34.06 47.38 -10.39
N ASP A 422 33.94 48.35 -11.30
CA ASP A 422 33.12 48.15 -12.49
C ASP A 422 33.92 47.48 -13.59
N ASP A 423 35.25 47.50 -13.48
CA ASP A 423 36.08 46.80 -14.47
C ASP A 423 36.20 45.33 -14.12
N ILE A 424 36.12 45.00 -12.83
CA ILE A 424 36.06 43.60 -12.43
C ILE A 424 34.73 42.99 -12.85
N ARG A 425 33.65 43.77 -12.77
CA ARG A 425 32.35 43.26 -13.18
C ARG A 425 32.27 43.12 -14.70
N LEU A 426 32.94 44.02 -15.43
CA LEU A 426 32.93 43.96 -16.89
C LEU A 426 33.60 42.69 -17.40
N VAL A 427 34.61 42.20 -16.67
CA VAL A 427 35.21 40.91 -17.00
C VAL A 427 34.22 39.80 -16.72
N GLY A 428 33.52 39.88 -15.60
CA GLY A 428 32.55 38.85 -15.26
C GLY A 428 31.30 38.92 -16.10
N GLU A 429 31.09 40.05 -16.77
CA GLU A 429 29.95 40.16 -17.68
C GLU A 429 30.31 39.75 -19.08
N LEU A 430 31.58 39.84 -19.47
CA LEU A 430 31.99 39.32 -20.77
C LEU A 430 32.01 37.80 -20.77
N VAL A 431 32.28 37.18 -19.62
CA VAL A 431 32.31 35.73 -19.54
C VAL A 431 30.90 35.17 -19.69
N THR A 432 29.92 35.84 -19.10
CA THR A 432 28.55 35.32 -19.18
C THR A 432 27.91 35.64 -20.52
N VAL A 433 28.52 36.51 -21.32
CA VAL A 433 28.02 36.73 -22.68
C VAL A 433 28.64 35.72 -23.63
N ILE A 434 29.94 35.46 -23.49
CA ILE A 434 30.62 34.47 -24.32
C ILE A 434 30.04 33.09 -24.07
N GLY A 435 29.78 32.76 -22.80
CA GLY A 435 29.24 31.45 -22.48
C GLY A 435 27.80 31.27 -22.93
N ALA A 436 27.11 32.37 -23.21
CA ALA A 436 25.75 32.27 -23.73
C ALA A 436 25.73 32.26 -25.24
N ILE A 437 26.86 32.58 -25.87
CA ILE A 437 26.99 32.42 -27.31
C ILE A 437 27.40 30.98 -27.65
N ILE A 438 28.29 30.41 -26.84
CA ILE A 438 28.75 29.04 -27.01
C ILE A 438 27.61 28.05 -26.83
N ILE A 439 26.65 28.35 -25.95
CA ILE A 439 25.43 27.56 -25.87
C ILE A 439 24.61 27.64 -27.15
N LEU A 440 24.56 28.80 -27.80
CA LEU A 440 23.86 28.93 -29.08
C LEU A 440 24.75 28.60 -30.28
N LEU A 441 25.85 27.88 -30.09
CA LEU A 441 26.59 27.31 -31.20
C LEU A 441 26.74 25.80 -31.06
N VAL A 442 26.54 25.27 -29.88
CA VAL A 442 26.59 23.83 -29.63
C VAL A 442 25.19 23.27 -29.79
N GLU A 443 24.20 24.02 -29.30
CA GLU A 443 22.88 23.44 -29.12
C GLU A 443 21.90 23.82 -30.22
N VAL A 444 21.82 25.10 -30.58
CA VAL A 444 20.81 25.55 -31.54
C VAL A 444 21.07 25.20 -33.01
N PRO A 445 22.35 25.05 -33.57
CA PRO A 445 22.41 24.67 -34.99
C PRO A 445 21.99 23.24 -35.27
N ASP A 446 21.85 22.43 -34.23
CA ASP A 446 21.32 21.09 -34.38
C ASP A 446 19.84 21.12 -34.69
N GLY A 463 15.55 16.70 -24.55
CA GLY A 463 14.21 16.81 -24.00
C GLY A 463 13.91 18.19 -23.45
N PRO A 464 13.47 18.24 -22.18
CA PRO A 464 13.12 19.54 -21.61
C PRO A 464 14.32 20.40 -21.26
N PHE A 465 15.48 19.82 -20.95
CA PHE A 465 16.64 20.65 -20.65
C PHE A 465 17.33 21.13 -21.91
N HIS A 466 16.89 20.70 -23.08
CA HIS A 466 17.27 21.37 -24.31
C HIS A 466 16.71 22.79 -24.33
N VAL A 467 15.45 22.93 -23.95
CA VAL A 467 14.74 24.20 -24.11
C VAL A 467 15.16 25.18 -23.04
N LEU A 468 15.46 24.69 -21.84
CA LEU A 468 15.79 25.58 -20.73
C LEU A 468 17.20 26.14 -20.84
N ILE A 469 18.10 25.45 -21.53
CA ILE A 469 19.44 25.99 -21.68
C ILE A 469 19.49 26.93 -22.87
N ILE A 470 18.55 26.79 -23.79
CA ILE A 470 18.43 27.74 -24.90
C ILE A 470 17.72 28.99 -24.43
N THR A 471 16.71 28.84 -23.57
CA THR A 471 15.93 29.96 -23.08
C THR A 471 16.76 30.84 -22.15
N TYR A 472 17.60 30.20 -21.33
CA TYR A 472 18.61 30.92 -20.56
C TYR A 472 19.54 31.71 -21.45
N ALA A 473 19.93 31.14 -22.58
CA ALA A 473 20.92 31.77 -23.45
C ALA A 473 20.33 32.97 -24.18
N PHE A 474 19.03 32.96 -24.42
CA PHE A 474 18.41 34.15 -24.99
C PHE A 474 18.29 35.27 -23.97
N MET A 475 17.93 34.93 -22.73
CA MET A 475 17.69 35.94 -21.70
C MET A 475 18.97 36.67 -21.31
N VAL A 476 20.11 36.02 -21.48
CA VAL A 476 21.39 36.71 -21.26
C VAL A 476 21.67 37.66 -22.42
N LEU A 477 21.24 37.30 -23.62
CA LEU A 477 21.46 38.17 -24.76
C LEU A 477 20.34 39.20 -24.92
N VAL A 478 19.17 38.97 -24.34
CA VAL A 478 18.16 40.03 -24.27
C VAL A 478 18.61 41.12 -23.32
N THR A 479 19.21 40.75 -22.20
CA THR A 479 19.67 41.75 -21.24
C THR A 479 21.07 42.26 -21.59
N MET A 480 21.71 41.67 -22.60
CA MET A 480 22.90 42.29 -23.17
C MET A 480 22.52 43.50 -24.02
N VAL A 481 21.46 43.34 -24.82
CA VAL A 481 20.98 44.43 -25.67
C VAL A 481 20.48 45.59 -24.83
N MET A 482 19.74 45.29 -23.75
CA MET A 482 19.18 46.34 -22.90
C MET A 482 20.27 47.09 -22.12
N ARG A 483 21.44 46.51 -21.99
CA ARG A 483 22.53 47.26 -21.39
C ARG A 483 23.16 48.19 -22.42
N LEU A 484 23.19 47.78 -23.69
CA LEU A 484 23.79 48.58 -24.75
C LEU A 484 22.88 49.73 -25.17
N ILE A 485 21.71 49.42 -25.72
CA ILE A 485 20.68 50.45 -25.82
C ILE A 485 20.04 50.55 -24.45
N SER A 486 20.25 51.69 -23.77
CA SER A 486 19.86 51.81 -22.37
C SER A 486 18.35 51.80 -22.21
N ALA A 487 17.83 50.69 -21.71
CA ALA A 487 16.39 50.47 -21.62
C ALA A 487 16.03 50.08 -20.21
N SER A 488 14.96 50.69 -19.70
CA SER A 488 14.47 50.38 -18.37
C SER A 488 13.86 48.99 -18.34
N GLY A 489 14.10 48.28 -17.26
CA GLY A 489 13.49 46.98 -17.11
C GLY A 489 14.44 45.83 -17.41
N GLU A 490 15.67 45.90 -16.90
CA GLU A 490 16.55 44.75 -17.06
C GLU A 490 16.26 43.68 -16.02
N VAL A 491 15.42 43.98 -15.04
CA VAL A 491 15.17 43.02 -13.97
C VAL A 491 14.30 41.87 -14.49
N VAL A 492 13.49 42.12 -15.51
CA VAL A 492 12.65 41.06 -16.04
C VAL A 492 13.41 40.06 -16.93
N PRO A 493 14.38 40.41 -17.80
CA PRO A 493 15.21 39.34 -18.37
C PRO A 493 16.17 38.70 -17.38
N MET A 494 16.65 39.44 -16.38
CA MET A 494 17.56 38.83 -15.41
C MET A 494 16.86 37.84 -14.52
N SER A 495 15.63 38.13 -14.09
CA SER A 495 14.94 37.25 -13.15
C SER A 495 14.56 35.94 -13.81
N PHE A 496 14.28 35.95 -15.11
CA PHE A 496 14.14 34.69 -15.82
C PHE A 496 15.47 33.99 -15.97
N ALA A 497 16.56 34.74 -16.06
CA ALA A 497 17.83 34.11 -16.34
C ALA A 497 18.47 33.56 -15.07
N LEU A 498 18.07 34.09 -13.92
CA LEU A 498 18.58 33.56 -12.65
C LEU A 498 17.94 32.23 -12.31
N VAL A 499 16.64 32.10 -12.51
CA VAL A 499 15.97 30.89 -12.04
C VAL A 499 16.02 29.81 -13.11
N LEU A 500 16.33 30.18 -14.35
CA LEU A 500 16.55 29.16 -15.37
C LEU A 500 18.01 28.74 -15.39
N GLY A 501 18.90 29.67 -15.10
CA GLY A 501 20.30 29.31 -15.04
C GLY A 501 20.63 28.44 -13.86
N TRP A 502 19.97 28.67 -12.73
CA TRP A 502 20.23 27.83 -11.58
C TRP A 502 19.49 26.51 -11.63
N CYS A 503 18.29 26.44 -12.19
CA CYS A 503 17.58 25.18 -12.24
C CYS A 503 18.02 24.30 -13.40
N ASN A 504 19.05 24.68 -14.16
CA ASN A 504 19.67 23.73 -15.07
C ASN A 504 20.80 23.00 -14.41
N VAL A 505 21.05 23.26 -13.13
CA VAL A 505 22.02 22.47 -12.39
C VAL A 505 21.40 21.12 -12.05
N MET A 506 20.06 21.04 -12.08
CA MET A 506 19.34 19.78 -11.98
C MET A 506 19.57 18.85 -13.15
N TYR A 507 20.08 19.35 -14.27
CA TYR A 507 20.48 18.47 -15.36
C TYR A 507 21.63 17.59 -14.92
N PHE A 508 22.56 18.14 -14.15
CA PHE A 508 23.70 17.36 -13.74
C PHE A 508 23.41 16.62 -12.45
N ALA A 509 22.25 16.01 -12.36
CA ALA A 509 21.89 15.16 -11.24
C ALA A 509 21.67 13.75 -11.71
N ARG A 510 21.77 13.50 -13.00
CA ARG A 510 21.71 12.18 -13.56
C ARG A 510 23.09 11.55 -13.61
N GLY A 511 24.07 12.21 -13.04
CA GLY A 511 25.37 11.61 -12.93
C GLY A 511 25.49 10.84 -11.64
N PHE A 512 24.47 11.00 -10.79
CA PHE A 512 24.45 10.39 -9.48
C PHE A 512 23.22 9.51 -9.41
N GLN A 513 23.42 8.25 -9.04
CA GLN A 513 22.35 7.27 -9.13
C GLN A 513 21.25 7.53 -8.12
N MET A 514 21.58 8.13 -6.99
CA MET A 514 20.59 8.41 -5.98
C MET A 514 19.89 9.74 -6.16
N LEU A 515 20.35 10.57 -7.09
CA LEU A 515 19.71 11.84 -7.41
C LEU A 515 19.10 11.87 -8.79
N GLY A 516 19.33 10.85 -9.60
CA GLY A 516 18.93 10.81 -10.98
C GLY A 516 17.45 10.89 -11.24
N PRO A 517 16.68 9.91 -10.76
CA PRO A 517 15.24 9.94 -11.01
C PRO A 517 14.45 10.88 -10.11
N PHE A 518 15.11 11.79 -9.38
CA PHE A 518 14.36 12.84 -8.71
C PHE A 518 13.84 13.85 -9.71
N THR A 519 14.56 14.05 -10.81
CA THR A 519 14.09 14.99 -11.82
C THR A 519 13.09 14.34 -12.75
N ILE A 520 12.94 13.02 -12.69
CA ILE A 520 11.85 12.36 -13.39
C ILE A 520 10.56 12.48 -12.59
N MET A 521 10.68 12.55 -11.26
CA MET A 521 9.49 12.80 -10.45
C MET A 521 9.03 14.23 -10.59
N ILE A 522 9.95 15.19 -10.70
CA ILE A 522 9.55 16.58 -10.87
C ILE A 522 8.93 16.79 -12.24
N GLN A 523 9.37 16.02 -13.23
CA GLN A 523 8.79 16.12 -14.56
C GLN A 523 7.39 15.52 -14.61
N LYS A 524 7.21 14.36 -14.00
CA LYS A 524 5.92 13.68 -14.11
C LYS A 524 4.89 14.26 -13.16
N MET A 525 5.31 15.08 -12.20
CA MET A 525 4.36 15.79 -11.38
C MET A 525 3.91 17.08 -12.03
N ILE A 526 4.78 17.74 -12.78
CA ILE A 526 4.36 18.96 -13.45
C ILE A 526 3.52 18.67 -14.67
N PHE A 527 4.00 17.84 -15.58
CA PHE A 527 3.34 17.64 -16.87
C PHE A 527 2.37 16.46 -16.83
N GLY A 528 2.08 15.92 -15.66
CA GLY A 528 1.06 14.91 -15.58
C GLY A 528 0.11 15.00 -14.41
N ASP A 529 0.39 15.88 -13.46
CA ASP A 529 -0.50 16.06 -12.32
C ASP A 529 -0.92 17.51 -12.18
N LEU A 530 0.02 18.43 -12.27
CA LEU A 530 -0.33 19.83 -12.18
C LEU A 530 -0.96 20.33 -13.46
N MET A 531 -0.48 19.91 -14.62
CA MET A 531 -1.07 20.37 -15.86
C MET A 531 -2.28 19.53 -16.25
N ARG A 532 -2.96 18.96 -15.27
CA ARG A 532 -4.07 18.06 -15.49
C ARG A 532 -5.10 18.33 -14.39
N PHE A 533 -4.72 19.13 -13.41
CA PHE A 533 -5.59 19.46 -12.28
C PHE A 533 -5.57 20.96 -12.04
N CYS A 534 -4.72 21.70 -12.74
CA CYS A 534 -4.77 23.16 -12.63
C CYS A 534 -6.01 23.73 -13.29
N TRP A 535 -6.64 22.96 -14.18
CA TRP A 535 -7.85 23.43 -14.82
C TRP A 535 -9.04 23.37 -13.88
N LEU A 536 -8.94 22.58 -12.82
CA LEU A 536 -10.00 22.54 -11.81
C LEU A 536 -9.74 23.53 -10.69
N MET A 537 -8.47 23.91 -10.49
CA MET A 537 -8.19 24.95 -9.51
C MET A 537 -8.44 26.33 -10.04
N ALA A 538 -8.26 26.55 -11.34
CA ALA A 538 -8.44 27.88 -11.92
C ALA A 538 -9.91 28.24 -11.99
N VAL A 539 -10.77 27.23 -11.93
CA VAL A 539 -12.21 27.37 -11.81
C VAL A 539 -12.59 27.80 -10.39
N VAL A 540 -11.94 27.21 -9.40
CA VAL A 540 -12.26 27.52 -8.01
C VAL A 540 -11.66 28.85 -7.60
N ILE A 541 -10.48 29.18 -8.15
CA ILE A 541 -9.85 30.47 -7.84
C ILE A 541 -10.61 31.61 -8.49
N LEU A 542 -11.03 31.45 -9.75
CA LEU A 542 -11.80 32.51 -10.42
C LEU A 542 -13.18 32.66 -9.82
N GLY A 543 -13.72 31.62 -9.21
CA GLY A 543 -15.04 31.72 -8.61
C GLY A 543 -15.00 32.49 -7.32
N PHE A 544 -14.01 32.21 -6.48
CA PHE A 544 -13.96 32.83 -5.17
C PHE A 544 -13.26 34.17 -5.19
N ALA A 545 -12.34 34.40 -6.12
CA ALA A 545 -11.68 35.70 -6.18
C ALA A 545 -12.63 36.75 -6.70
N SER A 546 -13.60 36.35 -7.49
CA SER A 546 -14.62 37.28 -7.96
C SER A 546 -15.66 37.52 -6.88
N ALA A 547 -15.91 36.51 -6.05
CA ALA A 547 -16.82 36.70 -4.92
C ALA A 547 -16.16 37.57 -3.86
N PHE A 548 -14.90 37.29 -3.53
CA PHE A 548 -14.16 38.08 -2.55
C PHE A 548 -13.95 39.51 -2.99
N TYR A 549 -13.87 39.75 -4.28
CA TYR A 549 -13.65 41.12 -4.75
C TYR A 549 -14.89 41.98 -4.61
N ILE A 550 -16.07 41.42 -4.86
CA ILE A 550 -17.27 42.24 -4.78
C ILE A 550 -17.82 42.32 -3.38
N ILE A 551 -17.40 41.43 -2.48
CA ILE A 551 -17.75 41.58 -1.08
C ILE A 551 -17.05 42.78 -0.48
N PHE A 552 -15.78 42.99 -0.82
CA PHE A 552 -14.97 44.06 -0.27
C PHE A 552 -14.93 45.28 -1.18
N GLN A 553 -15.84 45.36 -2.13
CA GLN A 553 -15.78 46.42 -3.11
C GLN A 553 -16.33 47.73 -2.58
N THR A 554 -17.09 47.67 -1.49
CA THR A 554 -17.64 48.84 -0.82
C THR A 554 -16.86 49.23 0.42
N GLU A 555 -15.77 48.54 0.73
CA GLU A 555 -15.07 48.62 2.00
C GLU A 555 -13.80 49.43 1.82
N ASP A 556 -13.18 49.82 2.92
CA ASP A 556 -11.97 50.63 2.87
C ASP A 556 -10.75 49.71 2.81
N PRO A 557 -9.88 49.85 1.80
CA PRO A 557 -8.73 48.95 1.69
C PRO A 557 -7.60 49.22 2.67
N GLU A 558 -7.66 50.26 3.48
CA GLU A 558 -6.58 50.52 4.41
C GLU A 558 -6.62 49.65 5.65
N GLU A 559 -7.63 48.80 5.78
CA GLU A 559 -7.70 47.84 6.86
C GLU A 559 -7.46 46.42 6.38
N LEU A 560 -8.19 46.01 5.33
CA LEU A 560 -8.06 44.69 4.72
C LEU A 560 -7.92 44.91 3.22
N GLY A 561 -6.68 45.10 2.76
CA GLY A 561 -6.47 45.46 1.39
C GLY A 561 -6.05 44.31 0.50
N HIS A 562 -6.47 43.11 0.87
CA HIS A 562 -6.14 41.91 0.10
C HIS A 562 -6.79 41.89 -1.27
N PHE A 563 -7.90 42.57 -1.46
CA PHE A 563 -8.73 42.44 -2.64
C PHE A 563 -9.10 43.83 -3.16
N TYR A 564 -8.11 44.72 -3.29
CA TYR A 564 -8.41 46.10 -3.61
C TYR A 564 -8.63 46.36 -5.09
N ASP A 565 -7.97 45.62 -5.98
CA ASP A 565 -8.39 45.57 -7.37
C ASP A 565 -8.41 44.12 -7.81
N TYR A 566 -8.81 43.88 -9.05
CA TYR A 566 -9.13 42.52 -9.45
C TYR A 566 -7.92 41.63 -9.70
N PRO A 567 -6.80 42.08 -10.30
CA PRO A 567 -5.63 41.18 -10.33
C PRO A 567 -5.01 40.87 -8.99
N MET A 568 -5.22 41.69 -7.96
CA MET A 568 -4.70 41.37 -6.64
C MET A 568 -5.64 40.42 -5.90
N ALA A 569 -6.92 40.44 -6.24
CA ALA A 569 -7.84 39.47 -5.66
C ALA A 569 -7.58 38.08 -6.20
N LEU A 570 -7.07 37.99 -7.42
CA LEU A 570 -6.71 36.70 -8.00
C LEU A 570 -5.42 36.16 -7.41
N PHE A 571 -4.48 37.05 -7.12
CA PHE A 571 -3.22 36.61 -6.56
C PHE A 571 -3.37 36.29 -5.08
N SER A 572 -4.26 37.00 -4.39
CA SER A 572 -4.50 36.71 -2.98
C SER A 572 -5.28 35.43 -2.80
N THR A 573 -6.13 35.07 -3.75
CA THR A 573 -6.92 33.87 -3.61
C THR A 573 -6.11 32.64 -3.99
N PHE A 574 -5.16 32.81 -4.89
CA PHE A 574 -4.22 31.75 -5.20
C PHE A 574 -3.31 31.46 -4.01
N GLU A 575 -3.02 32.47 -3.21
CA GLU A 575 -2.15 32.31 -2.05
C GLU A 575 -2.91 31.76 -0.85
N LEU A 576 -4.18 32.10 -0.70
CA LEU A 576 -4.99 31.49 0.35
C LEU A 576 -5.31 30.04 0.02
N PHE A 577 -5.34 29.70 -1.26
CA PHE A 577 -5.52 28.32 -1.69
C PHE A 577 -4.38 27.46 -1.18
N LEU A 578 -3.15 27.90 -1.43
CA LEU A 578 -1.96 27.11 -1.12
C LEU A 578 -1.55 27.25 0.34
N THR A 579 -2.26 28.09 1.09
CA THR A 579 -2.08 28.39 2.50
C THR A 579 -0.66 28.88 2.71
N ILE A 580 -0.29 29.96 2.02
CA ILE A 580 1.03 30.56 2.17
C ILE A 580 0.95 31.98 2.65
N ILE A 581 -0.26 32.56 2.71
CA ILE A 581 -0.50 33.78 3.47
C ILE A 581 -1.68 33.50 4.40
N ASP A 582 -1.74 34.24 5.50
CA ASP A 582 -2.80 34.05 6.46
C ASP A 582 -4.11 34.62 5.94
N GLY A 583 -5.21 34.07 6.42
CA GLY A 583 -6.52 34.53 6.09
C GLY A 583 -6.72 35.96 6.53
N PRO A 584 -7.45 36.73 5.74
CA PRO A 584 -7.63 38.15 6.06
C PRO A 584 -8.54 38.34 7.26
N ALA A 585 -8.09 39.13 8.21
CA ALA A 585 -8.91 39.49 9.37
C ALA A 585 -8.43 40.82 9.91
N ASN A 586 -9.33 41.59 10.53
CA ASN A 586 -8.91 42.85 11.15
C ASN A 586 -9.19 42.87 12.63
N TYR A 587 -10.40 42.50 13.04
CA TYR A 587 -10.97 42.40 14.39
C TYR A 587 -11.17 43.77 15.04
N ASN A 588 -10.87 44.87 14.35
CA ASN A 588 -11.15 46.20 14.85
C ASN A 588 -12.27 46.87 14.07
N VAL A 589 -12.72 46.27 12.97
CA VAL A 589 -13.82 46.79 12.17
C VAL A 589 -14.81 45.66 11.97
N ASP A 590 -15.99 45.99 11.48
CA ASP A 590 -16.94 44.95 11.10
C ASP A 590 -16.72 44.58 9.64
N LEU A 591 -16.27 43.36 9.42
CA LEU A 591 -16.13 42.82 8.08
C LEU A 591 -17.52 42.57 7.50
N PRO A 592 -17.65 42.47 6.17
CA PRO A 592 -18.98 42.20 5.60
C PRO A 592 -19.51 40.84 6.01
N PHE A 593 -20.84 40.72 5.96
CA PHE A 593 -21.48 39.51 6.43
C PHE A 593 -21.20 38.33 5.52
N MET A 594 -21.04 38.57 4.22
CA MET A 594 -20.80 37.47 3.31
C MET A 594 -19.35 37.00 3.35
N TYR A 595 -18.49 37.71 4.05
CA TYR A 595 -17.09 37.32 4.10
C TYR A 595 -16.89 36.07 4.90
N SER A 596 -17.52 35.98 6.07
CA SER A 596 -17.35 34.84 6.95
C SER A 596 -17.95 33.58 6.35
N ILE A 597 -18.98 33.73 5.54
CA ILE A 597 -19.63 32.57 4.94
C ILE A 597 -18.86 32.10 3.72
N THR A 598 -18.37 33.04 2.91
CA THR A 598 -17.64 32.69 1.70
C THR A 598 -16.26 32.13 2.04
N TYR A 599 -15.59 32.72 3.03
CA TYR A 599 -14.24 32.26 3.35
C TYR A 599 -14.27 30.93 4.08
N ALA A 600 -15.36 30.63 4.78
CA ALA A 600 -15.48 29.33 5.43
C ALA A 600 -15.75 28.25 4.40
N ALA A 601 -16.49 28.58 3.35
CA ALA A 601 -16.71 27.62 2.27
C ALA A 601 -15.47 27.48 1.43
N PHE A 602 -14.71 28.57 1.27
CA PHE A 602 -13.46 28.52 0.53
C PHE A 602 -12.45 27.65 1.24
N ALA A 603 -12.29 27.84 2.54
CA ALA A 603 -11.26 27.13 3.30
C ALA A 603 -11.55 25.65 3.44
N ILE A 604 -12.75 25.22 3.10
CA ILE A 604 -13.07 23.80 3.09
C ILE A 604 -12.82 23.18 1.73
N ILE A 605 -13.35 23.77 0.66
CA ILE A 605 -13.17 23.16 -0.66
C ILE A 605 -11.78 23.42 -1.22
N ALA A 606 -11.15 24.52 -0.84
CA ALA A 606 -9.84 24.82 -1.41
C ALA A 606 -8.72 24.27 -0.56
N THR A 607 -8.65 24.69 0.69
CA THR A 607 -7.49 24.34 1.50
C THR A 607 -7.53 22.90 1.99
N LEU A 608 -8.67 22.40 2.44
CA LEU A 608 -8.78 21.01 2.86
C LEU A 608 -8.78 20.08 1.66
N LEU A 609 -9.75 20.20 0.78
CA LEU A 609 -10.10 19.09 -0.06
C LEU A 609 -9.29 19.08 -1.35
N MET A 610 -9.32 20.18 -2.10
CA MET A 610 -8.64 20.22 -3.38
C MET A 610 -7.16 20.46 -3.28
N LEU A 611 -6.64 20.86 -2.13
CA LEU A 611 -5.20 20.91 -1.95
C LEU A 611 -4.63 19.56 -1.55
N ASN A 612 -5.45 18.69 -0.95
CA ASN A 612 -4.96 17.38 -0.55
C ASN A 612 -5.32 16.31 -1.58
N LEU A 613 -6.21 16.60 -2.51
CA LEU A 613 -6.25 15.80 -3.75
C LEU A 613 -4.93 15.86 -4.46
N LEU A 614 -4.39 17.06 -4.67
CA LEU A 614 -3.19 17.22 -5.47
C LEU A 614 -1.99 16.60 -4.78
N ILE A 615 -1.93 16.67 -3.46
CA ILE A 615 -0.84 16.06 -2.72
C ILE A 615 -0.97 14.53 -2.74
N ALA A 616 -2.19 14.02 -2.86
CA ALA A 616 -2.37 12.58 -2.96
C ALA A 616 -2.14 12.09 -4.39
N MET A 617 -2.42 12.93 -5.39
CA MET A 617 -2.11 12.56 -6.77
C MET A 617 -0.61 12.52 -6.99
N MET A 618 0.12 13.50 -6.45
CA MET A 618 1.56 13.52 -6.59
C MET A 618 2.22 12.47 -5.71
N GLY A 619 1.49 11.90 -4.76
CA GLY A 619 2.06 10.84 -3.95
C GLY A 619 2.08 9.51 -4.67
N ASP A 620 1.21 9.35 -5.66
CA ASP A 620 1.22 8.12 -6.45
C ASP A 620 2.18 8.24 -7.62
N THR A 621 2.44 9.45 -8.09
CA THR A 621 3.46 9.67 -9.10
C THR A 621 4.85 9.42 -8.54
N HIS A 622 5.06 9.79 -7.28
CA HIS A 622 6.31 9.45 -6.60
C HIS A 622 6.48 7.95 -6.47
N TRP A 623 5.41 7.25 -6.15
CA TRP A 623 5.49 5.82 -5.88
C TRP A 623 5.77 5.02 -7.14
N ARG A 624 5.24 5.49 -8.27
CA ARG A 624 5.44 4.77 -9.53
C ARG A 624 6.86 4.92 -10.04
N VAL A 625 7.40 6.14 -10.00
CA VAL A 625 8.75 6.39 -10.49
C VAL A 625 9.81 5.79 -9.58
N ALA A 626 9.63 5.86 -8.27
CA ALA A 626 10.59 5.26 -7.35
C ALA A 626 10.56 3.75 -7.35
N HIS A 627 9.53 3.14 -7.93
CA HIS A 627 9.49 1.70 -8.06
C HIS A 627 10.37 1.23 -9.21
N GLU A 628 10.27 1.89 -10.35
CA GLU A 628 11.12 1.63 -11.51
C GLU A 628 12.31 2.59 -11.49
N ARG A 629 13.00 2.62 -10.37
CA ARG A 629 14.01 3.63 -10.11
C ARG A 629 15.30 3.42 -10.87
N ASP A 630 15.80 2.19 -10.92
CA ASP A 630 17.11 1.90 -11.53
C ASP A 630 17.05 1.71 -13.03
N GLU A 631 15.89 1.41 -13.60
CA GLU A 631 15.81 1.31 -15.05
C GLU A 631 15.51 2.66 -15.68
N LEU A 632 15.00 3.61 -14.89
CA LEU A 632 14.84 4.97 -15.39
C LEU A 632 16.14 5.74 -15.29
N TRP A 633 17.05 5.31 -14.41
CA TRP A 633 18.35 5.95 -14.36
C TRP A 633 19.23 5.49 -15.51
N ARG A 634 19.11 4.23 -15.92
CA ARG A 634 19.95 3.73 -16.99
C ARG A 634 19.52 4.26 -18.34
N ALA A 635 18.27 4.71 -18.48
CA ALA A 635 17.87 5.33 -19.73
C ALA A 635 18.31 6.78 -19.77
N GLN A 636 18.66 7.35 -18.61
CA GLN A 636 19.26 8.68 -18.58
C GLN A 636 20.74 8.63 -18.89
N ILE A 637 21.39 7.52 -18.54
CA ILE A 637 22.82 7.36 -18.77
C ILE A 637 23.09 7.10 -20.24
N VAL A 638 22.22 6.31 -20.89
CA VAL A 638 22.37 6.05 -22.31
C VAL A 638 22.16 7.33 -23.11
N ALA A 639 21.15 8.10 -22.75
CA ALA A 639 20.85 9.31 -23.50
C ALA A 639 21.90 10.38 -23.28
N THR A 640 22.59 10.35 -22.15
CA THR A 640 23.65 11.30 -21.89
C THR A 640 24.91 10.92 -22.65
N THR A 641 25.23 9.63 -22.67
CA THR A 641 26.46 9.16 -23.32
C THR A 641 26.38 9.32 -24.83
N VAL A 642 25.19 9.12 -25.40
CA VAL A 642 24.96 9.34 -26.82
C VAL A 642 25.12 10.82 -27.16
N MET A 643 24.57 11.69 -26.32
CA MET A 643 24.69 13.13 -26.51
C MET A 643 26.14 13.58 -26.39
N LEU A 644 26.87 12.97 -25.46
CA LEU A 644 28.18 13.47 -25.09
C LEU A 644 29.22 13.01 -26.09
N GLU A 645 28.91 11.93 -26.81
CA GLU A 645 29.85 11.39 -27.78
C GLU A 645 29.74 12.11 -29.11
N ARG A 646 28.53 12.49 -29.51
CA ARG A 646 28.37 13.12 -30.81
C ARG A 646 28.73 14.59 -30.80
N LYS A 647 29.03 15.17 -29.64
CA LYS A 647 29.41 16.58 -29.55
C LYS A 647 30.86 16.78 -29.16
N LEU A 648 31.42 15.93 -28.32
CA LEU A 648 32.85 15.97 -28.09
C LEU A 648 33.59 15.41 -29.31
N PRO A 649 34.82 15.86 -29.57
CA PRO A 649 35.57 15.29 -30.69
C PRO A 649 36.07 13.89 -30.37
N ARG A 650 36.28 13.11 -31.42
CA ARG A 650 36.52 11.67 -31.36
C ARG A 650 37.86 11.33 -30.72
N CYS A 651 38.80 12.28 -30.72
CA CYS A 651 40.15 12.05 -30.21
C CYS A 651 40.19 11.80 -28.71
N LEU A 652 39.20 12.28 -27.95
CA LEU A 652 39.13 12.03 -26.53
C LEU A 652 38.03 11.07 -26.13
N TRP A 653 37.45 10.33 -27.08
CA TRP A 653 36.44 9.32 -26.80
C TRP A 653 36.89 8.00 -27.43
N PRO A 654 37.54 7.11 -26.67
CA PRO A 654 37.98 5.85 -27.25
C PRO A 654 36.81 4.93 -27.54
N ARG A 655 36.97 4.11 -28.57
CA ARG A 655 35.97 3.13 -28.91
C ARG A 655 36.01 1.99 -27.89
N SER A 656 34.84 1.42 -27.61
CA SER A 656 34.67 0.48 -26.51
C SER A 656 34.93 -0.95 -26.97
N GLY A 657 35.53 -1.73 -26.09
CA GLY A 657 35.85 -3.11 -26.41
C GLY A 657 37.30 -3.30 -26.81
N ILE A 658 37.58 -4.48 -27.34
CA ILE A 658 38.92 -4.86 -27.77
C ILE A 658 38.88 -5.13 -29.26
N CYS A 659 39.79 -4.52 -30.02
CA CYS A 659 39.75 -4.63 -31.48
C CYS A 659 40.37 -5.95 -31.90
N GLY A 660 39.64 -6.70 -32.73
CA GLY A 660 40.04 -8.05 -33.08
C GLY A 660 41.03 -8.20 -34.23
N ARG A 661 41.73 -7.14 -34.60
CA ARG A 661 42.75 -7.23 -35.63
C ARG A 661 43.90 -8.12 -35.17
N GLU A 662 44.60 -7.68 -34.13
CA GLU A 662 45.82 -8.33 -33.68
C GLU A 662 45.56 -9.38 -32.61
N TYR A 663 44.39 -10.00 -32.64
CA TYR A 663 44.14 -11.23 -31.89
C TYR A 663 43.51 -12.28 -32.80
N GLY A 664 43.49 -12.04 -34.11
CA GLY A 664 43.01 -13.04 -35.05
C GLY A 664 41.52 -13.26 -35.03
N LEU A 665 40.74 -12.18 -34.91
CA LEU A 665 39.29 -12.26 -34.83
C LEU A 665 38.56 -11.43 -35.87
N GLY A 666 39.27 -10.69 -36.70
CA GLY A 666 38.61 -9.93 -37.75
C GLY A 666 38.91 -8.45 -37.68
N ASP A 667 37.90 -7.63 -37.91
CA ASP A 667 38.06 -6.19 -37.87
C ASP A 667 37.08 -5.66 -36.83
N ARG A 668 36.39 -6.57 -36.17
CA ARG A 668 35.28 -6.27 -35.31
C ARG A 668 35.79 -5.82 -33.94
N TRP A 669 34.86 -5.49 -33.04
CA TRP A 669 35.16 -4.98 -31.73
C TRP A 669 34.39 -5.73 -30.67
N PHE A 670 35.09 -6.53 -29.88
CA PHE A 670 34.45 -7.53 -29.05
C PHE A 670 34.37 -7.05 -27.62
N LEU A 671 33.37 -7.53 -26.89
CA LEU A 671 33.22 -7.25 -25.47
C LEU A 671 33.12 -8.56 -24.72
N ARG A 672 34.13 -8.84 -23.91
CA ARG A 672 34.24 -10.11 -23.19
C ARG A 672 33.41 -10.04 -21.92
N VAL A 673 32.61 -11.06 -21.67
CA VAL A 673 31.79 -11.15 -20.47
C VAL A 673 32.10 -12.49 -19.81
N GLU A 674 32.55 -12.45 -18.55
CA GLU A 674 32.78 -13.66 -17.79
C GLU A 674 31.74 -13.80 -16.69
N ASP A 675 31.07 -14.95 -16.64
CA ASP A 675 29.89 -15.10 -15.81
C ASP A 675 29.91 -16.46 -15.13
N ARG A 676 29.17 -16.57 -14.02
CA ARG A 676 29.11 -17.78 -13.22
C ARG A 676 27.71 -18.37 -13.23
N GLN A 677 27.62 -19.66 -13.50
CA GLN A 677 26.37 -20.40 -13.40
C GLN A 677 26.56 -21.70 -12.64
N SER B 68 40.60 -0.76 -15.58
CA SER B 68 42.04 -0.87 -15.75
C SER B 68 42.51 -2.30 -15.56
N TRP B 69 42.12 -2.89 -14.43
CA TRP B 69 42.48 -4.29 -14.17
C TRP B 69 41.67 -5.23 -15.05
N ALA B 70 40.43 -4.84 -15.36
CA ALA B 70 39.58 -5.70 -16.17
C ALA B 70 39.98 -5.64 -17.64
N GLN B 71 40.37 -4.45 -18.11
CA GLN B 71 40.83 -4.30 -19.49
C GLN B 71 42.16 -5.03 -19.69
N SER B 72 42.97 -5.13 -18.64
CA SER B 72 44.22 -5.89 -18.74
C SER B 72 43.95 -7.39 -18.75
N ARG B 73 42.91 -7.82 -18.02
CA ARG B 73 42.61 -9.25 -17.98
C ARG B 73 41.96 -9.70 -19.27
N ASP B 74 41.22 -8.82 -19.94
CA ASP B 74 40.53 -9.21 -21.16
C ASP B 74 41.51 -9.35 -22.31
N GLU B 75 42.60 -8.58 -22.28
CA GLU B 75 43.59 -8.67 -23.35
C GLU B 75 44.47 -9.91 -23.19
N GLN B 76 44.43 -10.54 -22.01
CA GLN B 76 45.21 -11.76 -21.80
C GLN B 76 44.41 -12.99 -22.19
N ASN B 77 43.08 -12.93 -22.04
CA ASN B 77 42.25 -14.07 -22.40
C ASN B 77 41.99 -14.13 -23.89
N LEU B 78 42.17 -13.00 -24.58
CA LEU B 78 42.16 -13.04 -26.05
C LEU B 78 43.53 -13.42 -26.59
N LEU B 79 44.58 -13.14 -25.83
CA LEU B 79 45.92 -13.50 -26.28
C LEU B 79 46.16 -15.00 -26.13
N GLN B 80 45.45 -15.63 -25.19
CA GLN B 80 45.53 -17.08 -25.04
C GLN B 80 44.93 -17.78 -26.25
N GLN B 81 43.80 -17.28 -26.74
CA GLN B 81 43.11 -17.95 -27.84
C GLN B 81 43.84 -17.73 -29.16
N LYS B 82 44.71 -16.72 -29.21
CA LYS B 82 45.54 -16.52 -30.39
C LYS B 82 46.71 -17.50 -30.40
N ARG B 83 47.34 -17.70 -29.25
CA ARG B 83 48.53 -18.54 -29.18
C ARG B 83 48.18 -20.02 -29.31
N ILE B 84 46.95 -20.38 -28.96
CA ILE B 84 46.45 -21.73 -29.20
C ILE B 84 46.28 -21.91 -30.70
N TRP B 85 45.66 -20.93 -31.33
CA TRP B 85 45.29 -20.95 -32.74
C TRP B 85 46.52 -20.92 -33.64
N GLU B 86 47.62 -20.34 -33.17
CA GLU B 86 48.85 -20.33 -33.95
C GLU B 86 49.61 -21.64 -33.84
N SER B 87 49.68 -22.23 -32.66
CA SER B 87 50.48 -23.43 -32.44
C SER B 87 49.73 -24.65 -32.92
N PRO B 88 50.33 -25.48 -33.79
CA PRO B 88 49.63 -26.71 -34.22
C PRO B 88 49.52 -27.75 -33.11
N LEU B 89 50.44 -27.70 -32.15
CA LEU B 89 50.39 -28.61 -31.02
C LEU B 89 49.22 -28.30 -30.11
N LEU B 90 49.08 -27.03 -29.74
CA LEU B 90 48.02 -26.62 -28.81
C LEU B 90 46.66 -26.63 -29.49
N LEU B 91 46.60 -26.40 -30.80
CA LEU B 91 45.33 -26.42 -31.50
C LEU B 91 44.80 -27.85 -31.63
N ALA B 92 45.72 -28.81 -31.73
CA ALA B 92 45.31 -30.21 -31.80
C ALA B 92 44.86 -30.72 -30.44
N ALA B 93 45.26 -30.04 -29.38
CA ALA B 93 44.83 -30.42 -28.03
C ALA B 93 43.48 -29.78 -27.70
N LYS B 94 43.26 -28.55 -28.16
CA LYS B 94 41.98 -27.87 -27.98
C LYS B 94 40.84 -28.63 -28.66
N ASP B 95 41.04 -28.98 -29.92
CA ASP B 95 40.16 -29.91 -30.61
C ASP B 95 40.48 -31.32 -30.14
N ASN B 96 39.63 -32.26 -30.50
CA ASN B 96 39.88 -33.64 -30.07
C ASN B 96 40.67 -34.34 -31.17
N ASP B 97 41.84 -33.82 -31.49
CA ASP B 97 42.59 -34.23 -32.68
C ASP B 97 43.73 -35.17 -32.29
N VAL B 98 43.39 -36.45 -32.15
CA VAL B 98 44.41 -37.44 -31.79
C VAL B 98 45.19 -37.86 -33.03
N GLN B 99 44.69 -37.48 -34.21
CA GLN B 99 45.40 -37.77 -35.45
C GLN B 99 46.67 -36.94 -35.56
N ALA B 100 46.53 -35.61 -35.38
CA ALA B 100 47.68 -34.74 -35.57
C ALA B 100 48.67 -34.86 -34.43
N LEU B 101 48.19 -35.17 -33.22
CA LEU B 101 49.07 -35.30 -32.07
C LEU B 101 49.97 -36.51 -32.19
N ASN B 102 49.53 -37.52 -32.94
CA ASN B 102 50.41 -38.59 -33.36
C ASN B 102 51.49 -38.03 -34.28
N LYS B 103 51.06 -37.33 -35.33
CA LYS B 103 52.00 -36.87 -36.36
C LYS B 103 52.87 -35.70 -35.90
N LEU B 104 52.39 -34.94 -34.91
CA LEU B 104 53.21 -33.85 -34.39
C LEU B 104 54.29 -34.36 -33.45
N LEU B 105 53.95 -35.31 -32.58
CA LEU B 105 54.89 -35.76 -31.57
C LEU B 105 55.98 -36.65 -32.14
N LYS B 106 55.76 -37.23 -33.32
CA LYS B 106 56.77 -38.06 -33.96
C LYS B 106 57.82 -37.24 -34.70
N TYR B 107 57.66 -35.92 -34.77
CA TYR B 107 58.68 -35.04 -35.31
C TYR B 107 59.75 -34.83 -34.24
N GLU B 108 60.95 -34.39 -34.64
CA GLU B 108 62.07 -34.21 -33.74
C GLU B 108 61.92 -32.93 -32.94
N ASP B 109 61.90 -33.09 -31.62
CA ASP B 109 61.97 -32.10 -30.54
C ASP B 109 60.70 -31.27 -30.38
N CYS B 110 59.86 -31.18 -31.43
CA CYS B 110 58.41 -30.96 -31.40
C CYS B 110 57.93 -29.66 -30.73
N LYS B 111 58.83 -28.90 -30.09
CA LYS B 111 58.51 -27.89 -29.09
C LYS B 111 57.43 -28.38 -28.11
N VAL B 112 57.73 -29.42 -27.35
CA VAL B 112 56.77 -29.97 -26.39
C VAL B 112 56.63 -29.01 -25.23
N HIS B 113 57.74 -28.41 -24.80
CA HIS B 113 57.74 -27.53 -23.64
C HIS B 113 57.50 -26.08 -24.03
N GLN B 114 56.76 -25.85 -25.11
CA GLN B 114 56.47 -24.48 -25.53
C GLN B 114 55.41 -23.88 -24.62
N ARG B 115 55.53 -22.59 -24.39
CA ARG B 115 54.79 -21.89 -23.34
C ARG B 115 53.60 -21.17 -23.98
N GLY B 116 52.53 -20.86 -23.26
CA GLY B 116 51.42 -20.14 -23.86
C GLY B 116 51.36 -18.74 -23.27
N ALA B 117 50.21 -18.09 -23.49
CA ALA B 117 50.05 -16.74 -22.99
C ALA B 117 49.77 -16.72 -21.49
N MET B 118 49.10 -17.74 -20.99
CA MET B 118 48.80 -17.86 -19.56
C MET B 118 49.84 -18.64 -18.80
N GLY B 119 50.99 -18.95 -19.40
CA GLY B 119 51.93 -19.85 -18.79
C GLY B 119 51.60 -21.31 -18.98
N GLU B 120 50.65 -21.62 -19.84
CA GLU B 120 50.07 -22.95 -19.96
C GLU B 120 50.93 -23.84 -20.85
N THR B 121 50.71 -25.15 -20.76
CA THR B 121 51.38 -26.09 -21.65
C THR B 121 50.31 -26.78 -22.47
N ALA B 122 50.72 -27.81 -23.21
CA ALA B 122 49.78 -28.51 -24.10
C ALA B 122 48.82 -29.38 -23.29
N LEU B 123 49.28 -29.88 -22.15
CA LEU B 123 48.46 -30.82 -21.39
C LEU B 123 47.45 -30.08 -20.53
N HIS B 124 47.70 -28.80 -20.25
CA HIS B 124 46.70 -27.96 -19.60
C HIS B 124 45.51 -27.72 -20.52
N ILE B 125 45.78 -27.59 -21.81
CA ILE B 125 44.73 -27.26 -22.78
C ILE B 125 43.77 -28.43 -22.95
N ALA B 126 44.32 -29.64 -23.05
CA ALA B 126 43.47 -30.82 -23.19
C ALA B 126 42.66 -31.07 -21.92
N ALA B 127 43.21 -30.67 -20.77
CA ALA B 127 42.46 -30.76 -19.53
C ALA B 127 41.41 -29.66 -19.42
N LEU B 128 41.67 -28.52 -20.05
CA LEU B 128 40.79 -27.37 -19.89
C LEU B 128 39.56 -27.49 -20.78
N TYR B 129 39.71 -28.13 -21.94
CA TYR B 129 38.62 -28.29 -22.88
C TYR B 129 37.98 -29.68 -22.81
N ASP B 130 38.24 -30.42 -21.72
CA ASP B 130 37.69 -31.75 -21.44
C ASP B 130 38.03 -32.76 -22.53
N ASN B 131 39.23 -32.68 -23.10
CA ASN B 131 39.65 -33.62 -24.12
C ASN B 131 40.44 -34.74 -23.46
N LEU B 132 39.75 -35.87 -23.23
CA LEU B 132 40.38 -37.01 -22.57
C LEU B 132 41.35 -37.72 -23.50
N GLU B 133 40.96 -37.90 -24.76
CA GLU B 133 41.76 -38.70 -25.69
C GLU B 133 43.00 -37.95 -26.13
N ALA B 134 42.96 -36.62 -26.09
CA ALA B 134 44.14 -35.84 -26.43
C ALA B 134 45.07 -35.72 -25.23
N ALA B 135 44.53 -35.83 -24.02
CA ALA B 135 45.35 -35.65 -22.84
C ALA B 135 46.14 -36.90 -22.51
N MET B 136 45.62 -38.07 -22.91
CA MET B 136 46.33 -39.32 -22.64
C MET B 136 47.55 -39.46 -23.54
N VAL B 137 47.41 -39.09 -24.82
CA VAL B 137 48.50 -39.20 -25.78
C VAL B 137 49.66 -38.28 -25.40
N LEU B 138 49.35 -37.14 -24.79
CA LEU B 138 50.40 -36.23 -24.37
C LEU B 138 51.13 -36.73 -23.12
N MET B 139 50.54 -37.67 -22.38
CA MET B 139 51.19 -38.15 -21.18
C MET B 139 52.19 -39.27 -21.47
N GLU B 140 51.90 -40.15 -22.45
CA GLU B 140 52.91 -41.14 -22.82
C GLU B 140 54.01 -40.51 -23.65
N ALA B 141 53.74 -39.40 -24.32
CA ALA B 141 54.75 -38.71 -25.11
C ALA B 141 55.71 -37.96 -24.20
N ALA B 142 55.18 -37.06 -23.37
CA ALA B 142 55.98 -36.37 -22.38
C ALA B 142 55.37 -36.59 -21.01
N PRO B 143 55.95 -37.42 -20.16
CA PRO B 143 55.34 -37.70 -18.86
C PRO B 143 55.61 -36.60 -17.85
N GLU B 144 56.58 -35.72 -18.17
CA GLU B 144 56.96 -34.66 -17.26
C GLU B 144 56.13 -33.39 -17.42
N LEU B 145 55.07 -33.43 -18.23
CA LEU B 145 54.18 -32.28 -18.32
C LEU B 145 53.18 -32.26 -17.18
N VAL B 146 53.11 -33.34 -16.41
CA VAL B 146 52.14 -33.46 -15.33
C VAL B 146 52.63 -32.60 -14.15
N PHE B 147 53.94 -32.40 -14.08
CA PHE B 147 54.53 -31.70 -12.95
C PHE B 147 54.78 -30.24 -13.29
N GLU B 148 53.99 -29.67 -14.18
CA GLU B 148 54.30 -28.31 -14.58
C GLU B 148 53.18 -27.35 -14.18
N PRO B 149 53.51 -26.29 -13.46
CA PRO B 149 52.49 -25.29 -13.14
C PRO B 149 52.38 -24.23 -14.21
N MET B 150 51.26 -23.50 -14.24
CA MET B 150 51.19 -22.30 -15.05
C MET B 150 52.05 -21.23 -14.44
N THR B 151 52.70 -20.44 -15.31
CA THR B 151 53.74 -19.50 -14.88
C THR B 151 53.34 -18.05 -15.04
N SER B 152 52.05 -17.75 -15.16
CA SER B 152 51.65 -16.36 -15.29
C SER B 152 51.54 -15.70 -13.92
N GLU B 153 50.98 -14.50 -13.88
CA GLU B 153 50.65 -13.84 -12.63
C GLU B 153 49.19 -14.10 -12.26
N LEU B 154 48.36 -14.35 -13.25
CA LEU B 154 46.94 -14.52 -13.00
C LEU B 154 46.54 -15.98 -12.86
N TYR B 155 47.42 -16.92 -13.16
CA TYR B 155 47.13 -18.31 -12.81
C TYR B 155 48.32 -19.03 -12.22
N GLU B 156 49.14 -18.36 -11.40
CA GLU B 156 50.39 -18.92 -10.89
C GLU B 156 50.19 -20.13 -10.00
N GLY B 157 50.84 -21.24 -10.34
CA GLY B 157 50.87 -22.43 -9.52
C GLY B 157 49.85 -23.47 -9.90
N GLN B 158 48.87 -23.09 -10.71
CA GLN B 158 47.81 -24.01 -11.11
C GLN B 158 48.34 -25.12 -11.99
N THR B 159 48.13 -26.37 -11.60
CA THR B 159 48.59 -27.49 -12.38
C THR B 159 47.42 -28.05 -13.16
N ALA B 160 47.68 -29.12 -13.91
CA ALA B 160 46.62 -29.78 -14.66
C ALA B 160 45.76 -30.63 -13.77
N LEU B 161 46.21 -30.91 -12.55
CA LEU B 161 45.41 -31.70 -11.63
C LEU B 161 44.33 -30.85 -11.01
N HIS B 162 44.54 -29.53 -10.95
CA HIS B 162 43.48 -28.64 -10.52
C HIS B 162 42.40 -28.53 -11.58
N ILE B 163 42.80 -28.53 -12.85
CA ILE B 163 41.87 -28.24 -13.94
C ILE B 163 40.94 -29.44 -14.17
N ALA B 164 41.47 -30.65 -14.02
CA ALA B 164 40.64 -31.84 -14.15
C ALA B 164 39.68 -31.99 -12.97
N VAL B 165 40.07 -31.47 -11.81
CA VAL B 165 39.24 -31.52 -10.62
C VAL B 165 38.07 -30.56 -10.71
N VAL B 166 38.30 -29.35 -11.22
CA VAL B 166 37.23 -28.36 -11.35
C VAL B 166 36.23 -28.79 -12.41
N ASN B 167 36.71 -29.27 -13.55
CA ASN B 167 35.85 -29.72 -14.65
C ASN B 167 35.21 -31.08 -14.39
N GLN B 168 35.56 -31.73 -13.27
CA GLN B 168 35.05 -33.01 -12.81
C GLN B 168 35.26 -34.10 -13.85
N ASN B 169 36.41 -34.08 -14.52
CA ASN B 169 36.73 -35.09 -15.52
C ASN B 169 37.25 -36.30 -14.75
N MET B 170 36.31 -37.18 -14.40
CA MET B 170 36.58 -38.27 -13.45
C MET B 170 37.59 -39.26 -14.00
N ASN B 171 37.57 -39.49 -15.31
CA ASN B 171 38.49 -40.45 -15.91
C ASN B 171 39.89 -39.87 -16.02
N LEU B 172 40.01 -38.53 -16.04
CA LEU B 172 41.31 -37.92 -16.29
C LEU B 172 42.02 -37.61 -14.98
N VAL B 173 41.28 -37.60 -13.87
CA VAL B 173 41.90 -37.42 -12.56
C VAL B 173 42.65 -38.68 -12.16
N ARG B 174 42.05 -39.85 -12.43
CA ARG B 174 42.69 -41.12 -12.11
C ARG B 174 43.94 -41.35 -12.97
N ALA B 175 43.97 -40.73 -14.15
CA ALA B 175 45.15 -40.84 -15.01
C ALA B 175 46.33 -40.06 -14.44
N LEU B 176 46.07 -38.84 -13.95
CA LEU B 176 47.16 -38.02 -13.42
C LEU B 176 47.62 -38.51 -12.06
N LEU B 177 46.73 -39.12 -11.29
CA LEU B 177 47.17 -39.70 -10.02
C LEU B 177 47.98 -40.97 -10.27
N ALA B 178 47.73 -41.64 -11.38
CA ALA B 178 48.58 -42.75 -11.78
C ALA B 178 49.94 -42.26 -12.26
N ARG B 179 49.99 -41.02 -12.76
CA ARG B 179 51.26 -40.40 -13.09
C ARG B 179 51.83 -39.59 -11.93
N ARG B 180 51.44 -39.91 -10.69
CA ARG B 180 51.82 -39.32 -9.41
C ARG B 180 51.88 -37.80 -9.40
N ALA B 181 50.79 -37.17 -9.86
CA ALA B 181 50.63 -35.73 -9.74
C ALA B 181 50.48 -35.32 -8.28
N SER B 182 51.13 -34.22 -7.91
CA SER B 182 51.15 -33.79 -6.52
C SER B 182 49.81 -33.22 -6.11
N VAL B 183 49.27 -33.74 -5.02
CA VAL B 183 47.96 -33.32 -4.52
C VAL B 183 48.13 -32.21 -3.50
N SER B 184 49.37 -31.73 -3.32
CA SER B 184 49.64 -30.64 -2.40
C SER B 184 50.26 -29.47 -3.14
N ALA B 185 49.80 -29.22 -4.36
CA ALA B 185 50.28 -28.12 -5.17
C ALA B 185 49.35 -26.93 -5.03
N ARG B 186 49.92 -25.76 -4.79
CA ARG B 186 49.19 -24.57 -4.38
C ARG B 186 48.95 -23.65 -5.58
N ALA B 187 47.68 -23.37 -5.86
CA ALA B 187 47.31 -22.42 -6.91
C ALA B 187 47.32 -21.02 -6.32
N THR B 188 48.49 -20.41 -6.36
CA THR B 188 48.73 -19.13 -5.71
C THR B 188 48.65 -17.96 -6.68
N GLY B 189 47.72 -17.98 -7.62
CA GLY B 189 47.65 -16.95 -8.63
C GLY B 189 47.03 -15.65 -8.15
N THR B 190 46.28 -14.98 -9.00
CA THR B 190 45.43 -13.88 -8.57
C THR B 190 44.00 -14.06 -9.03
N ALA B 191 43.72 -15.08 -9.83
CA ALA B 191 42.36 -15.45 -10.15
C ALA B 191 41.80 -16.43 -9.14
N PHE B 192 42.53 -16.68 -8.05
CA PHE B 192 42.08 -17.60 -7.03
C PHE B 192 41.92 -16.96 -5.66
N ARG B 193 42.38 -15.72 -5.48
CA ARG B 193 42.20 -15.03 -4.23
C ARG B 193 40.73 -14.71 -3.99
N ARG B 194 40.37 -14.65 -2.71
CA ARG B 194 39.05 -14.15 -2.32
C ARG B 194 39.07 -12.65 -2.53
N SER B 195 38.32 -12.19 -3.52
CA SER B 195 38.39 -10.81 -3.96
C SER B 195 37.11 -10.48 -4.69
N PRO B 196 36.72 -9.21 -4.76
CA PRO B 196 35.59 -8.83 -5.62
C PRO B 196 35.87 -8.99 -7.10
N ARG B 197 37.14 -9.07 -7.50
CA ARG B 197 37.50 -9.24 -8.90
C ARG B 197 37.20 -10.63 -9.43
N ASN B 198 37.10 -11.62 -8.56
CA ASN B 198 36.98 -13.01 -8.94
C ASN B 198 35.58 -13.50 -8.61
N LEU B 199 35.02 -14.31 -9.49
CA LEU B 199 33.70 -14.86 -9.27
C LEU B 199 33.72 -16.14 -8.46
N ILE B 200 34.87 -16.76 -8.31
CA ILE B 200 35.01 -17.98 -7.52
C ILE B 200 36.10 -17.78 -6.49
N TYR B 201 35.93 -18.41 -5.34
CA TYR B 201 37.00 -18.60 -4.37
C TYR B 201 37.00 -20.05 -3.96
N PHE B 202 37.85 -20.85 -4.60
CA PHE B 202 37.88 -22.27 -4.35
C PHE B 202 39.02 -22.71 -3.45
N GLY B 203 39.94 -21.81 -3.09
CA GLY B 203 41.04 -22.16 -2.22
C GLY B 203 42.35 -22.21 -2.99
N GLU B 204 43.22 -23.16 -2.60
CA GLU B 204 44.48 -23.34 -3.29
C GLU B 204 44.87 -24.78 -3.59
N HIS B 205 44.27 -25.77 -2.97
CA HIS B 205 44.70 -27.15 -3.08
C HIS B 205 43.66 -27.94 -3.85
N PRO B 206 44.01 -29.10 -4.41
CA PRO B 206 43.02 -29.90 -5.14
C PRO B 206 41.88 -30.42 -4.28
N LEU B 207 42.11 -30.59 -2.98
CA LEU B 207 41.03 -31.02 -2.11
C LEU B 207 40.04 -29.89 -1.88
N SER B 208 40.52 -28.65 -1.93
CA SER B 208 39.63 -27.51 -1.78
C SER B 208 38.83 -27.26 -3.05
N PHE B 209 39.42 -27.56 -4.20
CA PHE B 209 38.70 -27.35 -5.46
C PHE B 209 37.62 -28.40 -5.63
N ALA B 210 37.90 -29.63 -5.21
CA ALA B 210 36.95 -30.72 -5.40
C ALA B 210 35.79 -30.60 -4.42
N ALA B 211 36.05 -30.05 -3.24
CA ALA B 211 35.00 -29.92 -2.24
C ALA B 211 34.02 -28.83 -2.61
N CYS B 212 34.51 -27.76 -3.24
CA CYS B 212 33.68 -26.62 -3.59
C CYS B 212 32.85 -26.81 -4.84
N VAL B 213 33.22 -27.73 -5.73
CA VAL B 213 32.40 -28.06 -6.88
C VAL B 213 31.43 -29.18 -6.58
N ASN B 214 31.33 -29.62 -5.32
CA ASN B 214 30.51 -30.74 -4.86
C ASN B 214 30.80 -32.00 -5.64
N SER B 215 32.04 -32.47 -5.56
CA SER B 215 32.44 -33.71 -6.19
C SER B 215 32.88 -34.64 -5.08
N GLU B 216 31.95 -35.46 -4.58
CA GLU B 216 32.24 -36.32 -3.43
C GLU B 216 33.14 -37.48 -3.83
N GLU B 217 33.15 -37.84 -5.11
CA GLU B 217 33.94 -38.98 -5.57
C GLU B 217 35.41 -38.61 -5.68
N ILE B 218 35.71 -37.39 -6.11
CA ILE B 218 37.09 -36.96 -6.24
C ILE B 218 37.69 -36.67 -4.87
N VAL B 219 36.86 -36.21 -3.93
CA VAL B 219 37.33 -35.94 -2.57
C VAL B 219 37.70 -37.23 -1.86
N ARG B 220 36.88 -38.27 -2.05
CA ARG B 220 37.25 -39.59 -1.56
C ARG B 220 38.46 -40.15 -2.30
N LEU B 221 38.65 -39.73 -3.55
CA LEU B 221 39.72 -40.31 -4.37
C LEU B 221 41.09 -39.77 -3.97
N LEU B 222 41.19 -38.46 -3.74
CA LEU B 222 42.52 -37.90 -3.52
C LEU B 222 42.84 -37.69 -2.05
N ILE B 223 41.92 -37.96 -1.12
CA ILE B 223 42.34 -38.15 0.26
C ILE B 223 43.09 -39.46 0.40
N GLU B 224 42.66 -40.49 -0.33
CA GLU B 224 43.35 -41.77 -0.35
C GLU B 224 44.74 -41.66 -0.94
N HIS B 225 44.94 -40.72 -1.87
CA HIS B 225 46.26 -40.53 -2.45
C HIS B 225 47.07 -39.50 -1.66
N GLY B 226 46.56 -39.08 -0.51
CA GLY B 226 47.38 -38.39 0.46
C GLY B 226 47.31 -36.89 0.47
N ALA B 227 46.11 -36.33 0.32
CA ALA B 227 45.91 -34.89 0.46
C ALA B 227 45.68 -34.56 1.93
N ASP B 228 46.52 -33.70 2.49
CA ASP B 228 46.34 -33.26 3.86
C ASP B 228 45.06 -32.43 3.97
N ILE B 229 44.19 -32.82 4.88
CA ILE B 229 42.86 -32.23 4.99
C ILE B 229 42.95 -30.99 5.86
N ARG B 230 44.11 -30.79 6.48
CA ARG B 230 44.36 -29.72 7.42
C ARG B 230 45.21 -28.62 6.79
N ALA B 231 45.14 -28.46 5.48
CA ALA B 231 45.98 -27.52 4.76
C ALA B 231 45.34 -26.14 4.76
N GLN B 232 46.17 -25.11 4.77
CA GLN B 232 45.73 -23.72 4.85
C GLN B 232 46.30 -22.93 3.69
N ASP B 233 45.44 -22.10 3.08
CA ASP B 233 45.90 -21.17 2.06
C ASP B 233 46.46 -19.90 2.67
N SER B 234 46.64 -18.86 1.84
CA SER B 234 47.28 -17.62 2.26
C SER B 234 46.46 -16.86 3.30
N LEU B 235 45.13 -16.96 3.21
CA LEU B 235 44.27 -16.30 4.17
C LEU B 235 44.19 -17.09 5.47
N GLY B 236 44.67 -18.32 5.46
CA GLY B 236 44.65 -19.18 6.61
C GLY B 236 43.47 -20.13 6.64
N ASN B 237 42.63 -20.10 5.63
CA ASN B 237 41.42 -20.89 5.62
C ASN B 237 41.74 -22.36 5.37
N THR B 238 41.16 -23.22 6.20
CA THR B 238 41.22 -24.65 5.93
C THR B 238 40.12 -25.00 4.94
N VAL B 239 39.90 -26.30 4.75
CA VAL B 239 38.89 -26.72 3.79
C VAL B 239 37.48 -26.52 4.36
N LEU B 240 37.39 -26.31 5.67
CA LEU B 240 36.08 -26.11 6.29
C LEU B 240 35.69 -24.63 6.29
N HIS B 241 36.67 -23.73 6.28
CA HIS B 241 36.36 -22.31 6.14
C HIS B 241 35.88 -21.99 4.74
N ILE B 242 36.43 -22.67 3.74
CA ILE B 242 36.12 -22.36 2.36
C ILE B 242 34.72 -22.83 2.00
N LEU B 243 34.28 -23.95 2.58
CA LEU B 243 32.92 -24.45 2.37
C LEU B 243 31.85 -23.54 2.95
N ILE B 244 32.18 -22.72 3.93
CA ILE B 244 31.21 -21.79 4.48
C ILE B 244 31.03 -20.61 3.54
N LEU B 245 32.06 -20.26 2.77
CA LEU B 245 32.06 -19.11 1.90
C LEU B 245 31.43 -19.39 0.54
N GLN B 246 30.90 -20.59 0.32
CA GLN B 246 30.40 -20.94 -0.99
C GLN B 246 28.93 -20.56 -1.14
N PRO B 247 28.49 -20.18 -2.34
CA PRO B 247 27.11 -19.66 -2.47
C PRO B 247 26.01 -20.71 -2.38
N ASN B 248 26.31 -21.97 -2.66
CA ASN B 248 25.31 -23.02 -2.56
C ASN B 248 25.43 -23.63 -1.17
N LYS B 249 24.59 -23.14 -0.26
CA LYS B 249 24.77 -23.41 1.17
C LYS B 249 24.29 -24.80 1.53
N THR B 250 23.37 -25.36 0.75
CA THR B 250 22.81 -26.66 1.09
C THR B 250 23.80 -27.77 0.82
N PHE B 251 24.52 -27.70 -0.30
CA PHE B 251 25.48 -28.74 -0.64
C PHE B 251 26.75 -28.64 0.20
N ALA B 252 26.96 -27.49 0.85
CA ALA B 252 28.11 -27.36 1.71
C ALA B 252 27.87 -28.03 3.06
N CYS B 253 26.62 -28.30 3.39
CA CYS B 253 26.30 -28.97 4.64
C CYS B 253 26.57 -30.46 4.54
N GLN B 254 26.29 -31.05 3.37
CA GLN B 254 26.61 -32.45 3.13
C GLN B 254 28.10 -32.64 3.00
N MET B 255 28.79 -31.61 2.50
CA MET B 255 30.21 -31.73 2.24
C MET B 255 31.01 -31.51 3.51
N TYR B 256 30.46 -30.72 4.44
CA TYR B 256 31.13 -30.44 5.70
C TYR B 256 31.21 -31.70 6.55
N ASN B 257 30.17 -32.53 6.48
CA ASN B 257 30.13 -33.75 7.28
C ASN B 257 31.08 -34.81 6.73
N LEU B 258 31.28 -34.82 5.42
CA LEU B 258 32.12 -35.84 4.81
C LEU B 258 33.58 -35.62 5.16
N LEU B 259 33.98 -34.36 5.33
CA LEU B 259 35.36 -34.05 5.69
C LEU B 259 35.60 -34.17 7.18
N LEU B 260 34.55 -34.37 7.98
CA LEU B 260 34.76 -34.68 9.39
C LEU B 260 34.65 -36.18 9.66
N SER B 261 34.27 -36.95 8.65
CA SER B 261 34.33 -38.41 8.75
C SER B 261 35.78 -38.84 8.61
N TYR B 262 36.59 -37.96 8.02
CA TYR B 262 38.05 -38.05 8.05
C TYR B 262 38.52 -37.27 9.26
N ASP B 263 39.82 -36.90 9.28
CA ASP B 263 40.51 -36.31 10.44
C ASP B 263 40.46 -37.34 11.56
N ARG B 264 40.76 -38.59 11.19
CA ARG B 264 40.73 -39.75 12.08
C ARG B 264 42.18 -40.01 12.51
N HIS B 265 43.04 -39.05 12.21
CA HIS B 265 44.47 -39.15 12.52
C HIS B 265 44.75 -38.85 13.99
N GLY B 266 46.02 -38.61 14.30
CA GLY B 266 46.44 -38.41 15.68
C GLY B 266 45.98 -37.11 16.33
N ASP B 267 45.36 -36.24 15.54
CA ASP B 267 44.84 -34.94 15.96
C ASP B 267 45.97 -34.10 16.59
N HIS B 268 46.92 -33.70 15.73
CA HIS B 268 48.19 -33.11 16.17
C HIS B 268 48.04 -31.68 16.68
N LEU B 269 46.80 -31.20 16.78
CA LEU B 269 46.47 -29.89 17.32
C LEU B 269 45.04 -30.05 17.78
N GLN B 270 44.30 -28.97 18.00
CA GLN B 270 42.88 -29.07 18.25
C GLN B 270 42.16 -29.56 16.99
N PRO B 271 40.98 -30.19 17.13
CA PRO B 271 40.31 -30.78 15.95
C PRO B 271 39.94 -29.75 14.89
N LEU B 272 39.61 -30.26 13.71
CA LEU B 272 39.65 -29.49 12.48
C LEU B 272 38.62 -28.36 12.45
N ASP B 273 37.53 -28.54 13.19
CA ASP B 273 36.53 -27.48 13.25
C ASP B 273 36.84 -26.46 14.33
N LEU B 274 38.07 -26.47 14.86
CA LEU B 274 38.48 -25.53 15.90
C LEU B 274 39.74 -24.78 15.49
N VAL B 275 40.19 -24.95 14.25
CA VAL B 275 41.43 -24.36 13.79
C VAL B 275 41.12 -22.96 13.25
N PRO B 276 41.75 -21.91 13.77
CA PRO B 276 41.45 -20.57 13.26
C PRO B 276 42.27 -20.23 12.02
N ASN B 277 41.73 -19.31 11.22
CA ASN B 277 42.49 -18.69 10.13
C ASN B 277 43.31 -17.52 10.66
N HIS B 278 43.84 -16.68 9.77
CA HIS B 278 44.70 -15.59 10.22
C HIS B 278 43.93 -14.43 10.85
N GLN B 279 42.61 -14.46 10.84
CA GLN B 279 41.82 -13.49 11.60
C GLN B 279 41.31 -14.06 12.91
N GLY B 280 41.69 -15.29 13.25
CA GLY B 280 41.28 -15.89 14.50
C GLY B 280 39.89 -16.47 14.52
N LEU B 281 39.29 -16.72 13.34
CA LEU B 281 37.93 -17.24 13.29
C LEU B 281 37.99 -18.73 13.05
N THR B 282 37.32 -19.47 13.91
CA THR B 282 37.03 -20.88 13.72
C THR B 282 35.92 -20.99 12.68
N PRO B 283 35.60 -22.16 12.12
CA PRO B 283 34.46 -22.24 11.19
C PRO B 283 33.13 -21.86 11.81
N PHE B 284 32.96 -22.04 13.12
CA PHE B 284 31.68 -21.70 13.74
C PHE B 284 31.48 -20.20 13.82
N LYS B 285 32.54 -19.44 14.08
CA LYS B 285 32.40 -17.99 14.11
C LYS B 285 32.33 -17.41 12.72
N LEU B 286 32.95 -18.06 11.75
CA LEU B 286 32.94 -17.55 10.38
C LEU B 286 31.58 -17.74 9.74
N ALA B 287 30.82 -18.75 10.18
CA ALA B 287 29.47 -18.93 9.68
C ALA B 287 28.52 -17.89 10.25
N GLY B 288 28.90 -17.25 11.35
CA GLY B 288 28.11 -16.18 11.92
C GLY B 288 28.48 -14.82 11.40
N VAL B 289 29.78 -14.58 11.22
CA VAL B 289 30.25 -13.31 10.69
C VAL B 289 29.84 -13.12 9.25
N GLU B 290 29.90 -14.17 8.44
CA GLU B 290 29.53 -14.05 7.03
C GLU B 290 28.03 -14.05 6.82
N GLY B 291 27.28 -14.54 7.79
CA GLY B 291 25.83 -14.48 7.70
C GLY B 291 25.23 -15.76 7.19
N ASN B 292 26.01 -16.82 7.22
CA ASN B 292 25.59 -18.12 6.71
C ASN B 292 24.70 -18.76 7.76
N THR B 293 23.39 -18.61 7.61
CA THR B 293 22.48 -19.09 8.63
C THR B 293 22.20 -20.57 8.50
N VAL B 294 22.41 -21.13 7.31
CA VAL B 294 22.19 -22.56 7.10
C VAL B 294 23.33 -23.35 7.72
N MET B 295 24.56 -22.89 7.53
CA MET B 295 25.72 -23.54 8.15
C MET B 295 25.89 -23.13 9.59
N PHE B 296 25.11 -22.18 10.10
CA PHE B 296 25.16 -21.88 11.52
C PHE B 296 24.33 -22.88 12.30
N GLN B 297 23.11 -23.15 11.84
CA GLN B 297 22.23 -24.09 12.51
C GLN B 297 22.76 -25.51 12.39
N HIS B 298 23.49 -25.81 11.32
CA HIS B 298 24.04 -27.14 11.16
C HIS B 298 25.22 -27.35 12.10
N LEU B 299 26.02 -26.32 12.31
CA LEU B 299 27.16 -26.42 13.21
C LEU B 299 26.76 -26.26 14.66
N MET B 300 25.53 -25.80 14.91
CA MET B 300 25.09 -25.57 16.27
C MET B 300 24.62 -26.87 16.92
N GLN B 301 24.17 -27.82 16.10
CA GLN B 301 23.66 -29.10 16.60
C GLN B 301 24.73 -30.01 17.17
N LYS B 302 26.00 -29.65 17.01
CA LYS B 302 27.07 -30.34 17.71
C LYS B 302 27.17 -29.83 19.14
N ARG B 303 26.55 -28.69 19.44
CA ARG B 303 26.72 -28.03 20.72
C ARG B 303 25.53 -28.23 21.66
N LYS B 304 24.34 -28.43 21.12
CA LYS B 304 23.19 -28.67 21.98
C LYS B 304 23.22 -30.09 22.51
N HIS B 305 22.42 -30.33 23.54
CA HIS B 305 22.49 -31.57 24.31
C HIS B 305 21.15 -31.77 24.99
N THR B 306 20.36 -32.73 24.51
CA THR B 306 19.01 -32.91 25.02
C THR B 306 19.02 -33.67 26.34
N GLN B 307 18.45 -33.07 27.37
CA GLN B 307 18.38 -33.66 28.71
C GLN B 307 17.25 -34.66 28.87
N TRP B 308 16.00 -34.23 28.72
CA TRP B 308 14.87 -35.14 28.79
C TRP B 308 13.82 -34.72 27.78
N THR B 309 12.91 -35.65 27.48
CA THR B 309 11.78 -35.39 26.61
C THR B 309 10.53 -35.91 27.31
N TYR B 310 9.71 -34.98 27.81
CA TYR B 310 8.53 -35.30 28.60
C TYR B 310 7.31 -34.98 27.77
N GLY B 311 6.94 -35.93 26.92
CA GLY B 311 5.82 -35.74 26.03
C GLY B 311 6.14 -34.73 24.95
N PRO B 312 5.33 -33.69 24.86
CA PRO B 312 5.64 -32.59 23.95
C PRO B 312 6.54 -31.55 24.57
N LEU B 313 7.59 -31.96 25.28
CA LEU B 313 8.50 -31.04 25.93
C LEU B 313 9.91 -31.54 25.73
N THR B 314 10.85 -30.60 25.72
CA THR B 314 12.24 -30.94 25.48
C THR B 314 13.07 -29.92 26.24
N SER B 315 13.89 -30.38 27.17
CA SER B 315 14.88 -29.53 27.80
C SER B 315 16.20 -29.74 27.10
N THR B 316 16.60 -28.75 26.30
CA THR B 316 17.83 -28.78 25.52
C THR B 316 18.83 -27.89 26.24
N LEU B 317 20.10 -28.25 26.20
CA LEU B 317 21.12 -27.55 26.95
C LEU B 317 22.23 -27.11 25.98
N TYR B 318 22.31 -25.80 25.73
CA TYR B 318 23.21 -25.25 24.73
C TYR B 318 24.56 -24.93 25.36
N ASP B 319 25.55 -24.65 24.53
CA ASP B 319 26.93 -24.72 24.97
C ASP B 319 27.53 -23.38 25.34
N LEU B 320 27.32 -22.33 24.54
CA LEU B 320 27.72 -20.95 24.86
C LEU B 320 29.20 -20.77 25.13
N THR B 321 30.04 -21.54 24.46
CA THR B 321 31.48 -21.38 24.63
C THR B 321 32.07 -20.39 23.64
N GLU B 322 31.65 -20.45 22.39
CA GLU B 322 32.14 -19.49 21.41
C GLU B 322 31.15 -18.36 21.18
N ILE B 323 29.93 -18.49 21.70
CA ILE B 323 28.92 -17.48 21.47
C ILE B 323 29.06 -16.34 22.47
N ASP B 324 29.40 -16.65 23.71
CA ASP B 324 29.47 -15.66 24.77
C ASP B 324 30.93 -15.38 25.10
N SER B 325 31.19 -14.17 25.60
CA SER B 325 32.55 -13.68 25.82
C SER B 325 33.25 -14.38 26.99
N SER B 326 34.31 -15.14 26.68
CA SER B 326 35.05 -15.82 27.74
C SER B 326 35.93 -14.85 28.51
N GLY B 327 36.88 -14.24 27.84
CA GLY B 327 37.77 -13.28 28.46
C GLY B 327 37.78 -11.96 27.72
N ASP B 328 38.95 -11.59 27.19
CA ASP B 328 39.09 -10.38 26.40
C ASP B 328 39.06 -10.67 24.90
N GLU B 329 38.94 -11.94 24.51
CA GLU B 329 38.79 -12.29 23.10
C GLU B 329 37.43 -11.83 22.59
N GLN B 330 37.34 -11.70 21.26
CA GLN B 330 36.12 -11.24 20.63
C GLN B 330 35.19 -12.42 20.39
N SER B 331 34.03 -12.38 21.03
CA SER B 331 33.01 -13.41 20.92
C SER B 331 32.15 -13.18 19.69
N LEU B 332 31.15 -14.02 19.53
CA LEU B 332 30.36 -13.98 18.30
C LEU B 332 29.40 -12.79 18.29
N LEU B 333 28.99 -12.31 19.45
CA LEU B 333 28.10 -11.15 19.48
C LEU B 333 28.88 -9.86 19.21
N GLU B 334 30.17 -9.84 19.54
CA GLU B 334 30.97 -8.66 19.29
C GLU B 334 31.37 -8.56 17.83
N LEU B 335 31.28 -9.68 17.11
CA LEU B 335 31.75 -9.71 15.72
C LEU B 335 30.62 -9.46 14.75
N ILE B 336 29.38 -9.77 15.14
CA ILE B 336 28.25 -9.51 14.27
C ILE B 336 27.90 -8.03 14.26
N ILE B 337 28.11 -7.35 15.38
CA ILE B 337 27.85 -5.93 15.49
C ILE B 337 28.92 -5.15 14.75
N THR B 338 30.15 -5.65 14.77
CA THR B 338 31.31 -4.96 14.21
C THR B 338 31.63 -5.49 12.81
N THR B 339 30.60 -5.79 12.02
CA THR B 339 30.82 -6.21 10.64
C THR B 339 29.86 -5.48 9.74
N LYS B 340 30.13 -5.51 8.44
CA LYS B 340 29.39 -4.67 7.51
C LYS B 340 28.35 -5.48 6.74
N LYS B 341 28.34 -6.79 6.92
CA LYS B 341 27.32 -7.63 6.30
C LYS B 341 25.97 -7.40 6.94
N ARG B 342 24.97 -7.08 6.14
CA ARG B 342 23.60 -7.05 6.62
C ARG B 342 23.07 -8.46 6.87
N GLU B 343 23.64 -9.47 6.22
CA GLU B 343 23.24 -10.85 6.43
C GLU B 343 23.63 -11.37 7.80
N ALA B 344 24.66 -10.78 8.43
CA ALA B 344 25.16 -11.31 9.69
C ALA B 344 24.19 -11.07 10.83
N ARG B 345 23.33 -10.06 10.70
CA ARG B 345 22.33 -9.78 11.71
C ARG B 345 21.10 -10.67 11.60
N GLN B 346 21.16 -11.72 10.79
CA GLN B 346 20.16 -12.78 10.85
C GLN B 346 20.50 -13.83 11.89
N ILE B 347 21.76 -13.88 12.34
CA ILE B 347 22.20 -14.81 13.38
C ILE B 347 21.59 -14.47 14.73
N LEU B 348 21.17 -13.23 14.93
CA LEU B 348 20.58 -12.78 16.18
C LEU B 348 19.21 -13.37 16.45
N ASP B 349 18.61 -14.07 15.49
CA ASP B 349 17.30 -14.66 15.64
C ASP B 349 17.39 -16.18 15.77
N GLN B 350 18.56 -16.68 16.16
CA GLN B 350 18.79 -18.10 16.26
C GLN B 350 18.68 -18.56 17.71
N THR B 351 18.26 -19.81 17.89
CA THR B 351 17.82 -20.34 19.17
C THR B 351 18.78 -20.43 20.35
N PRO B 352 20.11 -20.39 20.22
CA PRO B 352 20.89 -20.07 21.44
C PRO B 352 21.13 -18.58 21.62
N VAL B 353 21.04 -17.81 20.54
CA VAL B 353 21.51 -16.43 20.57
C VAL B 353 20.35 -15.49 20.88
N LYS B 354 19.14 -15.89 20.50
CA LYS B 354 17.96 -15.08 20.80
C LYS B 354 17.63 -15.14 22.27
N GLU B 355 17.91 -16.26 22.93
CA GLU B 355 17.63 -16.40 24.35
C GLU B 355 18.77 -15.88 25.20
N LEU B 356 19.93 -15.64 24.60
CA LEU B 356 21.07 -15.15 25.37
C LEU B 356 21.01 -13.64 25.48
N VAL B 357 20.50 -12.98 24.45
CA VAL B 357 20.39 -11.52 24.47
C VAL B 357 19.27 -11.09 25.41
N SER B 358 18.20 -11.87 25.48
CA SER B 358 17.11 -11.55 26.37
C SER B 358 17.47 -11.75 27.84
N LEU B 359 18.40 -12.66 28.12
CA LEU B 359 18.88 -12.83 29.48
C LEU B 359 19.83 -11.72 29.90
N LYS B 360 20.66 -11.25 28.97
CA LYS B 360 21.58 -10.18 29.30
C LYS B 360 20.86 -8.87 29.48
N TRP B 361 19.74 -8.69 28.78
CA TRP B 361 19.09 -7.40 28.78
C TRP B 361 18.09 -7.29 29.92
N LYS B 362 17.25 -8.30 30.10
CA LYS B 362 16.23 -8.26 31.15
C LYS B 362 16.84 -8.30 32.53
N ARG B 363 18.00 -8.90 32.71
CA ARG B 363 18.58 -9.04 34.03
C ARG B 363 19.57 -7.93 34.37
N TYR B 364 20.62 -7.77 33.57
CA TYR B 364 21.69 -6.88 33.97
C TYR B 364 21.89 -5.72 32.99
N GLY B 365 21.13 -5.68 31.91
CA GLY B 365 21.31 -4.64 30.95
C GLY B 365 20.33 -3.50 31.12
N ARG B 366 19.05 -3.82 31.25
CA ARG B 366 18.03 -2.78 31.39
C ARG B 366 18.05 -2.06 32.74
N PRO B 367 18.41 -2.70 33.88
CA PRO B 367 18.69 -1.89 35.06
C PRO B 367 19.84 -0.90 34.93
N TYR B 368 20.95 -1.29 34.32
CA TYR B 368 22.12 -0.41 34.29
C TYR B 368 22.06 0.57 33.13
N PHE B 369 21.05 0.47 32.28
CA PHE B 369 20.89 1.41 31.18
C PHE B 369 19.83 2.44 31.49
N CYS B 370 18.90 2.09 32.39
CA CYS B 370 17.97 3.09 32.88
C CYS B 370 18.50 3.77 34.13
N MET B 371 19.66 3.34 34.61
CA MET B 371 20.31 4.05 35.70
C MET B 371 21.27 5.10 35.15
N LEU B 372 21.98 4.79 34.07
CA LEU B 372 22.78 5.80 33.41
C LEU B 372 21.92 6.81 32.69
N GLY B 373 20.70 6.43 32.34
CA GLY B 373 19.83 7.34 31.62
C GLY B 373 19.14 8.33 32.53
N ALA B 374 19.14 8.06 33.83
CA ALA B 374 18.56 8.99 34.79
C ALA B 374 19.64 9.82 35.45
N ILE B 375 20.87 9.34 35.45
CA ILE B 375 21.99 10.19 35.86
C ILE B 375 22.28 11.20 34.76
N TYR B 376 21.96 10.86 33.52
CA TYR B 376 22.21 11.80 32.44
C TYR B 376 21.13 12.86 32.34
N LEU B 377 19.90 12.57 32.78
CA LEU B 377 18.89 13.62 32.85
C LEU B 377 19.19 14.61 33.96
N LEU B 378 19.74 14.17 35.07
CA LEU B 378 20.04 15.10 36.15
C LEU B 378 21.27 15.91 35.82
N TYR B 379 22.07 15.46 34.87
CA TYR B 379 23.23 16.21 34.45
C TYR B 379 22.86 17.29 33.46
N ILE B 380 21.85 17.05 32.63
CA ILE B 380 21.50 18.02 31.60
C ILE B 380 20.58 19.10 32.17
N ILE B 381 19.79 18.77 33.19
CA ILE B 381 19.01 19.79 33.88
C ILE B 381 19.93 20.69 34.68
N CYS B 382 21.00 20.14 35.24
CA CYS B 382 21.98 20.94 35.96
C CYS B 382 22.79 21.83 35.02
N PHE B 383 23.04 21.34 33.80
CA PHE B 383 23.74 22.16 32.82
C PHE B 383 22.82 23.23 32.25
N THR B 384 21.52 22.94 32.15
CA THR B 384 20.57 23.90 31.62
C THR B 384 20.40 25.07 32.56
N MET B 385 20.22 24.81 33.86
CA MET B 385 19.96 25.89 34.80
C MET B 385 21.20 26.74 35.09
N CYS B 386 22.38 26.31 34.66
CA CYS B 386 23.51 27.21 34.79
C CYS B 386 23.80 27.91 33.48
N CYS B 387 22.96 27.66 32.47
CA CYS B 387 22.94 28.51 31.28
C CYS B 387 21.78 29.50 31.34
N ILE B 388 20.71 29.17 32.06
CA ILE B 388 19.64 30.11 32.28
C ILE B 388 20.11 31.25 33.17
N TYR B 389 20.86 30.93 34.23
CA TYR B 389 21.26 31.89 35.25
C TYR B 389 22.66 32.42 35.02
N ARG B 390 23.12 32.49 33.77
CA ARG B 390 24.46 32.96 33.45
C ARG B 390 24.61 34.45 33.75
N PRO B 391 25.83 34.94 34.02
CA PRO B 391 25.99 36.32 34.47
C PRO B 391 25.82 37.33 33.33
N LEU B 392 24.88 38.26 33.49
CA LEU B 392 24.63 39.32 32.53
C LEU B 392 24.47 40.65 33.24
N LYS B 393 24.98 41.70 32.62
CA LYS B 393 24.94 43.05 33.17
C LYS B 393 24.40 43.99 32.11
N PRO B 394 23.88 45.16 32.49
CA PRO B 394 23.45 46.13 31.49
C PRO B 394 24.60 46.63 30.62
N ARG B 395 24.24 47.06 29.42
CA ARG B 395 25.19 47.44 28.40
C ARG B 395 25.92 48.72 28.78
N THR B 396 27.25 48.68 28.69
CA THR B 396 28.09 49.81 29.02
C THR B 396 28.12 50.87 27.92
N ASN B 397 28.20 50.44 26.66
CA ASN B 397 28.29 51.36 25.55
C ASN B 397 26.91 51.93 25.21
N ASN B 398 26.88 52.77 24.18
CA ASN B 398 25.65 53.29 23.62
C ASN B 398 25.41 52.64 22.27
N ARG B 399 24.18 52.76 21.77
CA ARG B 399 23.76 52.09 20.55
C ARG B 399 24.44 52.69 19.33
N THR B 400 25.02 51.81 18.51
CA THR B 400 25.70 52.22 17.29
C THR B 400 24.72 52.74 16.25
N SER B 401 23.81 51.89 15.82
CA SER B 401 22.86 52.17 14.76
C SER B 401 21.45 51.98 15.32
N PRO B 402 20.39 52.37 14.59
CA PRO B 402 19.05 51.97 15.03
C PRO B 402 18.75 50.48 14.90
N ARG B 403 19.62 49.72 14.23
CA ARG B 403 19.47 48.28 14.08
C ARG B 403 20.15 47.51 15.21
N ASP B 404 20.60 48.22 16.24
CA ASP B 404 21.31 47.63 17.36
C ASP B 404 20.29 47.31 18.45
N ASN B 405 20.04 46.02 18.66
CA ASN B 405 18.97 45.59 19.55
C ASN B 405 19.48 45.13 20.91
N THR B 406 20.77 44.86 21.03
CA THR B 406 21.32 44.27 22.25
C THR B 406 21.41 45.30 23.36
N LEU B 407 20.85 44.97 24.52
CA LEU B 407 20.88 45.90 25.64
C LEU B 407 21.39 45.29 26.95
N LEU B 408 21.81 44.03 26.96
CA LEU B 408 22.55 43.44 28.06
C LEU B 408 23.89 42.94 27.55
N GLN B 409 24.72 42.52 28.49
CA GLN B 409 26.11 42.21 28.20
C GLN B 409 26.59 41.26 29.29
N GLN B 410 27.49 40.36 28.95
CA GLN B 410 27.93 39.39 29.94
C GLN B 410 29.02 39.97 30.82
N LYS B 411 29.03 39.55 32.07
CA LYS B 411 29.93 40.09 33.07
C LYS B 411 31.35 39.59 32.88
N LEU B 412 32.29 40.32 33.46
CA LEU B 412 33.68 39.87 33.55
C LEU B 412 33.79 38.84 34.66
N LEU B 413 34.93 38.14 34.69
CA LEU B 413 35.10 37.03 35.63
C LEU B 413 35.19 37.51 37.07
N GLN B 414 35.68 38.74 37.27
CA GLN B 414 35.83 39.30 38.60
C GLN B 414 34.47 39.60 39.23
N GLU B 415 33.58 40.19 38.46
CA GLU B 415 32.26 40.57 38.94
C GLU B 415 31.20 39.50 38.74
N ALA B 416 31.59 38.32 38.27
CA ALA B 416 30.61 37.28 37.99
C ALA B 416 30.15 36.59 39.27
N TYR B 417 31.05 36.35 40.21
CA TYR B 417 30.74 35.53 41.39
C TYR B 417 30.94 36.38 42.64
N VAL B 418 29.92 37.17 43.00
CA VAL B 418 30.01 38.08 44.14
C VAL B 418 28.76 38.04 45.01
N THR B 419 27.96 36.98 44.92
CA THR B 419 26.70 36.94 45.66
C THR B 419 26.42 35.47 46.02
N PRO B 420 25.54 35.20 47.01
CA PRO B 420 25.23 33.80 47.33
C PRO B 420 24.56 33.01 46.23
N LYS B 421 23.82 33.66 45.34
CA LYS B 421 23.21 32.93 44.23
C LYS B 421 24.24 32.61 43.16
N ASP B 422 25.40 33.27 43.19
CA ASP B 422 26.47 32.93 42.26
C ASP B 422 27.31 31.79 42.80
N ASP B 423 27.23 31.53 44.11
CA ASP B 423 27.95 30.40 44.67
C ASP B 423 27.17 29.10 44.48
N ILE B 424 25.84 29.20 44.42
CA ILE B 424 25.04 28.03 44.07
C ILE B 424 25.25 27.67 42.61
N ARG B 425 25.42 28.68 41.75
CA ARG B 425 25.66 28.39 40.34
C ARG B 425 27.06 27.84 40.12
N LEU B 426 28.02 28.29 40.93
CA LEU B 426 29.39 27.82 40.79
C LEU B 426 29.50 26.33 41.11
N VAL B 427 28.67 25.85 42.03
CA VAL B 427 28.58 24.41 42.30
C VAL B 427 27.99 23.70 41.10
N GLY B 428 26.93 24.27 40.53
CA GLY B 428 26.29 23.65 39.38
C GLY B 428 27.12 23.77 38.11
N GLU B 429 28.11 24.66 38.12
CA GLU B 429 29.00 24.79 36.98
C GLU B 429 30.22 23.91 37.12
N LEU B 430 30.60 23.57 38.36
CA LEU B 430 31.69 22.61 38.53
C LEU B 430 31.24 21.20 38.21
N VAL B 431 29.96 20.90 38.41
CA VAL B 431 29.43 19.57 38.11
C VAL B 431 29.41 19.35 36.61
N THR B 432 29.05 20.38 35.84
CA THR B 432 28.98 20.20 34.40
C THR B 432 30.35 20.26 33.74
N VAL B 433 31.37 20.69 34.48
CA VAL B 433 32.72 20.61 33.95
C VAL B 433 33.33 19.25 34.24
N ILE B 434 33.12 18.74 35.46
CA ILE B 434 33.60 17.41 35.83
C ILE B 434 32.94 16.34 34.97
N GLY B 435 31.65 16.47 34.73
CA GLY B 435 30.94 15.48 33.93
C GLY B 435 31.31 15.53 32.46
N ALA B 436 31.92 16.63 32.02
CA ALA B 436 32.37 16.71 30.64
C ALA B 436 33.82 16.26 30.52
N ILE B 437 34.51 16.11 31.64
CA ILE B 437 35.84 15.50 31.62
C ILE B 437 35.73 13.99 31.65
N ILE B 438 34.78 13.48 32.46
CA ILE B 438 34.54 12.05 32.58
C ILE B 438 34.07 11.46 31.26
N ILE B 439 33.31 12.22 30.46
CA ILE B 439 33.00 11.82 29.09
C ILE B 439 34.25 11.71 28.23
N LEU B 440 35.22 12.60 28.39
CA LEU B 440 36.46 12.50 27.66
C LEU B 440 37.52 11.65 28.35
N LEU B 441 37.11 10.77 29.27
CA LEU B 441 38.00 9.73 29.78
C LEU B 441 37.42 8.35 29.59
N VAL B 442 36.12 8.24 29.36
CA VAL B 442 35.46 6.97 29.10
C VAL B 442 35.43 6.75 27.60
N GLU B 443 35.19 7.82 26.84
CA GLU B 443 34.85 7.65 25.44
C GLU B 443 36.02 7.93 24.50
N VAL B 444 36.74 9.03 24.69
CA VAL B 444 37.79 9.40 23.73
C VAL B 444 39.09 8.58 23.81
N PRO B 445 39.57 7.97 24.97
CA PRO B 445 40.81 7.20 24.84
C PRO B 445 40.65 5.89 24.08
N ASP B 446 39.41 5.47 23.83
CA ASP B 446 39.15 4.30 23.01
C ASP B 446 39.46 4.61 21.55
N GLY B 463 28.45 4.52 17.12
CA GLY B 463 27.95 5.11 15.89
C GLY B 463 27.84 6.61 15.95
N PRO B 464 26.66 7.15 15.63
CA PRO B 464 26.49 8.61 15.62
C PRO B 464 26.43 9.22 17.01
N PHE B 465 25.95 8.49 18.02
CA PHE B 465 25.92 9.07 19.36
C PHE B 465 27.26 8.96 20.06
N HIS B 466 28.26 8.34 19.43
CA HIS B 466 29.63 8.51 19.87
C HIS B 466 30.08 9.95 19.66
N VAL B 467 29.76 10.50 18.49
CA VAL B 467 30.30 11.78 18.07
C VAL B 467 29.57 12.92 18.78
N LEU B 468 28.28 12.74 19.06
CA LEU B 468 27.49 13.80 19.66
C LEU B 468 27.76 13.95 21.14
N ILE B 469 28.22 12.88 21.82
CA ILE B 469 28.52 13.03 23.24
C ILE B 469 29.94 13.54 23.41
N ILE B 470 30.78 13.36 22.40
CA ILE B 470 32.12 13.95 22.42
C ILE B 470 32.06 15.42 22.05
N THR B 471 31.19 15.76 21.08
CA THR B 471 31.06 17.14 20.63
C THR B 471 30.44 18.01 21.70
N TYR B 472 29.46 17.47 22.43
CA TYR B 472 28.94 18.11 23.64
C TYR B 472 30.04 18.36 24.66
N ALA B 473 30.94 17.41 24.82
CA ALA B 473 31.95 17.51 25.85
C ALA B 473 33.02 18.53 25.52
N PHE B 474 33.25 18.78 24.22
CA PHE B 474 34.15 19.86 23.86
C PHE B 474 33.51 21.21 24.08
N MET B 475 32.22 21.36 23.74
CA MET B 475 31.55 22.65 23.81
C MET B 475 31.39 23.12 25.25
N VAL B 476 31.37 22.20 26.20
CA VAL B 476 31.37 22.60 27.60
C VAL B 476 32.75 23.06 28.02
N LEU B 477 33.79 22.48 27.42
CA LEU B 477 35.15 22.92 27.75
C LEU B 477 35.61 24.09 26.89
N VAL B 478 34.98 24.33 25.74
CA VAL B 478 35.24 25.57 25.01
C VAL B 478 34.66 26.75 25.78
N THR B 479 33.48 26.59 26.36
CA THR B 479 32.87 27.69 27.10
C THR B 479 33.36 27.71 28.54
N MET B 480 34.15 26.72 28.96
CA MET B 480 34.88 26.84 30.22
C MET B 480 36.05 27.80 30.05
N VAL B 481 36.76 27.68 28.93
CA VAL B 481 37.90 28.55 28.66
C VAL B 481 37.45 29.99 28.50
N MET B 482 36.33 30.21 27.78
CA MET B 482 35.83 31.56 27.55
C MET B 482 35.33 32.22 28.83
N ARG B 483 35.02 31.44 29.85
CA ARG B 483 34.68 32.05 31.13
C ARG B 483 35.94 32.45 31.88
N LEU B 484 37.02 31.70 31.72
CA LEU B 484 38.28 31.99 32.41
C LEU B 484 39.03 33.14 31.76
N ILE B 485 39.46 32.98 30.51
CA ILE B 485 39.86 34.15 29.73
C ILE B 485 38.59 34.81 29.23
N SER B 486 38.28 35.99 29.74
CA SER B 486 36.99 36.61 29.50
C SER B 486 36.83 37.01 28.04
N ALA B 487 36.02 36.26 27.32
CA ALA B 487 35.87 36.42 25.88
C ALA B 487 34.40 36.58 25.54
N SER B 488 34.10 37.54 24.68
CA SER B 488 32.73 37.76 24.24
C SER B 488 32.29 36.63 23.32
N GLY B 489 31.04 36.22 23.47
CA GLY B 489 30.50 35.21 22.61
C GLY B 489 30.44 33.85 23.24
N GLU B 490 29.98 33.75 24.48
CA GLU B 490 29.78 32.43 25.06
C GLU B 490 28.47 31.82 24.61
N VAL B 491 27.62 32.58 23.93
CA VAL B 491 26.32 32.07 23.55
C VAL B 491 26.45 31.07 22.41
N VAL B 492 27.51 31.19 21.61
CA VAL B 492 27.69 30.25 20.50
C VAL B 492 28.24 28.89 20.95
N PRO B 493 29.18 28.73 21.91
CA PRO B 493 29.40 27.36 22.43
C PRO B 493 28.26 26.84 23.28
N MET B 494 27.53 27.70 23.99
CA MET B 494 26.43 27.21 24.81
C MET B 494 25.27 26.71 23.96
N SER B 495 24.96 27.41 22.87
CA SER B 495 23.80 27.03 22.07
C SER B 495 24.02 25.71 21.34
N PHE B 496 25.26 25.40 20.99
CA PHE B 496 25.57 24.07 20.51
C PHE B 496 25.49 23.05 21.63
N ALA B 497 25.81 23.46 22.85
CA ALA B 497 25.89 22.49 23.93
C ALA B 497 24.52 22.21 24.51
N LEU B 498 23.57 23.12 24.32
CA LEU B 498 22.21 22.89 24.79
C LEU B 498 21.47 21.91 23.89
N VAL B 499 21.63 22.04 22.58
CA VAL B 499 20.82 21.21 21.69
C VAL B 499 21.51 19.89 21.42
N LEU B 500 22.80 19.80 21.71
CA LEU B 500 23.46 18.51 21.61
C LEU B 500 23.37 17.76 22.93
N GLY B 501 23.37 18.49 24.04
CA GLY B 501 23.20 17.83 25.31
C GLY B 501 21.80 17.30 25.53
N TRP B 502 20.80 18.01 25.01
CA TRP B 502 19.44 17.50 25.16
C TRP B 502 19.10 16.44 24.13
N CYS B 503 19.61 16.51 22.91
CA CYS B 503 19.29 15.49 21.93
C CYS B 503 20.13 14.23 22.07
N ASN B 504 20.95 14.11 23.10
CA ASN B 504 21.54 12.82 23.42
C ASN B 504 20.69 12.05 24.40
N VAL B 505 19.55 12.61 24.79
CA VAL B 505 18.60 11.87 25.60
C VAL B 505 17.87 10.87 24.72
N MET B 506 17.87 11.10 23.41
CA MET B 506 17.40 10.15 22.42
C MET B 506 18.24 8.88 22.34
N TYR B 507 19.46 8.91 22.87
CA TYR B 507 20.22 7.67 22.99
C TYR B 507 19.54 6.71 23.93
N PHE B 508 18.97 7.22 25.01
CA PHE B 508 18.35 6.34 25.97
C PHE B 508 16.89 6.11 25.62
N ALA B 509 16.63 5.85 24.35
CA ALA B 509 15.31 5.48 23.90
C ALA B 509 15.32 4.08 23.32
N ARG B 510 16.48 3.46 23.27
CA ARG B 510 16.61 2.07 22.86
C ARG B 510 16.46 1.15 24.06
N GLY B 511 16.13 1.69 25.21
CA GLY B 511 15.85 0.85 26.34
C GLY B 511 14.38 0.50 26.37
N PHE B 512 13.63 1.14 25.49
CA PHE B 512 12.18 0.97 25.41
C PHE B 512 11.85 0.47 24.02
N GLN B 513 11.12 -0.64 23.95
CA GLN B 513 10.90 -1.32 22.68
C GLN B 513 10.02 -0.52 21.75
N MET B 514 9.14 0.30 22.29
CA MET B 514 8.24 1.09 21.47
C MET B 514 8.83 2.43 21.09
N LEU B 515 9.97 2.82 21.66
CA LEU B 515 10.64 4.05 21.29
C LEU B 515 11.98 3.83 20.61
N GLY B 516 12.43 2.58 20.54
CA GLY B 516 13.73 2.24 20.04
C GLY B 516 14.00 2.60 18.60
N PRO B 517 13.26 2.00 17.67
CA PRO B 517 13.49 2.32 16.26
C PRO B 517 12.93 3.64 15.78
N PHE B 518 12.50 4.53 16.67
CA PHE B 518 12.18 5.88 16.24
C PHE B 518 13.45 6.65 15.89
N THR B 519 14.55 6.33 16.55
CA THR B 519 15.79 7.02 16.25
C THR B 519 16.49 6.40 15.05
N ILE B 520 16.02 5.23 14.61
CA ILE B 520 16.50 4.66 13.35
C ILE B 520 15.77 5.32 12.18
N MET B 521 14.53 5.74 12.41
CA MET B 521 13.83 6.49 11.39
C MET B 521 14.39 7.91 11.25
N ILE B 522 14.78 8.53 12.35
CA ILE B 522 15.37 9.87 12.28
C ILE B 522 16.74 9.81 11.61
N GLN B 523 17.45 8.70 11.80
CA GLN B 523 18.75 8.55 11.15
C GLN B 523 18.61 8.32 9.66
N LYS B 524 17.67 7.46 9.25
CA LYS B 524 17.58 7.11 7.85
C LYS B 524 16.85 8.17 7.04
N MET B 525 16.18 9.10 7.71
CA MET B 525 15.61 10.23 7.01
C MET B 525 16.62 11.34 6.82
N ILE B 526 17.53 11.52 7.76
CA ILE B 526 18.54 12.55 7.58
C ILE B 526 19.62 12.13 6.61
N PHE B 527 20.24 10.98 6.82
CA PHE B 527 21.40 10.58 6.04
C PHE B 527 21.01 9.73 4.83
N GLY B 528 19.73 9.66 4.52
CA GLY B 528 19.35 8.99 3.30
C GLY B 528 18.25 9.64 2.49
N ASP B 529 17.61 10.67 3.03
CA ASP B 529 16.58 11.37 2.29
C ASP B 529 16.89 12.85 2.22
N LEU B 530 17.26 13.45 3.34
CA LEU B 530 17.59 14.87 3.33
C LEU B 530 18.97 15.10 2.74
N MET B 531 19.95 14.25 3.02
CA MET B 531 21.28 14.47 2.46
C MET B 531 21.39 13.87 1.06
N ARG B 532 20.27 13.78 0.35
CA ARG B 532 20.21 13.16 -0.95
C ARG B 532 19.25 13.97 -1.81
N PHE B 533 18.55 14.92 -1.18
CA PHE B 533 17.57 15.75 -1.86
C PHE B 533 17.79 17.21 -1.49
N CYS B 534 18.69 17.48 -0.55
CA CYS B 534 19.02 18.88 -0.26
C CYS B 534 19.83 19.51 -1.38
N TRP B 535 20.43 18.69 -2.23
CA TRP B 535 21.19 19.23 -3.35
C TRP B 535 20.27 19.74 -4.45
N LEU B 536 19.02 19.29 -4.45
CA LEU B 536 18.05 19.80 -5.41
C LEU B 536 17.28 20.99 -4.85
N MET B 537 17.21 21.10 -3.52
CA MET B 537 16.58 22.27 -2.93
C MET B 537 17.52 23.46 -2.89
N ALA B 538 18.82 23.23 -2.76
CA ALA B 538 19.76 24.34 -2.68
C ALA B 538 19.94 25.00 -4.03
N VAL B 539 19.59 24.30 -5.09
CA VAL B 539 19.52 24.81 -6.45
C VAL B 539 18.29 25.71 -6.63
N VAL B 540 17.16 25.30 -6.05
CA VAL B 540 15.93 26.07 -6.19
C VAL B 540 15.94 27.28 -5.26
N ILE B 541 16.58 27.15 -4.09
CA ILE B 541 16.66 28.27 -3.16
C ILE B 541 17.63 29.32 -3.68
N LEU B 542 18.78 28.90 -4.22
CA LEU B 542 19.73 29.87 -4.78
C LEU B 542 19.21 30.53 -6.03
N GLY B 543 18.32 29.86 -6.76
CA GLY B 543 17.78 30.46 -7.96
C GLY B 543 16.76 31.53 -7.66
N PHE B 544 15.89 31.28 -6.69
CA PHE B 544 14.83 32.23 -6.41
C PHE B 544 15.25 33.30 -5.42
N ALA B 545 16.21 33.02 -4.55
CA ALA B 545 16.66 34.04 -3.62
C ALA B 545 17.48 35.10 -4.33
N SER B 546 18.10 34.72 -5.42
CA SER B 546 18.82 35.68 -6.23
C SER B 546 17.87 36.47 -7.11
N ALA B 547 16.77 35.85 -7.54
CA ALA B 547 15.75 36.57 -8.28
C ALA B 547 15.00 37.52 -7.37
N PHE B 548 14.62 37.07 -6.18
CA PHE B 548 13.91 37.90 -5.21
C PHE B 548 14.76 39.05 -4.71
N TYR B 549 16.08 38.87 -4.68
CA TYR B 549 16.94 39.94 -4.18
C TYR B 549 17.05 41.08 -5.18
N ILE B 550 17.13 40.78 -6.48
CA ILE B 550 17.30 41.85 -7.43
C ILE B 550 15.99 42.46 -7.85
N ILE B 551 14.87 41.80 -7.59
CA ILE B 551 13.57 42.43 -7.78
C ILE B 551 13.36 43.55 -6.78
N PHE B 552 13.75 43.34 -5.53
CA PHE B 552 13.55 44.30 -4.46
C PHE B 552 14.78 45.14 -4.20
N GLN B 553 15.71 45.17 -5.14
CA GLN B 553 16.97 45.85 -4.91
C GLN B 553 16.86 47.35 -5.12
N THR B 554 15.81 47.80 -5.78
CA THR B 554 15.52 49.20 -6.00
C THR B 554 14.45 49.74 -5.06
N GLU B 555 13.95 48.93 -4.14
CA GLU B 555 12.77 49.22 -3.35
C GLU B 555 13.19 49.61 -1.94
N ASP B 556 12.25 50.13 -1.17
CA ASP B 556 12.55 50.57 0.19
C ASP B 556 12.32 49.42 1.16
N PRO B 557 13.32 49.04 1.95
CA PRO B 557 13.17 47.89 2.85
C PRO B 557 12.32 48.16 4.08
N GLU B 558 11.84 49.37 4.33
CA GLU B 558 11.05 49.63 5.52
C GLU B 558 9.60 49.20 5.36
N GLU B 559 9.22 48.68 4.20
CA GLU B 559 7.89 48.13 3.98
C GLU B 559 7.94 46.62 3.86
N LEU B 560 8.80 46.12 2.98
CA LEU B 560 8.98 44.69 2.76
C LEU B 560 10.48 44.42 2.83
N GLY B 561 10.97 44.15 4.04
CA GLY B 561 12.40 44.03 4.23
C GLY B 561 12.89 42.61 4.30
N HIS B 562 12.19 41.70 3.66
CA HIS B 562 12.55 40.30 3.64
C HIS B 562 13.86 40.02 2.92
N PHE B 563 14.23 40.88 1.97
CA PHE B 563 15.33 40.61 1.04
C PHE B 563 16.24 41.82 0.98
N TYR B 564 16.63 42.37 2.12
CA TYR B 564 17.36 43.63 2.13
C TYR B 564 18.84 43.48 1.87
N ASP B 565 19.47 42.38 2.27
CA ASP B 565 20.79 42.03 1.75
C ASP B 565 20.76 40.56 1.37
N TYR B 566 21.87 40.08 0.84
CA TYR B 566 21.84 38.77 0.18
C TYR B 566 21.82 37.58 1.13
N PRO B 567 22.51 37.56 2.28
CA PRO B 567 22.27 36.44 3.21
C PRO B 567 20.90 36.39 3.84
N MET B 568 20.18 37.51 3.90
CA MET B 568 18.81 37.47 4.42
C MET B 568 17.83 37.05 3.36
N ALA B 569 18.16 37.26 2.09
CA ALA B 569 17.30 36.77 1.02
C ALA B 569 17.40 35.26 0.90
N LEU B 570 18.53 34.68 1.30
CA LEU B 570 18.69 33.24 1.30
C LEU B 570 17.97 32.61 2.48
N PHE B 571 17.97 33.29 3.62
CA PHE B 571 17.30 32.74 4.78
C PHE B 571 15.80 32.91 4.67
N SER B 572 15.35 33.98 4.02
CA SER B 572 13.93 34.18 3.82
C SER B 572 13.37 33.24 2.79
N THR B 573 14.17 32.84 1.81
CA THR B 573 13.65 31.96 0.77
C THR B 573 13.66 30.51 1.24
N PHE B 574 14.57 30.18 2.15
CA PHE B 574 14.53 28.87 2.80
C PHE B 574 13.31 28.73 3.69
N GLU B 575 12.86 29.84 4.27
CA GLU B 575 11.70 29.82 5.15
C GLU B 575 10.39 29.85 4.39
N LEU B 576 10.35 30.51 3.24
CA LEU B 576 9.17 30.45 2.40
C LEU B 576 9.04 29.10 1.72
N PHE B 577 10.17 28.41 1.53
CA PHE B 577 10.16 27.05 1.00
C PHE B 577 9.42 26.12 1.95
N LEU B 578 9.78 26.15 3.22
CA LEU B 578 9.25 25.24 4.23
C LEU B 578 7.90 25.69 4.75
N THR B 579 7.44 26.86 4.31
CA THR B 579 6.18 27.52 4.67
C THR B 579 6.13 27.69 6.18
N ILE B 580 7.12 28.39 6.73
CA ILE B 580 7.16 28.67 8.15
C ILE B 580 7.13 30.16 8.43
N ILE B 581 7.24 31.00 7.40
CA ILE B 581 6.89 32.40 7.50
C ILE B 581 5.92 32.70 6.36
N ASP B 582 5.10 33.72 6.55
CA ASP B 582 4.11 34.09 5.55
C ASP B 582 4.79 34.77 4.38
N GLY B 583 4.15 34.67 3.21
CA GLY B 583 4.62 35.31 2.02
C GLY B 583 4.62 36.81 2.18
N PRO B 584 5.62 37.47 1.61
CA PRO B 584 5.73 38.92 1.77
C PRO B 584 4.65 39.66 1.01
N ALA B 585 3.97 40.57 1.71
CA ALA B 585 2.99 41.44 1.09
C ALA B 585 2.86 42.72 1.89
N ASN B 586 2.51 43.83 1.24
CA ASN B 586 2.31 45.06 1.97
C ASN B 586 0.89 45.60 1.82
N TYR B 587 0.40 45.65 0.59
CA TYR B 587 -0.92 46.11 0.12
C TYR B 587 -1.12 47.60 0.28
N ASN B 588 -0.13 48.34 0.77
CA ASN B 588 -0.21 49.80 0.84
C ASN B 588 0.74 50.45 -0.15
N VAL B 589 1.61 49.68 -0.79
CA VAL B 589 2.52 50.19 -1.80
C VAL B 589 2.36 49.32 -3.04
N ASP B 590 2.93 49.77 -4.15
CA ASP B 590 2.98 48.94 -5.33
C ASP B 590 4.25 48.10 -5.31
N LEU B 591 4.10 46.80 -5.17
CA LEU B 591 5.21 45.87 -5.26
C LEU B 591 5.69 45.82 -6.70
N PRO B 592 6.93 45.36 -6.96
CA PRO B 592 7.39 45.26 -8.34
C PRO B 592 6.59 44.26 -9.15
N PHE B 593 6.60 44.46 -10.46
CA PHE B 593 5.79 43.62 -11.34
C PHE B 593 6.30 42.19 -11.39
N MET B 594 7.60 41.99 -11.28
CA MET B 594 8.14 40.65 -11.36
C MET B 594 7.96 39.88 -10.07
N TYR B 595 7.51 40.53 -9.01
CA TYR B 595 7.35 39.85 -7.74
C TYR B 595 6.20 38.87 -7.77
N SER B 596 5.06 39.29 -8.33
CA SER B 596 3.88 38.45 -8.35
C SER B 596 4.06 37.26 -9.26
N ILE B 597 4.89 37.41 -10.29
CA ILE B 597 5.11 36.31 -11.23
C ILE B 597 6.13 35.34 -10.67
N THR B 598 7.18 35.86 -10.04
CA THR B 598 8.23 34.99 -9.51
C THR B 598 7.74 34.25 -8.28
N TYR B 599 6.98 34.92 -7.42
CA TYR B 599 6.54 34.26 -6.19
C TYR B 599 5.44 33.25 -6.47
N ALA B 600 4.67 33.45 -7.54
CA ALA B 600 3.67 32.46 -7.92
C ALA B 600 4.32 31.22 -8.49
N ALA B 601 5.42 31.40 -9.21
CA ALA B 601 6.16 30.26 -9.73
C ALA B 601 6.92 29.57 -8.61
N PHE B 602 7.41 30.35 -7.65
CA PHE B 602 8.10 29.79 -6.49
C PHE B 602 7.16 28.95 -5.67
N ALA B 603 5.96 29.46 -5.37
CA ALA B 603 5.04 28.79 -4.47
C ALA B 603 4.45 27.53 -5.08
N ILE B 604 4.65 27.32 -6.38
CA ILE B 604 4.23 26.09 -7.02
C ILE B 604 5.34 25.05 -7.01
N ILE B 605 6.54 25.40 -7.47
CA ILE B 605 7.60 24.41 -7.54
C ILE B 605 8.22 24.16 -6.16
N ALA B 606 8.20 25.14 -5.26
CA ALA B 606 8.83 24.92 -3.98
C ALA B 606 7.85 24.39 -2.95
N THR B 607 6.78 25.14 -2.68
CA THR B 607 5.91 24.77 -1.59
C THR B 607 5.01 23.59 -1.92
N LEU B 608 4.42 23.54 -3.11
CA LEU B 608 3.60 22.39 -3.50
C LEU B 608 4.46 21.18 -3.80
N LEU B 609 5.35 21.28 -4.77
CA LEU B 609 5.82 20.08 -5.43
C LEU B 609 7.03 19.51 -4.74
N MET B 610 8.08 20.30 -4.58
CA MET B 610 9.31 19.80 -4.01
C MET B 610 9.29 19.71 -2.50
N LEU B 611 8.32 20.28 -1.82
CA LEU B 611 8.16 20.03 -0.41
C LEU B 611 7.37 18.77 -0.14
N ASN B 612 6.54 18.34 -1.08
CA ASN B 612 5.77 17.12 -0.88
C ASN B 612 6.41 15.91 -1.54
N LEU B 613 7.40 16.13 -2.41
CA LEU B 613 8.33 15.04 -2.72
C LEU B 613 9.03 14.55 -1.48
N LEU B 614 9.59 15.48 -0.70
CA LEU B 614 10.40 15.10 0.44
C LEU B 614 9.56 14.44 1.52
N ILE B 615 8.32 14.89 1.68
CA ILE B 615 7.43 14.27 2.66
C ILE B 615 6.99 12.89 2.18
N ALA B 616 6.95 12.67 0.87
CA ALA B 616 6.61 11.35 0.37
C ALA B 616 7.83 10.42 0.36
N MET B 617 9.03 10.98 0.22
CA MET B 617 10.23 10.15 0.34
C MET B 617 10.43 9.68 1.76
N MET B 618 10.22 10.57 2.73
CA MET B 618 10.36 10.20 4.12
C MET B 618 9.20 9.34 4.59
N GLY B 619 8.12 9.26 3.82
CA GLY B 619 7.03 8.38 4.19
C GLY B 619 7.31 6.94 3.85
N ASP B 620 8.21 6.70 2.90
CA ASP B 620 8.59 5.34 2.57
C ASP B 620 9.75 4.87 3.44
N THR B 621 10.56 5.80 3.94
CA THR B 621 11.59 5.45 4.90
C THR B 621 10.98 5.05 6.24
N HIS B 622 9.89 5.71 6.62
CA HIS B 622 9.15 5.30 7.80
C HIS B 622 8.57 3.91 7.64
N TRP B 623 8.05 3.61 6.45
CA TRP B 623 7.36 2.35 6.23
C TRP B 623 8.32 1.18 6.22
N ARG B 624 9.54 1.40 5.74
CA ARG B 624 10.52 0.32 5.67
C ARG B 624 11.05 -0.03 7.04
N VAL B 625 11.39 0.98 7.85
CA VAL B 625 11.93 0.74 9.18
C VAL B 625 10.89 0.20 10.14
N ALA B 626 9.64 0.69 10.08
CA ALA B 626 8.59 0.18 10.94
C ALA B 626 8.14 -1.22 10.57
N HIS B 627 8.51 -1.70 9.38
CA HIS B 627 8.19 -3.07 9.00
C HIS B 627 9.14 -4.05 9.68
N GLU B 628 10.43 -3.76 9.64
CA GLU B 628 11.45 -4.54 10.32
C GLU B 628 11.73 -3.93 11.69
N ARG B 629 10.67 -3.73 12.46
CA ARG B 629 10.73 -2.96 13.69
C ARG B 629 11.39 -3.69 14.84
N ASP B 630 11.08 -4.97 15.05
CA ASP B 630 11.57 -5.72 16.19
C ASP B 630 12.94 -6.33 15.98
N GLU B 631 13.39 -6.49 14.74
CA GLU B 631 14.75 -7.00 14.54
C GLU B 631 15.75 -5.86 14.51
N LEU B 632 15.29 -4.64 14.28
CA LEU B 632 16.17 -3.49 14.42
C LEU B 632 16.31 -3.05 15.86
N TRP B 633 15.35 -3.41 16.70
CA TRP B 633 15.50 -3.11 18.13
C TRP B 633 16.45 -4.08 18.79
N ARG B 634 16.45 -5.34 18.35
CA ARG B 634 17.32 -6.32 18.98
C ARG B 634 18.77 -6.12 18.58
N ALA B 635 19.03 -5.45 17.46
CA ALA B 635 20.41 -5.14 17.12
C ALA B 635 20.90 -3.91 17.87
N GLN B 636 19.97 -3.13 18.44
CA GLN B 636 20.33 -2.03 19.32
C GLN B 636 20.62 -2.53 20.72
N ILE B 637 19.95 -3.61 21.12
CA ILE B 637 20.12 -4.17 22.45
C ILE B 637 21.44 -4.92 22.55
N VAL B 638 21.82 -5.62 21.49
CA VAL B 638 23.10 -6.32 21.46
C VAL B 638 24.25 -5.32 21.49
N ALA B 639 24.14 -4.25 20.71
CA ALA B 639 25.23 -3.28 20.64
C ALA B 639 25.33 -2.48 21.93
N THR B 640 24.24 -2.35 22.66
CA THR B 640 24.28 -1.64 23.94
C THR B 640 24.90 -2.51 25.01
N THR B 641 24.53 -3.80 25.04
CA THR B 641 25.00 -4.72 26.07
C THR B 641 26.49 -4.99 25.92
N VAL B 642 26.97 -5.06 24.66
CA VAL B 642 28.40 -5.21 24.40
C VAL B 642 29.17 -3.98 24.87
N MET B 643 28.62 -2.80 24.59
CA MET B 643 29.24 -1.55 25.03
C MET B 643 29.26 -1.46 26.54
N LEU B 644 28.20 -1.91 27.19
CA LEU B 644 28.00 -1.66 28.60
C LEU B 644 28.81 -2.63 29.43
N GLU B 645 29.17 -3.76 28.83
CA GLU B 645 29.93 -4.78 29.55
C GLU B 645 31.42 -4.48 29.50
N ARG B 646 31.92 -3.95 28.39
CA ARG B 646 33.35 -3.71 28.28
C ARG B 646 33.77 -2.43 28.97
N LYS B 647 32.84 -1.62 29.48
CA LYS B 647 33.19 -0.40 30.17
C LYS B 647 32.89 -0.43 31.66
N LEU B 648 31.82 -1.12 32.07
CA LEU B 648 31.62 -1.35 33.48
C LEU B 648 32.61 -2.40 33.98
N PRO B 649 33.00 -2.36 35.26
CA PRO B 649 33.89 -3.40 35.78
C PRO B 649 33.16 -4.71 35.97
N ARG B 650 33.93 -5.79 35.91
CA ARG B 650 33.44 -7.17 35.82
C ARG B 650 32.72 -7.61 37.09
N CYS B 651 33.01 -6.96 38.22
CA CYS B 651 32.45 -7.35 39.51
C CYS B 651 30.95 -7.15 39.61
N LEU B 652 30.38 -6.25 38.81
CA LEU B 652 28.94 -6.05 38.79
C LEU B 652 28.27 -6.55 37.53
N TRP B 653 28.95 -7.38 36.73
CA TRP B 653 28.38 -7.99 35.54
C TRP B 653 28.57 -9.50 35.63
N PRO B 654 27.59 -10.25 36.11
CA PRO B 654 27.77 -11.70 36.21
C PRO B 654 27.76 -12.35 34.84
N ARG B 655 28.49 -13.45 34.73
CA ARG B 655 28.52 -14.22 33.51
C ARG B 655 27.20 -14.99 33.36
N SER B 656 26.77 -15.15 32.12
CA SER B 656 25.44 -15.66 31.81
C SER B 656 25.44 -17.17 31.71
N GLY B 657 24.37 -17.79 32.18
CA GLY B 657 24.26 -19.23 32.15
C GLY B 657 24.57 -19.87 33.48
N ILE B 658 24.73 -21.20 33.45
CA ILE B 658 25.02 -21.99 34.63
C ILE B 658 26.37 -22.67 34.41
N CYS B 659 27.26 -22.54 35.38
CA CYS B 659 28.62 -23.06 35.21
C CYS B 659 28.62 -24.56 35.47
N GLY B 660 29.19 -25.32 34.54
CA GLY B 660 29.12 -26.77 34.60
C GLY B 660 30.16 -27.48 35.43
N ARG B 661 30.85 -26.78 36.32
CA ARG B 661 31.80 -27.42 37.23
C ARG B 661 31.10 -28.38 38.18
N GLU B 662 30.23 -27.84 39.03
CA GLU B 662 29.61 -28.60 40.09
C GLU B 662 28.26 -29.19 39.69
N TYR B 663 28.11 -29.49 38.40
CA TYR B 663 27.04 -30.35 37.94
C TYR B 663 27.57 -31.44 37.01
N GLY B 664 28.89 -31.60 36.96
CA GLY B 664 29.48 -32.68 36.19
C GLY B 664 29.41 -32.51 34.69
N LEU B 665 29.62 -31.30 34.19
CA LEU B 665 29.52 -31.00 32.78
C LEU B 665 30.75 -30.35 32.18
N GLY B 666 31.77 -30.08 32.98
CA GLY B 666 33.00 -29.53 32.43
C GLY B 666 33.39 -28.23 33.07
N ASP B 667 33.84 -27.29 32.27
CA ASP B 667 34.25 -25.97 32.75
C ASP B 667 33.41 -24.94 31.99
N ARG B 668 32.51 -25.43 31.17
CA ARG B 668 31.77 -24.63 30.22
C ARG B 668 30.61 -23.93 30.91
N TRP B 669 29.86 -23.15 30.15
CA TRP B 669 28.76 -22.36 30.67
C TRP B 669 27.52 -22.55 29.82
N PHE B 670 26.53 -23.23 30.38
CA PHE B 670 25.43 -23.76 29.58
C PHE B 670 24.21 -22.87 29.72
N LEU B 671 23.37 -22.87 28.69
CA LEU B 671 22.11 -22.15 28.71
C LEU B 671 20.99 -23.12 28.37
N ARG B 672 20.13 -23.39 29.35
CA ARG B 672 19.07 -24.38 29.22
C ARG B 672 17.87 -23.75 28.52
N VAL B 673 17.32 -24.43 27.53
CA VAL B 673 16.14 -23.96 26.81
C VAL B 673 15.12 -25.08 26.84
N GLU B 674 13.94 -24.78 27.38
CA GLU B 674 12.85 -25.73 27.38
C GLU B 674 11.75 -25.28 26.42
N ASP B 675 11.36 -26.17 25.51
CA ASP B 675 10.52 -25.79 24.38
C ASP B 675 9.45 -26.85 24.16
N ARG B 676 8.37 -26.45 23.50
CA ARG B 676 7.24 -27.32 23.21
C ARG B 676 7.07 -27.53 21.72
N GLN B 677 6.93 -28.79 21.32
CA GLN B 677 6.62 -29.13 19.94
C GLN B 677 5.50 -30.17 19.89
N SER C 68 14.64 -15.04 38.10
CA SER C 68 14.77 -15.54 39.47
C SER C 68 14.16 -16.92 39.61
N TRP C 69 12.90 -17.05 39.18
CA TRP C 69 12.23 -18.35 39.22
C TRP C 69 12.79 -19.28 38.16
N ALA C 70 13.20 -18.71 37.02
CA ALA C 70 13.71 -19.54 35.94
C ALA C 70 15.13 -20.01 36.23
N GLN C 71 15.93 -19.14 36.84
CA GLN C 71 17.29 -19.52 37.23
C GLN C 71 17.27 -20.57 38.34
N SER C 72 16.24 -20.56 39.18
CA SER C 72 16.11 -21.59 40.20
C SER C 72 15.67 -22.91 39.59
N ARG C 73 14.84 -22.85 38.54
CA ARG C 73 14.36 -24.08 37.92
C ARG C 73 15.46 -24.73 37.10
N ASP C 74 16.36 -23.93 36.53
CA ASP C 74 17.41 -24.48 35.69
C ASP C 74 18.47 -25.18 36.52
N GLU C 75 18.67 -24.73 37.75
CA GLU C 75 19.66 -25.36 38.62
C GLU C 75 19.12 -26.67 39.20
N GLN C 76 17.82 -26.90 39.10
CA GLN C 76 17.26 -28.15 39.60
C GLN C 76 17.25 -29.22 38.51
N ASN C 77 17.13 -28.79 37.25
CA ASN C 77 17.11 -29.75 36.15
C ASN C 77 18.53 -30.18 35.77
N LEU C 78 19.53 -29.39 36.15
CA LEU C 78 20.90 -29.84 36.03
C LEU C 78 21.31 -30.69 37.23
N LEU C 79 20.68 -30.47 38.37
CA LEU C 79 20.98 -31.25 39.55
C LEU C 79 20.40 -32.64 39.46
N GLN C 80 19.31 -32.79 38.70
CA GLN C 80 18.73 -34.11 38.45
C GLN C 80 19.67 -34.96 37.62
N GLN C 81 20.29 -34.37 36.60
CA GLN C 81 21.14 -35.14 35.70
C GLN C 81 22.46 -35.50 36.36
N LYS C 82 22.82 -34.79 37.43
CA LYS C 82 24.00 -35.15 38.20
C LYS C 82 23.72 -36.35 39.11
N ARG C 83 22.56 -36.35 39.77
CA ARG C 83 22.24 -37.39 40.74
C ARG C 83 21.92 -38.71 40.03
N ILE C 84 21.48 -38.65 38.79
CA ILE C 84 21.29 -39.85 37.98
C ILE C 84 22.66 -40.41 37.65
N TRP C 85 23.56 -39.53 37.23
CA TRP C 85 24.89 -39.88 36.76
C TRP C 85 25.78 -40.41 37.89
N GLU C 86 25.50 -40.00 39.13
CA GLU C 86 26.24 -40.51 40.28
C GLU C 86 25.76 -41.88 40.72
N SER C 87 24.45 -42.11 40.73
CA SER C 87 23.87 -43.33 41.26
C SER C 87 23.96 -44.43 40.21
N PRO C 88 24.53 -45.59 40.54
CA PRO C 88 24.58 -46.69 39.55
C PRO C 88 23.21 -47.30 39.28
N LEU C 89 22.30 -47.20 40.26
CA LEU C 89 20.95 -47.70 40.09
C LEU C 89 20.18 -46.86 39.09
N LEU C 90 20.20 -45.54 39.27
CA LEU C 90 19.45 -44.64 38.41
C LEU C 90 20.08 -44.52 37.03
N LEU C 91 21.40 -44.67 36.94
CA LEU C 91 22.06 -44.60 35.63
C LEU C 91 21.75 -45.83 34.80
N ALA C 92 21.56 -46.96 35.46
CA ALA C 92 21.21 -48.18 34.73
C ALA C 92 19.76 -48.15 34.28
N ALA C 93 18.94 -47.30 34.90
CA ALA C 93 17.56 -47.15 34.50
C ALA C 93 17.42 -46.14 33.36
N LYS C 94 18.24 -45.08 33.39
CA LYS C 94 18.28 -44.09 32.31
C LYS C 94 18.69 -44.72 31.00
N ASP C 95 19.79 -45.46 31.00
CA ASP C 95 20.15 -46.31 29.88
C ASP C 95 19.29 -47.56 29.92
N ASN C 96 19.33 -48.34 28.84
CA ASN C 96 18.52 -49.54 28.80
C ASN C 96 19.35 -50.71 29.32
N ASP C 97 19.83 -50.60 30.57
CA ASP C 97 20.83 -51.51 31.10
C ASP C 97 20.17 -52.53 32.02
N VAL C 98 19.64 -53.60 31.41
CA VAL C 98 19.01 -54.65 32.20
C VAL C 98 20.07 -55.59 32.77
N GLN C 99 21.31 -55.47 32.29
CA GLN C 99 22.41 -56.27 32.82
C GLN C 99 22.77 -55.83 34.23
N ALA C 100 22.98 -54.53 34.42
CA ALA C 100 23.43 -54.04 35.71
C ALA C 100 22.31 -54.06 36.74
N LEU C 101 21.07 -53.88 36.28
CA LEU C 101 19.93 -53.87 37.19
C LEU C 101 19.68 -55.26 37.78
N ASN C 102 20.09 -56.30 37.06
CA ASN C 102 20.16 -57.63 37.64
C ASN C 102 21.21 -57.63 38.75
N LYS C 103 22.42 -57.19 38.43
CA LYS C 103 23.55 -57.29 39.36
C LYS C 103 23.46 -56.28 40.51
N LEU C 104 22.76 -55.18 40.30
CA LEU C 104 22.58 -54.20 41.37
C LEU C 104 21.53 -54.66 42.37
N LEU C 105 20.42 -55.20 41.89
CA LEU C 105 19.32 -55.55 42.78
C LEU C 105 19.59 -56.81 43.58
N LYS C 106 20.55 -57.63 43.15
CA LYS C 106 20.91 -58.83 43.90
C LYS C 106 21.86 -58.55 45.05
N TYR C 107 22.32 -57.30 45.19
CA TYR C 107 23.10 -56.89 46.34
C TYR C 107 22.15 -56.64 47.51
N GLU C 108 22.68 -56.64 48.74
CA GLU C 108 21.86 -56.48 49.93
C GLU C 108 21.49 -55.02 50.15
N ASP C 109 20.17 -54.78 50.19
CA ASP C 109 19.45 -53.56 50.56
C ASP C 109 19.54 -52.44 49.53
N CYS C 110 20.57 -52.47 48.66
CA CYS C 110 20.61 -51.91 47.32
C CYS C 110 20.36 -50.39 47.18
N LYS C 111 19.98 -49.73 48.28
CA LYS C 111 19.33 -48.41 48.27
C LYS C 111 18.26 -48.32 47.20
N VAL C 112 17.21 -49.13 47.30
CA VAL C 112 16.14 -49.12 46.31
C VAL C 112 15.31 -47.87 46.47
N HIS C 113 15.09 -47.45 47.72
CA HIS C 113 14.25 -46.30 48.01
C HIS C 113 15.06 -45.01 48.08
N GLN C 114 16.17 -44.94 47.34
CA GLN C 114 16.96 -43.73 47.34
C GLN C 114 16.28 -42.65 46.51
N ARG C 115 16.46 -41.41 46.94
CA ARG C 115 15.66 -40.28 46.46
C ARG C 115 16.50 -39.52 45.42
N GLY C 116 15.90 -38.76 44.51
CA GLY C 116 16.68 -38.00 43.56
C GLY C 116 16.55 -36.52 43.85
N ALA C 117 16.95 -35.71 42.88
CA ALA C 117 16.89 -34.28 43.07
C ALA C 117 15.47 -33.74 42.90
N MET C 118 14.66 -34.39 42.07
CA MET C 118 13.28 -34.01 41.85
C MET C 118 12.31 -34.76 42.74
N GLY C 119 12.80 -35.49 43.74
CA GLY C 119 11.94 -36.37 44.49
C GLY C 119 11.68 -37.70 43.82
N GLU C 120 12.41 -38.01 42.76
CA GLU C 120 12.12 -39.13 41.87
C GLU C 120 12.70 -40.43 42.45
N THR C 121 12.22 -41.56 41.95
CA THR C 121 12.77 -42.85 42.31
C THR C 121 13.36 -43.48 41.05
N ALA C 122 13.76 -44.75 41.16
CA ALA C 122 14.38 -45.42 40.03
C ALA C 122 13.36 -45.76 38.95
N LEU C 123 12.11 -46.01 39.37
CA LEU C 123 11.09 -46.45 38.41
C LEU C 123 10.51 -45.27 37.67
N HIS C 124 10.63 -44.06 38.23
CA HIS C 124 10.26 -42.86 37.50
C HIS C 124 11.20 -42.62 36.33
N ILE C 125 12.49 -42.94 36.52
CA ILE C 125 13.51 -42.67 35.51
C ILE C 125 13.32 -43.56 34.30
N ALA C 126 13.03 -44.85 34.54
CA ALA C 126 12.81 -45.78 33.44
C ALA C 126 11.53 -45.44 32.69
N ALA C 127 10.55 -44.87 33.40
CA ALA C 127 9.33 -44.41 32.74
C ALA C 127 9.56 -43.11 31.98
N LEU C 128 10.52 -42.29 32.45
CA LEU C 128 10.71 -40.97 31.87
C LEU C 128 11.52 -41.05 30.58
N TYR C 129 12.44 -42.02 30.50
CA TYR C 129 13.29 -42.18 29.33
C TYR C 129 12.79 -43.29 28.40
N ASP C 130 11.53 -43.72 28.57
CA ASP C 130 10.87 -44.73 27.75
C ASP C 130 11.60 -46.07 27.75
N ASN C 131 12.16 -46.45 28.90
CA ASN C 131 12.86 -47.73 29.02
C ASN C 131 11.88 -48.76 29.58
N LEU C 132 11.32 -49.56 28.67
CA LEU C 132 10.36 -50.58 29.07
C LEU C 132 11.03 -51.75 29.78
N GLU C 133 12.18 -52.19 29.26
CA GLU C 133 12.81 -53.39 29.79
C GLU C 133 13.45 -53.12 31.14
N ALA C 134 13.83 -51.87 31.41
CA ALA C 134 14.39 -51.53 32.71
C ALA C 134 13.29 -51.29 33.73
N ALA C 135 12.10 -50.91 33.26
CA ALA C 135 11.01 -50.60 34.18
C ALA C 135 10.34 -51.85 34.69
N MET C 136 10.35 -52.92 33.89
CA MET C 136 9.72 -54.17 34.31
C MET C 136 10.54 -54.85 35.40
N VAL C 137 11.86 -54.86 35.25
CA VAL C 137 12.76 -55.51 36.21
C VAL C 137 12.67 -54.82 37.57
N LEU C 138 12.44 -53.51 37.58
CA LEU C 138 12.31 -52.80 38.84
C LEU C 138 10.97 -53.07 39.53
N MET C 139 9.98 -53.58 38.79
CA MET C 139 8.68 -53.83 39.40
C MET C 139 8.63 -55.19 40.09
N GLU C 140 9.29 -56.22 39.54
CA GLU C 140 9.35 -57.49 40.26
C GLU C 140 10.34 -57.42 41.42
N ALA C 141 11.30 -56.52 41.35
CA ALA C 141 12.28 -56.36 42.44
C ALA C 141 11.63 -55.63 43.61
N ALA C 142 11.11 -54.43 43.36
CA ALA C 142 10.38 -53.69 44.37
C ALA C 142 9.00 -53.34 43.83
N PRO C 143 7.94 -54.00 44.27
CA PRO C 143 6.62 -53.73 43.71
C PRO C 143 5.99 -52.48 44.29
N GLU C 144 6.56 -51.99 45.41
CA GLU C 144 6.01 -50.84 46.09
C GLU C 144 6.54 -49.51 45.56
N LEU C 145 7.30 -49.53 44.46
CA LEU C 145 7.74 -48.28 43.85
C LEU C 145 6.65 -47.68 42.97
N VAL C 146 5.59 -48.44 42.72
CA VAL C 146 4.52 -48.01 41.83
C VAL C 146 3.68 -46.98 42.58
N PHE C 147 3.66 -47.09 43.91
CA PHE C 147 2.80 -46.25 44.73
C PHE C 147 3.55 -45.06 45.28
N GLU C 148 4.58 -44.61 44.58
CA GLU C 148 5.38 -43.54 45.15
C GLU C 148 5.28 -42.27 44.32
N PRO C 149 4.91 -41.15 44.94
CA PRO C 149 4.90 -39.88 44.20
C PRO C 149 6.25 -39.18 44.26
N MET C 150 6.49 -38.26 43.33
CA MET C 150 7.63 -37.37 43.48
C MET C 150 7.38 -36.40 44.61
N THR C 151 8.44 -36.08 45.35
CA THR C 151 8.32 -35.34 46.60
C THR C 151 8.92 -33.95 46.54
N SER C 152 9.12 -33.39 45.35
CA SER C 152 9.66 -32.05 45.28
C SER C 152 8.55 -31.01 45.42
N GLU C 153 8.88 -29.75 45.15
CA GLU C 153 7.88 -28.70 45.06
C GLU C 153 7.46 -28.48 43.62
N LEU C 154 8.32 -28.80 42.69
CA LEU C 154 8.03 -28.54 41.29
C LEU C 154 7.46 -29.76 40.58
N TYR C 155 7.45 -30.93 41.19
CA TYR C 155 6.70 -32.04 40.61
C TYR C 155 5.92 -32.82 41.66
N GLU C 156 5.34 -32.16 42.67
CA GLU C 156 4.70 -32.82 43.79
C GLU C 156 3.48 -33.63 43.38
N GLY C 157 3.48 -34.92 43.73
CA GLY C 157 2.33 -35.79 43.55
C GLY C 157 2.38 -36.62 42.29
N GLN C 158 3.26 -36.26 41.37
CA GLN C 158 3.36 -36.98 40.10
C GLN C 158 3.87 -38.40 40.30
N THR C 159 3.12 -39.38 39.82
CA THR C 159 3.52 -40.76 39.96
C THR C 159 4.10 -41.22 38.64
N ALA C 160 4.49 -42.50 38.60
CA ALA C 160 5.00 -43.07 37.36
C ALA C 160 3.89 -43.40 36.39
N LEU C 161 2.64 -43.40 36.86
CA LEU C 161 1.54 -43.68 35.97
C LEU C 161 1.20 -42.44 35.16
N HIS C 162 1.53 -41.25 35.67
CA HIS C 162 1.39 -40.04 34.87
C HIS C 162 2.44 -40.00 33.78
N ILE C 163 3.65 -40.47 34.07
CA ILE C 163 4.77 -40.30 33.15
C ILE C 163 4.63 -41.25 31.96
N ALA C 164 4.11 -42.45 32.21
CA ALA C 164 3.88 -43.39 31.12
C ALA C 164 2.72 -42.95 30.24
N VAL C 165 1.77 -42.22 30.83
CA VAL C 165 0.61 -41.73 30.09
C VAL C 165 0.98 -40.58 29.18
N VAL C 166 1.84 -39.66 29.64
CA VAL C 166 2.27 -38.53 28.81
C VAL C 166 3.14 -38.99 27.66
N ASN C 167 4.09 -39.90 27.94
CA ASN C 167 5.00 -40.42 26.93
C ASN C 167 4.33 -41.45 26.01
N GLN C 168 3.08 -41.80 26.28
CA GLN C 168 2.26 -42.74 25.52
C GLN C 168 2.92 -44.10 25.41
N ASN C 169 3.56 -44.56 26.48
CA ASN C 169 4.21 -45.86 26.48
C ASN C 169 3.11 -46.88 26.77
N MET C 170 2.51 -47.37 25.68
CA MET C 170 1.28 -48.16 25.76
C MET C 170 1.50 -49.48 26.47
N ASN C 171 2.68 -50.07 26.30
CA ASN C 171 2.96 -51.35 26.94
C ASN C 171 3.24 -51.19 28.42
N LEU C 172 3.67 -49.99 28.83
CA LEU C 172 4.09 -49.80 30.22
C LEU C 172 2.94 -49.31 31.08
N VAL C 173 1.87 -48.79 30.44
CA VAL C 173 0.69 -48.39 31.17
C VAL C 173 -0.07 -49.62 31.64
N ARG C 174 -0.17 -50.63 30.78
CA ARG C 174 -0.86 -51.87 31.14
C ARG C 174 -0.11 -52.63 32.22
N ALA C 175 1.20 -52.42 32.32
CA ALA C 175 1.99 -53.05 33.37
C ALA C 175 1.68 -52.45 34.73
N LEU C 176 1.59 -51.11 34.80
CA LEU C 176 1.33 -50.47 36.09
C LEU C 176 -0.12 -50.62 36.53
N LEU C 177 -1.04 -50.76 35.57
CA LEU C 177 -2.42 -51.02 35.95
C LEU C 177 -2.57 -52.46 36.44
N ALA C 178 -1.71 -53.36 35.95
CA ALA C 178 -1.66 -54.71 36.50
C ALA C 178 -1.06 -54.71 37.89
N ARG C 179 -0.21 -53.73 38.19
CA ARG C 179 0.30 -53.54 39.55
C ARG C 179 -0.56 -52.59 40.37
N ARG C 180 -1.84 -52.45 40.01
CA ARG C 180 -2.89 -51.62 40.61
C ARG C 180 -2.43 -50.22 41.01
N ALA C 181 -1.80 -49.51 40.08
CA ALA C 181 -1.49 -48.10 40.25
C ALA C 181 -2.75 -47.26 40.30
N SER C 182 -2.77 -46.29 41.21
CA SER C 182 -3.96 -45.49 41.44
C SER C 182 -4.19 -44.51 40.30
N VAL C 183 -5.39 -44.55 39.72
CA VAL C 183 -5.73 -43.70 38.60
C VAL C 183 -6.38 -42.41 39.10
N SER C 184 -6.39 -42.21 40.41
CA SER C 184 -6.95 -41.01 40.99
C SER C 184 -5.88 -40.27 41.81
N ALA C 185 -4.64 -40.31 41.34
CA ALA C 185 -3.53 -39.63 41.99
C ALA C 185 -3.31 -38.26 41.37
N ARG C 186 -3.18 -37.26 42.22
CA ARG C 186 -3.21 -35.86 41.81
C ARG C 186 -1.80 -35.30 41.69
N ALA C 187 -1.44 -34.81 40.50
CA ALA C 187 -0.16 -34.16 40.29
C ALA C 187 -0.30 -32.69 40.66
N THR C 188 -0.09 -32.43 41.94
CA THR C 188 -0.31 -31.10 42.51
C THR C 188 0.96 -30.29 42.63
N GLY C 189 1.86 -30.36 41.65
CA GLY C 189 3.14 -29.68 41.74
C GLY C 189 3.06 -28.19 41.48
N THR C 190 4.08 -27.64 40.83
CA THR C 190 4.00 -26.29 40.29
C THR C 190 4.38 -26.25 38.83
N ALA C 191 4.83 -27.36 38.27
CA ALA C 191 5.03 -27.47 36.84
C ALA C 191 3.77 -27.95 36.15
N PHE C 192 2.66 -28.03 36.87
CA PHE C 192 1.40 -28.47 36.31
C PHE C 192 0.29 -27.45 36.40
N ARG C 193 0.50 -26.35 37.13
CA ARG C 193 -0.50 -25.30 37.21
C ARG C 193 -0.63 -24.58 35.87
N ARG C 194 -1.82 -24.06 35.63
CA ARG C 194 -2.05 -23.17 34.51
C ARG C 194 -1.39 -21.85 34.85
N SER C 195 -0.32 -21.53 34.15
CA SER C 195 0.52 -20.39 34.51
C SER C 195 1.32 -20.01 33.28
N PRO C 196 1.77 -18.75 33.19
CA PRO C 196 2.70 -18.38 32.11
C PRO C 196 4.08 -19.03 32.25
N ARG C 197 4.42 -19.53 33.43
CA ARG C 197 5.71 -20.18 33.63
C ARG C 197 5.80 -21.55 32.98
N ASN C 198 4.66 -22.19 32.74
CA ASN C 198 4.62 -23.56 32.27
C ASN C 198 4.14 -23.58 30.82
N LEU C 199 4.74 -24.45 30.02
CA LEU C 199 4.36 -24.58 28.63
C LEU C 199 3.20 -25.53 28.42
N ILE C 200 2.86 -26.34 29.41
CA ILE C 200 1.74 -27.27 29.31
C ILE C 200 0.83 -27.05 30.50
N TYR C 201 -0.46 -27.25 30.28
CA TYR C 201 -1.44 -27.40 31.34
C TYR C 201 -2.26 -28.62 31.03
N PHE C 202 -1.90 -29.74 31.64
CA PHE C 202 -2.56 -31.00 31.36
C PHE C 202 -3.55 -31.42 32.43
N GLY C 203 -3.63 -30.70 33.55
CA GLY C 203 -4.56 -31.03 34.61
C GLY C 203 -3.84 -31.62 35.81
N GLU C 204 -4.49 -32.59 36.46
CA GLU C 204 -3.90 -33.27 37.60
C GLU C 204 -4.04 -34.78 37.62
N HIS C 205 -4.93 -35.38 36.86
CA HIS C 205 -5.24 -36.78 36.95
C HIS C 205 -4.74 -37.49 35.70
N PRO C 206 -4.56 -38.82 35.74
CA PRO C 206 -4.11 -39.52 34.53
C PRO C 206 -5.08 -39.48 33.38
N LEU C 207 -6.37 -39.32 33.65
CA LEU C 207 -7.35 -39.19 32.58
C LEU C 207 -7.22 -37.85 31.89
N SER C 208 -6.79 -36.83 32.63
CA SER C 208 -6.60 -35.52 32.05
C SER C 208 -5.31 -35.47 31.24
N PHE C 209 -4.30 -36.23 31.65
CA PHE C 209 -3.05 -36.22 30.91
C PHE C 209 -3.19 -36.98 29.60
N ALA C 210 -3.97 -38.07 29.63
CA ALA C 210 -4.12 -38.90 28.44
C ALA C 210 -5.02 -38.23 27.41
N ALA C 211 -5.98 -37.43 27.88
CA ALA C 211 -6.90 -36.77 26.95
C ALA C 211 -6.21 -35.62 26.23
N CYS C 212 -5.28 -34.95 26.90
CA CYS C 212 -4.62 -33.79 26.34
C CYS C 212 -3.47 -34.13 25.40
N VAL C 213 -2.90 -35.33 25.48
CA VAL C 213 -1.91 -35.78 24.52
C VAL C 213 -2.53 -36.50 23.34
N ASN C 214 -3.87 -36.51 23.25
CA ASN C 214 -4.64 -37.20 22.22
C ASN C 214 -4.28 -38.68 22.16
N SER C 215 -4.50 -39.38 23.26
CA SER C 215 -4.28 -40.82 23.32
C SER C 215 -5.62 -41.46 23.62
N GLU C 216 -6.35 -41.85 22.56
CA GLU C 216 -7.69 -42.37 22.74
C GLU C 216 -7.66 -43.78 23.32
N GLU C 217 -6.54 -44.49 23.14
CA GLU C 217 -6.46 -45.87 23.62
C GLU C 217 -6.24 -45.92 25.12
N ILE C 218 -5.46 -44.98 25.65
CA ILE C 218 -5.21 -44.96 27.09
C ILE C 218 -6.42 -44.43 27.84
N VAL C 219 -7.18 -43.52 27.21
CA VAL C 219 -8.39 -42.99 27.81
C VAL C 219 -9.46 -44.07 27.93
N ARG C 220 -9.59 -44.89 26.89
CA ARG C 220 -10.46 -46.05 26.98
C ARG C 220 -9.92 -47.08 27.97
N LEU C 221 -8.60 -47.11 28.17
CA LEU C 221 -8.00 -48.13 29.00
C LEU C 221 -8.20 -47.85 30.49
N LEU C 222 -8.03 -46.60 30.91
CA LEU C 222 -8.08 -46.33 32.33
C LEU C 222 -9.41 -45.78 32.81
N ILE C 223 -10.38 -45.55 31.92
CA ILE C 223 -11.76 -45.41 32.38
C ILE C 223 -12.29 -46.77 32.82
N GLU C 224 -11.89 -47.83 32.12
CA GLU C 224 -12.26 -49.19 32.48
C GLU C 224 -11.67 -49.59 33.83
N HIS C 225 -10.51 -49.05 34.17
CA HIS C 225 -9.89 -49.34 35.44
C HIS C 225 -10.33 -48.37 36.53
N GLY C 226 -11.30 -47.52 36.21
CA GLY C 226 -12.02 -46.79 37.23
C GLY C 226 -11.57 -45.38 37.51
N ALA C 227 -11.27 -44.61 36.47
CA ALA C 227 -10.96 -43.19 36.61
C ALA C 227 -12.25 -42.41 36.57
N ASP C 228 -12.53 -41.65 37.62
CA ASP C 228 -13.70 -40.79 37.65
C ASP C 228 -13.55 -39.70 36.60
N ILE C 229 -14.55 -39.57 35.74
CA ILE C 229 -14.47 -38.68 34.60
C ILE C 229 -14.92 -37.30 35.04
N ARG C 230 -15.46 -37.21 36.25
CA ARG C 230 -16.03 -35.99 36.80
C ARG C 230 -15.10 -35.37 37.84
N ALA C 231 -13.79 -35.60 37.70
CA ALA C 231 -12.83 -35.13 38.68
C ALA C 231 -12.41 -33.70 38.38
N GLN C 232 -12.10 -32.95 39.43
CA GLN C 232 -11.78 -31.54 39.31
C GLN C 232 -10.43 -31.27 39.96
N ASP C 233 -9.59 -30.49 39.29
CA ASP C 233 -8.33 -30.04 39.87
C ASP C 233 -8.53 -28.82 40.75
N SER C 234 -7.44 -28.14 41.10
CA SER C 234 -7.45 -27.02 42.03
C SER C 234 -8.21 -25.82 41.48
N LEU C 235 -8.16 -25.62 40.17
CA LEU C 235 -8.88 -24.52 39.55
C LEU C 235 -10.35 -24.85 39.38
N GLY C 236 -10.71 -26.10 39.57
CA GLY C 236 -12.08 -26.56 39.43
C GLY C 236 -12.40 -27.14 38.09
N ASN C 237 -11.41 -27.21 37.20
CA ASN C 237 -11.65 -27.65 35.84
C ASN C 237 -11.85 -29.16 35.79
N THR C 238 -12.90 -29.58 35.09
CA THR C 238 -13.08 -30.99 34.80
C THR C 238 -12.24 -31.34 33.58
N VAL C 239 -12.45 -32.54 33.05
CA VAL C 239 -11.66 -32.98 31.91
C VAL C 239 -12.15 -32.29 30.64
N LEU C 240 -13.33 -31.67 30.69
CA LEU C 240 -13.86 -30.99 29.51
C LEU C 240 -13.42 -29.54 29.47
N HIS C 241 -13.14 -28.95 30.63
CA HIS C 241 -12.58 -27.60 30.64
C HIS C 241 -11.15 -27.60 30.14
N ILE C 242 -10.40 -28.66 30.45
CA ILE C 242 -8.99 -28.69 30.11
C ILE C 242 -8.80 -28.89 28.63
N LEU C 243 -9.68 -29.66 27.99
CA LEU C 243 -9.64 -29.84 26.54
C LEU C 243 -9.91 -28.58 25.75
N ILE C 244 -10.61 -27.61 26.34
CA ILE C 244 -10.84 -26.36 25.64
C ILE C 244 -9.58 -25.49 25.66
N LEU C 245 -8.75 -25.65 26.69
CA LEU C 245 -7.57 -24.83 26.88
C LEU C 245 -6.36 -25.35 26.11
N GLN C 246 -6.52 -26.40 25.30
CA GLN C 246 -5.36 -26.99 24.64
C GLN C 246 -5.11 -26.33 23.30
N PRO C 247 -3.86 -26.21 22.86
CA PRO C 247 -3.58 -25.44 21.65
C PRO C 247 -3.97 -26.12 20.35
N ASN C 248 -4.09 -27.44 20.32
CA ASN C 248 -4.50 -28.15 19.11
C ASN C 248 -6.02 -28.33 19.20
N LYS C 249 -6.74 -27.41 18.56
CA LYS C 249 -8.17 -27.29 18.78
C LYS C 249 -8.95 -28.35 18.02
N THR C 250 -8.38 -28.87 16.94
CA THR C 250 -9.09 -29.84 16.12
C THR C 250 -9.17 -31.19 16.81
N PHE C 251 -8.08 -31.61 17.44
CA PHE C 251 -8.07 -32.91 18.11
C PHE C 251 -8.83 -32.87 19.42
N ALA C 252 -9.10 -31.68 19.94
CA ALA C 252 -9.89 -31.57 21.16
C ALA C 252 -11.37 -31.75 20.87
N CYS C 253 -11.78 -31.60 19.61
CA CYS C 253 -13.17 -31.78 19.24
C CYS C 253 -13.53 -33.26 19.16
N GLN C 254 -12.58 -34.07 18.66
CA GLN C 254 -12.78 -35.51 18.63
C GLN C 254 -12.71 -36.09 20.03
N MET C 255 -11.92 -35.45 20.89
CA MET C 255 -11.71 -35.98 22.23
C MET C 255 -12.85 -35.59 23.15
N TYR C 256 -13.50 -34.46 22.86
CA TYR C 256 -14.62 -33.99 23.67
C TYR C 256 -15.81 -34.93 23.53
N ASN C 257 -16.00 -35.47 22.32
CA ASN C 257 -17.12 -36.35 22.06
C ASN C 257 -16.92 -37.71 22.70
N LEU C 258 -15.67 -38.15 22.80
CA LEU C 258 -15.40 -39.49 23.33
C LEU C 258 -15.67 -39.52 24.82
N LEU C 259 -15.44 -38.41 25.52
CA LEU C 259 -15.69 -38.35 26.94
C LEU C 259 -17.17 -38.08 27.26
N LEU C 260 -17.98 -37.79 26.27
CA LEU C 260 -19.42 -37.71 26.49
C LEU C 260 -20.12 -38.99 26.07
N SER C 261 -19.40 -39.91 25.44
CA SER C 261 -19.93 -41.24 25.18
C SER C 261 -19.93 -42.03 26.47
N TYR C 262 -19.11 -41.59 27.43
CA TYR C 262 -19.15 -42.01 28.81
C TYR C 262 -20.07 -41.04 29.54
N ASP C 263 -19.99 -41.00 30.88
CA ASP C 263 -20.91 -40.29 31.77
C ASP C 263 -22.29 -40.91 31.57
N ARG C 264 -22.31 -42.24 31.56
CA ARG C 264 -23.50 -43.06 31.33
C ARG C 264 -24.00 -43.51 32.70
N HIS C 265 -23.42 -42.92 33.75
CA HIS C 265 -23.73 -43.26 35.13
C HIS C 265 -25.04 -42.62 35.57
N GLY C 266 -25.28 -42.62 36.88
CA GLY C 266 -26.54 -42.12 37.44
C GLY C 266 -26.76 -40.63 37.33
N ASP C 267 -25.73 -39.90 36.88
CA ASP C 267 -25.75 -38.44 36.71
C ASP C 267 -26.10 -37.75 38.03
N HIS C 268 -25.16 -37.87 38.98
CA HIS C 268 -25.39 -37.50 40.38
C HIS C 268 -25.46 -35.99 40.60
N LEU C 269 -25.40 -35.21 39.52
CA LEU C 269 -25.51 -33.76 39.54
C LEU C 269 -26.01 -33.44 38.14
N GLN C 270 -25.89 -32.20 37.71
CA GLN C 270 -26.16 -31.87 36.31
C GLN C 270 -25.11 -32.53 35.40
N PRO C 271 -25.43 -32.78 34.13
CA PRO C 271 -24.49 -33.50 33.26
C PRO C 271 -23.18 -32.78 33.05
N LEU C 272 -22.20 -33.52 32.52
CA LEU C 272 -20.79 -33.18 32.66
C LEU C 272 -20.42 -31.90 31.91
N ASP C 273 -21.17 -31.57 30.87
CA ASP C 273 -20.93 -30.34 30.14
C ASP C 273 -21.65 -29.14 30.77
N LEU C 274 -22.14 -29.29 31.99
CA LEU C 274 -22.85 -28.23 32.68
C LEU C 274 -22.23 -27.95 34.04
N VAL C 275 -21.11 -28.58 34.36
CA VAL C 275 -20.48 -28.46 35.66
C VAL C 275 -19.56 -27.26 35.63
N PRO C 276 -19.73 -26.28 36.52
CA PRO C 276 -18.83 -25.11 36.50
C PRO C 276 -17.55 -25.37 37.28
N ASN C 277 -16.51 -24.61 36.93
CA ASN C 277 -15.28 -24.56 37.72
C ASN C 277 -15.43 -23.51 38.81
N HIS C 278 -14.34 -23.13 39.47
CA HIS C 278 -14.43 -22.18 40.58
C HIS C 278 -14.69 -20.75 40.14
N GLN C 279 -14.68 -20.45 38.85
CA GLN C 279 -15.12 -19.15 38.37
C GLN C 279 -16.54 -19.17 37.83
N GLY C 280 -17.23 -20.29 37.95
CA GLY C 280 -18.60 -20.39 37.50
C GLY C 280 -18.79 -20.59 36.02
N LEU C 281 -17.76 -21.00 35.30
CA LEU C 281 -17.86 -21.18 33.85
C LEU C 281 -18.08 -22.65 33.55
N THR C 282 -19.13 -22.92 32.79
CA THR C 282 -19.38 -24.21 32.17
C THR C 282 -18.41 -24.34 31.00
N PRO C 283 -18.24 -25.53 30.39
CA PRO C 283 -17.38 -25.58 29.19
C PRO C 283 -17.85 -24.74 28.02
N PHE C 284 -19.15 -24.47 27.92
CA PHE C 284 -19.64 -23.68 26.79
C PHE C 284 -19.26 -22.22 26.95
N LYS C 285 -19.28 -21.69 28.18
CA LYS C 285 -18.87 -20.31 28.37
C LYS C 285 -17.38 -20.16 28.33
N LEU C 286 -16.64 -21.20 28.71
CA LEU C 286 -15.18 -21.13 28.72
C LEU C 286 -14.62 -21.16 27.31
N ALA C 287 -15.35 -21.78 26.38
CA ALA C 287 -14.94 -21.78 24.98
C ALA C 287 -15.16 -20.41 24.35
N GLY C 288 -16.03 -19.59 24.94
CA GLY C 288 -16.25 -18.25 24.46
C GLY C 288 -15.33 -17.23 25.09
N VAL C 289 -15.08 -17.37 26.40
CA VAL C 289 -14.19 -16.45 27.11
C VAL C 289 -12.76 -16.61 26.64
N GLU C 290 -12.32 -17.84 26.41
CA GLU C 290 -10.94 -18.04 25.98
C GLU C 290 -10.74 -17.75 24.50
N GLY C 291 -11.81 -17.73 23.73
CA GLY C 291 -11.71 -17.36 22.33
C GLY C 291 -11.61 -18.55 21.41
N ASN C 292 -11.96 -19.71 21.93
CA ASN C 292 -11.87 -20.96 21.19
C ASN C 292 -13.07 -21.04 20.27
N THR C 293 -12.87 -20.62 19.01
CA THR C 293 -14.00 -20.54 18.09
C THR C 293 -14.32 -21.89 17.47
N VAL C 294 -13.35 -22.80 17.46
CA VAL C 294 -13.58 -24.13 16.90
C VAL C 294 -14.41 -24.96 17.87
N MET C 295 -14.09 -24.89 19.16
CA MET C 295 -14.87 -25.58 20.18
C MET C 295 -16.13 -24.83 20.56
N PHE C 296 -16.33 -23.61 20.04
CA PHE C 296 -17.59 -22.92 20.27
C PHE C 296 -18.64 -23.42 19.29
N GLN C 297 -18.28 -23.51 18.01
CA GLN C 297 -19.20 -23.98 16.99
C GLN C 297 -19.52 -25.46 17.16
N HIS C 298 -18.58 -26.22 17.72
CA HIS C 298 -18.83 -27.63 17.96
C HIS C 298 -19.79 -27.84 19.11
N LEU C 299 -19.68 -27.00 20.14
CA LEU C 299 -20.57 -27.11 21.29
C LEU C 299 -21.90 -26.44 21.04
N MET C 300 -22.00 -25.65 19.97
CA MET C 300 -23.23 -24.94 19.69
C MET C 300 -24.24 -25.84 19.00
N GLN C 301 -23.75 -26.85 18.28
CA GLN C 301 -24.60 -27.76 17.53
C GLN C 301 -25.43 -28.69 18.40
N LYS C 302 -25.15 -28.71 19.70
CA LYS C 302 -26.04 -29.39 20.64
C LYS C 302 -27.25 -28.53 20.96
N ARG C 303 -27.19 -27.24 20.63
CA ARG C 303 -28.21 -26.29 21.04
C ARG C 303 -29.16 -25.91 19.92
N LYS C 304 -28.72 -25.97 18.67
CA LYS C 304 -29.61 -25.66 17.57
C LYS C 304 -30.55 -26.84 17.31
N HIS C 305 -31.60 -26.56 16.56
CA HIS C 305 -32.70 -27.50 16.39
C HIS C 305 -33.42 -27.17 15.09
N THR C 306 -33.25 -28.01 14.08
CA THR C 306 -33.80 -27.70 12.76
C THR C 306 -35.28 -28.02 12.70
N GLN C 307 -36.09 -27.01 12.36
CA GLN C 307 -37.52 -27.15 12.24
C GLN C 307 -37.99 -27.76 10.92
N TRP C 308 -37.72 -27.11 9.80
CA TRP C 308 -38.07 -27.66 8.50
C TRP C 308 -36.98 -27.32 7.51
N THR C 309 -36.98 -28.05 6.40
CA THR C 309 -36.06 -27.77 5.29
C THR C 309 -36.88 -27.75 4.01
N TYR C 310 -37.08 -26.56 3.46
CA TYR C 310 -37.94 -26.34 2.31
C TYR C 310 -37.05 -25.99 1.13
N GLY C 311 -36.52 -27.02 0.49
CA GLY C 311 -35.62 -26.84 -0.61
C GLY C 311 -34.29 -26.31 -0.15
N PRO C 312 -33.89 -25.17 -0.70
CA PRO C 312 -32.68 -24.50 -0.23
C PRO C 312 -32.96 -23.57 0.94
N LEU C 313 -33.77 -23.99 1.90
CA LEU C 313 -34.10 -23.16 3.05
C LEU C 313 -34.06 -24.02 4.29
N THR C 314 -33.77 -23.40 5.41
CA THR C 314 -33.64 -24.10 6.68
C THR C 314 -34.05 -23.15 7.77
N SER C 315 -35.08 -23.49 8.53
CA SER C 315 -35.43 -22.75 9.73
C SER C 315 -34.81 -23.48 10.91
N THR C 316 -33.76 -22.89 11.47
CA THR C 316 -33.03 -23.45 12.60
C THR C 316 -33.44 -22.65 13.81
N LEU C 317 -33.51 -23.30 14.96
CA LEU C 317 -34.01 -22.68 16.18
C LEU C 317 -32.95 -22.81 17.27
N TYR C 318 -32.32 -21.70 17.63
CA TYR C 318 -31.20 -21.69 18.57
C TYR C 318 -31.70 -21.55 19.99
N ASP C 319 -30.82 -21.77 20.96
CA ASP C 319 -31.27 -22.04 22.32
C ASP C 319 -31.21 -20.84 23.24
N LEU C 320 -30.13 -20.05 23.21
CA LEU C 320 -30.02 -18.77 23.94
C LEU C 320 -30.22 -18.88 25.44
N THR C 321 -29.81 -20.00 26.03
CA THR C 321 -29.93 -20.14 27.48
C THR C 321 -28.69 -19.65 28.20
N GLU C 322 -27.51 -19.97 27.70
CA GLU C 322 -26.29 -19.49 28.31
C GLU C 322 -25.72 -18.28 27.60
N ILE C 323 -26.26 -17.96 26.41
CA ILE C 323 -25.74 -16.83 25.65
C ILE C 323 -26.34 -15.53 26.12
N ASP C 324 -27.63 -15.54 26.47
CA ASP C 324 -28.34 -14.33 26.85
C ASP C 324 -28.57 -14.31 28.35
N SER C 325 -28.67 -13.12 28.92
CA SER C 325 -28.74 -12.93 30.37
C SER C 325 -30.05 -13.40 30.97
N SER C 326 -30.00 -14.45 31.81
CA SER C 326 -31.21 -14.95 32.44
C SER C 326 -31.65 -14.03 33.57
N GLY C 327 -30.82 -13.90 34.59
CA GLY C 327 -31.13 -13.04 35.72
C GLY C 327 -30.02 -12.04 35.98
N ASP C 328 -29.41 -12.12 37.16
CA ASP C 328 -28.28 -11.28 37.50
C ASP C 328 -26.94 -11.99 37.31
N GLU C 329 -26.95 -13.24 36.87
CA GLU C 329 -25.72 -13.93 36.55
C GLU C 329 -25.09 -13.34 35.29
N GLN C 330 -23.78 -13.58 35.14
CA GLN C 330 -23.05 -13.04 34.01
C GLN C 330 -23.16 -13.99 32.82
N SER C 331 -23.77 -13.48 31.75
CA SER C 331 -23.98 -14.21 30.51
C SER C 331 -22.74 -14.15 29.65
N LEU C 332 -22.84 -14.75 28.46
CA LEU C 332 -21.66 -14.88 27.62
C LEU C 332 -21.29 -13.56 26.96
N LEU C 333 -22.26 -12.67 26.76
CA LEU C 333 -21.92 -11.37 26.17
C LEU C 333 -21.28 -10.45 27.19
N GLU C 334 -21.59 -10.64 28.47
CA GLU C 334 -20.99 -9.80 29.50
C GLU C 334 -19.57 -10.25 29.81
N LEU C 335 -19.21 -11.47 29.41
CA LEU C 335 -17.91 -12.02 29.76
C LEU C 335 -16.91 -11.81 28.64
N ILE C 336 -17.37 -11.68 27.40
CA ILE C 336 -16.47 -11.42 26.30
C ILE C 336 -16.02 -9.97 26.30
N ILE C 337 -16.87 -9.07 26.74
CA ILE C 337 -16.55 -7.65 26.82
C ILE C 337 -15.60 -7.40 27.99
N THR C 338 -15.78 -8.16 29.06
CA THR C 338 -15.03 -7.96 30.30
C THR C 338 -13.86 -8.93 30.40
N THR C 339 -13.20 -9.21 29.27
CA THR C 339 -12.01 -10.05 29.28
C THR C 339 -10.93 -9.39 28.45
N LYS C 340 -9.70 -9.88 28.61
CA LYS C 340 -8.56 -9.20 28.02
C LYS C 340 -8.07 -9.91 26.77
N LYS C 341 -8.63 -11.07 26.46
CA LYS C 341 -8.29 -11.78 25.25
C LYS C 341 -8.85 -11.06 24.03
N ARG C 342 -7.98 -10.76 23.07
CA ARG C 342 -8.44 -10.27 21.79
C ARG C 342 -9.10 -11.37 20.97
N GLU C 343 -8.78 -12.63 21.24
CA GLU C 343 -9.40 -13.76 20.56
C GLU C 343 -10.86 -13.92 20.92
N ALA C 344 -11.29 -13.44 22.09
CA ALA C 344 -12.65 -13.67 22.57
C ALA C 344 -13.66 -12.88 21.75
N ARG C 345 -13.24 -11.79 21.14
CA ARG C 345 -14.12 -10.99 20.30
C ARG C 345 -14.28 -11.56 18.91
N GLN C 346 -13.83 -12.78 18.65
CA GLN C 346 -14.20 -13.50 17.45
C GLN C 346 -15.51 -14.25 17.61
N ILE C 347 -15.96 -14.46 18.85
CA ILE C 347 -17.22 -15.12 19.14
C ILE C 347 -18.41 -14.26 18.73
N LEU C 348 -18.23 -12.96 18.63
CA LEU C 348 -19.28 -12.03 18.25
C LEU C 348 -19.72 -12.18 16.80
N ASP C 349 -19.01 -12.96 15.99
CA ASP C 349 -19.33 -13.15 14.59
C ASP C 349 -19.93 -14.53 14.35
N GLN C 350 -20.45 -15.16 15.39
CA GLN C 350 -20.97 -16.51 15.29
C GLN C 350 -22.49 -16.49 15.19
N THR C 351 -23.03 -17.47 14.51
CA THR C 351 -24.42 -17.49 14.05
C THR C 351 -25.57 -17.47 15.06
N PRO C 352 -25.44 -17.77 16.35
CA PRO C 352 -26.49 -17.32 17.27
C PRO C 352 -26.23 -15.95 17.85
N VAL C 353 -24.96 -15.53 17.86
CA VAL C 353 -24.56 -14.35 18.64
C VAL C 353 -24.59 -13.11 17.74
N LYS C 354 -24.34 -13.30 16.46
CA LYS C 354 -24.38 -12.19 15.52
C LYS C 354 -25.81 -11.71 15.28
N GLU C 355 -26.77 -12.64 15.35
CA GLU C 355 -28.17 -12.29 15.16
C GLU C 355 -28.82 -11.82 16.45
N LEU C 356 -28.17 -12.07 17.58
CA LEU C 356 -28.76 -11.65 18.84
C LEU C 356 -28.40 -10.20 19.16
N VAL C 357 -27.22 -9.78 18.73
CA VAL C 357 -26.80 -8.40 18.96
C VAL C 357 -27.56 -7.45 18.05
N SER C 358 -27.87 -7.89 16.84
CA SER C 358 -28.63 -7.07 15.90
C SER C 358 -30.08 -6.93 16.32
N LEU C 359 -30.62 -7.90 17.04
CA LEU C 359 -31.98 -7.77 17.56
C LEU C 359 -32.03 -6.85 18.76
N LYS C 360 -31.01 -6.90 19.62
CA LYS C 360 -31.01 -6.03 20.78
C LYS C 360 -30.78 -4.59 20.38
N TRP C 361 -30.05 -4.37 19.30
CA TRP C 361 -29.66 -3.00 18.95
C TRP C 361 -30.72 -2.33 18.10
N LYS C 362 -31.20 -3.01 17.06
CA LYS C 362 -32.18 -2.43 16.16
C LYS C 362 -33.52 -2.19 16.84
N ARG C 363 -33.86 -2.98 17.85
CA ARG C 363 -35.16 -2.85 18.48
C ARG C 363 -35.15 -1.97 19.71
N TYR C 364 -34.35 -2.32 20.71
CA TYR C 364 -34.46 -1.62 21.99
C TYR C 364 -33.17 -0.90 22.37
N GLY C 365 -32.14 -1.00 21.57
CA GLY C 365 -30.89 -0.34 21.90
C GLY C 365 -30.73 0.98 21.23
N ARG C 366 -30.93 1.04 19.93
CA ARG C 366 -30.76 2.28 19.19
C ARG C 366 -31.83 3.34 19.46
N PRO C 367 -33.10 3.00 19.75
CA PRO C 367 -33.99 4.03 20.30
C PRO C 367 -33.56 4.62 21.63
N TYR C 368 -33.11 3.83 22.58
CA TYR C 368 -32.80 4.35 23.90
C TYR C 368 -31.41 4.94 23.98
N PHE C 369 -30.62 4.83 22.92
CA PHE C 369 -29.29 5.41 22.91
C PHE C 369 -29.29 6.71 22.13
N CYS C 370 -30.24 6.88 21.22
CA CYS C 370 -30.42 8.17 20.56
C CYS C 370 -31.39 9.04 21.34
N MET C 371 -31.98 8.50 22.39
CA MET C 371 -32.80 9.32 23.28
C MET C 371 -31.96 9.91 24.40
N LEU C 372 -31.02 9.14 24.94
CA LEU C 372 -30.09 9.67 25.91
C LEU C 372 -29.10 10.62 25.25
N GLY C 373 -28.88 10.45 23.95
CA GLY C 373 -27.92 11.29 23.27
C GLY C 373 -28.48 12.64 22.90
N ALA C 374 -29.81 12.76 22.92
CA ALA C 374 -30.44 14.04 22.64
C ALA C 374 -30.82 14.76 23.92
N ILE C 375 -30.96 14.02 25.01
CA ILE C 375 -31.09 14.64 26.32
C ILE C 375 -29.75 15.19 26.77
N TYR C 376 -28.66 14.59 26.27
CA TYR C 376 -27.35 15.08 26.65
C TYR C 376 -26.95 16.30 25.83
N LEU C 377 -27.45 16.45 24.61
CA LEU C 377 -27.21 17.69 23.87
C LEU C 377 -27.95 18.86 24.49
N LEU C 378 -29.15 18.63 24.99
CA LEU C 378 -29.89 19.74 25.57
C LEU C 378 -29.34 20.11 26.94
N TYR C 379 -28.56 19.21 27.53
CA TYR C 379 -27.93 19.50 28.81
C TYR C 379 -26.66 20.31 28.63
N ILE C 380 -25.94 20.08 27.53
CA ILE C 380 -24.68 20.77 27.33
C ILE C 380 -24.89 22.15 26.72
N ILE C 381 -25.96 22.33 25.96
CA ILE C 381 -26.31 23.66 25.49
C ILE C 381 -26.81 24.53 26.64
N CYS C 382 -27.50 23.91 27.60
CA CYS C 382 -27.95 24.63 28.79
C CYS C 382 -26.78 24.97 29.71
N PHE C 383 -25.77 24.11 29.75
CA PHE C 383 -24.58 24.41 30.54
C PHE C 383 -23.72 25.45 29.85
N THR C 384 -23.71 25.46 28.52
CA THR C 384 -22.91 26.43 27.77
C THR C 384 -23.46 27.84 27.95
N MET C 385 -24.77 28.01 27.81
CA MET C 385 -25.35 29.35 27.88
C MET C 385 -25.36 29.92 29.28
N CYS C 386 -25.08 29.12 30.31
CA CYS C 386 -24.93 29.71 31.62
C CYS C 386 -23.47 29.91 31.95
N CYS C 387 -22.58 29.59 31.01
CA CYS C 387 -21.19 30.03 31.09
C CYS C 387 -20.95 31.24 30.21
N ILE C 388 -21.74 31.40 29.14
CA ILE C 388 -21.68 32.61 28.34
C ILE C 388 -22.17 33.79 29.13
N TYR C 389 -23.28 33.63 29.85
CA TYR C 389 -23.96 34.71 30.54
C TYR C 389 -23.57 34.82 32.01
N ARG C 390 -22.36 34.39 32.37
CA ARG C 390 -21.92 34.41 33.76
C ARG C 390 -21.75 35.85 34.26
N PRO C 391 -21.86 36.08 35.58
CA PRO C 391 -21.87 37.47 36.08
C PRO C 391 -20.49 38.09 36.07
N LEU C 392 -20.35 39.22 35.39
CA LEU C 392 -19.12 39.98 35.32
C LEU C 392 -19.40 41.46 35.52
N LYS C 393 -18.48 42.13 36.21
CA LYS C 393 -18.61 43.55 36.52
C LYS C 393 -17.31 44.24 36.13
N PRO C 394 -17.32 45.56 35.93
CA PRO C 394 -16.07 46.27 35.65
C PRO C 394 -15.09 46.20 36.81
N ARG C 395 -13.82 46.33 36.48
CA ARG C 395 -12.73 46.15 37.42
C ARG C 395 -12.70 47.28 38.44
N THR C 396 -12.63 46.90 39.71
CA THR C 396 -12.59 47.84 40.83
C THR C 396 -11.23 48.48 41.00
N ASN C 397 -10.16 47.71 40.90
CA ASN C 397 -8.82 48.20 41.11
C ASN C 397 -8.32 48.96 39.88
N ASN C 398 -7.10 49.45 39.97
CA ASN C 398 -6.39 50.05 38.85
C ASN C 398 -5.30 49.11 38.37
N ARG C 399 -4.80 49.38 37.17
CA ARG C 399 -3.84 48.50 36.52
C ARG C 399 -2.50 48.53 37.23
N THR C 400 -1.98 47.35 37.53
CA THR C 400 -0.70 47.20 38.19
C THR C 400 0.45 47.62 37.28
N SER C 401 0.60 46.92 36.17
CA SER C 401 1.70 47.09 35.24
C SER C 401 1.12 47.42 33.87
N PRO C 402 1.92 47.82 32.87
CA PRO C 402 1.38 47.90 31.51
C PRO C 402 1.06 46.57 30.87
N ARG C 403 1.47 45.45 31.49
CA ARG C 403 1.17 44.11 31.00
C ARG C 403 -0.13 43.57 31.57
N ASP C 404 -0.91 44.41 32.25
CA ASP C 404 -2.15 44.03 32.88
C ASP C 404 -3.28 44.30 31.90
N ASN C 405 -3.88 43.24 31.38
CA ASN C 405 -4.86 43.35 30.31
C ASN C 405 -6.29 43.19 30.80
N THR C 406 -6.49 42.67 32.00
CA THR C 406 -7.82 42.35 32.48
C THR C 406 -8.57 43.62 32.88
N LEU C 407 -9.79 43.79 32.35
CA LEU C 407 -10.57 44.96 32.68
C LEU C 407 -12.00 44.66 33.13
N LEU C 408 -12.39 43.39 33.24
CA LEU C 408 -13.61 43.00 33.91
C LEU C 408 -13.28 42.07 35.06
N GLN C 409 -14.30 41.74 35.84
CA GLN C 409 -14.13 41.03 37.09
C GLN C 409 -15.44 40.37 37.43
N GLN C 410 -15.39 39.22 38.06
CA GLN C 410 -16.62 38.49 38.35
C GLN C 410 -17.29 39.03 39.60
N LYS C 411 -18.61 39.01 39.61
CA LYS C 411 -19.41 39.59 40.67
C LYS C 411 -19.37 38.72 41.92
N LEU C 412 -19.70 39.34 43.05
CA LEU C 412 -19.91 38.63 44.30
C LEU C 412 -21.28 37.96 44.25
N LEU C 413 -21.53 37.05 45.20
CA LEU C 413 -22.76 36.26 45.17
C LEU C 413 -23.99 37.10 45.47
N GLN C 414 -23.80 38.18 46.25
CA GLN C 414 -24.90 39.06 46.62
C GLN C 414 -25.42 39.84 45.43
N GLU C 415 -24.50 40.38 44.63
CA GLU C 415 -24.84 41.20 43.49
C GLU C 415 -24.98 40.39 42.20
N ALA C 416 -24.89 39.07 42.26
CA ALA C 416 -24.93 38.27 41.05
C ALA C 416 -26.36 38.11 40.53
N TYR C 417 -27.34 37.95 41.43
CA TYR C 417 -28.71 37.62 41.04
C TYR C 417 -29.64 38.72 41.51
N VAL C 418 -29.74 39.80 40.72
CA VAL C 418 -30.55 40.95 41.10
C VAL C 418 -31.40 41.47 39.94
N THR C 419 -31.64 40.66 38.92
CA THR C 419 -32.35 41.13 37.74
C THR C 419 -33.15 39.95 37.17
N PRO C 420 -34.16 40.21 36.32
CA PRO C 420 -34.89 39.08 35.72
C PRO C 420 -34.08 38.18 34.82
N LYS C 421 -33.04 38.70 34.17
CA LYS C 421 -32.20 37.85 33.34
C LYS C 421 -31.27 36.99 34.18
N ASP C 422 -31.10 37.34 35.46
CA ASP C 422 -30.32 36.49 36.35
C ASP C 422 -31.19 35.39 36.95
N ASP C 423 -32.51 35.55 36.90
CA ASP C 423 -33.39 34.49 37.39
C ASP C 423 -33.60 33.43 36.31
N ILE C 424 -33.51 33.81 35.05
CA ILE C 424 -33.53 32.83 33.97
C ILE C 424 -32.24 32.02 34.00
N ARG C 425 -31.12 32.66 34.32
CA ARG C 425 -29.86 31.92 34.38
C ARG C 425 -29.82 31.01 35.59
N LEU C 426 -30.45 31.43 36.69
CA LEU C 426 -30.47 30.62 37.91
C LEU C 426 -31.23 29.31 37.70
N VAL C 427 -32.25 29.33 36.84
CA VAL C 427 -32.93 28.11 36.45
C VAL C 427 -32.00 27.24 35.62
N GLY C 428 -31.28 27.85 34.68
CA GLY C 428 -30.38 27.09 33.84
C GLY C 428 -29.14 26.64 34.58
N GLU C 429 -28.87 27.24 35.74
CA GLU C 429 -27.74 26.80 36.55
C GLU C 429 -28.16 25.73 37.54
N LEU C 430 -29.42 25.68 37.92
CA LEU C 430 -29.88 24.58 38.78
C LEU C 430 -30.00 23.29 37.99
N VAL C 431 -30.29 23.40 36.69
CA VAL C 431 -30.41 22.20 35.86
C VAL C 431 -29.03 21.55 35.68
N THR C 432 -27.99 22.37 35.51
CA THR C 432 -26.67 21.80 35.28
C THR C 432 -26.03 21.33 36.58
N VAL C 433 -26.61 21.69 37.72
CA VAL C 433 -26.12 21.14 38.99
C VAL C 433 -26.82 19.82 39.29
N ILE C 434 -28.12 19.76 39.06
CA ILE C 434 -28.88 18.52 39.25
C ILE C 434 -28.38 17.44 38.30
N GLY C 435 -28.12 17.81 37.05
CA GLY C 435 -27.65 16.83 36.09
C GLY C 435 -26.24 16.35 36.35
N ALA C 436 -25.49 17.10 37.16
CA ALA C 436 -24.15 16.66 37.52
C ALA C 436 -24.15 15.86 38.80
N ILE C 437 -25.27 15.87 39.52
CA ILE C 437 -25.43 14.99 40.68
C ILE C 437 -25.93 13.62 40.21
N ILE C 438 -26.85 13.62 39.25
CA ILE C 438 -27.39 12.38 38.68
C ILE C 438 -26.31 11.56 38.00
N ILE C 439 -25.33 12.22 37.38
CA ILE C 439 -24.15 11.52 36.88
C ILE C 439 -23.35 10.86 38.00
N LEU C 440 -23.24 11.51 39.16
CA LEU C 440 -22.57 10.91 40.30
C LEU C 440 -23.49 10.06 41.17
N LEU C 441 -24.62 9.61 40.65
CA LEU C 441 -25.42 8.58 41.31
C LEU C 441 -25.66 7.39 40.42
N VAL C 442 -25.47 7.54 39.12
CA VAL C 442 -25.61 6.45 38.16
C VAL C 442 -24.25 5.82 37.98
N GLU C 443 -23.21 6.64 37.93
CA GLU C 443 -21.92 6.16 37.46
C GLU C 443 -20.94 5.85 38.59
N VAL C 444 -20.79 6.74 39.55
CA VAL C 444 -19.76 6.56 40.59
C VAL C 444 -20.08 5.51 41.66
N PRO C 445 -21.37 5.18 42.08
CA PRO C 445 -21.49 4.11 43.10
C PRO C 445 -21.16 2.72 42.59
N ASP C 446 -21.05 2.57 41.27
CA ASP C 446 -20.61 1.31 40.68
C ASP C 446 -19.13 1.09 40.95
N GLY C 463 -14.95 2.35 29.91
CA GLY C 463 -13.59 2.65 29.48
C GLY C 463 -13.19 4.10 29.72
N PRO C 464 -12.72 4.77 28.67
CA PRO C 464 -12.29 6.17 28.84
C PRO C 464 -13.42 7.15 29.02
N PHE C 465 -14.61 6.89 28.47
CA PHE C 465 -15.71 7.83 28.67
C PHE C 465 -16.40 7.62 30.00
N HIS C 466 -16.00 6.61 30.77
CA HIS C 466 -16.36 6.56 32.18
C HIS C 466 -15.72 7.73 32.93
N VAL C 467 -14.44 7.97 32.65
CA VAL C 467 -13.66 8.91 33.44
C VAL C 467 -14.00 10.34 33.05
N LEU C 468 -14.31 10.56 31.78
CA LEU C 468 -14.56 11.92 31.30
C LEU C 468 -15.94 12.42 31.70
N ILE C 469 -16.89 11.52 31.95
CA ILE C 469 -18.20 12.00 32.38
C ILE C 469 -18.21 12.18 33.90
N ILE C 470 -17.30 11.52 34.60
CA ILE C 470 -17.15 11.74 36.03
C ILE C 470 -16.35 13.01 36.27
N THR C 471 -15.33 13.25 35.44
CA THR C 471 -14.47 14.43 35.60
C THR C 471 -15.23 15.70 35.28
N TYR C 472 -16.10 15.65 34.26
CA TYR C 472 -17.04 16.72 33.98
C TYR C 472 -17.94 16.99 35.17
N ALA C 473 -18.39 15.93 35.85
CA ALA C 473 -19.35 16.08 36.93
C ALA C 473 -18.70 16.69 38.18
N PHE C 474 -17.41 16.47 38.36
CA PHE C 474 -16.72 17.14 39.46
C PHE C 474 -16.52 18.62 39.16
N MET C 475 -16.16 18.96 37.92
CA MET C 475 -15.84 20.34 37.57
C MET C 475 -17.06 21.24 37.63
N VAL C 476 -18.25 20.68 37.47
CA VAL C 476 -19.47 21.45 37.67
C VAL C 476 -19.72 21.68 39.15
N LEU C 477 -19.33 20.71 39.98
CA LEU C 477 -19.51 20.88 41.41
C LEU C 477 -18.34 21.60 42.07
N VAL C 478 -17.18 21.64 41.42
CA VAL C 478 -16.11 22.50 41.91
C VAL C 478 -16.47 23.97 41.67
N THR C 479 -17.07 24.27 40.52
CA THR C 479 -17.46 25.65 40.25
C THR C 479 -18.81 25.98 40.83
N MET C 480 -19.51 24.99 41.41
CA MET C 480 -20.67 25.30 42.24
C MET C 480 -20.23 25.85 43.58
N VAL C 481 -19.20 25.24 44.16
CA VAL C 481 -18.67 25.70 45.45
C VAL C 481 -18.08 27.09 45.33
N MET C 482 -17.35 27.36 44.24
CA MET C 482 -16.71 28.66 44.05
C MET C 482 -17.72 29.77 43.80
N ARG C 483 -18.94 29.42 43.39
CA ARG C 483 -19.97 30.43 43.30
C ARG C 483 -20.56 30.73 44.67
N LEU C 484 -20.64 29.72 45.54
CA LEU C 484 -21.20 29.88 46.87
C LEU C 484 -20.24 30.58 47.82
N ILE C 485 -19.10 29.96 48.11
CA ILE C 485 -18.01 30.72 48.71
C ILE C 485 -17.34 31.48 47.59
N SER C 486 -17.46 32.81 47.60
CA SER C 486 -17.04 33.63 46.47
C SER C 486 -15.53 33.61 46.30
N ALA C 487 -15.07 32.89 45.28
CA ALA C 487 -13.66 32.65 45.07
C ALA C 487 -13.28 33.05 43.66
N SER C 488 -12.17 33.77 43.53
CA SER C 488 -11.68 34.16 42.21
C SER C 488 -11.15 32.97 41.46
N GLY C 489 -11.42 32.92 40.17
CA GLY C 489 -10.90 31.86 39.33
C GLY C 489 -11.91 30.80 39.02
N GLU C 490 -13.12 31.18 38.64
CA GLU C 490 -14.07 30.19 38.19
C GLU C 490 -13.84 29.80 36.74
N VAL C 491 -12.96 30.52 36.04
CA VAL C 491 -12.75 30.24 34.63
C VAL C 491 -11.96 28.95 34.45
N VAL C 492 -11.16 28.57 35.45
CA VAL C 492 -10.39 27.33 35.33
C VAL C 492 -11.23 26.07 35.58
N PRO C 493 -12.19 25.98 36.52
CA PRO C 493 -13.10 24.82 36.46
C PRO C 493 -14.07 24.85 35.30
N MET C 494 -14.49 26.03 34.85
CA MET C 494 -15.41 26.08 33.72
C MET C 494 -14.76 25.65 32.42
N SER C 495 -13.51 26.05 32.20
CA SER C 495 -12.86 25.74 30.92
C SER C 495 -12.58 24.27 30.79
N PHE C 496 -12.32 23.58 31.90
CA PHE C 496 -12.26 22.13 31.85
C PHE C 496 -13.65 21.54 31.62
N ALA C 497 -14.68 22.19 32.12
CA ALA C 497 -16.00 21.59 32.05
C ALA C 497 -16.64 21.83 30.69
N LEU C 498 -16.19 22.86 29.97
CA LEU C 498 -16.70 23.10 28.63
C LEU C 498 -16.15 22.11 27.62
N VAL C 499 -14.86 21.80 27.71
CA VAL C 499 -14.26 20.97 26.67
C VAL C 499 -14.40 19.51 27.02
N LEU C 500 -14.70 19.19 28.27
CA LEU C 500 -15.01 17.81 28.61
C LEU C 500 -16.48 17.53 28.43
N GLY C 501 -17.32 18.53 28.69
CA GLY C 501 -18.74 18.34 28.48
C GLY C 501 -19.10 18.24 27.01
N TRP C 502 -18.41 18.99 26.16
CA TRP C 502 -18.68 18.89 24.74
C TRP C 502 -18.04 17.69 24.09
N CYS C 503 -16.86 17.27 24.51
CA CYS C 503 -16.23 16.11 23.89
C CYS C 503 -16.73 14.78 24.43
N ASN C 504 -17.75 14.79 25.28
CA ASN C 504 -18.44 13.54 25.57
C ASN C 504 -19.61 13.33 24.65
N VAL C 505 -19.82 14.24 23.70
CA VAL C 505 -20.81 14.01 22.67
C VAL C 505 -20.28 13.00 21.66
N MET C 506 -18.96 12.84 21.63
CA MET C 506 -18.30 11.77 20.87
C MET C 506 -18.61 10.38 21.40
N TYR C 507 -19.11 10.26 22.62
CA TYR C 507 -19.59 8.97 23.08
C TYR C 507 -20.79 8.52 22.28
N PHE C 508 -21.65 9.44 21.92
CA PHE C 508 -22.84 9.06 21.18
C PHE C 508 -22.57 9.09 19.69
N ALA C 509 -21.45 8.54 19.28
CA ALA C 509 -21.12 8.39 17.89
C ALA C 509 -20.99 6.93 17.53
N ARG C 510 -21.14 6.05 18.51
CA ARG C 510 -21.16 4.62 18.29
C ARG C 510 -22.58 4.15 18.02
N GLY C 511 -23.52 5.07 17.90
CA GLY C 511 -24.85 4.69 17.53
C GLY C 511 -24.98 4.72 16.02
N PHE C 512 -23.95 5.24 15.37
CA PHE C 512 -23.93 5.42 13.93
C PHE C 512 -22.76 4.62 13.38
N GLN C 513 -23.03 3.75 12.41
CA GLN C 513 -22.03 2.80 11.96
C GLN C 513 -20.89 3.49 11.22
N MET C 514 -21.17 4.61 10.58
CA MET C 514 -20.14 5.31 9.84
C MET C 514 -19.38 6.32 10.68
N LEU C 515 -19.80 6.55 11.92
CA LEU C 515 -19.08 7.42 12.83
C LEU C 515 -18.50 6.69 14.03
N GLY C 516 -18.79 5.41 14.18
CA GLY C 516 -18.43 4.64 15.33
C GLY C 516 -16.95 4.48 15.56
N PRO C 517 -16.24 3.84 14.64
CA PRO C 517 -14.80 3.66 14.83
C PRO C 517 -13.95 4.88 14.55
N PHE C 518 -14.52 6.07 14.41
CA PHE C 518 -13.70 7.27 14.37
C PHE C 518 -13.14 7.57 15.74
N THR C 519 -13.87 7.20 16.80
CA THR C 519 -13.36 7.45 18.14
C THR C 519 -12.42 6.36 18.59
N ILE C 520 -12.34 5.26 17.83
CA ILE C 520 -11.32 4.26 18.08
C ILE C 520 -10.01 4.69 17.43
N MET C 521 -10.09 5.45 16.34
CA MET C 521 -8.89 6.02 15.76
C MET C 521 -8.33 7.15 16.61
N ILE C 522 -9.19 7.95 17.22
CA ILE C 522 -8.72 9.03 18.09
C ILE C 522 -8.10 8.45 19.36
N GLN C 523 -8.61 7.31 19.80
CA GLN C 523 -8.05 6.66 20.98
C GLN C 523 -6.70 6.05 20.69
N LYS C 524 -6.56 5.36 19.56
CA LYS C 524 -5.34 4.64 19.27
C LYS C 524 -4.25 5.57 18.76
N MET C 525 -4.61 6.78 18.38
CA MET C 525 -3.59 7.77 18.02
C MET C 525 -3.07 8.50 19.24
N ILE C 526 -3.92 8.71 20.24
CA ILE C 526 -3.44 9.38 21.44
C ILE C 526 -2.63 8.43 22.33
N PHE C 527 -3.18 7.28 22.68
CA PHE C 527 -2.56 6.40 23.65
C PHE C 527 -1.67 5.36 22.99
N GLY C 528 -1.39 5.51 21.70
CA GLY C 528 -0.42 4.62 21.10
C GLY C 528 0.55 5.26 20.13
N ASP C 529 0.34 6.52 19.77
CA ASP C 529 1.26 7.20 18.88
C ASP C 529 1.78 8.47 19.52
N LEU C 530 0.89 9.27 20.08
CA LEU C 530 1.31 10.49 20.74
C LEU C 530 1.96 10.21 22.08
N MET C 531 1.43 9.27 22.85
CA MET C 531 2.04 8.99 24.15
C MET C 531 3.18 8.00 24.02
N ARG C 532 3.83 7.97 22.86
CA ARG C 532 4.89 7.03 22.57
C ARG C 532 5.95 7.77 21.76
N PHE C 533 5.64 9.00 21.35
CA PHE C 533 6.54 9.80 20.54
C PHE C 533 6.62 11.20 21.11
N CYS C 534 5.81 11.52 22.12
CA CYS C 534 5.95 12.81 22.78
C CYS C 534 7.21 12.87 23.63
N TRP C 535 7.79 11.72 23.96
CA TRP C 535 9.01 11.71 24.74
C TRP C 535 10.20 12.08 23.88
N LEU C 536 10.07 11.97 22.56
CA LEU C 536 11.15 12.39 21.67
C LEU C 536 10.97 13.84 21.24
N MET C 537 9.73 14.34 21.29
CA MET C 537 9.52 15.76 20.98
C MET C 537 9.85 16.64 22.17
N ALA C 538 9.65 16.15 23.39
CA ALA C 538 9.92 16.98 24.57
C ALA C 538 11.40 17.15 24.80
N VAL C 539 12.20 16.27 24.22
CA VAL C 539 13.64 16.36 24.17
C VAL C 539 14.08 17.44 23.17
N VAL C 540 13.41 17.51 22.03
CA VAL C 540 13.78 18.47 20.99
C VAL C 540 13.26 19.86 21.35
N ILE C 541 12.10 19.92 22.01
CA ILE C 541 11.56 21.22 22.43
C ILE C 541 12.37 21.81 23.56
N LEU C 542 12.76 20.99 24.55
CA LEU C 542 13.59 21.49 25.66
C LEU C 542 14.98 21.85 25.21
N GLY C 543 15.47 21.24 24.13
CA GLY C 543 16.79 21.56 23.66
C GLY C 543 16.83 22.89 22.95
N PHE C 544 15.83 23.15 22.10
CA PHE C 544 15.85 24.37 21.32
C PHE C 544 15.23 25.54 22.05
N ALA C 545 14.31 25.31 22.97
CA ALA C 545 13.74 26.43 23.71
C ALA C 545 14.73 26.99 24.69
N SER C 546 15.67 26.18 25.14
CA SER C 546 16.74 26.66 26.00
C SER C 546 17.80 27.36 25.19
N ALA C 547 18.02 26.93 23.95
CA ALA C 547 18.94 27.62 23.08
C ALA C 547 18.37 28.95 22.64
N PHE C 548 17.09 28.96 22.24
CA PHE C 548 16.42 30.19 21.81
C PHE C 548 16.28 31.19 22.94
N TYR C 549 16.20 30.73 24.18
CA TYR C 549 16.06 31.65 25.30
C TYR C 549 17.35 32.39 25.59
N ILE C 550 18.50 31.71 25.50
CA ILE C 550 19.73 32.37 25.85
C ILE C 550 20.32 33.14 24.68
N ILE C 551 19.87 32.88 23.45
CA ILE C 551 20.25 33.71 22.32
C ILE C 551 19.63 35.09 22.46
N PHE C 552 18.37 35.17 22.88
CA PHE C 552 17.64 36.42 22.98
C PHE C 552 17.66 36.98 24.40
N GLN C 553 18.56 36.51 25.23
CA GLN C 553 18.53 36.89 26.63
C GLN C 553 19.18 38.25 26.85
N THR C 554 19.95 38.72 25.88
CA THR C 554 20.59 40.03 25.90
C THR C 554 19.85 41.06 25.06
N GLU C 555 18.73 40.70 24.46
CA GLU C 555 18.06 41.48 23.44
C GLU C 555 16.83 42.15 24.03
N ASP C 556 16.26 43.09 23.29
CA ASP C 556 15.11 43.83 23.78
C ASP C 556 13.82 43.10 23.38
N PRO C 557 12.96 42.74 24.33
CA PRO C 557 11.75 41.98 23.98
C PRO C 557 10.66 42.79 23.30
N GLU C 558 10.79 44.10 23.14
CA GLU C 558 9.74 44.88 22.51
C GLU C 558 9.76 44.78 21.00
N GLU C 559 10.71 44.06 20.42
CA GLU C 559 10.74 43.80 19.00
C GLU C 559 10.41 42.36 18.68
N LEU C 560 11.09 41.43 19.34
CA LEU C 560 10.86 40.00 19.18
C LEU C 560 10.72 39.41 20.58
N GLY C 561 9.49 39.39 21.08
CA GLY C 561 9.27 38.99 22.45
C GLY C 561 8.77 37.58 22.61
N HIS C 562 9.12 36.72 21.66
CA HIS C 562 8.71 35.33 21.70
C HIS C 562 9.31 34.56 22.84
N PHE C 563 10.47 34.97 23.34
CA PHE C 563 11.28 34.19 24.27
C PHE C 563 11.70 35.07 25.44
N TYR C 564 10.78 35.82 26.02
CA TYR C 564 11.16 36.82 27.01
C TYR C 564 11.36 36.24 28.40
N ASP C 565 10.65 35.19 28.78
CA ASP C 565 11.04 34.40 29.94
C ASP C 565 10.95 32.94 29.56
N TYR C 566 11.32 32.07 30.48
CA TYR C 566 11.55 30.67 30.10
C TYR C 566 10.28 29.86 29.88
N PRO C 567 9.19 30.00 30.64
CA PRO C 567 7.97 29.29 30.22
C PRO C 567 7.34 29.77 28.91
N MET C 568 7.62 30.99 28.47
CA MET C 568 7.11 31.44 27.19
C MET C 568 8.00 30.97 26.05
N ALA C 569 9.27 30.72 26.32
CA ALA C 569 10.14 30.15 25.31
C ALA C 569 9.80 28.70 25.05
N LEU C 570 9.25 28.01 26.05
CA LEU C 570 8.81 26.63 25.86
C LEU C 570 7.50 26.57 25.10
N PHE C 571 6.61 27.52 25.34
CA PHE C 571 5.34 27.53 24.66
C PHE C 571 5.49 28.01 23.23
N SER C 572 6.44 28.92 22.99
CA SER C 572 6.68 29.40 21.64
C SER C 572 7.39 28.35 20.80
N THR C 573 8.20 27.51 21.42
CA THR C 573 8.92 26.51 20.65
C THR C 573 8.04 25.31 20.35
N PHE C 574 7.07 25.04 21.22
CA PHE C 574 6.06 24.03 20.94
C PHE C 574 5.16 24.46 19.79
N GLU C 575 4.95 25.77 19.65
CA GLU C 575 4.09 26.28 18.58
C GLU C 575 4.83 26.40 17.25
N LEU C 576 6.12 26.69 17.28
CA LEU C 576 6.91 26.67 16.07
C LEU C 576 7.14 25.25 15.59
N PHE C 577 7.13 24.29 16.50
CA PHE C 577 7.22 22.87 16.14
C PHE C 577 6.03 22.47 15.28
N LEU C 578 4.83 22.79 15.74
CA LEU C 578 3.59 22.37 15.08
C LEU C 578 3.23 23.26 13.91
N THR C 579 4.00 24.33 13.70
CA THR C 579 3.86 25.34 12.66
C THR C 579 2.48 25.95 12.76
N ILE C 580 2.16 26.52 13.91
CA ILE C 580 0.89 27.19 14.13
C ILE C 580 1.07 28.66 14.46
N ILE C 581 2.30 29.11 14.68
CA ILE C 581 2.64 30.52 14.67
C ILE C 581 3.81 30.70 13.72
N ASP C 582 3.94 31.89 13.17
CA ASP C 582 5.00 32.17 12.23
C ASP C 582 6.33 32.30 12.95
N GLY C 583 7.40 32.01 12.23
CA GLY C 583 8.73 32.15 12.73
C GLY C 583 9.03 33.58 13.10
N PRO C 584 9.79 33.79 14.16
CA PRO C 584 10.07 35.14 14.62
C PRO C 584 11.01 35.88 13.68
N ALA C 585 10.62 37.08 13.29
CA ALA C 585 11.48 37.93 12.48
C ALA C 585 11.10 39.38 12.71
N ASN C 586 12.05 40.30 12.58
CA ASN C 586 11.73 41.72 12.72
C ASN C 586 12.04 42.50 11.46
N TYR C 587 13.23 42.32 10.90
CA TYR C 587 13.80 42.91 9.68
C TYR C 587 14.10 44.39 9.85
N ASN C 588 13.86 44.99 11.01
CA ASN C 588 14.24 46.37 11.28
C ASN C 588 15.38 46.46 12.27
N VAL C 589 15.76 45.35 12.89
CA VAL C 589 16.88 45.30 13.82
C VAL C 589 17.79 44.18 13.39
N ASP C 590 18.98 44.13 13.95
CA ASP C 590 19.86 42.99 13.73
C ASP C 590 19.59 41.93 14.77
N LEU C 591 19.06 40.80 14.33
CA LEU C 591 18.88 39.65 15.20
C LEU C 591 20.23 39.05 15.54
N PRO C 592 20.33 38.27 16.61
CA PRO C 592 21.62 37.65 16.95
C PRO C 592 22.09 36.68 15.87
N PHE C 593 23.40 36.47 15.83
CA PHE C 593 23.98 35.64 14.79
C PHE C 593 23.60 34.19 14.95
N MET C 594 23.44 33.72 16.19
CA MET C 594 23.11 32.32 16.38
C MET C 594 21.64 32.04 16.13
N TYR C 595 20.83 33.06 15.92
CA TYR C 595 19.41 32.83 15.71
C TYR C 595 19.15 32.20 14.36
N SER C 596 19.81 32.69 13.32
CA SER C 596 19.58 32.20 11.97
C SER C 596 20.08 30.78 11.81
N ILE C 597 21.10 30.42 12.58
CA ILE C 597 21.68 29.08 12.46
C ILE C 597 20.84 28.09 13.27
N THR C 598 20.41 28.49 14.46
CA THR C 598 19.64 27.61 15.32
C THR C 598 18.24 27.40 14.77
N TYR C 599 17.62 28.45 14.24
CA TYR C 599 16.25 28.31 13.75
C TYR C 599 16.21 27.57 12.43
N ALA C 600 17.28 27.61 11.66
CA ALA C 600 17.34 26.83 10.44
C ALA C 600 17.52 25.36 10.73
N ALA C 601 18.26 25.05 11.79
CA ALA C 601 18.42 23.66 12.21
C ALA C 601 17.15 23.17 12.87
N PHE C 602 16.46 24.06 13.59
CA PHE C 602 15.20 23.72 14.21
C PHE C 602 14.14 23.40 13.17
N ALA C 603 14.02 24.25 12.16
CA ALA C 603 12.96 24.11 11.16
C ALA C 603 13.16 22.90 10.27
N ILE C 604 14.33 22.29 10.31
CA ILE C 604 14.56 21.05 9.57
C ILE C 604 14.24 19.84 10.43
N ILE C 605 14.79 19.74 11.62
CA ILE C 605 14.56 18.54 12.43
C ILE C 605 13.17 18.56 13.07
N ALA C 606 12.61 19.74 13.33
CA ALA C 606 11.32 19.77 14.00
C ALA C 606 10.18 19.82 13.00
N THR C 607 10.15 20.83 12.16
CA THR C 607 8.99 21.03 11.31
C THR C 607 8.96 20.06 10.14
N LEU C 608 10.08 19.80 9.46
CA LEU C 608 10.09 18.83 8.38
C LEU C 608 10.01 17.41 8.92
N LEU C 609 10.97 17.00 9.72
CA LEU C 609 11.25 15.59 9.86
C LEU C 609 10.41 14.97 10.96
N MET C 610 10.49 15.50 12.17
CA MET C 610 9.80 14.90 13.29
C MET C 610 8.34 15.26 13.37
N LEU C 611 7.86 16.22 12.60
CA LEU C 611 6.43 16.45 12.49
C LEU C 611 5.80 15.55 11.46
N ASN C 612 6.56 15.07 10.49
CA ASN C 612 6.01 14.19 9.47
C ASN C 612 6.27 12.73 9.77
N LEU C 613 7.16 12.42 10.71
CA LEU C 613 7.14 11.11 11.34
C LEU C 613 5.80 10.86 12.00
N LEU C 614 5.34 11.81 12.82
CA LEU C 614 4.14 11.60 13.59
C LEU C 614 2.91 11.50 12.71
N ILE C 615 2.88 12.27 11.63
CA ILE C 615 1.77 12.19 10.70
C ILE C 615 1.81 10.88 9.92
N ALA C 616 2.99 10.30 9.73
CA ALA C 616 3.07 9.01 9.05
C ALA C 616 2.80 7.87 10.02
N MET C 617 3.11 8.03 11.31
CA MET C 617 2.75 7.03 12.29
C MET C 617 1.25 6.96 12.48
N MET C 618 0.59 8.12 12.55
CA MET C 618 -0.86 8.16 12.70
C MET C 618 -1.55 7.77 11.42
N GLY C 619 -0.84 7.73 10.30
CA GLY C 619 -1.47 7.29 9.06
C GLY C 619 -1.58 5.79 8.99
N ASP C 620 -0.74 5.07 9.73
CA ASP C 620 -0.84 3.62 9.76
C ASP C 620 -1.81 3.16 10.84
N THR C 621 -2.00 3.98 11.87
CA THR C 621 -3.02 3.69 12.87
C THR C 621 -4.42 3.86 12.29
N HIS C 622 -4.59 4.84 11.40
CA HIS C 622 -5.84 4.99 10.67
C HIS C 622 -6.11 3.79 9.78
N TRP C 623 -5.06 3.29 9.12
CA TRP C 623 -5.23 2.23 8.14
C TRP C 623 -5.59 0.91 8.81
N ARG C 624 -5.06 0.67 10.02
CA ARG C 624 -5.31 -0.57 10.72
C ARG C 624 -6.73 -0.62 11.25
N VAL C 625 -7.19 0.46 11.86
CA VAL C 625 -8.53 0.50 12.43
C VAL C 625 -9.61 0.54 11.37
N ALA C 626 -9.40 1.27 10.27
CA ALA C 626 -10.39 1.30 9.20
C ALA C 626 -10.44 0.01 8.41
N HIS C 627 -9.46 -0.87 8.57
CA HIS C 627 -9.51 -2.17 7.93
C HIS C 627 -10.45 -3.11 8.66
N GLU C 628 -10.33 -3.17 9.99
CA GLU C 628 -11.22 -3.94 10.84
C GLU C 628 -12.34 -3.03 11.37
N ARG C 629 -13.01 -2.37 10.43
CA ARG C 629 -13.94 -1.32 10.75
C ARG C 629 -15.27 -1.81 11.31
N ASP C 630 -15.85 -2.86 10.73
CA ASP C 630 -17.16 -3.34 11.11
C ASP C 630 -17.16 -4.29 12.29
N GLU C 631 -16.02 -4.91 12.61
CA GLU C 631 -15.98 -5.76 13.79
C GLU C 631 -15.60 -4.96 15.02
N LEU C 632 -15.02 -3.77 14.83
CA LEU C 632 -14.79 -2.89 15.96
C LEU C 632 -16.04 -2.10 16.30
N TRP C 633 -16.95 -1.94 15.36
CA TRP C 633 -18.21 -1.30 15.67
C TRP C 633 -19.14 -2.23 16.42
N ARG C 634 -19.10 -3.53 16.10
CA ARG C 634 -20.00 -4.46 16.77
C ARG C 634 -19.56 -4.74 18.19
N ALA C 635 -18.29 -4.51 18.52
CA ALA C 635 -17.87 -4.65 19.90
C ALA C 635 -18.22 -3.41 20.71
N GLN C 636 -18.51 -2.31 20.03
CA GLN C 636 -19.03 -1.12 20.70
C GLN C 636 -20.52 -1.24 20.96
N ILE C 637 -21.22 -1.95 20.10
CA ILE C 637 -22.66 -2.12 20.24
C ILE C 637 -22.97 -3.09 21.36
N VAL C 638 -22.17 -4.15 21.48
CA VAL C 638 -22.35 -5.12 22.56
C VAL C 638 -22.09 -4.45 23.90
N ALA C 639 -21.02 -3.67 23.99
CA ALA C 639 -20.66 -3.05 25.25
C ALA C 639 -21.64 -1.97 25.64
N THR C 640 -22.31 -1.36 24.67
CA THR C 640 -23.30 -0.35 24.96
C THR C 640 -24.60 -0.99 25.44
N THR C 641 -25.00 -2.08 24.78
CA THR C 641 -26.26 -2.74 25.11
C THR C 641 -26.20 -3.40 26.48
N VAL C 642 -25.03 -3.94 26.85
CA VAL C 642 -24.82 -4.51 28.17
C VAL C 642 -24.90 -3.42 29.24
N MET C 643 -24.28 -2.27 28.96
CA MET C 643 -24.32 -1.14 29.87
C MET C 643 -25.72 -0.61 30.03
N LEU C 644 -26.48 -0.59 28.93
CA LEU C 644 -27.76 0.11 28.91
C LEU C 644 -28.84 -0.75 29.53
N GLU C 645 -28.61 -2.05 29.59
CA GLU C 645 -29.59 -2.97 30.13
C GLU C 645 -29.47 -3.06 31.65
N ARG C 646 -28.23 -3.02 32.16
CA ARG C 646 -28.06 -3.17 33.61
C ARG C 646 -28.34 -1.89 34.37
N LYS C 647 -28.58 -0.77 33.68
CA LYS C 647 -28.86 0.50 34.34
C LYS C 647 -30.30 0.96 34.16
N LEU C 648 -30.90 0.71 33.00
CA LEU C 648 -32.32 0.95 32.84
C LEU C 648 -33.11 -0.11 33.60
N PRO C 649 -34.30 0.22 34.09
CA PRO C 649 -35.12 -0.80 34.75
C PRO C 649 -35.70 -1.81 33.76
N ARG C 650 -35.97 -3.01 34.26
CA ARG C 650 -36.29 -4.18 33.45
C ARG C 650 -37.64 -4.05 32.74
N CYS C 651 -38.53 -3.19 33.26
CA CYS C 651 -39.88 -3.04 32.72
C CYS C 651 -39.91 -2.45 31.32
N LEU C 652 -38.87 -1.73 30.92
CA LEU C 652 -38.79 -1.19 29.57
C LEU C 652 -37.74 -1.86 28.71
N TRP C 653 -37.24 -3.02 29.12
CA TRP C 653 -36.29 -3.81 28.33
C TRP C 653 -36.83 -5.22 28.19
N PRO C 654 -37.51 -5.54 27.10
CA PRO C 654 -38.04 -6.90 26.93
C PRO C 654 -36.93 -7.90 26.67
N ARG C 655 -37.17 -9.13 27.13
CA ARG C 655 -36.23 -10.20 26.89
C ARG C 655 -36.31 -10.63 25.43
N SER C 656 -35.18 -11.05 24.88
CA SER C 656 -35.05 -11.29 23.44
C SER C 656 -35.41 -12.71 23.09
N GLY C 657 -36.04 -12.89 21.94
CA GLY C 657 -36.45 -14.21 21.51
C GLY C 657 -37.91 -14.49 21.76
N ILE C 658 -38.28 -15.75 21.61
CA ILE C 658 -39.64 -16.21 21.80
C ILE C 658 -39.65 -17.24 22.93
N CYS C 659 -40.53 -17.06 23.91
CA CYS C 659 -40.52 -17.90 25.10
C CYS C 659 -41.23 -19.21 24.78
N GLY C 660 -40.57 -20.33 25.08
CA GLY C 660 -41.06 -21.63 24.68
C GLY C 660 -42.07 -22.31 25.60
N ARG C 661 -42.71 -21.55 26.50
CA ARG C 661 -43.76 -22.11 27.33
C ARG C 661 -44.96 -22.55 26.50
N GLU C 662 -45.61 -21.59 25.85
CA GLU C 662 -46.85 -21.84 25.15
C GLU C 662 -46.64 -22.17 23.68
N TYR C 663 -45.51 -22.80 23.36
CA TYR C 663 -45.32 -23.47 22.08
C TYR C 663 -44.77 -24.88 22.29
N GLY C 664 -44.77 -25.37 23.53
CA GLY C 664 -44.36 -26.73 23.80
C GLY C 664 -42.88 -27.00 23.65
N LEU C 665 -42.04 -26.06 24.10
CA LEU C 665 -40.60 -26.18 23.96
C LEU C 665 -39.83 -26.06 25.27
N GLY C 666 -40.51 -25.81 26.39
CA GLY C 666 -39.83 -25.77 27.65
C GLY C 666 -40.04 -24.46 28.37
N ASP C 667 -38.98 -23.94 28.98
CA ASP C 667 -39.05 -22.67 29.70
C ASP C 667 -38.02 -21.74 29.08
N ARG C 668 -37.39 -22.22 28.03
CA ARG C 668 -36.24 -21.57 27.43
C ARG C 668 -36.68 -20.44 26.51
N TRP C 669 -35.72 -19.76 25.89
CA TRP C 669 -35.97 -18.61 25.05
C TRP C 669 -35.23 -18.76 23.75
N PHE C 670 -35.97 -18.97 22.66
CA PHE C 670 -35.37 -19.44 21.43
C PHE C 670 -35.24 -18.27 20.45
N LEU C 671 -34.26 -18.38 19.57
CA LEU C 671 -34.06 -17.40 18.50
C LEU C 671 -34.03 -18.13 17.17
N ARG C 672 -35.04 -17.89 16.35
CA ARG C 672 -35.21 -18.59 15.08
C ARG C 672 -34.37 -17.91 14.01
N VAL C 673 -33.63 -18.71 13.25
CA VAL C 673 -32.80 -18.20 12.16
C VAL C 673 -33.17 -18.98 10.90
N GLU C 674 -33.59 -18.26 9.88
CA GLU C 674 -33.88 -18.88 8.59
C GLU C 674 -32.82 -18.48 7.56
N ASP C 675 -32.23 -19.47 6.91
CA ASP C 675 -31.05 -19.25 6.11
C ASP C 675 -31.14 -20.05 4.81
N ARG C 676 -30.40 -19.61 3.80
CA ARG C 676 -30.39 -20.22 2.48
C ARG C 676 -29.02 -20.80 2.15
N GLN C 677 -29.02 -22.06 1.71
CA GLN C 677 -27.82 -22.70 1.23
C GLN C 677 -28.08 -23.41 -0.10
N SER D 68 -40.81 -6.30 13.59
CA SER D 68 -42.26 -6.39 13.70
C SER D 68 -42.82 -7.48 12.80
N TRP D 69 -42.45 -7.42 11.52
CA TRP D 69 -42.88 -8.45 10.58
C TRP D 69 -42.15 -9.76 10.82
N ALA D 70 -40.89 -9.66 11.27
CA ALA D 70 -40.11 -10.87 11.50
C ALA D 70 -40.53 -11.56 12.79
N GLN D 71 -40.85 -10.77 13.82
CA GLN D 71 -41.33 -11.34 15.08
C GLN D 71 -42.71 -11.98 14.89
N SER D 72 -43.50 -11.47 13.96
CA SER D 72 -44.79 -12.08 13.67
C SER D 72 -44.62 -13.38 12.89
N ARG D 73 -43.60 -13.44 12.03
CA ARG D 73 -43.38 -14.64 11.23
C ARG D 73 -42.78 -15.75 12.09
N ASP D 74 -42.00 -15.39 13.10
CA ASP D 74 -41.36 -16.40 13.94
C ASP D 74 -42.37 -17.06 14.86
N GLU D 75 -43.40 -16.33 15.26
CA GLU D 75 -44.42 -16.90 16.13
C GLU D 75 -45.37 -17.81 15.36
N GLN D 76 -45.35 -17.74 14.03
CA GLN D 76 -46.20 -18.62 13.24
C GLN D 76 -45.48 -19.92 12.91
N ASN D 77 -44.16 -19.87 12.79
CA ASN D 77 -43.40 -21.08 12.47
C ASN D 77 -43.16 -21.92 13.71
N LEU D 78 -43.29 -21.32 14.90
CA LEU D 78 -43.31 -22.11 16.12
C LEU D 78 -44.70 -22.63 16.41
N LEU D 79 -45.73 -21.93 15.93
CA LEU D 79 -47.10 -22.39 16.14
C LEU D 79 -47.41 -23.57 15.24
N GLN D 80 -46.74 -23.67 14.10
CA GLN D 80 -46.91 -24.82 13.22
C GLN D 80 -46.37 -26.08 13.87
N GLN D 81 -45.22 -25.98 14.52
CA GLN D 81 -44.60 -27.16 15.10
C GLN D 81 -45.34 -27.62 16.36
N LYS D 82 -46.14 -26.74 16.94
CA LYS D 82 -46.98 -27.13 18.07
C LYS D 82 -48.21 -27.90 17.59
N ARG D 83 -48.83 -27.43 16.51
CA ARG D 83 -50.07 -28.04 16.04
C ARG D 83 -49.81 -29.39 15.38
N ILE D 84 -48.60 -29.58 14.87
CA ILE D 84 -48.19 -30.88 14.35
C ILE D 84 -48.05 -31.84 15.53
N TRP D 85 -47.38 -31.36 16.57
CA TRP D 85 -47.04 -32.14 17.75
C TRP D 85 -48.28 -32.51 18.57
N GLU D 86 -49.33 -31.70 18.48
CA GLU D 86 -50.57 -32.02 19.17
C GLU D 86 -51.41 -33.04 18.41
N SER D 87 -51.49 -32.92 17.09
CA SER D 87 -52.37 -33.77 16.29
C SER D 87 -51.71 -35.11 16.05
N PRO D 88 -52.37 -36.23 16.37
CA PRO D 88 -51.75 -37.55 16.09
C PRO D 88 -51.69 -37.86 14.60
N LEU D 89 -52.58 -37.25 13.82
CA LEU D 89 -52.57 -37.45 12.38
C LEU D 89 -51.37 -36.77 11.74
N LEU D 90 -51.15 -35.50 12.08
CA LEU D 90 -50.05 -34.75 11.50
C LEU D 90 -48.71 -35.19 12.03
N LEU D 91 -48.66 -35.68 13.28
CA LEU D 91 -47.39 -36.15 13.84
C LEU D 91 -46.97 -37.46 13.19
N ALA D 92 -47.94 -38.27 12.79
CA ALA D 92 -47.62 -39.53 12.12
C ALA D 92 -47.19 -39.28 10.68
N ALA D 93 -47.52 -38.11 10.14
CA ALA D 93 -47.08 -37.76 8.79
C ALA D 93 -45.70 -37.13 8.80
N LYS D 94 -45.41 -36.34 9.84
CA LYS D 94 -44.09 -35.75 10.03
C LYS D 94 -43.01 -36.82 10.18
N ASP D 95 -43.25 -37.76 11.08
CA ASP D 95 -42.44 -38.96 11.17
C ASP D 95 -42.84 -39.90 10.04
N ASN D 96 -42.04 -40.95 9.83
CA ASN D 96 -42.39 -41.87 8.76
C ASN D 96 -43.23 -43.00 9.34
N ASP D 97 -44.37 -42.65 9.91
CA ASP D 97 -45.17 -43.58 10.71
C ASP D 97 -46.35 -44.09 9.91
N VAL D 98 -46.10 -45.13 9.11
CA VAL D 98 -47.17 -45.72 8.31
C VAL D 98 -47.99 -46.68 9.16
N GLN D 99 -47.49 -47.01 10.36
CA GLN D 99 -48.24 -47.86 11.28
C GLN D 99 -49.45 -47.13 11.84
N ALA D 100 -49.23 -45.92 12.36
CA ALA D 100 -50.33 -45.20 13.00
C ALA D 100 -51.30 -44.64 11.98
N LEU D 101 -50.81 -44.32 10.79
CA LEU D 101 -51.69 -43.76 9.75
C LEU D 101 -52.67 -44.80 9.23
N ASN D 102 -52.30 -46.08 9.34
CA ASN D 102 -53.25 -47.15 9.15
C ASN D 102 -54.31 -47.09 10.25
N LYS D 103 -53.87 -47.07 11.51
CA LYS D 103 -54.78 -47.16 12.64
C LYS D 103 -55.57 -45.87 12.87
N LEU D 104 -55.03 -44.73 12.43
CA LEU D 104 -55.76 -43.48 12.56
C LEU D 104 -56.87 -43.35 11.52
N LEU D 105 -56.57 -43.73 10.27
CA LEU D 105 -57.52 -43.53 9.19
C LEU D 105 -58.67 -44.53 9.22
N LYS D 106 -58.51 -45.64 9.93
CA LYS D 106 -59.58 -46.62 10.06
C LYS D 106 -60.59 -46.24 11.14
N TYR D 107 -60.34 -45.16 11.88
CA TYR D 107 -61.32 -44.63 12.81
C TYR D 107 -62.36 -43.83 12.04
N GLU D 108 -63.53 -43.59 12.63
CA GLU D 108 -64.62 -42.90 11.96
C GLU D 108 -64.37 -41.40 11.96
N ASP D 109 -64.35 -40.85 10.75
CA ASP D 109 -64.35 -39.44 10.35
C ASP D 109 -63.01 -38.73 10.62
N CYS D 110 -62.20 -39.26 11.55
CA CYS D 110 -60.74 -39.14 11.61
C CYS D 110 -60.16 -37.72 11.71
N LYS D 111 -61.00 -36.69 11.58
CA LYS D 111 -60.60 -35.32 11.25
C LYS D 111 -59.54 -35.29 10.14
N VAL D 112 -59.89 -35.75 8.94
CA VAL D 112 -58.95 -35.79 7.83
C VAL D 112 -58.72 -34.37 7.34
N HIS D 113 -59.78 -33.57 7.31
CA HIS D 113 -59.72 -32.21 6.78
C HIS D 113 -59.39 -31.20 7.87
N GLN D 114 -58.66 -31.62 8.89
CA GLN D 114 -58.30 -30.68 9.95
C GLN D 114 -57.18 -29.76 9.48
N ARG D 115 -57.22 -28.54 9.97
CA ARG D 115 -56.42 -27.44 9.42
C ARG D 115 -55.18 -27.24 10.33
N GLY D 116 -54.09 -26.66 9.85
CA GLY D 116 -52.96 -26.43 10.71
C GLY D 116 -52.79 -24.95 10.94
N ALA D 117 -51.62 -24.58 11.44
CA ALA D 117 -51.36 -23.17 11.72
C ALA D 117 -51.05 -22.39 10.46
N MET D 118 -50.45 -23.04 9.47
CA MET D 118 -50.13 -22.41 8.20
C MET D 118 -51.20 -22.62 7.15
N GLY D 119 -52.38 -23.12 7.53
CA GLY D 119 -53.36 -23.50 6.55
C GLY D 119 -53.12 -24.87 5.94
N GLU D 120 -52.20 -25.65 6.50
CA GLU D 120 -51.71 -26.87 5.90
C GLU D 120 -52.64 -28.03 6.20
N THR D 121 -52.50 -29.13 5.45
CA THR D 121 -53.24 -30.35 5.71
C THR D 121 -52.23 -31.43 6.04
N ALA D 122 -52.71 -32.66 6.15
CA ALA D 122 -51.84 -33.78 6.51
C ALA D 122 -50.92 -34.15 5.36
N LEU D 123 -51.39 -33.97 4.13
CA LEU D 123 -50.62 -34.41 2.97
C LEU D 123 -49.54 -33.39 2.61
N HIS D 124 -49.71 -32.14 3.05
CA HIS D 124 -48.65 -31.15 2.92
C HIS D 124 -47.48 -31.51 3.80
N ILE D 125 -47.75 -32.05 4.98
CA ILE D 125 -46.70 -32.34 5.96
C ILE D 125 -45.82 -33.48 5.48
N ALA D 126 -46.43 -34.52 4.93
CA ALA D 126 -45.67 -35.65 4.42
C ALA D 126 -44.86 -35.26 3.19
N ALA D 127 -45.36 -34.28 2.44
CA ALA D 127 -44.60 -33.76 1.30
C ALA D 127 -43.48 -32.84 1.78
N LEU D 128 -43.68 -32.18 2.92
CA LEU D 128 -42.72 -31.17 3.37
C LEU D 128 -41.52 -31.82 4.04
N TYR D 129 -41.72 -32.95 4.70
CA TYR D 129 -40.66 -33.65 5.40
C TYR D 129 -40.12 -34.83 4.60
N ASP D 130 -40.40 -34.88 3.29
CA ASP D 130 -39.92 -35.89 2.35
C ASP D 130 -40.34 -37.30 2.75
N ASN D 131 -41.55 -37.46 3.29
CA ASN D 131 -42.04 -38.77 3.69
C ASN D 131 -42.89 -39.32 2.56
N LEU D 132 -42.28 -40.20 1.76
CA LEU D 132 -42.96 -40.79 0.61
C LEU D 132 -43.99 -41.82 1.05
N GLU D 133 -43.63 -42.66 2.02
CA GLU D 133 -44.49 -43.77 2.41
C GLU D 133 -45.70 -43.28 3.19
N ALA D 134 -45.57 -42.14 3.86
CA ALA D 134 -46.71 -41.57 4.58
C ALA D 134 -47.61 -40.79 3.64
N ALA D 135 -47.05 -40.28 2.54
CA ALA D 135 -47.84 -39.46 1.62
C ALA D 135 -48.70 -40.32 0.72
N MET D 136 -48.25 -41.54 0.43
CA MET D 136 -49.04 -42.42 -0.43
C MET D 136 -50.28 -42.94 0.27
N VAL D 137 -50.14 -43.30 1.56
CA VAL D 137 -51.25 -43.83 2.35
C VAL D 137 -52.35 -42.78 2.53
N LEU D 138 -51.96 -41.51 2.59
CA LEU D 138 -52.94 -40.44 2.73
C LEU D 138 -53.68 -40.17 1.42
N MET D 139 -53.14 -40.63 0.29
CA MET D 139 -53.80 -40.37 -0.98
C MET D 139 -54.87 -41.42 -1.30
N GLU D 140 -54.65 -42.68 -0.94
CA GLU D 140 -55.72 -43.65 -1.11
C GLU D 140 -56.80 -43.50 -0.06
N ALA D 141 -56.47 -42.91 1.08
CA ALA D 141 -57.45 -42.69 2.14
C ALA D 141 -58.35 -41.50 1.77
N ALA D 142 -57.75 -40.34 1.52
CA ALA D 142 -58.49 -39.18 1.05
C ALA D 142 -57.87 -38.69 -0.24
N PRO D 143 -58.49 -38.92 -1.39
CA PRO D 143 -57.87 -38.51 -2.66
C PRO D 143 -58.06 -37.03 -2.93
N GLU D 144 -58.96 -36.39 -2.19
CA GLU D 144 -59.27 -34.99 -2.40
C GLU D 144 -58.36 -34.05 -1.62
N LEU D 145 -57.32 -34.57 -0.97
CA LEU D 145 -56.36 -33.69 -0.31
C LEU D 145 -55.35 -33.14 -1.28
N VAL D 146 -55.33 -33.66 -2.50
CA VAL D 146 -54.35 -33.26 -3.51
C VAL D 146 -54.76 -31.89 -4.05
N PHE D 147 -56.05 -31.59 -3.99
CA PHE D 147 -56.58 -30.37 -4.57
C PHE D 147 -56.76 -29.28 -3.52
N GLU D 148 -55.94 -29.32 -2.47
CA GLU D 148 -56.17 -28.36 -1.41
C GLU D 148 -54.98 -27.41 -1.27
N PRO D 149 -55.23 -26.10 -1.33
CA PRO D 149 -54.15 -25.14 -1.10
C PRO D 149 -53.99 -24.82 0.37
N MET D 150 -52.83 -24.27 0.75
CA MET D 150 -52.70 -23.69 2.07
C MET D 150 -53.49 -22.40 2.13
N THR D 151 -54.10 -22.14 3.29
CA THR D 151 -55.06 -21.07 3.43
C THR D 151 -54.59 -19.93 4.33
N SER D 152 -53.29 -19.82 4.56
CA SER D 152 -52.80 -18.72 5.39
C SER D 152 -52.62 -17.46 4.56
N GLU D 153 -51.99 -16.45 5.15
CA GLU D 153 -51.59 -15.26 4.41
C GLU D 153 -50.15 -15.38 3.95
N LEU D 154 -49.36 -16.16 4.64
CA LEU D 154 -47.94 -16.26 4.31
C LEU D 154 -47.64 -17.46 3.43
N TYR D 155 -48.57 -18.35 3.20
CA TYR D 155 -48.36 -19.37 2.18
C TYR D 155 -49.59 -19.59 1.31
N GLU D 156 -50.36 -18.56 0.98
CA GLU D 156 -51.62 -18.68 0.27
C GLU D 156 -51.48 -19.26 -1.11
N GLY D 157 -52.20 -20.35 -1.38
CA GLY D 157 -52.30 -20.92 -2.72
C GLY D 157 -51.35 -22.07 -2.95
N GLN D 158 -50.36 -22.23 -2.08
CA GLN D 158 -49.37 -23.29 -2.25
C GLN D 158 -49.99 -24.66 -2.05
N THR D 159 -49.84 -25.53 -3.05
CA THR D 159 -50.39 -26.86 -2.97
C THR D 159 -49.26 -27.82 -2.61
N ALA D 160 -49.61 -29.10 -2.52
CA ALA D 160 -48.61 -30.12 -2.24
C ALA D 160 -47.77 -30.44 -3.47
N LEU D 161 -48.22 -30.01 -4.64
CA LEU D 161 -47.46 -30.25 -5.85
C LEU D 161 -46.31 -29.26 -5.96
N HIS D 162 -46.45 -28.10 -5.32
CA HIS D 162 -45.32 -27.18 -5.24
C HIS D 162 -44.25 -27.71 -4.29
N ILE D 163 -44.68 -28.36 -3.20
CA ILE D 163 -43.75 -28.74 -2.15
C ILE D 163 -42.91 -29.92 -2.59
N ALA D 164 -43.49 -30.84 -3.35
CA ALA D 164 -42.74 -31.98 -3.87
C ALA D 164 -41.78 -31.55 -4.95
N VAL D 165 -42.12 -30.48 -5.67
CA VAL D 165 -41.28 -29.96 -6.73
C VAL D 165 -40.04 -29.25 -6.18
N VAL D 166 -40.21 -28.47 -5.10
CA VAL D 166 -39.08 -27.77 -4.50
C VAL D 166 -38.13 -28.75 -3.83
N ASN D 167 -38.66 -29.73 -3.10
CA ASN D 167 -37.84 -30.73 -2.41
C ASN D 167 -37.29 -31.78 -3.36
N GLN D 168 -37.66 -31.74 -4.65
CA GLN D 168 -37.22 -32.63 -5.72
C GLN D 168 -37.52 -34.08 -5.39
N ASN D 169 -38.67 -34.34 -4.79
CA ASN D 169 -39.08 -35.70 -4.46
C ASN D 169 -39.65 -36.29 -5.74
N MET D 170 -38.77 -36.92 -6.52
CA MET D 170 -39.08 -37.33 -7.88
C MET D 170 -40.17 -38.40 -7.93
N ASN D 171 -40.18 -39.29 -6.93
CA ASN D 171 -41.17 -40.35 -6.90
C ASN D 171 -42.53 -39.82 -6.48
N LEU D 172 -42.57 -38.71 -5.76
CA LEU D 172 -43.83 -38.23 -5.20
C LEU D 172 -44.50 -37.24 -6.15
N VAL D 173 -43.74 -36.70 -7.10
CA VAL D 173 -44.32 -35.82 -8.11
C VAL D 173 -45.14 -36.63 -9.10
N ARG D 174 -44.62 -37.80 -9.49
CA ARG D 174 -45.34 -38.67 -10.41
C ARG D 174 -46.61 -39.25 -9.78
N ALA D 175 -46.62 -39.34 -8.45
CA ALA D 175 -47.81 -39.80 -7.76
C ALA D 175 -48.93 -38.77 -7.82
N LEU D 176 -48.60 -37.49 -7.59
CA LEU D 176 -49.63 -36.45 -7.60
C LEU D 176 -50.09 -36.13 -9.00
N LEU D 177 -49.23 -36.30 -10.01
CA LEU D 177 -49.67 -36.11 -11.37
C LEU D 177 -50.57 -37.25 -11.82
N ALA D 178 -50.38 -38.43 -11.22
CA ALA D 178 -51.31 -39.54 -11.44
C ALA D 178 -52.63 -39.27 -10.75
N ARG D 179 -52.62 -38.48 -9.69
CA ARG D 179 -53.86 -38.03 -9.06
C ARG D 179 -54.36 -36.71 -9.60
N ARG D 180 -53.97 -36.37 -10.84
CA ARG D 180 -54.29 -35.18 -11.62
C ARG D 180 -54.25 -33.86 -10.83
N ALA D 181 -53.14 -33.64 -10.13
CA ALA D 181 -52.88 -32.37 -9.48
C ALA D 181 -52.68 -31.27 -10.52
N SER D 182 -53.25 -30.10 -10.25
CA SER D 182 -53.23 -29.01 -11.21
C SER D 182 -51.85 -28.38 -11.28
N VAL D 183 -51.31 -28.29 -12.50
CA VAL D 183 -49.98 -27.74 -12.72
C VAL D 183 -50.07 -26.26 -13.01
N SER D 184 -51.26 -25.69 -12.88
CA SER D 184 -51.45 -24.26 -13.10
C SER D 184 -52.01 -23.61 -11.84
N ALA D 185 -51.56 -24.08 -10.67
CA ALA D 185 -51.99 -23.53 -9.40
C ALA D 185 -50.98 -22.49 -8.91
N ARG D 186 -51.48 -21.35 -8.49
CA ARG D 186 -50.66 -20.17 -8.24
C ARG D 186 -50.39 -20.03 -6.75
N ALA D 187 -49.11 -20.01 -6.38
CA ALA D 187 -48.70 -19.78 -4.99
C ALA D 187 -48.61 -18.28 -4.76
N THR D 188 -49.75 -17.70 -4.41
CA THR D 188 -49.89 -16.26 -4.28
C THR D 188 -49.76 -15.77 -2.85
N GLY D 189 -48.85 -16.35 -2.07
CA GLY D 189 -48.72 -16.00 -0.66
C GLY D 189 -48.02 -14.69 -0.41
N THR D 190 -47.24 -14.60 0.66
CA THR D 190 -46.32 -13.49 0.84
C THR D 190 -44.91 -13.98 1.12
N ALA D 191 -44.72 -15.28 1.26
CA ALA D 191 -43.38 -15.85 1.31
C ALA D 191 -42.87 -16.19 -0.07
N PHE D 192 -43.58 -15.79 -1.11
CA PHE D 192 -43.18 -16.05 -2.48
C PHE D 192 -42.97 -14.81 -3.30
N ARG D 193 -43.33 -13.63 -2.80
CA ARG D 193 -43.09 -12.40 -3.52
C ARG D 193 -41.60 -12.09 -3.58
N ARG D 194 -41.21 -11.39 -4.64
CA ARG D 194 -39.87 -10.85 -4.74
C ARG D 194 -39.80 -9.68 -3.76
N SER D 195 -39.03 -9.85 -2.70
CA SER D 195 -39.02 -8.90 -1.60
C SER D 195 -37.74 -9.09 -0.83
N PRO D 196 -37.27 -8.07 -0.12
CA PRO D 196 -36.14 -8.27 0.79
C PRO D 196 -36.45 -9.15 1.98
N ARG D 197 -37.73 -9.36 2.30
CA ARG D 197 -38.13 -10.20 3.42
C ARG D 197 -37.92 -11.69 3.14
N ASN D 198 -37.87 -12.08 1.87
CA ASN D 198 -37.83 -13.47 1.47
C ASN D 198 -36.47 -13.80 0.91
N LEU D 199 -35.97 -14.99 1.23
CA LEU D 199 -34.68 -15.42 0.73
C LEU D 199 -34.77 -16.09 -0.63
N ILE D 200 -35.97 -16.46 -1.07
CA ILE D 200 -36.15 -17.08 -2.37
C ILE D 200 -37.21 -16.30 -3.13
N TYR D 201 -37.07 -16.25 -4.45
CA TYR D 201 -38.13 -15.83 -5.35
C TYR D 201 -38.20 -16.86 -6.46
N PHE D 202 -39.12 -17.81 -6.32
CA PHE D 202 -39.23 -18.89 -7.27
C PHE D 202 -40.38 -18.72 -8.23
N GLY D 203 -41.23 -17.71 -8.07
CA GLY D 203 -42.34 -17.48 -8.97
C GLY D 203 -43.66 -17.85 -8.31
N GLU D 204 -44.58 -18.40 -9.13
CA GLU D 204 -45.87 -18.84 -8.62
C GLU D 204 -46.35 -20.19 -9.10
N HIS D 205 -45.80 -20.75 -10.16
CA HIS D 205 -46.32 -21.96 -10.78
C HIS D 205 -45.34 -23.09 -10.55
N PRO D 206 -45.79 -24.35 -10.68
CA PRO D 206 -44.84 -25.48 -10.48
C PRO D 206 -43.73 -25.54 -11.51
N LEU D 207 -43.94 -24.99 -12.71
CA LEU D 207 -42.88 -24.96 -13.70
C LEU D 207 -41.82 -23.95 -13.31
N SER D 208 -42.22 -22.89 -12.62
CA SER D 208 -41.26 -21.90 -12.17
C SER D 208 -40.47 -22.41 -10.97
N PHE D 209 -41.10 -23.23 -10.12
CA PHE D 209 -40.39 -23.75 -8.96
C PHE D 209 -39.38 -24.80 -9.38
N ALA D 210 -39.73 -25.60 -10.38
CA ALA D 210 -38.84 -26.68 -10.81
C ALA D 210 -37.66 -26.14 -11.60
N ALA D 211 -37.87 -25.05 -12.32
CA ALA D 211 -36.79 -24.48 -13.12
C ALA D 211 -35.76 -23.80 -12.24
N CYS D 212 -36.19 -23.20 -11.14
CA CYS D 212 -35.30 -22.45 -10.26
C CYS D 212 -34.50 -23.31 -9.31
N VAL D 213 -34.95 -24.54 -9.03
CA VAL D 213 -34.17 -25.47 -8.23
C VAL D 213 -33.26 -26.34 -9.09
N ASN D 214 -33.18 -26.05 -10.40
CA ASN D 214 -32.41 -26.81 -11.39
C ASN D 214 -32.80 -28.29 -11.38
N SER D 215 -34.06 -28.56 -11.67
CA SER D 215 -34.55 -29.92 -11.78
C SER D 215 -35.03 -30.11 -13.20
N GLU D 216 -34.14 -30.59 -14.07
CA GLU D 216 -34.47 -30.71 -15.49
C GLU D 216 -35.44 -31.84 -15.74
N GLU D 217 -35.49 -32.83 -14.83
CA GLU D 217 -36.36 -33.98 -15.03
C GLU D 217 -37.80 -33.63 -14.71
N ILE D 218 -38.02 -32.80 -13.71
CA ILE D 218 -39.39 -32.42 -13.34
C ILE D 218 -39.95 -31.42 -14.35
N VAL D 219 -39.07 -30.59 -14.93
CA VAL D 219 -39.49 -29.62 -15.93
C VAL D 219 -39.93 -30.33 -17.20
N ARG D 220 -39.18 -31.36 -17.60
CA ARG D 220 -39.62 -32.20 -18.71
C ARG D 220 -40.89 -32.99 -18.34
N LEU D 221 -41.07 -33.27 -17.05
CA LEU D 221 -42.18 -34.13 -16.65
C LEU D 221 -43.50 -33.38 -16.67
N LEU D 222 -43.53 -32.14 -16.18
CA LEU D 222 -44.81 -31.46 -16.06
C LEU D 222 -45.10 -30.49 -17.20
N ILE D 223 -44.18 -30.30 -18.15
CA ILE D 223 -44.57 -29.71 -19.42
C ILE D 223 -45.42 -30.71 -20.21
N GLU D 224 -45.07 -31.99 -20.12
CA GLU D 224 -45.83 -33.05 -20.77
C GLU D 224 -47.23 -33.17 -20.18
N HIS D 225 -47.38 -32.85 -18.91
CA HIS D 225 -48.69 -32.90 -18.27
C HIS D 225 -49.42 -31.58 -18.40
N GLY D 226 -48.86 -30.65 -19.17
CA GLY D 226 -49.62 -29.51 -19.63
C GLY D 226 -49.46 -28.21 -18.85
N ALA D 227 -48.24 -27.89 -18.45
CA ALA D 227 -47.94 -26.61 -17.82
C ALA D 227 -47.66 -25.59 -18.91
N ASP D 228 -48.44 -24.51 -18.92
CA ASP D 228 -48.21 -23.42 -19.86
C ASP D 228 -46.88 -22.75 -19.53
N ILE D 229 -46.02 -22.64 -20.54
CA ILE D 229 -44.65 -22.18 -20.35
C ILE D 229 -44.66 -20.66 -20.44
N ARG D 230 -45.79 -20.09 -20.84
CA ARG D 230 -45.95 -18.67 -21.08
C ARG D 230 -46.75 -18.01 -19.96
N ALA D 231 -46.69 -18.58 -18.76
CA ALA D 231 -47.48 -18.09 -17.63
C ALA D 231 -46.75 -16.95 -16.92
N GLN D 232 -47.53 -16.02 -16.37
CA GLN D 232 -47.00 -14.83 -15.74
C GLN D 232 -47.53 -14.72 -14.32
N ASP D 233 -46.64 -14.40 -13.38
CA ASP D 233 -47.06 -14.12 -12.01
C ASP D 233 -47.53 -12.67 -11.86
N SER D 234 -47.66 -12.22 -10.62
CA SER D 234 -48.21 -10.90 -10.31
C SER D 234 -47.32 -9.77 -10.81
N LEU D 235 -46.01 -9.98 -10.81
CA LEU D 235 -45.09 -8.97 -11.31
C LEU D 235 -45.03 -8.96 -12.81
N GLY D 236 -45.59 -9.99 -13.44
CA GLY D 236 -45.60 -10.12 -14.88
C GLY D 236 -44.49 -10.98 -15.42
N ASN D 237 -43.67 -11.54 -14.55
CA ASN D 237 -42.51 -12.29 -14.98
C ASN D 237 -42.91 -13.65 -15.54
N THR D 238 -42.39 -13.99 -16.70
CA THR D 238 -42.54 -15.34 -17.21
C THR D 238 -41.48 -16.22 -16.58
N VAL D 239 -41.34 -17.44 -17.10
CA VAL D 239 -40.37 -18.37 -16.50
C VAL D 239 -38.95 -17.98 -16.92
N LEU D 240 -38.82 -17.11 -17.93
CA LEU D 240 -37.49 -16.70 -18.37
C LEU D 240 -37.01 -15.47 -17.61
N HIS D 241 -37.93 -14.66 -17.11
CA HIS D 241 -37.53 -13.54 -16.26
C HIS D 241 -37.06 -14.03 -14.90
N ILE D 242 -37.68 -15.10 -14.40
CA ILE D 242 -37.37 -15.57 -13.06
C ILE D 242 -36.00 -16.24 -13.03
N LEU D 243 -35.62 -16.92 -14.12
CA LEU D 243 -34.31 -17.54 -14.22
C LEU D 243 -33.17 -16.53 -14.25
N ILE D 244 -33.43 -15.30 -14.66
CA ILE D 244 -32.40 -14.28 -14.65
C ILE D 244 -32.16 -13.78 -13.24
N LEU D 245 -33.17 -13.82 -12.40
CA LEU D 245 -33.12 -13.30 -11.04
C LEU D 245 -32.52 -14.28 -10.04
N GLN D 246 -32.08 -15.45 -10.49
CA GLN D 246 -31.63 -16.48 -9.56
C GLN D 246 -30.14 -16.32 -9.26
N PRO D 247 -29.69 -16.65 -8.05
CA PRO D 247 -28.30 -16.35 -7.70
C PRO D 247 -27.26 -17.27 -8.33
N ASN D 248 -27.64 -18.47 -8.75
CA ASN D 248 -26.70 -19.38 -9.40
C ASN D 248 -26.84 -19.16 -10.91
N LYS D 249 -25.96 -18.32 -11.45
CA LYS D 249 -26.13 -17.80 -12.79
C LYS D 249 -25.73 -18.81 -13.85
N THR D 250 -24.85 -19.75 -13.49
CA THR D 250 -24.36 -20.72 -14.47
C THR D 250 -25.43 -21.74 -14.80
N PHE D 251 -26.17 -22.21 -13.79
CA PHE D 251 -27.20 -23.22 -14.02
C PHE D 251 -28.44 -22.62 -14.67
N ALA D 252 -28.57 -21.30 -14.62
CA ALA D 252 -29.69 -20.65 -15.27
C ALA D 252 -29.47 -20.54 -16.77
N CYS D 253 -28.23 -20.67 -17.20
CA CYS D 253 -27.93 -20.61 -18.63
C CYS D 253 -28.30 -21.92 -19.32
N GLN D 254 -28.07 -23.04 -18.64
CA GLN D 254 -28.48 -24.33 -19.15
C GLN D 254 -29.99 -24.48 -19.12
N MET D 255 -30.62 -23.83 -18.15
CA MET D 255 -32.05 -23.97 -17.97
C MET D 255 -32.81 -23.06 -18.91
N TYR D 256 -32.20 -21.95 -19.30
CA TYR D 256 -32.83 -21.01 -20.23
C TYR D 256 -32.98 -21.63 -21.60
N ASN D 257 -31.99 -22.44 -22.00
CA ASN D 257 -32.01 -23.05 -23.31
C ASN D 257 -33.03 -24.18 -23.39
N LEU D 258 -33.25 -24.87 -22.27
CA LEU D 258 -34.17 -26.00 -22.26
C LEU D 258 -35.60 -25.54 -22.43
N LEU D 259 -35.92 -24.36 -21.90
CA LEU D 259 -37.27 -23.82 -22.03
C LEU D 259 -37.49 -23.13 -23.36
N LEU D 260 -36.45 -22.95 -24.16
CA LEU D 260 -36.65 -22.46 -25.52
C LEU D 260 -36.63 -23.60 -26.53
N SER D 261 -36.31 -24.81 -26.08
CA SER D 261 -36.47 -25.99 -26.93
C SER D 261 -37.94 -26.35 -27.01
N TYR D 262 -38.71 -25.86 -26.03
CA TYR D 262 -40.15 -25.83 -26.08
C TYR D 262 -40.56 -24.49 -26.69
N ASP D 263 -41.83 -24.09 -26.50
CA ASP D 263 -42.46 -22.94 -27.16
C ASP D 263 -42.46 -23.25 -28.66
N ARG D 264 -42.85 -24.47 -28.99
CA ARG D 264 -42.88 -25.00 -30.35
C ARG D 264 -44.32 -24.90 -30.83
N HIS D 265 -45.14 -24.19 -30.06
CA HIS D 265 -46.56 -24.03 -30.35
C HIS D 265 -46.80 -22.99 -31.43
N GLY D 266 -48.05 -22.54 -31.57
CA GLY D 266 -48.42 -21.63 -32.63
C GLY D 266 -47.87 -20.21 -32.51
N ASP D 267 -47.21 -19.92 -31.39
CA ASP D 267 -46.62 -18.62 -31.08
C ASP D 267 -47.67 -17.51 -31.16
N HIS D 268 -48.61 -17.56 -30.21
CA HIS D 268 -49.83 -16.75 -30.25
C HIS D 268 -49.59 -15.28 -29.94
N LEU D 269 -48.32 -14.88 -29.79
CA LEU D 269 -47.90 -13.52 -29.56
C LEU D 269 -46.47 -13.50 -30.07
N GLN D 270 -45.67 -12.51 -29.70
CA GLN D 270 -44.25 -12.56 -30.00
C GLN D 270 -43.59 -13.69 -29.20
N PRO D 271 -42.45 -14.21 -29.65
CA PRO D 271 -41.83 -15.37 -28.97
C PRO D 271 -41.41 -15.07 -27.55
N LEU D 272 -41.13 -16.15 -26.81
CA LEU D 272 -41.16 -16.13 -25.35
C LEU D 272 -40.06 -15.26 -24.76
N ASP D 273 -38.96 -15.08 -25.49
CA ASP D 273 -37.89 -14.21 -25.03
C ASP D 273 -38.13 -12.75 -25.40
N LEU D 274 -39.35 -12.41 -25.83
CA LEU D 274 -39.68 -11.05 -26.21
C LEU D 274 -40.89 -10.54 -25.46
N VAL D 275 -41.38 -11.31 -24.49
CA VAL D 275 -42.60 -10.97 -23.75
C VAL D 275 -42.20 -10.07 -22.58
N PRO D 276 -42.75 -8.87 -22.46
CA PRO D 276 -42.38 -8.02 -21.32
C PRO D 276 -43.19 -8.32 -20.08
N ASN D 277 -42.63 -7.99 -18.92
CA ASN D 277 -43.37 -8.00 -17.66
C ASN D 277 -44.09 -6.68 -17.48
N HIS D 278 -44.60 -6.38 -16.29
CA HIS D 278 -45.37 -5.17 -16.07
C HIS D 278 -44.52 -3.90 -16.03
N GLN D 279 -43.20 -4.01 -16.05
CA GLN D 279 -42.35 -2.85 -16.21
C GLN D 279 -41.84 -2.68 -17.64
N GLY D 280 -42.30 -3.52 -18.56
CA GLY D 280 -41.90 -3.42 -19.94
C GLY D 280 -40.55 -3.99 -20.29
N LEU D 281 -39.98 -4.83 -19.43
CA LEU D 281 -38.66 -5.39 -19.67
C LEU D 281 -38.82 -6.79 -20.25
N THR D 282 -38.18 -7.01 -21.39
CA THR D 282 -37.98 -8.32 -21.97
C THR D 282 -36.91 -9.02 -21.14
N PRO D 283 -36.67 -10.34 -21.30
CA PRO D 283 -35.55 -10.95 -20.57
C PRO D 283 -34.19 -10.39 -20.92
N PHE D 284 -34.00 -9.86 -22.12
CA PHE D 284 -32.70 -9.34 -22.49
C PHE D 284 -32.39 -8.03 -21.79
N LYS D 285 -33.41 -7.19 -21.59
CA LYS D 285 -33.18 -5.95 -20.87
C LYS D 285 -33.09 -6.18 -19.38
N LEU D 286 -33.77 -7.21 -18.87
CA LEU D 286 -33.75 -7.49 -17.44
C LEU D 286 -32.41 -8.08 -17.02
N ALA D 287 -31.72 -8.75 -17.93
CA ALA D 287 -30.39 -9.24 -17.63
C ALA D 287 -29.37 -8.11 -17.59
N GLY D 288 -29.69 -6.98 -18.19
CA GLY D 288 -28.82 -5.83 -18.13
C GLY D 288 -29.12 -4.92 -16.96
N VAL D 289 -30.40 -4.72 -16.66
CA VAL D 289 -30.80 -3.88 -15.54
C VAL D 289 -30.40 -4.50 -14.21
N GLU D 290 -30.55 -5.81 -14.07
CA GLU D 290 -30.20 -6.47 -12.82
C GLU D 290 -28.70 -6.66 -12.67
N GLY D 291 -27.96 -6.63 -13.77
CA GLY D 291 -26.52 -6.71 -13.68
C GLY D 291 -26.00 -8.10 -13.92
N ASN D 292 -26.85 -8.96 -14.49
CA ASN D 292 -26.52 -10.35 -14.74
C ASN D 292 -25.66 -10.40 -15.99
N THR D 293 -24.34 -10.43 -15.80
CA THR D 293 -23.43 -10.35 -16.95
C THR D 293 -23.25 -11.71 -17.61
N VAL D 294 -23.53 -12.79 -16.88
CA VAL D 294 -23.40 -14.12 -17.46
C VAL D 294 -24.57 -14.41 -18.38
N MET D 295 -25.78 -14.04 -17.96
CA MET D 295 -26.95 -14.19 -18.79
C MET D 295 -27.08 -13.08 -19.82
N PHE D 296 -26.24 -12.05 -19.76
CA PHE D 296 -26.23 -11.05 -20.82
C PHE D 296 -25.46 -11.55 -22.02
N GLN D 297 -24.27 -12.09 -21.78
CA GLN D 297 -23.44 -12.60 -22.87
C GLN D 297 -24.05 -13.84 -23.50
N HIS D 298 -24.82 -14.60 -22.73
CA HIS D 298 -25.46 -15.79 -23.28
C HIS D 298 -26.63 -15.40 -24.16
N LEU D 299 -27.36 -14.36 -23.79
CA LEU D 299 -28.49 -13.91 -24.59
C LEU D 299 -28.04 -13.04 -25.75
N MET D 300 -26.79 -12.59 -25.75
CA MET D 300 -26.30 -11.72 -26.80
C MET D 300 -25.91 -12.52 -28.03
N GLN D 301 -25.53 -13.78 -27.84
CA GLN D 301 -25.10 -14.64 -28.94
C GLN D 301 -26.22 -15.05 -29.89
N LYS D 302 -27.46 -14.75 -29.53
CA LYS D 302 -28.56 -14.89 -30.48
C LYS D 302 -28.61 -13.70 -31.43
N ARG D 303 -27.91 -12.63 -31.09
CA ARG D 303 -28.01 -11.38 -31.85
C ARG D 303 -26.82 -11.13 -32.76
N LYS D 304 -25.66 -11.66 -32.44
CA LYS D 304 -24.52 -11.49 -33.31
C LYS D 304 -24.62 -12.42 -34.51
N HIS D 305 -23.82 -12.12 -35.53
CA HIS D 305 -23.95 -12.78 -36.83
C HIS D 305 -22.61 -12.68 -37.53
N THR D 306 -21.89 -13.80 -37.64
CA THR D 306 -20.55 -13.77 -38.20
C THR D 306 -20.58 -13.72 -39.72
N GLN D 307 -19.96 -12.71 -40.30
CA GLN D 307 -19.90 -12.52 -41.73
C GLN D 307 -18.83 -13.35 -42.42
N TRP D 308 -17.56 -13.14 -42.09
CA TRP D 308 -16.48 -13.95 -42.65
C TRP D 308 -15.43 -14.19 -41.59
N THR D 309 -14.59 -15.18 -41.83
CA THR D 309 -13.46 -15.49 -40.97
C THR D 309 -12.23 -15.64 -41.86
N TYR D 310 -11.35 -14.64 -41.81
CA TYR D 310 -10.18 -14.57 -42.68
C TYR D 310 -8.95 -14.81 -41.82
N GLY D 311 -8.65 -16.08 -41.60
CA GLY D 311 -7.54 -16.46 -40.77
C GLY D 311 -7.82 -16.15 -39.32
N PRO D 312 -6.95 -15.35 -38.71
CA PRO D 312 -7.20 -14.88 -37.34
C PRO D 312 -8.03 -13.61 -37.31
N LEU D 313 -9.08 -13.52 -38.13
CA LEU D 313 -9.93 -12.35 -38.17
C LEU D 313 -11.37 -12.79 -38.24
N THR D 314 -12.25 -11.95 -37.73
CA THR D 314 -13.66 -12.26 -37.67
C THR D 314 -14.41 -10.95 -37.77
N SER D 315 -15.24 -10.80 -38.79
CA SER D 315 -16.16 -9.69 -38.87
C SER D 315 -17.51 -10.15 -38.35
N THR D 316 -17.86 -9.71 -37.15
CA THR D 316 -19.11 -10.07 -36.49
C THR D 316 -20.03 -8.87 -36.60
N LEU D 317 -21.32 -9.12 -36.75
CA LEU D 317 -22.29 -8.07 -36.99
C LEU D 317 -23.37 -8.12 -35.93
N TYR D 318 -23.38 -7.14 -35.03
CA TYR D 318 -24.27 -7.14 -33.87
C TYR D 318 -25.58 -6.46 -34.22
N ASP D 319 -26.57 -6.59 -33.34
CA ASP D 319 -27.94 -6.34 -33.74
C ASP D 319 -28.45 -4.97 -33.35
N LEU D 320 -28.19 -4.51 -32.11
CA LEU D 320 -28.50 -3.13 -31.65
C LEU D 320 -29.97 -2.75 -31.76
N THR D 321 -30.87 -3.71 -31.58
CA THR D 321 -32.29 -3.39 -31.62
C THR D 321 -32.82 -3.02 -30.26
N GLU D 322 -32.44 -3.75 -29.22
CA GLU D 322 -32.89 -3.42 -27.87
C GLU D 322 -31.83 -2.64 -27.11
N ILE D 323 -30.61 -2.56 -27.64
CA ILE D 323 -29.54 -1.88 -26.93
C ILE D 323 -29.59 -0.39 -27.18
N ASP D 324 -29.93 0.02 -28.40
CA ASP D 324 -29.93 1.42 -28.79
C ASP D 324 -31.35 1.93 -28.90
N SER D 325 -31.54 3.23 -28.68
CA SER D 325 -32.86 3.84 -28.60
C SER D 325 -33.59 3.90 -29.93
N SER D 326 -34.69 3.17 -30.06
CA SER D 326 -35.45 3.17 -31.30
C SER D 326 -36.24 4.46 -31.44
N GLY D 327 -37.18 4.70 -30.53
CA GLY D 327 -38.00 5.89 -30.55
C GLY D 327 -37.94 6.63 -29.22
N ASP D 328 -39.09 6.74 -28.56
CA ASP D 328 -39.15 7.36 -27.25
C ASP D 328 -39.19 6.33 -26.13
N GLU D 329 -39.13 5.04 -26.46
CA GLU D 329 -39.05 4.00 -25.44
C GLU D 329 -37.67 4.04 -24.78
N GLN D 330 -37.59 3.45 -23.59
CA GLN D 330 -36.35 3.43 -22.83
C GLN D 330 -35.51 2.24 -23.25
N SER D 331 -34.33 2.54 -23.81
CA SER D 331 -33.38 1.56 -24.27
C SER D 331 -32.53 1.06 -23.11
N LEU D 332 -31.59 0.18 -23.43
CA LEU D 332 -30.82 -0.48 -22.38
C LEU D 332 -29.79 0.47 -21.76
N LEU D 333 -29.33 1.47 -22.51
CA LEU D 333 -28.37 2.42 -21.93
C LEU D 333 -29.07 3.41 -21.03
N GLU D 334 -30.34 3.68 -21.28
CA GLU D 334 -31.07 4.62 -20.42
C GLU D 334 -31.51 3.95 -19.13
N LEU D 335 -31.50 2.61 -19.09
CA LEU D 335 -31.98 1.90 -17.92
C LEU D 335 -30.86 1.53 -16.98
N ILE D 336 -29.64 1.38 -17.50
CA ILE D 336 -28.51 1.09 -16.65
C ILE D 336 -28.07 2.32 -15.87
N ILE D 337 -28.22 3.50 -16.47
CA ILE D 337 -27.87 4.75 -15.82
C ILE D 337 -28.90 5.09 -14.75
N THR D 338 -30.16 4.76 -15.02
CA THR D 338 -31.27 5.12 -14.16
C THR D 338 -31.65 3.96 -13.24
N THR D 339 -30.67 3.23 -12.74
CA THR D 339 -30.94 2.16 -11.79
C THR D 339 -29.94 2.26 -10.65
N LYS D 340 -30.24 1.57 -9.55
CA LYS D 340 -29.46 1.75 -8.33
C LYS D 340 -28.49 0.60 -8.11
N LYS D 341 -28.56 -0.43 -8.95
CA LYS D 341 -27.61 -1.53 -8.87
C LYS D 341 -26.23 -1.08 -9.34
N ARG D 342 -25.22 -1.29 -8.50
CA ARG D 342 -23.85 -1.10 -8.92
C ARG D 342 -23.39 -2.20 -9.88
N GLU D 343 -24.05 -3.37 -9.84
CA GLU D 343 -23.73 -4.45 -10.75
C GLU D 343 -24.12 -4.16 -12.18
N ALA D 344 -25.10 -3.27 -12.39
CA ALA D 344 -25.62 -3.02 -13.73
C ALA D 344 -24.61 -2.28 -14.59
N ARG D 345 -23.70 -1.54 -13.97
CA ARG D 345 -22.66 -0.83 -14.71
C ARG D 345 -21.50 -1.74 -15.10
N GLN D 346 -21.63 -3.05 -14.96
CA GLN D 346 -20.70 -3.98 -15.57
C GLN D 346 -21.08 -4.31 -17.00
N ILE D 347 -22.33 -4.04 -17.39
CA ILE D 347 -22.81 -4.26 -18.75
C ILE D 347 -22.16 -3.30 -19.74
N LEU D 348 -21.66 -2.16 -19.27
CA LEU D 348 -21.02 -1.16 -20.11
C LEU D 348 -19.68 -1.62 -20.67
N ASP D 349 -19.15 -2.75 -20.23
CA ASP D 349 -17.87 -3.25 -20.69
C ASP D 349 -18.06 -4.47 -21.59
N GLN D 350 -19.24 -4.61 -22.18
CA GLN D 350 -19.56 -5.77 -23.00
C GLN D 350 -19.47 -5.40 -24.48
N THR D 351 -19.11 -6.39 -25.28
CA THR D 351 -18.67 -6.20 -26.67
C THR D 351 -19.64 -5.61 -27.69
N PRO D 352 -20.96 -5.55 -27.54
CA PRO D 352 -21.69 -4.60 -28.40
C PRO D 352 -21.83 -3.22 -27.77
N VAL D 353 -21.73 -3.13 -26.45
CA VAL D 353 -22.10 -1.92 -25.74
C VAL D 353 -20.88 -1.03 -25.54
N LYS D 354 -19.71 -1.64 -25.44
CA LYS D 354 -18.47 -0.88 -25.30
C LYS D 354 -18.12 -0.17 -26.59
N GLU D 355 -18.45 -0.77 -27.73
CA GLU D 355 -18.16 -0.16 -29.02
C GLU D 355 -19.25 0.80 -29.45
N LEU D 356 -20.41 0.76 -28.80
CA LEU D 356 -21.50 1.65 -29.18
C LEU D 356 -21.35 2.99 -28.48
N VAL D 357 -20.81 2.98 -27.26
CA VAL D 357 -20.61 4.22 -26.52
C VAL D 357 -19.45 5.01 -27.11
N SER D 358 -18.44 4.32 -27.60
CA SER D 358 -17.29 4.99 -28.22
C SER D 358 -17.65 5.61 -29.57
N LEU D 359 -18.63 5.04 -30.27
CA LEU D 359 -19.09 5.64 -31.51
C LEU D 359 -19.96 6.86 -31.26
N LYS D 360 -20.79 6.82 -30.21
CA LYS D 360 -21.63 7.96 -29.92
C LYS D 360 -20.82 9.13 -29.40
N TRP D 361 -19.72 8.84 -28.73
CA TRP D 361 -18.98 9.89 -28.06
C TRP D 361 -17.96 10.53 -29.00
N LYS D 362 -17.18 9.71 -29.70
CA LYS D 362 -16.15 10.23 -30.59
C LYS D 362 -16.72 10.96 -31.78
N ARG D 363 -17.92 10.61 -32.23
CA ARG D 363 -18.48 11.22 -33.42
C ARG D 363 -19.39 12.40 -33.09
N TYR D 364 -20.44 12.18 -32.32
CA TYR D 364 -21.46 13.21 -32.18
C TYR D 364 -21.60 13.70 -30.73
N GLY D 365 -20.86 13.12 -29.81
CA GLY D 365 -20.99 13.52 -28.43
C GLY D 365 -19.93 14.52 -28.01
N ARG D 366 -18.69 14.23 -28.31
CA ARG D 366 -17.60 15.12 -27.89
C ARG D 366 -17.54 16.44 -28.67
N PRO D 367 -17.92 16.52 -29.97
CA PRO D 367 -18.13 17.84 -30.55
C PRO D 367 -19.22 18.68 -29.90
N TYR D 368 -20.37 18.12 -29.57
CA TYR D 368 -21.47 18.92 -29.06
C TYR D 368 -21.38 19.14 -27.56
N PHE D 369 -20.39 18.54 -26.90
CA PHE D 369 -20.19 18.76 -25.48
C PHE D 369 -19.06 19.73 -25.24
N CYS D 370 -18.15 19.85 -26.19
CA CYS D 370 -17.14 20.88 -26.12
C CYS D 370 -17.60 22.15 -26.80
N MET D 371 -18.78 22.12 -27.42
CA MET D 371 -19.37 23.33 -27.96
C MET D 371 -20.26 23.99 -26.93
N LEU D 372 -21.01 23.21 -26.16
CA LEU D 372 -21.77 23.77 -25.05
C LEU D 372 -20.85 24.22 -23.93
N GLY D 373 -19.67 23.62 -23.85
CA GLY D 373 -18.76 23.97 -22.78
C GLY D 373 -18.00 25.24 -23.04
N ALA D 374 -17.99 25.68 -24.30
CA ALA D 374 -17.34 26.94 -24.64
C ALA D 374 -18.34 28.07 -24.74
N ILE D 375 -19.60 27.75 -24.98
CA ILE D 375 -20.66 28.74 -24.86
C ILE D 375 -20.92 29.04 -23.39
N TYR D 376 -20.63 28.08 -22.52
CA TYR D 376 -20.85 28.33 -21.10
C TYR D 376 -19.69 29.12 -20.49
N LEU D 377 -18.48 29.02 -21.03
CA LEU D 377 -17.41 29.89 -20.57
C LEU D 377 -17.63 31.33 -20.97
N LEU D 378 -18.18 31.57 -22.16
CA LEU D 378 -18.41 32.94 -22.58
C LEU D 378 -19.60 33.54 -21.86
N TYR D 379 -20.43 32.70 -21.26
CA TYR D 379 -21.55 33.20 -20.50
C TYR D 379 -21.14 33.58 -19.08
N ILE D 380 -20.16 32.88 -18.52
CA ILE D 380 -19.76 33.14 -17.15
C ILE D 380 -18.77 34.30 -17.09
N ILE D 381 -17.99 34.49 -18.14
CA ILE D 381 -17.13 35.67 -18.22
C ILE D 381 -17.98 36.93 -18.41
N CYS D 382 -19.07 36.81 -19.16
CA CYS D 382 -19.99 37.94 -19.33
C CYS D 382 -20.76 38.24 -18.05
N PHE D 383 -21.05 37.21 -17.27
CA PHE D 383 -21.72 37.44 -15.98
C PHE D 383 -20.75 37.99 -14.96
N THR D 384 -19.48 37.60 -15.06
CA THR D 384 -18.47 38.09 -14.11
C THR D 384 -18.21 39.57 -14.30
N MET D 385 -18.03 40.01 -15.55
CA MET D 385 -17.69 41.41 -15.79
C MET D 385 -18.85 42.35 -15.57
N CYS D 386 -20.07 41.84 -15.42
CA CYS D 386 -21.15 42.75 -15.03
C CYS D 386 -21.40 42.68 -13.54
N CYS D 387 -20.60 41.89 -12.82
CA CYS D 387 -20.55 41.97 -11.37
C CYS D 387 -19.34 42.78 -10.92
N ILE D 388 -18.27 42.80 -11.73
CA ILE D 388 -17.14 43.67 -11.45
C ILE D 388 -17.54 45.13 -11.60
N TYR D 389 -18.28 45.44 -12.66
CA TYR D 389 -18.61 46.82 -13.02
C TYR D 389 -19.97 47.25 -12.52
N ARG D 390 -20.45 46.68 -11.41
CA ARG D 390 -21.76 46.99 -10.87
C ARG D 390 -21.81 48.43 -10.34
N PRO D 391 -22.99 49.06 -10.30
CA PRO D 391 -23.06 50.48 -9.95
C PRO D 391 -22.85 50.73 -8.47
N LEU D 392 -21.85 51.54 -8.13
CA LEU D 392 -21.55 51.92 -6.76
C LEU D 392 -21.30 53.42 -6.68
N LYS D 393 -21.75 54.03 -5.58
CA LYS D 393 -21.62 55.46 -5.35
C LYS D 393 -21.04 55.66 -3.97
N PRO D 394 -20.45 56.83 -3.69
CA PRO D 394 -19.97 57.11 -2.33
C PRO D 394 -21.10 57.14 -1.32
N ARG D 395 -20.74 56.86 -0.07
CA ARG D 395 -21.68 56.71 1.01
C ARG D 395 -22.32 58.05 1.38
N THR D 396 -23.65 58.05 1.44
CA THR D 396 -24.43 59.24 1.77
C THR D 396 -24.39 59.57 3.26
N ASN D 397 -24.53 58.55 4.11
CA ASN D 397 -24.58 58.76 5.56
C ASN D 397 -23.17 58.97 6.11
N ASN D 398 -23.12 59.15 7.43
CA ASN D 398 -21.87 59.21 8.15
C ASN D 398 -21.68 57.94 8.96
N ARG D 399 -20.45 57.72 9.42
CA ARG D 399 -20.10 56.48 10.11
C ARG D 399 -20.77 56.39 11.47
N THR D 400 -21.41 55.26 11.72
CA THR D 400 -22.09 55.01 12.99
C THR D 400 -21.10 54.85 14.13
N SER D 401 -20.24 53.84 14.03
CA SER D 401 -19.30 53.46 15.08
C SER D 401 -17.90 53.51 14.48
N PRO D 402 -16.83 53.39 15.27
CA PRO D 402 -15.51 53.20 14.67
C PRO D 402 -15.31 51.85 14.00
N ARG D 403 -16.22 50.91 14.19
CA ARG D 403 -16.17 49.60 13.56
C ARG D 403 -16.87 49.58 12.22
N ASP D 404 -17.27 50.74 11.71
CA ASP D 404 -17.99 50.87 10.45
C ASP D 404 -16.98 51.10 9.35
N ASN D 405 -16.80 50.11 8.48
CA ASN D 405 -15.75 50.14 7.48
C ASN D 405 -16.25 50.47 6.09
N THR D 406 -17.56 50.40 5.87
CA THR D 406 -18.13 50.57 4.54
C THR D 406 -18.13 52.03 4.13
N LEU D 407 -17.57 52.33 2.96
CA LEU D 407 -17.53 53.70 2.48
C LEU D 407 -18.05 53.89 1.06
N LEU D 408 -18.54 52.85 0.40
CA LEU D 408 -19.29 52.98 -0.83
C LEU D 408 -20.68 52.37 -0.64
N GLN D 409 -21.52 52.55 -1.64
CA GLN D 409 -22.92 52.22 -1.53
C GLN D 409 -23.44 52.01 -2.95
N GLN D 410 -24.40 51.12 -3.11
CA GLN D 410 -24.89 50.83 -4.45
C GLN D 410 -25.93 51.86 -4.89
N LYS D 411 -25.94 52.15 -6.18
CA LYS D 411 -26.79 53.20 -6.73
C LYS D 411 -28.24 52.76 -6.80
N LEU D 412 -29.12 53.74 -6.90
CA LEU D 412 -30.53 53.50 -7.17
C LEU D 412 -30.68 53.20 -8.66
N LEU D 413 -31.86 52.69 -9.04
CA LEU D 413 -32.09 52.25 -10.41
C LEU D 413 -32.12 53.42 -11.39
N GLN D 414 -32.52 54.59 -10.91
CA GLN D 414 -32.62 55.78 -11.75
C GLN D 414 -31.24 56.28 -12.15
N GLU D 415 -30.32 56.33 -11.20
CA GLU D 415 -28.98 56.83 -11.43
C GLU D 415 -28.00 55.73 -11.85
N ALA D 416 -28.47 54.51 -12.05
CA ALA D 416 -27.55 53.43 -12.38
C ALA D 416 -27.11 53.47 -13.83
N TYR D 417 -28.01 53.82 -14.75
CA TYR D 417 -27.73 53.73 -16.18
C TYR D 417 -27.86 55.11 -16.80
N VAL D 418 -26.79 55.90 -16.70
CA VAL D 418 -26.80 57.27 -17.22
C VAL D 418 -25.53 57.62 -18.00
N THR D 419 -24.80 56.63 -18.48
CA THR D 419 -23.54 56.89 -19.16
C THR D 419 -23.34 55.82 -20.24
N PRO D 420 -22.47 56.06 -21.23
CA PRO D 420 -22.24 55.02 -22.25
C PRO D 420 -21.64 53.72 -21.74
N LYS D 421 -20.87 53.76 -20.65
CA LYS D 421 -20.33 52.53 -20.10
C LYS D 421 -21.39 51.75 -19.32
N ASP D 422 -22.51 52.40 -18.99
CA ASP D 422 -23.61 51.70 -18.36
C ASP D 422 -24.52 51.07 -19.40
N ASP D 423 -24.42 51.52 -20.65
CA ASP D 423 -25.20 50.89 -21.72
C ASP D 423 -24.51 49.64 -22.24
N ILE D 424 -23.18 49.61 -22.16
CA ILE D 424 -22.45 48.39 -22.49
C ILE D 424 -22.72 47.34 -21.42
N ARG D 425 -22.84 47.75 -20.16
CA ARG D 425 -23.11 46.79 -19.11
C ARG D 425 -24.55 46.29 -19.18
N LEU D 426 -25.47 47.15 -19.62
CA LEU D 426 -26.88 46.76 -19.74
C LEU D 426 -27.07 45.67 -20.78
N VAL D 427 -26.24 45.69 -21.83
CA VAL D 427 -26.24 44.61 -22.80
C VAL D 427 -25.71 43.33 -22.17
N GLY D 428 -24.63 43.45 -21.40
CA GLY D 428 -24.07 42.29 -20.75
C GLY D 428 -24.90 41.78 -19.60
N GLU D 429 -25.83 42.61 -19.12
CA GLU D 429 -26.73 42.17 -18.06
C GLU D 429 -28.01 41.57 -18.63
N LEU D 430 -28.39 41.94 -19.85
CA LEU D 430 -29.53 41.30 -20.47
C LEU D 430 -29.16 39.90 -20.95
N VAL D 431 -27.90 39.68 -21.30
CA VAL D 431 -27.47 38.35 -21.75
C VAL D 431 -27.48 37.37 -20.58
N THR D 432 -27.08 37.84 -19.41
CA THR D 432 -27.03 36.92 -18.26
C THR D 432 -28.41 36.71 -17.66
N VAL D 433 -29.39 37.52 -18.04
CA VAL D 433 -30.77 37.26 -17.60
C VAL D 433 -31.45 36.30 -18.56
N ILE D 434 -31.25 36.48 -19.86
CA ILE D 434 -31.81 35.58 -20.87
C ILE D 434 -31.23 34.18 -20.71
N GLY D 435 -29.93 34.09 -20.46
CA GLY D 435 -29.31 32.79 -20.30
C GLY D 435 -29.70 32.09 -19.02
N ALA D 436 -30.24 32.83 -18.05
CA ALA D 436 -30.71 32.21 -16.82
C ALA D 436 -32.19 31.85 -16.92
N ILE D 437 -32.87 32.34 -17.95
CA ILE D 437 -34.23 31.90 -18.22
C ILE D 437 -34.21 30.62 -19.06
N ILE D 438 -33.29 30.55 -20.02
CA ILE D 438 -33.13 29.38 -20.88
C ILE D 438 -32.71 28.16 -20.07
N ILE D 439 -31.93 28.35 -19.00
CA ILE D 439 -31.67 27.26 -18.05
C ILE D 439 -32.93 26.80 -17.35
N LEU D 440 -33.84 27.70 -17.00
CA LEU D 440 -35.11 27.32 -16.41
C LEU D 440 -36.20 27.01 -17.43
N LEU D 441 -35.84 26.71 -18.67
CA LEU D 441 -36.78 26.16 -19.63
C LEU D 441 -36.29 24.84 -20.21
N VAL D 442 -35.00 24.56 -20.09
CA VAL D 442 -34.42 23.30 -20.54
C VAL D 442 -34.43 22.33 -19.38
N GLU D 443 -34.14 22.83 -18.19
CA GLU D 443 -33.83 21.93 -17.08
C GLU D 443 -35.01 21.74 -16.11
N VAL D 444 -35.65 22.82 -15.69
CA VAL D 444 -36.69 22.71 -14.66
C VAL D 444 -38.04 22.13 -15.13
N PRO D 445 -38.54 22.25 -16.43
CA PRO D 445 -39.83 21.59 -16.71
C PRO D 445 -39.76 20.08 -16.75
N ASP D 446 -38.55 19.52 -16.78
CA ASP D 446 -38.38 18.09 -16.68
C ASP D 446 -38.69 17.59 -15.27
N GLY D 463 -27.79 14.53 -11.73
CA GLY D 463 -27.27 14.35 -10.39
C GLY D 463 -27.07 15.65 -9.65
N PRO D 464 -25.87 15.86 -9.12
CA PRO D 464 -25.61 17.09 -8.37
C PRO D 464 -25.48 18.33 -9.23
N PHE D 465 -25.03 18.21 -10.48
CA PHE D 465 -24.94 19.40 -11.32
C PHE D 465 -26.28 19.77 -11.94
N HIS D 466 -27.32 18.97 -11.71
CA HIS D 466 -28.68 19.43 -11.98
C HIS D 466 -29.03 20.57 -11.04
N VAL D 467 -28.70 20.41 -9.76
CA VAL D 467 -29.17 21.32 -8.72
C VAL D 467 -28.35 22.61 -8.75
N LEU D 468 -27.07 22.51 -9.10
CA LEU D 468 -26.21 23.69 -9.08
C LEU D 468 -26.45 24.60 -10.26
N ILE D 469 -26.95 24.08 -11.37
CA ILE D 469 -27.23 24.96 -12.51
C ILE D 469 -28.61 25.58 -12.36
N ILE D 470 -29.48 24.95 -11.58
CA ILE D 470 -30.77 25.54 -11.27
C ILE D 470 -30.62 26.59 -10.18
N THR D 471 -29.75 26.32 -9.20
CA THR D 471 -29.55 27.25 -8.10
C THR D 471 -28.86 28.52 -8.57
N TYR D 472 -27.90 28.38 -9.48
CA TYR D 472 -27.32 29.51 -10.18
C TYR D 472 -28.38 30.34 -10.91
N ALA D 473 -29.34 29.66 -11.52
CA ALA D 473 -30.33 30.35 -12.34
C ALA D 473 -31.33 31.12 -11.49
N PHE D 474 -31.57 30.66 -10.27
CA PHE D 474 -32.41 31.44 -9.36
C PHE D 474 -31.68 32.67 -8.85
N MET D 475 -30.39 32.54 -8.52
CA MET D 475 -29.64 33.63 -7.92
C MET D 475 -29.43 34.77 -8.89
N VAL D 476 -29.45 34.49 -10.19
CA VAL D 476 -29.40 35.56 -11.18
C VAL D 476 -30.75 36.25 -11.26
N LEU D 477 -31.83 35.52 -11.04
CA LEU D 477 -33.15 36.13 -11.08
C LEU D 477 -33.55 36.71 -9.72
N VAL D 478 -32.93 36.28 -8.63
CA VAL D 478 -33.12 36.97 -7.36
C VAL D 478 -32.45 38.34 -7.39
N THR D 479 -31.27 38.43 -7.99
CA THR D 479 -30.59 39.71 -8.07
C THR D 479 -31.05 40.51 -9.27
N MET D 480 -31.90 39.94 -10.13
CA MET D 480 -32.60 40.75 -11.12
C MET D 480 -33.70 41.54 -10.47
N VAL D 481 -34.45 40.91 -9.57
CA VAL D 481 -35.53 41.57 -8.85
C VAL D 481 -34.99 42.69 -7.97
N MET D 482 -33.88 42.43 -7.27
CA MET D 482 -33.30 43.43 -6.37
C MET D 482 -32.74 44.62 -7.13
N ARG D 483 -32.45 44.48 -8.42
CA ARG D 483 -32.06 45.64 -9.19
C ARG D 483 -33.28 46.46 -9.60
N LEU D 484 -34.41 45.80 -9.84
CA LEU D 484 -35.63 46.47 -10.25
C LEU D 484 -36.31 47.16 -9.08
N ILE D 485 -36.78 46.40 -8.09
CA ILE D 485 -37.13 47.02 -6.81
C ILE D 485 -35.82 47.23 -6.07
N SER D 486 -35.43 48.50 -5.88
CA SER D 486 -34.11 48.82 -5.38
C SER D 486 -33.95 48.39 -3.93
N ALA D 487 -33.19 47.31 -3.72
CA ALA D 487 -33.06 46.69 -2.41
C ALA D 487 -31.60 46.56 -2.07
N SER D 488 -31.25 46.90 -0.83
CA SER D 488 -29.88 46.78 -0.36
C SER D 488 -29.53 45.31 -0.18
N GLY D 489 -28.30 44.97 -0.54
CA GLY D 489 -27.84 43.62 -0.35
C GLY D 489 -27.85 42.78 -1.60
N GLU D 490 -27.38 43.32 -2.71
CA GLU D 490 -27.25 42.49 -3.90
C GLU D 490 -25.99 41.66 -3.87
N VAL D 491 -25.11 41.90 -2.90
CA VAL D 491 -23.84 41.18 -2.86
C VAL D 491 -24.06 39.74 -2.41
N VAL D 492 -25.12 39.50 -1.64
CA VAL D 492 -25.38 38.13 -1.19
C VAL D 492 -26.00 37.24 -2.27
N PRO D 493 -26.93 37.66 -3.16
CA PRO D 493 -27.23 36.78 -4.31
C PRO D 493 -26.12 36.70 -5.33
N MET D 494 -25.32 37.76 -5.50
CA MET D 494 -24.24 37.71 -6.48
C MET D 494 -23.12 36.78 -6.03
N SER D 495 -22.78 36.77 -4.74
CA SER D 495 -21.67 35.96 -4.27
C SER D 495 -21.99 34.48 -4.35
N PHE D 496 -23.25 34.11 -4.18
CA PHE D 496 -23.64 32.74 -4.47
C PHE D 496 -23.61 32.46 -5.95
N ALA D 497 -23.89 33.46 -6.77
CA ALA D 497 -24.00 33.21 -8.19
C ALA D 497 -22.64 33.17 -8.86
N LEU D 498 -21.64 33.81 -8.24
CA LEU D 498 -20.29 33.76 -8.79
C LEU D 498 -19.63 32.42 -8.54
N VAL D 499 -19.80 31.86 -7.35
CA VAL D 499 -19.06 30.64 -7.05
C VAL D 499 -19.83 29.41 -7.49
N LEU D 500 -21.12 29.56 -7.77
CA LEU D 500 -21.87 28.45 -8.35
C LEU D 500 -21.79 28.51 -9.86
N GLY D 501 -21.73 29.70 -10.43
CA GLY D 501 -21.58 29.81 -11.86
C GLY D 501 -20.21 29.37 -12.34
N TRP D 502 -19.18 29.64 -11.56
CA TRP D 502 -17.85 29.20 -11.97
C TRP D 502 -17.59 27.75 -11.66
N CYS D 503 -18.12 27.21 -10.57
CA CYS D 503 -17.88 25.80 -10.27
C CYS D 503 -18.79 24.85 -11.03
N ASN D 504 -19.61 25.34 -11.96
CA ASN D 504 -20.27 24.44 -12.89
C ASN D 504 -19.44 24.26 -14.14
N VAL D 505 -18.28 24.87 -14.21
CA VAL D 505 -17.36 24.60 -15.30
C VAL D 505 -16.71 23.24 -15.08
N MET D 506 -16.72 22.76 -13.84
CA MET D 506 -16.32 21.40 -13.51
C MET D 506 -17.24 20.33 -14.09
N TYR D 507 -18.44 20.70 -14.51
CA TYR D 507 -19.28 19.76 -15.24
C TYR D 507 -18.65 19.39 -16.55
N PHE D 508 -18.03 20.35 -17.22
CA PHE D 508 -17.44 20.07 -18.52
C PHE D 508 -16.01 19.60 -18.35
N ALA D 509 -15.78 18.71 -17.42
CA ALA D 509 -14.50 18.06 -17.24
C ALA D 509 -14.61 16.59 -17.48
N ARG D 510 -15.80 16.09 -17.75
CA ARG D 510 -16.02 14.71 -18.11
C ARG D 510 -15.91 14.54 -19.62
N GLY D 511 -15.52 15.59 -20.32
CA GLY D 511 -15.28 15.44 -21.74
C GLY D 511 -13.84 15.06 -21.96
N PHE D 512 -13.06 15.10 -20.90
CA PHE D 512 -11.63 14.84 -20.95
C PHE D 512 -11.36 13.65 -20.03
N GLN D 513 -10.70 12.63 -20.57
CA GLN D 513 -10.54 11.38 -19.84
C GLN D 513 -9.63 11.52 -18.64
N MET D 514 -8.68 12.44 -18.69
CA MET D 514 -7.77 12.63 -17.59
C MET D 514 -8.26 13.61 -16.56
N LEU D 515 -9.37 14.30 -16.81
CA LEU D 515 -9.97 15.21 -15.86
C LEU D 515 -11.33 14.74 -15.37
N GLY D 516 -11.86 13.67 -15.94
CA GLY D 516 -13.20 13.20 -15.68
C GLY D 516 -13.46 12.77 -14.25
N PRO D 517 -12.78 11.73 -13.78
CA PRO D 517 -13.02 11.28 -12.41
C PRO D 517 -12.38 12.12 -11.33
N PHE D 518 -11.88 13.31 -11.63
CA PHE D 518 -11.48 14.22 -10.56
C PHE D 518 -12.70 14.76 -9.84
N THR D 519 -13.81 14.91 -10.56
CA THR D 519 -15.02 15.41 -9.91
C THR D 519 -15.77 14.29 -9.21
N ILE D 520 -15.38 13.05 -9.45
CA ILE D 520 -15.92 11.94 -8.66
C ILE D 520 -15.17 11.84 -7.34
N MET D 521 -13.90 12.24 -7.32
CA MET D 521 -13.17 12.30 -6.07
C MET D 521 -13.64 13.47 -5.20
N ILE D 522 -13.98 14.59 -5.81
CA ILE D 522 -14.48 15.73 -5.04
C ILE D 522 -15.87 15.42 -4.48
N GLN D 523 -16.64 14.62 -5.21
CA GLN D 523 -17.96 14.23 -4.72
C GLN D 523 -17.87 13.25 -3.57
N LYS D 524 -16.99 12.24 -3.68
CA LYS D 524 -16.94 11.21 -2.68
C LYS D 524 -16.16 11.65 -1.45
N MET D 525 -15.43 12.75 -1.55
CA MET D 525 -14.80 13.31 -0.36
C MET D 525 -15.74 14.22 0.40
N ILE D 526 -16.63 14.91 -0.30
CA ILE D 526 -17.57 15.77 0.41
C ILE D 526 -18.69 14.96 1.04
N PHE D 527 -19.38 14.13 0.27
CA PHE D 527 -20.56 13.45 0.74
C PHE D 527 -20.25 12.08 1.32
N GLY D 528 -18.99 11.77 1.54
CA GLY D 528 -18.67 10.54 2.22
C GLY D 528 -17.55 10.60 3.24
N ASP D 529 -16.84 11.72 3.29
CA ASP D 529 -15.78 11.87 4.28
C ASP D 529 -16.00 13.11 5.12
N LEU D 530 -16.30 14.23 4.48
CA LEU D 530 -16.56 15.44 5.23
C LEU D 530 -17.91 15.42 5.89
N MET D 531 -18.94 14.91 5.22
CA MET D 531 -20.26 14.88 5.83
C MET D 531 -20.43 13.65 6.71
N ARG D 532 -19.34 13.13 7.25
CA ARG D 532 -19.35 11.91 8.04
C ARG D 532 -18.35 12.10 9.18
N PHE D 533 -17.58 13.19 9.12
CA PHE D 533 -16.57 13.48 10.12
C PHE D 533 -16.68 14.94 10.57
N CYS D 534 -17.56 15.72 9.93
CA CYS D 534 -17.80 17.08 10.41
C CYS D 534 -18.58 17.07 11.71
N TRP D 535 -19.24 15.96 12.03
CA TRP D 535 -19.99 15.89 13.27
C TRP D 535 -19.06 15.70 14.45
N LEU D 536 -17.83 15.23 14.20
CA LEU D 536 -16.85 15.10 15.27
C LEU D 536 -16.01 16.36 15.40
N MET D 537 -15.91 17.15 14.32
CA MET D 537 -15.20 18.41 14.42
C MET D 537 -16.06 19.49 15.04
N ALA D 538 -17.37 19.45 14.82
CA ALA D 538 -18.23 20.49 15.34
C ALA D 538 -18.39 20.37 16.84
N VAL D 539 -18.11 19.19 17.37
CA VAL D 539 -18.03 18.91 18.80
C VAL D 539 -16.75 19.51 19.40
N VAL D 540 -15.65 19.40 18.67
CA VAL D 540 -14.37 19.90 19.17
C VAL D 540 -14.30 21.42 19.02
N ILE D 541 -14.91 21.94 17.96
CA ILE D 541 -14.91 23.39 17.76
C ILE D 541 -15.82 24.08 18.76
N LEU D 542 -17.00 23.51 19.02
CA LEU D 542 -17.90 24.10 20.02
C LEU D 542 -17.36 23.97 21.43
N GLY D 543 -16.52 22.98 21.68
CA GLY D 543 -15.97 22.81 23.00
C GLY D 543 -14.89 23.83 23.30
N PHE D 544 -14.02 24.06 22.33
CA PHE D 544 -12.90 24.96 22.56
C PHE D 544 -13.23 26.40 22.29
N ALA D 545 -14.18 26.68 21.40
CA ALA D 545 -14.55 28.07 21.16
C ALA D 545 -15.31 28.63 22.33
N SER D 546 -15.99 27.78 23.08
CA SER D 546 -16.66 28.23 24.29
C SER D 546 -15.67 28.39 25.43
N ALA D 547 -14.63 27.57 25.44
CA ALA D 547 -13.58 27.72 26.44
C ALA D 547 -12.76 28.96 26.15
N PHE D 548 -12.38 29.17 24.88
CA PHE D 548 -11.60 30.34 24.48
C PHE D 548 -12.38 31.63 24.67
N TYR D 549 -13.70 31.59 24.58
CA TYR D 549 -14.49 32.81 24.73
C TYR D 549 -14.54 33.25 26.17
N ILE D 550 -14.66 32.32 27.12
CA ILE D 550 -14.79 32.75 28.50
C ILE D 550 -13.44 32.97 29.16
N ILE D 551 -12.35 32.49 28.56
CA ILE D 551 -11.02 32.84 29.04
C ILE D 551 -10.73 34.30 28.76
N PHE D 552 -11.11 34.79 27.59
CA PHE D 552 -10.84 36.15 27.18
C PHE D 552 -12.01 37.08 27.42
N GLN D 553 -12.95 36.68 28.25
CA GLN D 553 -14.16 37.45 28.43
C GLN D 553 -13.96 38.62 29.39
N THR D 554 -12.89 38.58 30.17
CA THR D 554 -12.52 39.64 31.09
C THR D 554 -11.41 40.52 30.55
N GLU D 555 -10.94 40.29 29.33
CA GLU D 555 -9.73 40.87 28.79
C GLU D 555 -10.10 41.96 27.80
N ASP D 556 -9.11 42.75 27.40
CA ASP D 556 -9.35 43.86 26.49
C ASP D 556 -9.19 43.36 25.04
N PRO D 557 -10.20 43.52 24.19
CA PRO D 557 -10.10 43.01 22.82
C PRO D 557 -9.22 43.83 21.89
N GLU D 558 -8.67 44.96 22.31
CA GLU D 558 -7.83 45.74 21.43
C GLU D 558 -6.42 45.21 21.30
N GLU D 559 -6.09 44.14 22.03
CA GLU D 559 -4.80 43.48 21.89
C GLU D 559 -4.94 42.13 21.20
N LEU D 560 -5.85 41.30 21.70
CA LEU D 560 -6.13 39.98 21.15
C LEU D 560 -7.64 39.89 20.97
N GLY D 561 -8.13 40.31 19.81
CA GLY D 561 -9.55 40.40 19.61
C GLY D 561 -10.13 39.26 18.82
N HIS D 562 -9.49 38.11 18.88
CA HIS D 562 -9.95 36.92 18.16
C HIS D 562 -11.27 36.39 18.67
N PHE D 563 -11.62 36.64 19.93
CA PHE D 563 -12.74 36.01 20.58
C PHE D 563 -13.58 37.06 21.30
N TYR D 564 -13.91 38.15 20.62
CA TYR D 564 -14.56 39.27 21.28
C TYR D 564 -16.06 39.09 21.45
N ASP D 565 -16.74 38.41 20.54
CA ASP D 565 -18.08 37.91 20.83
C ASP D 565 -18.16 36.47 20.38
N TYR D 566 -19.30 35.85 20.61
CA TYR D 566 -19.36 34.40 20.49
C TYR D 566 -19.40 33.88 19.05
N PRO D 567 -20.08 34.49 18.08
CA PRO D 567 -19.90 34.02 16.69
C PRO D 567 -18.50 34.23 16.11
N MET D 568 -17.72 35.16 16.63
CA MET D 568 -16.36 35.32 16.13
C MET D 568 -15.41 34.33 16.81
N ALA D 569 -15.76 33.87 18.00
CA ALA D 569 -14.95 32.84 18.64
C ALA D 569 -15.14 31.51 17.95
N LEU D 570 -16.30 31.29 17.34
CA LEU D 570 -16.55 30.08 16.57
C LEU D 570 -15.85 30.11 15.24
N PHE D 571 -15.78 31.28 14.62
CA PHE D 571 -15.14 31.39 13.32
C PHE D 571 -13.62 31.37 13.49
N SER D 572 -13.13 31.92 14.60
CA SER D 572 -11.68 31.90 14.84
C SER D 572 -11.20 30.53 15.22
N THR D 573 -12.04 29.73 15.87
CA THR D 573 -11.61 28.40 16.28
C THR D 573 -11.70 27.42 15.11
N PHE D 574 -12.61 27.66 14.18
CA PHE D 574 -12.64 26.89 12.95
C PHE D 574 -11.42 27.16 12.09
N GLU D 575 -10.88 28.38 12.17
CA GLU D 575 -9.72 28.75 11.38
C GLU D 575 -8.42 28.30 12.02
N LEU D 576 -8.36 28.25 13.36
CA LEU D 576 -7.21 27.68 14.02
C LEU D 576 -7.17 26.18 13.88
N PHE D 577 -8.34 25.55 13.72
CA PHE D 577 -8.42 24.12 13.45
C PHE D 577 -7.72 23.79 12.15
N LEU D 578 -8.06 24.51 11.08
CA LEU D 578 -7.57 24.22 9.75
C LEU D 578 -6.18 24.80 9.51
N THR D 579 -5.66 25.53 10.48
CA THR D 579 -4.36 26.19 10.50
C THR D 579 -4.28 27.12 9.30
N ILE D 580 -5.20 28.07 9.22
CA ILE D 580 -5.21 29.06 8.15
C ILE D 580 -5.08 30.47 8.69
N ILE D 581 -5.15 30.65 10.00
CA ILE D 581 -4.71 31.87 10.65
C ILE D 581 -3.75 31.47 11.76
N ASP D 582 -2.86 32.39 12.12
CA ASP D 582 -1.88 32.11 13.15
C ASP D 582 -2.52 32.13 14.52
N GLY D 583 -1.92 31.39 15.44
CA GLY D 583 -2.36 31.34 16.81
C GLY D 583 -2.28 32.71 17.45
N PRO D 584 -3.23 33.03 18.30
CA PRO D 584 -3.25 34.35 18.92
C PRO D 584 -2.14 34.53 19.93
N ALA D 585 -1.41 35.62 19.80
CA ALA D 585 -0.37 35.97 20.77
C ALA D 585 -0.15 37.46 20.76
N ASN D 586 0.25 38.05 21.88
CA ASN D 586 0.54 39.47 21.90
C ASN D 586 1.99 39.76 22.28
N TYR D 587 2.46 39.13 23.35
CA TYR D 587 3.80 39.18 23.96
C TYR D 587 4.10 40.53 24.61
N ASN D 588 3.16 41.48 24.59
CA ASN D 588 3.33 42.75 25.30
C ASN D 588 2.41 42.85 26.50
N VAL D 589 1.49 41.91 26.66
CA VAL D 589 0.59 41.87 27.80
C VAL D 589 0.67 40.48 28.40
N ASP D 590 0.11 40.32 29.59
CA ASP D 590 -0.02 38.99 30.17
C ASP D 590 -1.33 38.37 29.74
N LEU D 591 -1.26 37.33 28.93
CA LEU D 591 -2.43 36.56 28.54
C LEU D 591 -2.93 35.79 29.75
N PRO D 592 -4.20 35.34 29.75
CA PRO D 592 -4.69 34.57 30.88
C PRO D 592 -3.97 33.23 31.04
N PHE D 593 -3.99 32.72 32.25
CA PHE D 593 -3.25 31.50 32.56
C PHE D 593 -3.84 30.29 31.87
N MET D 594 -5.17 30.26 31.69
CA MET D 594 -5.78 29.11 31.06
C MET D 594 -5.62 29.12 29.56
N TYR D 595 -5.12 30.20 28.99
CA TYR D 595 -4.99 30.27 27.54
C TYR D 595 -3.89 29.36 27.04
N SER D 596 -2.75 29.35 27.71
CA SER D 596 -1.61 28.55 27.28
C SER D 596 -1.89 27.07 27.43
N ILE D 597 -2.72 26.71 28.40
CA ILE D 597 -3.02 25.30 28.63
C ILE D 597 -4.09 24.83 27.67
N THR D 598 -5.10 25.66 27.42
CA THR D 598 -6.20 25.28 26.53
C THR D 598 -5.73 25.25 25.08
N TYR D 599 -4.91 26.22 24.69
CA TYR D 599 -4.48 26.29 23.30
C TYR D 599 -3.46 25.21 22.98
N ALA D 600 -2.70 24.77 23.99
CA ALA D 600 -1.77 23.67 23.76
C ALA D 600 -2.50 22.35 23.63
N ALA D 601 -3.60 22.20 24.36
CA ALA D 601 -4.42 21.01 24.21
C ALA D 601 -5.20 21.04 22.92
N PHE D 602 -5.62 22.24 22.50
CA PHE D 602 -6.33 22.42 21.24
C PHE D 602 -5.42 22.07 20.08
N ALA D 603 -4.19 22.59 20.08
CA ALA D 603 -3.30 22.44 18.94
C ALA D 603 -2.80 21.01 18.79
N ILE D 604 -3.04 20.16 19.79
CA ILE D 604 -2.71 18.76 19.68
C ILE D 604 -3.88 17.94 19.15
N ILE D 605 -5.06 18.09 19.75
CA ILE D 605 -6.18 17.26 19.31
C ILE D 605 -6.79 17.81 18.02
N ALA D 606 -6.69 19.11 17.77
CA ALA D 606 -7.32 19.64 16.57
C ALA D 606 -6.35 19.67 15.39
N THR D 607 -5.23 20.37 15.54
CA THR D 607 -4.37 20.58 14.39
C THR D 607 -3.55 19.34 14.05
N LEU D 608 -2.98 18.64 15.03
CA LEU D 608 -2.24 17.42 14.75
C LEU D 608 -3.19 16.29 14.38
N LEU D 609 -4.07 15.91 15.28
CA LEU D 609 -4.63 14.58 15.22
C LEU D 609 -5.87 14.52 14.35
N MET D 610 -6.85 15.35 14.65
CA MET D 610 -8.12 15.30 13.93
C MET D 610 -8.08 16.00 12.59
N LEU D 611 -7.06 16.78 12.29
CA LEU D 611 -6.89 17.30 10.95
C LEU D 611 -6.18 16.32 10.05
N ASN D 612 -5.39 15.41 10.61
CA ASN D 612 -4.69 14.44 9.80
C ASN D 612 -5.42 13.10 9.74
N LEU D 613 -6.40 12.88 10.60
CA LEU D 613 -7.41 11.86 10.32
C LEU D 613 -8.11 12.14 9.02
N LEU D 614 -8.60 13.37 8.85
CA LEU D 614 -9.42 13.69 7.69
C LEU D 614 -8.60 13.64 6.41
N ILE D 615 -7.33 14.03 6.48
CA ILE D 615 -6.47 13.96 5.32
C ILE D 615 -6.12 12.51 4.99
N ALA D 616 -6.11 11.64 6.00
CA ALA D 616 -5.87 10.23 5.73
C ALA D 616 -7.13 9.51 5.27
N MET D 617 -8.30 9.98 5.71
CA MET D 617 -9.55 9.42 5.20
C MET D 617 -9.76 9.77 3.74
N MET D 618 -9.47 11.03 3.38
CA MET D 618 -9.61 11.45 1.99
C MET D 618 -8.50 10.89 1.12
N GLY D 619 -7.44 10.35 1.72
CA GLY D 619 -6.40 9.74 0.93
C GLY D 619 -6.77 8.34 0.46
N ASP D 620 -7.70 7.70 1.18
CA ASP D 620 -8.17 6.39 0.74
C ASP D 620 -9.34 6.51 -0.22
N THR D 621 -10.08 7.62 -0.14
CA THR D 621 -11.12 7.90 -1.12
C THR D 621 -10.52 8.21 -2.48
N HIS D 622 -9.38 8.90 -2.50
CA HIS D 622 -8.64 9.12 -3.73
C HIS D 622 -8.15 7.82 -4.32
N TRP D 623 -7.67 6.91 -3.47
CA TRP D 623 -7.06 5.68 -3.95
C TRP D 623 -8.10 4.74 -4.55
N ARG D 624 -9.32 4.75 -4.00
CA ARG D 624 -10.36 3.86 -4.49
C ARG D 624 -10.89 4.31 -5.83
N VAL D 625 -11.14 5.61 -5.99
CA VAL D 625 -11.67 6.15 -7.24
C VAL D 625 -10.65 6.12 -8.35
N ALA D 626 -9.39 6.43 -8.07
CA ALA D 626 -8.35 6.37 -9.09
C ALA D 626 -8.00 4.96 -9.51
N HIS D 627 -8.40 3.95 -8.73
CA HIS D 627 -8.19 2.57 -9.14
C HIS D 627 -9.18 2.16 -10.20
N GLU D 628 -10.45 2.47 -10.00
CA GLU D 628 -11.51 2.22 -10.97
C GLU D 628 -11.73 3.47 -11.82
N ARG D 629 -10.64 3.97 -12.38
CA ARG D 629 -10.63 5.27 -13.03
C ARG D 629 -11.31 5.29 -14.38
N ASP D 630 -11.07 4.29 -15.23
CA ASP D 630 -11.59 4.28 -16.59
C ASP D 630 -13.01 3.75 -16.71
N GLU D 631 -13.48 2.99 -15.73
CA GLU D 631 -14.86 2.53 -15.80
C GLU D 631 -15.80 3.55 -15.16
N LEU D 632 -15.27 4.44 -14.34
CA LEU D 632 -16.08 5.54 -13.83
C LEU D 632 -16.16 6.68 -14.84
N TRP D 633 -15.21 6.76 -15.75
CA TRP D 633 -15.32 7.76 -16.80
C TRP D 633 -16.31 7.33 -17.86
N ARG D 634 -16.39 6.03 -18.14
CA ARG D 634 -17.32 5.59 -19.19
C ARG D 634 -18.77 5.65 -18.71
N ALA D 635 -19.01 5.64 -17.41
CA ALA D 635 -20.37 5.81 -16.93
C ALA D 635 -20.76 7.28 -16.92
N GLN D 636 -19.77 8.17 -17.00
CA GLN D 636 -20.06 9.59 -17.18
C GLN D 636 -20.34 9.92 -18.63
N ILE D 637 -19.74 9.18 -19.54
CA ILE D 637 -19.93 9.40 -20.97
C ILE D 637 -21.29 8.91 -21.41
N VAL D 638 -21.73 7.77 -20.88
CA VAL D 638 -23.05 7.25 -21.19
C VAL D 638 -24.13 8.18 -20.68
N ALA D 639 -23.97 8.68 -19.46
CA ALA D 639 -24.99 9.53 -18.87
C ALA D 639 -25.04 10.89 -19.55
N THR D 640 -23.91 11.32 -20.13
CA THR D 640 -23.90 12.59 -20.84
C THR D 640 -24.54 12.45 -22.21
N THR D 641 -24.25 11.34 -22.90
CA THR D 641 -24.77 11.13 -24.25
C THR D 641 -26.27 10.91 -24.24
N VAL D 642 -26.77 10.23 -23.20
CA VAL D 642 -28.21 10.05 -23.03
C VAL D 642 -28.89 11.38 -22.78
N MET D 643 -28.28 12.21 -21.93
CA MET D 643 -28.81 13.54 -21.63
C MET D 643 -28.80 14.41 -22.88
N LEU D 644 -27.76 14.29 -23.68
CA LEU D 644 -27.52 15.24 -24.76
C LEU D 644 -28.37 14.89 -25.97
N GLU D 645 -28.83 13.65 -26.04
CA GLU D 645 -29.63 13.19 -27.16
C GLU D 645 -31.10 13.53 -26.95
N ARG D 646 -31.57 13.42 -25.70
CA ARG D 646 -32.99 13.66 -25.47
C ARG D 646 -33.32 15.14 -25.37
N LYS D 647 -32.33 16.02 -25.40
CA LYS D 647 -32.59 17.46 -25.34
C LYS D 647 -32.27 18.18 -26.64
N LEU D 648 -31.24 17.75 -27.36
CA LEU D 648 -31.02 18.28 -28.71
C LEU D 648 -32.07 17.70 -29.65
N PRO D 649 -32.44 18.44 -30.71
CA PRO D 649 -33.38 17.88 -31.68
C PRO D 649 -32.74 16.81 -32.55
N ARG D 650 -33.58 15.91 -33.05
CA ARG D 650 -33.16 14.67 -33.70
C ARG D 650 -32.45 14.90 -35.02
N CYS D 651 -32.69 16.06 -35.65
CA CYS D 651 -32.13 16.37 -36.96
C CYS D 651 -30.61 16.50 -36.96
N LEU D 652 -30.01 16.81 -35.82
CA LEU D 652 -28.56 16.89 -35.72
C LEU D 652 -27.94 15.76 -34.92
N TRP D 653 -28.68 14.69 -34.67
CA TRP D 653 -28.16 13.51 -33.98
C TRP D 653 -28.46 12.29 -34.84
N PRO D 654 -27.52 11.83 -35.66
CA PRO D 654 -27.77 10.66 -36.49
C PRO D 654 -27.83 9.38 -35.67
N ARG D 655 -28.64 8.45 -36.14
CA ARG D 655 -28.73 7.15 -35.50
C ARG D 655 -27.47 6.35 -35.79
N SER D 656 -27.06 5.52 -34.83
CA SER D 656 -25.77 4.85 -34.86
C SER D 656 -25.87 3.51 -35.56
N GLY D 657 -24.83 3.17 -36.30
CA GLY D 657 -24.81 1.92 -37.03
C GLY D 657 -25.15 2.08 -38.50
N ILE D 658 -25.38 0.96 -39.15
CA ILE D 658 -25.70 0.92 -40.57
C ILE D 658 -27.09 0.31 -40.72
N CYS D 659 -27.97 0.98 -41.47
CA CYS D 659 -29.36 0.53 -41.56
C CYS D 659 -29.45 -0.60 -42.57
N GLY D 660 -30.07 -1.70 -42.18
CA GLY D 660 -30.09 -2.91 -42.97
C GLY D 660 -31.16 -3.02 -44.03
N ARG D 661 -31.79 -1.91 -44.43
CA ARG D 661 -32.76 -1.92 -45.51
C ARG D 661 -32.10 -2.28 -46.83
N GLU D 662 -31.19 -1.43 -47.29
CA GLU D 662 -30.60 -1.57 -48.61
C GLU D 662 -29.30 -2.36 -48.59
N TYR D 663 -29.19 -3.31 -47.65
CA TYR D 663 -28.17 -4.34 -47.72
C TYR D 663 -28.80 -5.71 -47.50
N GLY D 664 -30.12 -5.80 -47.51
CA GLY D 664 -30.79 -7.08 -47.42
C GLY D 664 -30.73 -7.73 -46.05
N LEU D 665 -30.88 -6.93 -44.99
CA LEU D 665 -30.77 -7.44 -43.62
C LEU D 665 -31.98 -7.12 -42.76
N GLY D 666 -32.97 -6.41 -43.28
CA GLY D 666 -34.16 -6.15 -42.51
C GLY D 666 -34.46 -4.68 -42.36
N ASP D 667 -34.88 -4.27 -41.17
CA ASP D 667 -35.18 -2.89 -40.89
C ASP D 667 -34.30 -2.45 -39.73
N ARG D 668 -33.45 -3.35 -39.29
CA ARG D 668 -32.68 -3.21 -38.07
C ARG D 668 -31.47 -2.33 -38.32
N TRP D 669 -30.67 -2.11 -37.27
CA TRP D 669 -29.52 -1.23 -37.33
C TRP D 669 -28.31 -1.93 -36.72
N PHE D 670 -27.35 -2.26 -37.57
CA PHE D 670 -26.31 -3.21 -37.19
C PHE D 670 -25.03 -2.45 -36.86
N LEU D 671 -24.21 -3.04 -36.00
CA LEU D 671 -22.90 -2.49 -35.67
C LEU D 671 -21.86 -3.56 -35.90
N ARG D 672 -21.00 -3.34 -36.89
CA ARG D 672 -20.01 -4.31 -37.31
C ARG D 672 -18.79 -4.21 -36.41
N VAL D 673 -18.30 -5.34 -35.93
CA VAL D 673 -17.11 -5.40 -35.09
C VAL D 673 -16.14 -6.39 -35.73
N GLU D 674 -14.95 -5.93 -36.05
CA GLU D 674 -13.91 -6.81 -36.56
C GLU D 674 -12.81 -7.00 -35.53
N ASP D 675 -12.48 -8.25 -35.23
CA ASP D 675 -11.64 -8.57 -34.08
C ASP D 675 -10.65 -9.66 -34.46
N ARG D 676 -9.56 -9.72 -33.70
CA ARG D 676 -8.49 -10.68 -33.94
C ARG D 676 -8.35 -11.65 -32.77
N GLN D 677 -8.31 -12.94 -33.09
CA GLN D 677 -8.04 -13.98 -32.11
C GLN D 677 -6.99 -14.95 -32.62
CAA Y01 E . 33.43 31.60 -21.39
CBA Y01 E . 33.45 30.19 -20.81
CAB Y01 E . 34.49 30.10 -19.70
CAN Y01 E . 32.10 29.78 -20.30
CAJ Y01 E . 31.86 28.32 -20.23
CAO Y01 E . 30.54 27.91 -20.77
CBB Y01 E . 30.00 26.59 -20.21
CAC Y01 E . 29.50 26.78 -18.79
CBE Y01 E . 28.93 26.04 -21.16
CAP Y01 E . 29.37 26.19 -22.64
CAQ Y01 E . 28.85 24.95 -23.39
CBG Y01 E . 27.80 24.42 -22.42
CBI Y01 E . 28.49 24.56 -21.05
CAE Y01 E . 29.70 23.64 -20.91
CAU Y01 E . 27.44 24.24 -19.98
CAS Y01 E . 26.77 22.89 -20.22
CBF Y01 E . 26.13 22.79 -21.60
CBD Y01 E . 27.14 23.08 -22.71
CAK Y01 E . 26.45 23.15 -24.06
CAI Y01 E . 25.37 22.14 -24.21
CAZ Y01 E . 25.00 21.29 -23.26
CAV Y01 E . 24.10 20.12 -23.57
CBH Y01 E . 25.40 21.44 -21.80
CAD Y01 E . 26.29 20.25 -21.40
CAT Y01 E . 24.11 21.44 -20.97
CAR Y01 E . 23.17 20.26 -21.28
CBC Y01 E . 22.84 20.17 -22.74
OAW Y01 E . 22.18 18.90 -22.96
CAY Y01 E . 20.88 18.91 -23.02
OAG Y01 E . 20.25 19.92 -23.12
CAM Y01 E . 20.27 17.54 -22.93
CAL Y01 E . 19.15 17.46 -21.92
CAX Y01 E . 17.96 16.60 -22.29
OAH Y01 E . 17.71 16.45 -23.48
OAF Y01 E . 17.27 16.12 -21.38
CAA Y01 F . 10.93 33.88 -12.86
CBA Y01 F . 9.91 32.78 -13.06
CAB Y01 F . 8.65 33.36 -13.68
CAN Y01 F . 10.45 31.65 -13.92
CAJ Y01 F . 9.60 30.42 -13.99
CAO Y01 F . 10.36 29.17 -13.69
CBB Y01 F . 9.81 27.90 -14.35
CAC Y01 F . 9.20 28.23 -15.70
CBE Y01 F . 10.91 26.82 -14.42
CAP Y01 F . 11.81 26.88 -13.16
CAQ Y01 F . 12.03 25.44 -12.71
CBG Y01 F . 11.77 24.65 -13.97
CBI Y01 F . 10.52 25.33 -14.53
CAE Y01 F . 9.31 25.03 -13.65
CAU Y01 F . 10.33 24.78 -15.95
CAS Y01 F . 10.28 23.25 -15.99
CBF Y01 F . 11.48 22.58 -15.32
CBD Y01 F . 11.69 23.14 -13.90
CAK Y01 F . 12.97 22.56 -13.31
CAI Y01 F . 13.10 21.09 -13.54
CAZ Y01 F . 12.38 20.39 -14.40
CAV Y01 F . 12.50 18.90 -14.48
CBH Y01 F . 11.39 21.03 -15.36
CAD Y01 F . 9.98 20.53 -15.04
CAT Y01 F . 11.77 20.53 -16.78
CAR Y01 F . 11.81 19.01 -16.84
CBC Y01 F . 12.82 18.45 -15.89
OAW Y01 F . 12.76 16.99 -15.92
CAY Y01 F . 13.35 16.33 -16.90
OAG Y01 F . 13.48 16.75 -18.00
CAM Y01 F . 13.80 14.97 -16.50
CAL Y01 F . 13.93 14.13 -17.74
CAX Y01 F . 14.88 12.95 -17.64
OAH Y01 F . 15.94 13.10 -17.02
OAF Y01 F . 14.56 11.89 -18.20
C15 PCW G . -4.71 17.11 -20.51
C16 PCW G . -5.62 18.34 -20.17
C17 PCW G . -6.63 18.65 -21.31
C18 PCW G . -7.02 20.16 -21.37
C19 PCW G . -8.25 20.44 -20.47
C20 PCW G . -8.97 21.57 -20.60
C21 PCW G . -8.62 22.65 -21.65
C22 PCW G . -9.66 23.81 -21.57
C23 PCW G . -9.22 25.07 -22.32
C24 PCW G . -9.94 26.34 -21.77
C25 PCW G . -10.28 27.36 -22.89
C26 PCW G . -9.93 28.81 -22.49
C27 PCW G . -8.41 29.08 -22.45
C1 POV H . 11.67 49.85 -14.79
C2 POV H . 10.24 50.24 -15.16
C210 POV H . 12.04 40.75 -23.02
C211 POV H . 11.01 39.68 -22.60
C212 POV H . 11.68 38.41 -22.00
C213 POV H . 10.69 37.59 -21.14
C214 POV H . 9.31 37.41 -21.84
C215 POV H . 8.60 36.11 -21.37
C216 POV H . 9.43 34.86 -21.70
C21 POV H . 9.58 48.77 -16.91
O21 POV H . 10.05 50.05 -16.54
C22 POV H . 9.56 48.36 -18.38
O22 POV H . 9.19 48.00 -16.08
C23 POV H . 8.92 46.97 -18.55
C24 POV H . 9.92 45.90 -19.05
C25 POV H . 10.26 46.10 -20.54
C26 POV H . 11.07 44.90 -21.07
C27 POV H . 10.28 43.58 -20.96
C28 POV H . 11.20 42.36 -21.24
C29 POV H . 11.46 42.16 -22.75
N POV I . -13.81 49.02 -11.64
P POV I . -9.77 46.33 -11.96
C1 POV I . -8.84 45.32 -14.22
C2 POV I . -9.34 44.22 -15.15
C3 POV I . -10.84 44.07 -14.92
C210 POV I . -4.71 35.96 -15.84
C310 POV I . -11.09 32.85 -18.44
C11 POV I . -12.23 47.20 -12.34
O11 POV I . -9.31 45.05 -12.90
C211 POV I . -6.07 35.41 -15.36
C311 POV I . -10.27 31.58 -18.75
C12 POV I . -12.87 48.57 -12.71
O12 POV I . -10.89 47.20 -12.81
C212 POV I . -6.11 33.86 -15.41
C312 POV I . -10.99 30.31 -18.26
C13 POV I . -14.79 49.93 -12.26
O13 POV I . -10.40 45.85 -10.67
C213 POV I . -6.45 33.25 -14.03
C313 POV I . -10.07 29.08 -18.37
C14 POV I . -14.60 48.04 -10.87
O14 POV I . -8.55 47.15 -11.61
C214 POV I . -6.61 31.71 -14.06
C314 POV I . -9.93 28.35 -17.02
C15 POV I . -12.99 49.76 -10.67
C215 POV I . -5.46 31.02 -14.84
C315 POV I . -11.06 27.33 -16.83
C216 POV I . -5.95 30.18 -16.04
C316 POV I . -11.13 26.34 -18.01
C217 POV I . -4.87 29.19 -16.55
C218 POV I . -5.17 27.73 -16.18
C21 POV I . -7.87 42.42 -15.75
O21 POV I . -8.71 43.01 -14.79
C22 POV I . -6.83 43.26 -16.56
O22 POV I . -7.93 41.24 -15.93
C23 POV I . -5.50 43.46 -15.80
C24 POV I . -4.26 42.99 -16.60
C25 POV I . -3.61 41.71 -16.03
C26 POV I . -4.35 40.42 -16.50
C27 POV I . -5.08 39.68 -15.35
C28 POV I . -5.64 38.29 -15.78
C29 POV I . -4.51 37.28 -16.04
C31 POV I . -11.74 42.03 -15.69
O31 POV I . -11.35 43.34 -16.02
C32 POV I . -11.21 40.85 -16.53
O32 POV I . -12.48 41.84 -14.80
C33 POV I . -11.48 39.49 -15.86
C34 POV I . -12.87 38.93 -16.25
C35 POV I . -13.07 37.47 -15.79
C36 POV I . -11.81 36.62 -16.03
C37 POV I . -11.94 35.75 -17.31
C38 POV I . -10.57 35.25 -17.77
C39 POV I . -10.38 33.76 -17.40
N POV J . 2.19 10.75 -16.60
P POV J . 5.39 13.25 -19.32
C1 POV J . 3.76 14.43 -21.05
C2 POV J . 4.57 15.53 -21.71
C3 POV J . 3.71 16.30 -22.71
C210 POV J . 9.68 23.25 -20.46
C310 POV J . 5.36 24.99 -17.76
C11 POV J . 3.96 12.43 -17.25
O11 POV J . 4.19 14.33 -19.70
C211 POV J . 8.41 24.12 -20.29
C311 POV J . 5.46 25.73 -16.41
C12 POV J . 2.51 11.92 -17.47
O12 POV J . 4.74 12.05 -18.37
C212 POV J . 8.64 25.56 -20.79
C312 POV J . 5.64 24.73 -15.24
C13 POV J . 0.87 10.26 -17.02
O13 POV J . 6.50 13.95 -18.56
C213 POV J . 9.76 26.26 -19.97
C313 POV J . 4.70 25.10 -14.06
C14 POV J . 3.10 9.57 -16.61
O14 POV J . 5.96 12.64 -20.59
C214 POV J . 10.76 27.03 -20.88
C314 POV J . 5.43 25.10 -12.70
C15 POV J . 2.15 11.23 -15.20
C215 POV J . 10.60 28.57 -20.83
C315 POV J . 5.88 26.49 -12.18
C216 POV J . 9.96 29.09 -19.52
C316 POV J . 5.43 27.68 -13.06
C217 POV J . 9.93 30.63 -19.46
C218 POV J . 9.47 31.26 -20.79
C21 POV J . 6.96 15.42 -22.02
O21 POV J . 5.66 14.94 -22.35
C22 POV J . 7.18 16.39 -20.81
O22 POV J . 7.90 15.10 -22.67
C23 POV J . 8.00 17.63 -21.21
C24 POV J . 7.10 18.85 -21.52
C25 POV J . 7.30 19.36 -22.96
C26 POV J . 8.78 19.74 -23.24
C27 POV J . 8.92 21.25 -23.61
C28 POV J . 8.56 22.17 -22.41
C29 POV J . 9.75 22.34 -21.44
C31 POV J . 3.22 18.63 -22.59
O31 POV J . 4.19 17.63 -22.81
C32 POV J . 3.36 20.00 -23.29
O32 POV J . 2.29 18.42 -21.87
C33 POV J . 3.62 21.16 -22.30
C34 POV J . 2.42 22.13 -22.19
C35 POV J . 2.77 23.46 -21.48
C36 POV J . 4.14 24.04 -21.92
C37 POV J . 4.41 25.46 -21.35
C38 POV J . 4.02 25.58 -19.87
C39 POV J . 5.22 25.97 -18.95
C2 POV K . 32.26 52.23 -21.40
C210 POV K . 26.65 42.95 -19.80
C211 POV K . 25.19 42.84 -19.29
C212 POV K . 24.52 41.53 -19.75
C213 POV K . 25.33 40.31 -19.27
C214 POV K . 24.47 39.29 -18.50
C215 POV K . 23.61 39.90 -17.37
C216 POV K . 24.43 40.43 -16.19
C21 POV K . 31.64 50.19 -22.47
O21 POV K . 31.38 51.57 -22.29
C22 POV K . 30.64 49.32 -23.23
O22 POV K . 32.64 49.71 -22.02
C23 POV K . 30.97 47.81 -23.10
C24 POV K . 30.12 47.14 -21.99
C25 POV K . 28.62 47.07 -22.37
C26 POV K . 27.94 45.75 -21.92
C27 POV K . 28.75 44.51 -22.36
C28 POV K . 28.23 43.16 -21.79
C29 POV K . 26.75 43.20 -21.32
C3 POV L . 12.22 48.17 -25.79
C310 POV L . 19.28 38.35 -29.44
C311 POV L . 18.58 36.98 -29.29
C31 POV L . 13.54 46.19 -25.73
O31 POV L . 13.42 47.52 -26.17
C32 POV L . 14.72 45.34 -26.19
O32 POV L . 12.71 45.73 -25.02
C33 POV L . 14.31 43.85 -26.36
C34 POV L . 14.57 43.37 -27.81
C35 POV L . 15.61 42.21 -27.86
C36 POV L . 15.23 41.17 -28.94
C37 POV L . 15.81 39.78 -28.62
C38 POV L . 16.89 39.33 -29.62
C39 POV L . 18.33 39.52 -29.07
N POV M . 25.88 8.13 -5.01
P POV M . 28.51 8.26 -8.87
C1 POV M . 30.40 10.00 -8.38
C2 POV M . 31.16 11.13 -9.07
C3 POV M . 32.60 10.67 -9.34
C210 POV M . 28.22 18.47 -10.63
C310 POV M . 35.93 18.67 -10.67
C11 POV M . 26.52 7.37 -7.36
O11 POV M . 29.27 9.69 -9.18
C211 POV M . 27.80 19.74 -9.87
C311 POV M . 36.97 18.82 -11.80
C12 POV M . 26.68 7.16 -5.83
O12 POV M . 27.34 8.47 -7.71
C212 POV M . 26.30 20.01 -10.03
C312 POV M . 36.47 19.75 -12.94
C13 POV M . 25.32 7.34 -3.89
O13 POV M . 27.87 7.73 -10.13
C213 POV M . 25.52 18.77 -9.59
C313 POV M . 37.56 20.73 -13.45
C14 POV M . 24.75 8.86 -5.61
O14 POV M . 29.54 7.28 -8.33
C214 POV M . 24.76 18.99 -8.27
C314 POV M . 37.01 22.18 -13.59
C15 POV M . 26.82 9.14 -4.50
C215 POV M . 23.83 17.81 -7.97
C315 POV M . 37.34 23.06 -12.37
C216 POV M . 22.41 18.29 -7.65
C316 POV M . 36.20 23.12 -11.34
C217 POV M . 21.89 19.28 -8.69
C218 POV M . 20.40 19.58 -8.43
C21 POV M . 32.05 12.56 -7.28
O21 POV M . 31.12 12.32 -8.33
C22 POV M . 33.06 13.72 -7.39
O22 POV M . 32.05 11.89 -6.29
C23 POV M . 32.56 15.02 -6.71
C24 POV M . 31.03 15.19 -6.76
C25 POV M . 30.61 16.45 -7.56
C26 POV M . 31.33 16.55 -8.93
C27 POV M . 31.74 18.00 -9.29
C28 POV M . 30.51 18.86 -9.69
C29 POV M . 29.50 18.07 -10.55
C31 POV M . 34.52 11.28 -10.52
O31 POV M . 33.22 11.64 -10.15
C32 POV M . 35.69 11.71 -9.63
O32 POV M . 34.72 10.63 -11.49
C33 POV M . 37.06 11.47 -10.32
C34 POV M . 37.59 12.76 -11.00
C35 POV M . 37.04 12.93 -12.43
C36 POV M . 36.52 14.36 -12.69
C37 POV M . 35.63 14.88 -11.53
C38 POV M . 35.34 16.40 -11.68
C39 POV M . 35.58 17.19 -10.37
N POV N . 28.59 44.56 1.64
P POV N . 32.11 44.17 -1.89
C1 POV N . 33.23 44.14 -4.30
C2 POV N . 33.73 43.09 -5.30
C3 POV N . 33.20 43.37 -6.70
C210 POV N . 31.63 32.39 -3.58
C310 POV N . 36.24 35.39 -14.28
C11 POV N . 30.60 43.70 0.26
O11 POV N . 32.33 43.52 -3.40
C211 POV N . 31.36 30.94 -4.03
C311 POV N . 36.18 33.85 -14.08
C12 POV N . 29.07 44.08 0.30
O12 POV N . 30.92 43.34 -1.09
C212 POV N . 32.54 30.37 -4.88
C312 POV N . 34.84 33.32 -13.52
C13 POV N . 28.54 43.38 2.53
O13 POV N . 33.41 44.07 -1.13
C213 POV N . 32.94 28.91 -4.53
C313 POV N . 34.74 31.78 -13.50
C14 POV N . 27.25 45.19 1.71
O14 POV N . 31.71 45.63 -2.03
C214 POV N . 31.73 28.01 -4.19
C314 POV N . 35.07 31.16 -14.88
C15 POV N . 29.52 45.58 2.16
C215 POV N . 31.98 26.51 -4.55
C315 POV N . 33.85 30.49 -15.54
C216 POV N . 32.41 26.32 -6.03
C316 POV N . 34.16 29.07 -16.02
C217 POV N . 31.69 25.13 -6.69
C218 POV N . 32.53 24.46 -7.81
C21 POV N . 34.18 41.08 -4.08
O21 POV N . 33.29 41.82 -4.91
C22 POV N . 33.74 39.71 -3.52
O22 POV N . 35.24 41.51 -3.81
C23 POV N . 33.20 39.75 -2.07
C24 POV N . 31.82 39.07 -1.92
C25 POV N . 31.92 37.53 -1.69
C26 POV N . 31.66 36.73 -2.99
C27 POV N . 31.84 35.20 -2.83
C28 POV N . 32.73 34.64 -3.99
C29 POV N . 32.41 33.17 -4.35
C31 POV N . 32.30 42.05 -8.45
O31 POV N . 33.19 42.13 -7.37
C32 POV N . 31.82 40.68 -8.93
O32 POV N . 31.92 43.03 -9.00
C33 POV N . 31.38 40.69 -10.41
C34 POV N . 32.22 39.73 -11.27
C35 POV N . 32.56 38.39 -10.55
C36 POV N . 33.46 37.48 -11.42
C37 POV N . 34.69 38.23 -11.99
C38 POV N . 35.78 37.26 -12.53
C39 POV N . 35.17 36.20 -13.47
CAA Y01 O . -17.29 21.04 7.82
CBA Y01 O . -16.25 20.72 8.89
CAB Y01 O . -14.86 20.92 8.35
CAN Y01 O . -16.51 21.55 10.15
CAJ Y01 O . -17.87 22.18 10.25
CAO Y01 O . -17.79 23.58 10.76
CBB Y01 O . -18.45 24.65 9.88
CAC Y01 O . -19.53 24.02 9.00
CBE Y01 O . -18.97 25.77 10.78
CAP Y01 O . -18.03 25.97 11.98
CAQ Y01 O . -17.81 27.48 12.14
CBG Y01 O . -19.03 28.05 11.46
CBI Y01 O . -19.21 27.20 10.20
CAE Y01 O . -18.17 27.51 9.12
CAU Y01 O . -20.60 27.53 9.67
CAS Y01 O . -20.76 29.03 9.41
CBF Y01 O . -20.45 29.91 10.63
CBD Y01 O . -19.10 29.55 11.25
CAK Y01 O . -18.96 30.25 12.59
CAI Y01 O . -19.42 31.65 12.53
CAZ Y01 O . -19.96 32.22 11.46
CAV Y01 O . -20.12 33.72 11.37
CBH Y01 O . -20.56 31.43 10.32
CAD Y01 O . -19.81 31.77 9.03
CAT Y01 O . -22.03 31.87 10.18
CAR Y01 O . -22.21 33.38 10.18
CBC Y01 O . -21.59 34.04 11.38
OAW Y01 O . -21.82 35.48 11.32
CAY Y01 O . -20.83 36.38 11.42
OAG Y01 O . -20.04 36.43 12.32
CAM Y01 O . -20.89 37.39 10.31
CAL Y01 O . -19.98 38.59 10.47
CAX Y01 O . -20.68 39.91 10.74
OAH Y01 O . -20.00 40.96 10.74
OAF Y01 O . -21.91 39.89 10.96
N POV P . -22.60 44.46 6.18
P POV P . -24.99 42.25 10.04
C1 POV P . -27.22 41.27 9.04
C2 POV P . -27.86 39.93 8.68
C3 POV P . -27.74 38.98 9.88
C210 POV P . -26.47 29.74 4.18
C310 POV P . -24.51 27.04 8.27
C11 POV P . -24.07 43.13 7.74
O11 POV P . -26.08 41.01 9.86
C211 POV P . -25.41 29.49 3.08
C311 POV P . -24.54 25.79 9.17
C12 POV P . -22.69 43.83 7.54
O12 POV P . -23.92 42.16 8.77
C212 POV P . -25.01 28.00 2.95
C312 POV P . -23.66 24.64 8.61
C13 POV P . -23.66 45.49 6.08
O13 POV P . -24.23 42.05 11.34
C213 POV P . -23.80 27.77 2.00
C313 POV P . -24.01 24.33 7.13
C14 POV P . -22.73 43.58 5.00
O14 POV P . -25.69 43.59 10.05
C214 POV P . -22.78 26.77 2.59
C314 POV P . -22.83 23.70 6.36
C15 POV P . -21.26 45.08 6.12
C215 POV P . -21.59 27.49 3.28
C315 POV P . -22.30 22.41 7.01
C216 POV P . -21.01 26.69 4.47
C316 POV P . -20.96 21.94 6.40
C217 POV P . -20.48 27.61 5.57
C218 POV P . -21.59 28.56 6.06
C21 POV P . -27.53 39.76 6.32
O21 POV P . -27.18 39.32 7.61
C22 POV P . -28.65 39.05 5.53
O22 POV P . -26.94 40.66 5.82
C23 POV P . -28.74 37.52 5.77
C24 POV P . -28.94 36.73 4.46
C25 POV P . -28.86 35.19 4.69
C26 POV P . -27.49 34.57 4.29
C27 POV P . -27.69 33.23 3.57
C28 POV P . -26.51 32.23 3.74
C29 POV P . -26.96 30.95 4.48
C31 POV P . -27.65 36.62 10.12
O31 POV P . -28.22 37.72 9.47
C32 POV P . -28.24 35.22 9.91
O32 POV P . -26.73 36.76 10.85
C33 POV P . -27.64 34.19 10.88
C34 POV P . -26.69 33.20 10.16
C35 POV P . -27.32 32.61 8.89
C36 POV P . -26.30 31.82 8.05
C37 POV P . -25.56 30.77 8.91
C38 POV P . -25.13 29.53 8.08
C39 POV P . -25.23 28.24 8.93
CA CA Q . 1.09 32.97 9.30
CAA Y01 R . -1.15 25.89 -11.36
CBA Y01 R . -2.24 25.66 -10.34
CAB Y01 R . -1.65 25.38 -8.97
CAN Y01 R . -3.23 26.83 -10.31
CAJ Y01 R . -3.15 27.77 -11.48
CAO Y01 R . -3.15 29.20 -11.06
CBB Y01 R . -2.00 30.06 -11.59
CAC Y01 R . -1.46 29.46 -12.89
CBE Y01 R . -2.51 31.49 -11.76
CAP Y01 R . -3.62 31.77 -10.71
CAQ Y01 R . -3.35 33.15 -10.13
CBG Y01 R . -2.50 33.80 -11.20
CBI Y01 R . -1.54 32.69 -11.65
CAE Y01 R . -0.44 32.40 -10.61
CAU Y01 R . -0.89 33.20 -12.94
CAS Y01 R . -0.19 34.55 -12.72
CBF Y01 R . -1.11 35.64 -12.15
CBD Y01 R . -1.86 35.14 -10.91
CAK Y01 R . -2.96 36.13 -10.55
CAI Y01 R . -2.56 37.53 -10.82
CAZ Y01 R . -1.35 37.90 -11.18
CAV Y01 R . -0.89 39.33 -10.99
CBH Y01 R . -0.37 36.96 -11.84
CAD Y01 R . 0.80 36.72 -10.88
CAT Y01 R . 0.15 37.64 -13.13
CAR Y01 R . 0.55 39.10 -12.94
CBC Y01 R . -0.57 39.90 -12.35
OAW Y01 R . -0.20 41.32 -12.25
CAY Y01 R . 0.03 41.94 -11.09
OAG Y01 R . -0.78 42.08 -10.21
CAM Y01 R . 1.41 42.54 -11.04
CAL Y01 R . 1.67 43.45 -9.86
CAX Y01 R . 1.73 44.94 -10.18
OAH Y01 R . 2.03 45.73 -9.27
OAF Y01 R . 1.47 45.30 -11.35
N POV S . 7.47 48.22 -11.66
P POV S . 3.04 47.68 -14.15
C1 POV S . 3.71 46.99 -16.61
C2 POV S . 3.69 45.78 -17.55
C3 POV S . 2.27 45.22 -17.59
C210 POV S . 5.01 34.73 -18.67
C310 POV S . 0.13 32.91 -16.92
C11 POV S . 5.49 47.92 -13.22
O11 POV S . 2.91 46.69 -15.48
C211 POV S . 5.97 33.97 -17.73
C311 POV S . -1.11 32.03 -17.19
C12 POV S . 5.97 48.06 -11.74
O12 POV S . 4.29 47.16 -13.20
C212 POV S . 5.64 32.45 -17.70
C312 POV S . -0.85 30.56 -16.80
C13 POV S . 7.85 49.41 -12.45
O13 POV S . 1.75 47.62 -13.34
C213 POV S . 6.43 31.67 -16.61
C313 POV S . 0.49 30.03 -17.38
C14 POV S . 8.32 47.09 -12.12
O14 POV S . 3.32 49.11 -14.56
C214 POV S . 5.53 30.67 -15.84
C314 POV S . 1.17 29.00 -16.45
C15 POV S . 7.76 48.44 -10.23
C215 POV S . 5.13 31.22 -14.44
C315 POV S . 0.22 27.87 -16.02
C216 POV S . 3.72 30.75 -13.99
C316 POV S . 0.67 27.18 -14.72
C217 POV S . 3.06 31.78 -13.07
C218 POV S . 3.02 33.16 -13.76
C21 POV S . 5.92 44.90 -17.40
O21 POV S . 4.54 44.78 -17.07
C22 POV S . 6.48 44.23 -18.68
O22 POV S . 6.64 45.50 -16.68
C23 POV S . 5.79 42.89 -19.05
C24 POV S . 6.82 41.79 -19.40
C25 POV S . 6.15 40.41 -19.62
C26 POV S . 6.24 39.48 -18.38
C27 POV S . 6.66 38.05 -18.79
C28 POV S . 5.98 36.94 -17.93
C29 POV S . 5.02 36.07 -18.77
C31 POV S . 1.33 43.06 -17.90
O31 POV S . 2.31 43.99 -18.29
C32 POV S . 1.09 41.79 -18.73
O32 POV S . 0.67 43.24 -16.92
C33 POV S . -0.11 40.97 -18.19
C34 POV S . 0.18 39.45 -18.20
C35 POV S . 1.57 39.12 -17.61
C36 POV S . 1.88 37.62 -17.68
C37 POV S . 0.76 36.77 -17.05
C38 POV S . 1.12 35.26 -17.04
C39 POV S . -0.11 34.39 -17.32
CAA Y01 T . 29.92 14.88 38.16
CBA Y01 T . 28.94 13.76 37.85
CAB Y01 T . 27.83 13.74 38.88
CAN Y01 T . 28.38 13.88 36.46
CAJ Y01 T . 27.81 12.64 35.90
CAO Y01 T . 28.23 12.37 34.50
CBB Y01 T . 27.30 11.45 33.72
CAC Y01 T . 26.00 12.17 33.39
CBE Y01 T . 28.03 10.92 32.48
CAP Y01 T . 29.49 10.53 32.83
CAQ Y01 T . 29.83 9.27 31.99
CBG Y01 T . 28.74 9.32 30.92
CBI Y01 T . 27.49 9.69 31.72
CAE Y01 T . 27.06 8.58 32.70
CAU Y01 T . 26.37 9.96 30.71
CAS Y01 T . 26.19 8.80 29.73
CBF Y01 T . 27.47 8.46 28.98
CBD Y01 T . 28.63 8.16 29.96
CAK Y01 T . 29.93 8.00 29.19
CAI Y01 T . 29.76 7.27 27.90
CAZ Y01 T . 28.61 6.85 27.41
CAV Y01 T . 28.55 5.90 26.25
CBH Y01 T . 27.26 7.33 27.94
CAD Y01 T . 26.50 6.14 28.55
CAT Y01 T . 26.47 7.89 26.74
CAR Y01 T . 26.41 6.94 25.55
CBC Y01 T . 27.78 6.50 25.10
OAW Y01 T . 27.59 5.42 24.15
CAY Y01 T . 27.66 5.72 22.88
OAG Y01 T . 28.05 6.77 22.50
CAM Y01 T . 27.15 4.62 22.00
CAL Y01 T . 26.16 5.13 20.96
CAX Y01 T . 26.25 4.51 19.58
OAH Y01 T . 27.33 4.06 19.22
OAF Y01 T . 25.23 4.49 18.87
CAA Y01 U . 22.47 24.93 17.44
CBA Y01 U . 22.33 24.12 16.17
CAB Y01 U . 23.10 24.79 15.05
CAN Y01 U . 22.81 22.70 16.37
CAJ Y01 U . 22.49 21.73 15.26
CAO Y01 U . 21.85 20.48 15.74
CBB Y01 U . 22.08 19.24 14.86
CAC Y01 U . 23.48 19.29 14.25
CBE Y01 U . 21.82 17.97 15.68
CAP Y01 U . 20.65 18.16 16.67
CAQ Y01 U . 19.78 16.91 16.59
CBG Y01 U . 20.75 15.86 16.05
CBI Y01 U . 21.48 16.64 14.95
CAE Y01 U . 20.54 16.91 13.77
CAU Y01 U . 22.66 15.76 14.53
CAS Y01 U . 22.25 14.35 14.13
CBF Y01 U . 21.40 13.63 15.19
CBD Y01 U . 20.22 14.51 15.64
CAK Y01 U . 19.49 13.84 16.79
CAI Y01 U . 19.27 12.39 16.56
CAZ Y01 U . 19.87 11.66 15.63
CAV Y01 U . 19.49 10.21 15.41
CBH Y01 U . 20.99 12.21 14.75
CAD Y01 U . 20.52 12.18 13.29
CAT Y01 U . 22.18 11.24 14.91
CAR Y01 U . 21.79 9.80 14.59
CBC Y01 U . 20.70 9.32 15.52
OAW Y01 U . 20.29 7.98 15.12
CAY Y01 U . 21.03 6.93 15.47
OAG Y01 U . 22.21 6.96 15.62
CAM Y01 U . 20.23 5.69 15.62
CAL Y01 U . 21.16 4.51 15.45
CAX Y01 U . 20.72 3.22 16.13
OAH Y01 U . 20.19 3.29 17.25
OAF Y01 U . 20.92 2.16 15.52
C15 PCW V . 24.44 11.19 -2.36
C16 PCW V . 24.74 12.69 -2.72
C17 PCW V . 25.93 12.81 -3.72
C18 PCW V . 26.44 14.28 -3.85
C19 PCW V . 25.72 15.03 -4.99
C20 PCW V . 26.17 16.21 -5.45
C21 PCW V . 27.42 16.88 -4.87
C22 PCW V . 27.55 18.31 -5.46
C23 PCW V . 28.81 19.08 -4.96
C24 PCW V . 28.73 20.58 -5.33
C25 PCW V . 30.10 21.29 -5.17
C26 PCW V . 29.97 22.68 -4.51
C27 PCW V . 30.10 22.62 -2.97
C1 POV W . 28.90 39.48 21.76
C2 POV W . 29.24 39.96 20.36
C210 POV W . 34.28 28.48 19.28
C211 POV W . 33.28 27.91 18.26
C212 POV W . 32.71 26.54 18.66
C213 POV W . 31.63 26.08 17.64
C214 POV W . 32.11 26.24 16.18
C215 POV W . 31.28 25.38 15.21
C216 POV W . 31.29 23.90 15.62
C21 POV W . 30.49 38.22 19.32
O21 POV W . 30.52 39.45 20.01
C22 POV W . 31.79 37.47 19.04
O22 POV W . 29.46 37.76 18.93
C23 POV W . 31.54 36.26 18.11
C24 POV W . 31.76 34.90 18.80
C25 POV W . 33.26 34.63 19.06
C26 POV W . 33.49 33.20 19.59
C27 POV W . 33.20 32.16 18.51
C28 POV W . 33.11 30.74 19.09
C29 POV W . 34.46 29.99 19.01
N POV X . 25.70 45.54 -3.18
P POV X . 25.17 42.04 0.11
C1 POV X . 27.06 40.31 0.72
C2 POV X . 27.64 39.13 -0.07
C3 POV X . 27.38 39.37 -1.55
C210 POV X . 26.01 30.03 2.54
C310 POV X . 27.27 28.00 -4.57
C11 POV X . 25.82 43.26 -2.15
O11 POV X . 25.72 40.49 0.31
C211 POV X . 25.49 29.91 1.09
C311 POV X . 27.16 26.56 -4.02
C12 POV X . 26.61 44.53 -2.55
O12 POV X . 26.25 42.83 -0.87
C212 POV X . 24.99 28.48 0.77
C312 POV X . 26.67 25.58 -5.11
C13 POV X . 26.56 46.46 -3.98
O13 POV X . 23.80 42.03 -0.53
C213 POV X . 23.46 28.46 0.47
C313 POV X . 26.41 24.17 -4.53
C14 POV X . 24.62 45.10 -4.09
O14 POV X . 25.05 42.70 1.47
C214 POV X . 22.97 27.18 -0.23
C314 POV X . 24.90 23.91 -4.32
C15 POV X . 25.07 46.28 -2.08
C215 POV X . 23.20 25.92 0.62
C315 POV X . 24.27 23.28 -5.56
C216 POV X . 24.21 24.93 -0.02
C316 POV X . 24.96 21.96 -5.95
C217 POV X . 24.44 23.67 0.86
C218 POV X . 23.83 22.38 0.26
C21 POV X . 27.78 36.95 0.93
O21 POV X . 26.99 37.96 0.31
C22 POV X . 28.81 37.31 2.03
O22 POV X . 27.63 35.82 0.60
C23 POV X . 28.19 37.33 3.45
C24 POV X . 28.82 36.27 4.39
C25 POV X . 27.84 35.14 4.78
C26 POV X . 27.93 33.92 3.81
C27 POV X . 26.65 33.74 2.95
C28 POV X . 26.64 32.43 2.11
C29 POV X . 26.54 31.18 3.00
C31 POV X . 27.53 37.42 -2.86
O31 POV X . 28.21 38.49 -2.26
C32 POV X . 28.08 35.99 -2.67
O32 POV X . 26.57 37.62 -3.51
C33 POV X . 27.11 34.90 -3.19
C34 POV X . 27.28 34.66 -4.71
C35 POV X . 26.32 33.59 -5.25
C36 POV X . 26.24 32.39 -4.31
C37 POV X . 27.10 31.21 -4.81
C38 POV X . 27.58 30.33 -3.65
C39 POV X . 26.74 29.05 -3.57
N POV Y . 18.66 4.62 3.38
P POV Y . 22.25 5.53 6.77
C1 POV Y . 24.32 6.50 5.41
C2 POV Y . 25.24 7.18 6.41
C3 POV Y . 26.41 7.86 5.67
C210 POV Y . 26.35 13.68 13.32
C310 POV Y . 24.21 16.83 9.74
C11 POV Y . 20.05 5.58 5.28
O11 POV Y . 22.98 6.69 5.84
C211 POV Y . 26.44 14.79 12.25
C311 POV Y . 23.11 17.86 10.04
C12 POV Y . 19.98 5.21 3.77
O12 POV Y . 21.07 4.78 5.88
C212 POV Y . 27.34 15.95 12.71
C312 POV Y . 21.72 17.20 10.08
C13 POV Y . 18.80 4.19 1.98
O13 POV Y . 21.64 6.17 8.01
C213 POV Y . 26.84 16.54 14.05
C313 POV Y . 20.67 18.06 9.33
C14 POV Y . 18.16 3.44 4.12
O14 POV Y . 23.29 4.52 7.20
C214 POV Y . 27.97 16.66 15.11
C314 POV Y . 19.49 18.49 10.23
C15 POV Y . 17.63 5.67 3.51
C215 POV Y . 28.43 18.11 15.37
C315 POV Y . 19.71 19.82 10.97
C216 POV Y . 27.40 19.20 14.98
C316 POV Y . 20.74 20.76 10.31
C217 POV Y . 27.89 20.61 15.32
C218 POV Y . 29.35 20.85 14.87
C21 POV Y . 25.46 6.38 8.68
O21 POV Y . 25.71 6.20 7.30
C22 POV Y . 24.70 7.61 9.23
O22 POV Y . 25.86 5.57 9.45
C23 POV Y . 25.52 8.37 10.28
C24 POV Y . 26.35 9.52 9.66
C25 POV Y . 27.83 9.46 10.09
C26 POV Y . 28.02 9.71 11.61
C27 POV Y . 28.71 11.07 11.89
C28 POV Y . 27.72 12.25 11.78
C29 POV Y . 26.95 12.49 13.11
C31 POV Y . 26.92 10.19 5.60
O31 POV Y . 26.82 9.02 6.38
C32 POV Y . 28.04 11.22 5.90
O32 POV Y . 26.15 10.40 4.72
C33 POV Y . 27.56 12.47 6.66
C34 POV Y . 27.71 13.76 5.81
C35 POV Y . 27.24 15.04 6.54
C36 POV Y . 27.85 15.17 7.96
C37 POV Y . 27.75 16.62 8.52
C38 POV Y . 26.33 17.22 8.36
C39 POV Y . 25.62 17.49 9.71
C2 POV Z . 36.07 34.77 41.74
C210 POV Z . 31.80 27.18 34.13
C211 POV Z . 31.08 27.91 32.97
C212 POV Z . 31.18 27.11 31.64
C213 POV Z . 30.86 25.62 31.83
C214 POV Z . 29.36 25.31 31.76
C215 POV Z . 28.54 26.20 30.81
C216 POV Z . 27.43 26.91 31.60
C21 POV Z . 36.45 32.68 40.67
O21 POV Z . 36.68 34.07 40.66
C22 POV Z . 36.84 31.82 39.45
O22 POV Z . 35.96 32.16 41.63
C23 POV Z . 36.27 30.39 39.55
C24 POV Z . 35.15 30.13 38.50
C25 POV Z . 35.68 30.17 37.05
C26 POV Z . 34.86 29.31 36.06
C27 POV Z . 34.49 27.92 36.62
C28 POV Z . 33.88 26.95 35.57
C29 POV Z . 33.26 27.65 34.34
C3 POV AA . 38.93 34.58 20.76
C310 POV AA . 39.65 22.65 25.22
C311 POV AA . 39.09 21.54 24.30
C31 POV AA . 38.38 32.46 21.67
O31 POV AA . 39.22 33.58 21.72
C32 POV AA . 38.59 31.28 22.64
O32 POV AA . 37.49 32.41 20.88
C33 POV AA . 38.23 29.93 21.98
C34 POV AA . 39.42 28.96 21.98
C35 POV AA . 39.11 27.63 22.70
C36 POV AA . 39.98 26.47 22.16
C37 POV AA . 39.25 25.11 22.25
C38 POV AA . 40.03 24.08 23.10
C39 POV AA . 39.56 24.06 24.58
N POV BA . 7.21 -0.04 26.65
P POV BA . 10.88 -1.74 29.07
C1 POV BA . 10.92 -0.43 31.34
C2 POV BA . 11.92 0.25 32.29
C3 POV BA . 12.04 -0.59 33.57
C210 POV BA . 15.74 7.18 30.88
C310 POV BA . 15.77 5.58 38.45
C11 POV BA . 9.22 -1.58 27.00
O11 POV BA . 11.61 -0.69 30.13
C211 POV BA . 15.44 8.69 30.78
C311 POV BA . 16.90 5.12 39.41
C12 POV BA . 7.69 -1.37 27.15
O12 POV BA . 9.83 -0.91 28.09
C212 POV BA . 15.61 9.19 29.33
C312 POV BA . 18.27 5.75 39.05
C13 POV BA . 5.92 -0.28 25.97
O13 POV BA . 11.94 -2.40 28.21
C213 POV BA . 14.70 8.35 28.41
C313 POV BA . 19.02 6.32 40.29
C14 POV BA . 8.03 0.75 25.69
O14 POV BA . 10.09 -2.76 29.85
C214 POV BA . 13.62 9.21 27.74
C314 POV BA . 19.57 7.74 40.06
C15 POV BA . 7.02 0.82 27.84
C215 POV BA . 12.94 8.43 26.61
C315 POV BA . 18.65 8.83 40.63
C216 POV BA . 12.79 9.31 25.36
C316 POV BA . 17.70 9.43 39.59
C217 POV BA . 14.11 9.99 24.99
C218 POV BA . 13.96 10.75 23.66
C21 POV BA . 10.63 1.90 33.58
O21 POV BA . 11.56 1.58 32.55
C22 POV BA . 11.06 2.72 34.82
O22 POV BA . 9.49 1.56 33.50
C23 POV BA . 10.86 4.24 34.65
C24 POV BA . 10.95 4.72 33.18
C25 POV BA . 12.13 5.69 32.94
C26 POV BA . 13.45 5.20 33.60
C27 POV BA . 14.25 6.35 34.27
C28 POV BA . 14.87 7.31 33.22
C29 POV BA . 15.48 6.54 32.02
C31 POV BA . 13.41 -0.89 35.43
O31 POV BA . 13.17 -0.13 34.28
C32 POV BA . 12.70 -0.51 36.74
O32 POV BA . 14.14 -1.82 35.39
C33 POV BA . 13.31 -1.24 37.95
C34 POV BA . 14.36 -0.37 38.69
C35 POV BA . 15.76 -0.50 38.06
C36 POV BA . 16.42 0.88 37.83
C37 POV BA . 15.46 1.91 37.20
C38 POV BA . 16.05 3.34 37.24
C39 POV BA . 15.04 4.39 37.77
N POV CA . 11.77 34.96 38.11
P POV CA . 15.03 32.74 41.18
C1 POV CA . 17.33 31.74 42.06
C2 POV CA . 17.94 30.35 42.26
C3 POV CA . 19.37 30.30 41.74
C210 POV CA . 13.17 21.43 37.88
C310 POV CA . 24.24 20.00 42.26
C11 POV CA . 12.83 33.29 39.77
O11 POV CA . 16.28 31.64 41.11
C211 POV CA . 13.17 20.03 37.23
C311 POV CA . 23.67 18.61 41.86
C12 POV CA . 12.92 34.03 38.38
O12 POV CA . 13.99 32.48 39.90
C212 POV CA . 13.83 18.97 38.16
C312 POV CA . 22.94 18.58 40.49
C13 POV CA . 10.57 34.12 37.89
O13 POV CA . 14.29 32.55 42.48
C213 POV CA . 13.06 17.63 38.27
C313 POV CA . 22.42 17.17 40.09
C14 POV CA . 11.86 35.87 36.94
O14 POV CA . 15.59 34.13 41.10
C214 POV CA . 12.40 17.19 36.93
C314 POV CA . 23.52 16.10 40.16
C15 POV CA . 11.58 35.85 39.29
C215 POV CA . 12.26 15.65 36.81
C315 POV CA . 23.97 15.61 38.77
C216 POV CA . 13.58 14.89 37.09
C316 POV CA . 24.04 14.09 38.69
C217 POV CA . 13.82 13.74 36.09
C218 POV CA . 14.81 12.68 36.61
C21 POV CA . 16.18 28.74 42.32
O21 POV CA . 17.18 29.40 41.56
C22 POV CA . 15.24 27.72 41.63
O22 POV CA . 16.05 28.96 43.48
C23 POV CA . 13.86 28.31 41.23
C24 POV CA . 13.52 28.04 39.74
C25 POV CA . 12.87 26.65 39.52
C26 POV CA . 13.88 25.61 38.97
C27 POV CA . 13.28 24.19 38.78
C28 POV CA . 14.20 23.13 39.45
C29 POV CA . 14.14 21.75 38.75
C31 POV CA . 20.66 28.75 40.48
O31 POV CA . 19.62 28.96 41.41
C32 POV CA . 20.70 27.47 39.67
O32 POV CA . 21.50 29.58 40.33
C33 POV CA . 22.10 27.20 39.05
C34 POV CA . 22.68 25.84 39.50
C35 POV CA . 21.62 24.70 39.55
C36 POV CA . 22.20 23.41 40.16
C37 POV CA . 22.95 23.66 41.49
C38 POV CA . 23.16 22.36 42.32
C39 POV CA . 23.68 21.20 41.45
CAA Y01 DA . 18.63 20.92 3.98
CBA Y01 DA . 17.59 21.28 2.94
CAB Y01 DA . 16.20 21.27 3.55
CAN Y01 DA . 17.91 22.62 2.28
CAJ Y01 DA . 19.31 23.12 2.50
CAO Y01 DA . 19.36 24.58 2.80
CBB Y01 DA . 20.05 24.99 4.10
CAC Y01 DA . 21.08 23.93 4.50
CBE Y01 DA . 20.67 26.38 3.91
CAP Y01 DA . 19.76 27.24 2.99
CAQ Y01 DA . 19.63 28.62 3.65
CBG Y01 DA . 20.88 28.68 4.51
CBI Y01 DA . 20.97 27.28 5.14
CAE Y01 DA . 19.93 27.04 6.24
CAU Y01 DA . 22.38 27.20 5.73
CAS Y01 DA . 22.62 28.33 6.74
CBF Y01 DA . 22.40 29.74 6.17
CBD Y01 DA . 21.03 29.84 5.47
CAK Y01 DA . 20.95 31.14 4.70
CAI Y01 DA . 21.52 32.27 5.47
CAZ Y01 DA . 22.06 32.17 6.66
CAV Y01 DA . 22.32 33.38 7.51
CBH Y01 DA . 22.57 30.85 7.23
CAD Y01 DA . 21.79 30.52 8.51
CAT Y01 DA . 24.06 31.06 7.57
CAR Y01 DA . 24.34 32.34 8.36
CBC Y01 DA . 23.79 33.56 7.67
OAW Y01 DA . 24.12 34.74 8.46
CAY Y01 DA . 23.19 35.61 8.87
OAG Y01 DA . 22.42 36.19 8.15
CAM Y01 DA . 23.29 35.88 10.34
CAL Y01 DA . 22.46 37.03 10.86
CAX Y01 DA . 23.24 38.27 11.27
OAH Y01 DA . 22.62 39.19 11.84
OAF Y01 DA . 24.45 38.30 11.03
N POV EA . 25.26 39.80 17.36
P POV EA . 27.52 39.61 12.83
C1 POV EA . 29.67 38.12 13.18
C2 POV EA . 30.27 36.78 12.76
C3 POV EA . 30.10 36.61 11.25
C210 POV EA . 28.10 25.77 11.43
C310 POV EA . 26.14 25.66 6.48
C11 POV EA . 26.61 39.32 15.30
O11 POV EA . 28.51 38.36 12.38
C211 POV EA . 27.08 25.02 12.34
C311 POV EA . 26.09 25.08 5.05
C12 POV EA . 25.29 39.91 15.87
O12 POV EA . 26.41 39.02 13.92
C212 POV EA . 26.58 23.72 11.68
C312 POV EA . 25.16 23.85 4.95
C13 POV EA . 26.40 40.59 17.91
O13 POV EA . 26.79 40.14 11.61
C213 POV EA . 25.26 23.19 12.31
C313 POV EA . 25.45 22.81 6.06
C14 POV EA . 25.33 38.46 17.97
O14 POV EA . 28.31 40.74 13.48
C214 POV EA . 24.25 22.68 11.25
C314 POV EA . 24.19 22.02 6.49
C15 POV EA . 23.97 40.40 17.78
C215 POV EA . 23.09 23.68 11.01
C315 POV EA . 23.57 21.22 5.33
C216 POV EA . 22.64 23.73 9.53
C316 POV EA . 22.15 20.73 5.67
C217 POV EA . 22.01 25.09 9.21
C218 POV EA . 23.06 26.19 9.43
C21 POV EA . 29.98 35.40 14.72
O21 POV EA . 29.61 35.71 13.38
C22 POV EA . 31.09 34.35 15.00
O22 POV EA . 29.43 35.94 15.62
C23 POV EA . 31.09 33.15 14.03
C24 POV EA . 31.06 31.78 14.77
C25 POV EA . 30.89 30.59 13.79
C26 POV EA . 29.51 29.88 13.90
C27 POV EA . 29.65 28.35 13.66
C28 POV EA . 28.37 27.67 13.11
C29 POV EA . 28.67 26.94 11.77
C31 POV EA . 29.81 34.73 9.81
O31 POV EA . 30.45 35.28 10.93
C32 POV EA . 30.26 33.35 9.27
O32 POV EA . 28.93 35.32 9.26
C33 POV EA . 29.51 32.98 7.96
C34 POV EA . 29.21 31.47 7.89
C35 POV EA . 28.54 30.96 9.20
C36 POV EA . 28.23 29.45 9.14
C37 POV EA . 27.38 29.08 7.90
C38 POV EA . 26.91 27.61 7.95
C39 POV EA . 26.93 26.98 6.53
CAA Y01 FA . -31.88 17.77 35.27
CBA Y01 FA . -31.92 16.84 34.06
CAB Y01 FA . -32.93 17.34 33.05
CAN Y01 FA . -30.56 16.71 33.43
CAJ Y01 FA . -30.40 15.53 32.53
CAO Y01 FA . -29.16 14.76 32.79
CBB Y01 FA . -28.69 13.90 31.61
CAC Y01 FA . -28.15 14.78 30.50
CBE Y01 FA . -27.66 12.88 32.11
CAP Y01 FA . -28.12 12.26 33.46
CAQ Y01 FA . -27.70 10.78 33.44
CBG Y01 FA . -26.66 10.76 32.32
CBI Y01 FA . -27.31 11.64 31.24
CAE Y01 FA . -28.58 11.02 30.65
CAU Y01 FA . -26.26 11.87 30.14
CAS Y01 FA . -25.69 10.56 29.63
CBF Y01 FA . -25.08 9.70 30.74
CBD Y01 FA . -26.09 9.44 31.87
CAK Y01 FA . -25.41 8.75 33.04
CAI Y01 FA . -24.40 7.74 32.61
CAZ Y01 FA . -24.08 7.49 31.36
CAV Y01 FA . -23.26 6.28 30.99
CBH Y01 FA . -24.43 8.41 30.20
CAD Y01 FA . -25.38 7.66 29.24
CAT Y01 FA . -23.12 8.77 29.48
CAR Y01 FA . -22.27 7.55 29.11
CBC Y01 FA . -21.98 6.68 30.30
OAW Y01 FA . -21.40 5.45 29.82
CAY Y01 FA . -20.10 5.35 29.85
OAG Y01 FA . -19.41 6.12 30.44
CAM Y01 FA . -19.58 4.19 29.05
CAL Y01 FA . -18.44 4.58 28.14
CAX Y01 FA . -17.31 3.59 27.97
OAH Y01 FA . -17.09 2.81 28.89
OAF Y01 FA . -16.64 3.61 26.92
CAA Y01 GA . -9.10 22.78 28.83
CBA Y01 GA . -8.14 21.69 28.41
CAB Y01 GA . -6.86 21.80 29.21
CAN Y01 GA . -8.75 20.32 28.57
CAJ Y01 GA . -7.99 19.18 27.94
CAO Y01 GA . -8.83 18.31 27.08
CBB Y01 GA . -8.37 16.86 26.94
CAC Y01 GA . -7.76 16.39 28.26
CBE Y01 GA . -9.53 15.98 26.46
CAP Y01 GA . -10.40 16.74 25.44
CAQ Y01 GA . -10.70 15.75 24.30
CBG Y01 GA . -10.51 14.40 24.96
CBI Y01 GA . -9.23 14.61 25.78
CAE Y01 GA . -8.02 14.75 24.85
CAU Y01 GA . -9.10 13.40 26.70
CAS Y01 GA . -9.15 12.08 25.94
CBF Y01 GA . -10.38 11.93 25.04
CBD Y01 GA . -10.53 13.15 24.11
CAK Y01 GA . -11.82 13.05 23.33
CAI Y01 GA . -12.05 11.69 22.77
CAZ Y01 GA . -11.38 10.60 23.12
CAV Y01 GA . -11.60 9.29 22.42
CBH Y01 GA . -10.38 10.58 24.26
CAD Y01 GA . -8.99 10.24 23.70
CAT Y01 GA . -10.81 9.45 25.21
CAR Y01 GA . -10.95 8.11 24.48
CBC Y01 GA . -11.97 8.19 23.38
OAW Y01 GA . -12.00 6.95 22.64
CAY Y01 GA . -12.64 5.90 23.16
OAG Y01 GA . -12.77 5.69 24.32
CAM Y01 GA . -13.16 4.98 22.11
CAL Y01 GA . -13.36 3.62 22.72
CAX Y01 GA . -14.38 2.73 22.05
OAH Y01 GA . -15.43 3.23 21.62
OAF Y01 GA . -14.14 1.51 21.96
C15 PCW HA . 5.56 3.87 26.21
C16 PCW HA . 6.45 5.05 26.73
C17 PCW HA . 7.44 4.58 27.83
C18 PCW HA . 7.99 5.77 28.68
C19 PCW HA . 9.34 6.29 28.11
C20 PCW HA . 10.11 7.13 28.80
C21 PCW HA . 9.72 7.65 30.21
C22 PCW HA . 10.73 8.75 30.65
C23 PCW HA . 10.46 9.32 32.05
C24 PCW HA . 11.33 10.57 32.33
C25 PCW HA . 11.27 11.01 33.81
C26 PCW HA . 11.05 12.54 33.96
C27 PCW HA . 9.56 12.89 34.23
C1 POV IA . -8.95 36.05 38.78
C2 POV IA . -7.45 36.00 39.06
C210 POV IA . -9.74 23.91 41.34
C211 POV IA . -8.99 23.29 40.13
C212 POV IA . -9.82 22.24 39.38
C213 POV IA . -9.03 21.70 38.16
C214 POV IA . -7.59 21.33 38.52
C215 POV IA . -6.90 20.54 37.40
C216 POV IA . -7.66 19.24 37.06
C21 POV IA . -6.96 33.81 39.82
O21 POV IA . -7.24 35.14 40.16
C22 POV IA . -6.89 32.73 40.91
O22 POV IA . -6.77 33.50 38.68
C23 POV IA . -6.31 31.42 40.33
C24 POV IA . -7.34 30.27 40.27
C25 POV IA . -7.74 29.78 41.69
C26 POV IA . -8.64 28.53 41.62
C27 POV IA . -7.89 27.35 40.98
C28 POV IA . -8.85 26.19 40.63
C29 POV IA . -8.97 25.17 41.78
N POV JA . 16.68 35.04 35.19
P POV JA . 12.49 32.96 34.11
C1 POV JA . 11.33 31.05 35.48
C2 POV JA . 11.76 29.61 35.81
C3 POV JA . 13.25 29.50 35.55
C210 POV JA . 6.57 22.33 32.39
C310 POV JA . 12.82 18.07 32.55
C11 POV JA . 15.01 33.19 34.88
O11 POV JA . 11.90 31.42 34.25
C211 POV JA . 7.91 21.94 31.74
C311 POV JA . 11.85 16.94 32.17
C12 POV JA . 15.80 34.05 35.90
O12 POV JA . 13.65 33.15 35.28
C212 POV JA . 7.81 20.63 30.90
C312 POV JA . 12.58 15.81 31.41
C13 POV JA . 17.72 35.47 36.15
O13 POV JA . 13.10 33.16 32.75
C213 POV JA . 8.15 20.87 29.41
C313 POV JA . 11.60 14.75 30.88
C14 POV JA . 17.40 34.63 33.96
O14 POV JA . 11.36 33.93 34.28
C214 POV JA . 8.42 19.58 28.61
C314 POV JA . 11.30 14.92 29.38
C15 POV JA . 15.81 36.17 34.84
C215 POV JA . 7.22 18.63 28.56
C315 POV JA . 12.32 14.15 28.51
C216 POV JA . 7.48 17.28 29.28
C316 POV JA . 12.28 12.64 28.82
C217 POV JA . 6.25 16.34 29.25
C218 POV JA . 6.46 15.10 28.35
C21 POV JA . 10.18 27.82 35.55
O21 POV JA . 11.09 28.73 34.95
C22 POV JA . 9.24 28.26 36.70
O22 POV JA . 10.12 26.71 35.14
C23 POV JA . 7.89 28.84 36.20
C24 POV JA . 6.67 28.00 36.66
C25 POV JA . 5.96 27.28 35.49
C26 POV JA . 6.52 25.86 35.22
C27 POV JA . 7.24 25.75 33.85
C28 POV JA . 7.68 24.29 33.50
C29 POV JA . 6.46 23.39 33.19
C31 POV JA . 13.93 27.28 35.16
O31 POV JA . 13.68 28.28 36.10
C32 POV JA . 13.31 25.90 35.34
O32 POV JA . 14.64 27.51 34.22
C33 POV JA . 13.52 24.95 34.14
C34 POV JA . 14.89 24.25 34.19
C35 POV JA . 15.16 23.33 33.00
C36 POV JA . 13.91 22.51 32.65
C37 POV JA . 14.07 21.03 33.04
C38 POV JA . 12.71 20.44 33.45
C39 POV JA . 12.18 19.47 32.37
N POV KA . -1.94 0.76 19.64
P POV KA . -4.84 1.77 23.57
C1 POV KA . -3.29 1.75 25.73
C2 POV KA . -4.05 2.52 26.82
C3 POV KA . -3.15 2.68 28.05
C210 POV KA . -8.54 10.30 29.73
C310 POV KA . -4.19 12.63 28.16
C11 POV KA . -3.46 1.92 21.30
O11 POV KA . -3.57 2.35 24.48
C211 POV KA . -7.21 11.01 30.10
C311 POV KA . -4.27 13.92 27.32
C12 POV KA . -2.10 1.19 21.07
O12 POV KA . -4.26 1.12 22.15
C212 POV KA . -7.42 12.02 31.25
C312 POV KA . -4.39 13.62 25.81
C13 POV KA . -0.71 -0.08 19.61
O13 POV KA . -5.81 2.89 23.26
C213 POV KA . -8.53 13.04 30.90
C313 POV KA . -3.43 14.50 24.98
C14 POV KA . -3.00 -0.05 18.99
O14 POV KA . -5.56 0.70 24.38
C214 POV KA . -9.51 13.26 32.07
C314 POV KA . -4.16 15.38 23.94
C15 POV KA . -1.77 1.97 18.82
C215 POV KA . -9.11 14.46 32.97
C315 POV KA . -4.41 16.84 24.36
C216 POV KA . -8.51 15.64 32.17
C316 POV KA . -3.78 17.25 25.70
C217 POV KA . -8.42 16.93 33.00
C218 POV KA . -7.86 16.67 34.43
C21 POV KA . -6.47 2.43 26.95
O21 POV KA . -5.21 1.79 27.12
C22 POV KA . -6.58 3.91 26.53
O22 POV KA . -7.47 1.82 27.14
C23 POV KA . -7.36 4.74 27.58
C24 POV KA . -6.43 5.41 28.60
C25 POV KA . -6.86 5.12 30.06
C26 POV KA . -8.23 5.78 30.41
C27 POV KA . -8.08 6.93 31.42
C28 POV KA . -7.58 8.23 30.73
C29 POV KA . -8.71 9.00 30.02
C31 POV KA . -2.39 4.70 29.07
O31 POV KA . -3.49 3.87 28.74
C32 POV KA . -2.38 5.47 30.41
O32 POV KA . -1.46 4.80 28.32
C33 POV KA . -2.71 6.98 30.25
C34 POV KA . -1.50 7.88 30.56
C35 POV KA . -1.81 9.40 30.46
C36 POV KA . -3.11 9.78 31.20
C37 POV KA . -3.21 11.30 31.49
C38 POV KA . -2.82 12.18 30.27
C39 POV KA . -4.03 12.94 29.66
C2 POV LA . -29.37 35.88 46.12
C210 POV LA . -24.38 27.39 39.71
C211 POV LA . -23.13 27.98 39.02
C212 POV LA . -22.02 26.92 38.85
C213 POV LA . -22.56 25.61 38.24
C214 POV LA . -22.69 25.72 36.70
C215 POV LA . -21.48 26.37 36.00
C216 POV LA . -21.98 27.53 35.12
C21 POV LA . -28.99 33.54 45.94
O21 POV LA . -28.53 34.78 46.44
C22 POV LA . -28.09 32.30 46.05
O22 POV LA . -30.07 33.45 45.45
C23 POV LA . -28.61 31.14 45.15
C24 POV LA . -27.67 30.84 43.96
C25 POV LA . -26.30 30.27 44.41
C26 POV LA . -25.60 29.42 43.33
C27 POV LA . -26.56 28.40 42.66
C28 POV LA . -25.85 27.33 41.78
C29 POV LA . -24.50 27.79 41.20
C3 POV MA . -9.41 28.80 47.34
C310 POV MA . -17.28 18.91 45.65
C311 POV MA . -16.75 17.75 44.77
C31 POV MA . -10.88 27.22 46.36
O31 POV MA . -10.58 28.03 47.48
C32 POV MA . -12.16 26.37 46.35
O32 POV MA . -10.14 27.17 45.43
C33 POV MA . -11.94 25.01 45.64
C34 POV MA . -12.26 23.83 46.58
C35 POV MA . -13.33 22.89 46.01
C36 POV MA . -13.15 21.45 46.52
C37 POV MA . -13.70 20.39 45.53
C38 POV MA . -14.82 19.51 46.14
C39 POV MA . -16.24 20.04 45.82
N POV NA . -25.46 5.95 9.00
P POV NA . -28.34 4.34 12.42
C1 POV NA . -30.09 6.21 12.93
C2 POV NA . -30.81 6.87 14.11
C3 POV NA . -32.27 6.43 14.12
C210 POV NA . -27.31 11.96 19.15
C310 POV NA . -35.06 12.66 19.49
C11 POV NA . -26.29 4.27 10.72
O11 POV NA . -29.02 5.44 13.44
C211 POV NA . -26.77 13.40 19.06
C311 POV NA . -36.08 12.24 20.58
C12 POV NA . -26.33 4.76 9.24
O12 POV NA . -27.22 5.07 11.44
C212 POV NA . -25.30 13.47 19.53
C312 POV NA . -35.52 12.41 22.02
C13 POV NA . -24.90 5.76 7.65
O13 POV NA . -27.64 3.24 13.20
C213 POV NA . -24.44 12.58 18.61
C313 POV NA . -36.52 13.07 22.98
C14 POV NA . -24.31 6.25 9.88
O14 POV NA . -29.43 3.76 11.54
C214 POV NA . -23.76 13.39 17.48
C314 POV NA . -35.89 14.24 23.78
C15 POV NA . -26.35 7.14 9.03
C215 POV NA . -22.95 12.45 16.58
C315 POV NA . -36.13 15.60 23.10
C216 POV NA . -21.49 12.93 16.45
C316 POV NA . -34.92 16.09 22.28
C217 POV NA . -20.87 13.23 17.82
C218 POV NA . -19.35 13.42 17.70
C21 POV NA . -31.54 9.08 13.32
O21 POV NA . -30.66 8.27 14.10
C22 POV NA . -32.49 10.08 14.02
O22 POV NA . -31.53 9.03 12.14
C23 POV NA . -31.88 11.50 14.18
C24 POV NA . -30.33 11.51 14.20
C25 POV NA . -29.75 11.99 15.55
C26 POV NA . -30.50 11.42 16.78
C27 POV NA . -30.82 12.51 17.83
C28 POV NA . -29.55 12.96 18.60
C29 POV NA . -28.62 11.76 18.93
C31 POV NA . -34.14 6.35 15.49
O31 POV NA . -32.83 6.79 15.36
C32 POV NA . -35.29 7.26 15.01
O32 POV NA . -34.38 5.28 15.95
C33 POV NA . -36.67 6.78 15.53
C34 POV NA . -37.09 7.54 16.82
C35 POV NA . -36.50 6.91 18.09
C36 POV NA . -35.86 7.96 19.03
C37 POV NA . -34.96 8.96 18.28
C38 POV NA . -34.56 10.16 19.17
C39 POV NA . -34.78 11.52 18.47
N POV OA . -25.87 40.68 22.19
P POV OA . -29.45 38.76 25.11
C1 POV OA . -30.55 37.58 27.21
C2 POV OA . -31.17 36.20 27.48
C3 POV OA . -30.68 35.64 28.82
C210 POV OA . -29.69 27.81 20.54
C310 POV OA . -34.32 25.13 31.24
C11 POV OA . -27.94 39.38 22.99
O11 POV OA . -29.67 37.45 26.11
C211 POV OA . -29.52 26.32 20.15
C311 POV OA . -34.34 23.85 30.35
C12 POV OA . -26.40 39.62 23.12
O12 POV OA . -28.31 38.38 23.94
C212 POV OA . -30.71 25.44 20.64
C312 POV OA . -33.00 23.56 29.62
C13 POV OA . -25.94 40.12 20.82
O13 POV OA . -30.76 39.10 24.44
C213 POV OA . -31.22 24.41 19.60
C313 POV OA . -33.08 22.34 28.67
C14 POV OA . -24.47 41.13 22.37
O14 POV OA . -28.96 39.95 25.92
C214 POV OA . -30.08 23.77 18.77
C314 POV OA . -33.49 21.05 29.39
C15 POV OA . -26.70 41.89 22.32
C215 POV OA . -30.44 22.34 18.26
C315 POV OA . -32.28 20.13 29.71
C216 POV OA . -30.94 21.41 19.39
C316 POV OA . -32.62 18.66 29.48
C217 POV OA . -30.33 19.99 19.29
C218 POV OA . -31.15 18.90 20.03
C21 POV OA . -31.71 35.17 25.40
O21 POV OA . -30.80 35.31 26.48
C22 POV OA . -31.38 34.24 24.21
O22 POV OA . -32.75 35.76 25.41
C23 POV OA . -30.82 34.99 22.98
C24 POV OA . -29.47 34.39 22.50
C25 POV OA . -29.66 33.18 21.53
C26 POV OA . -29.43 31.82 22.25
C27 POV OA . -29.72 30.60 21.34
C28 POV OA . -30.62 29.58 22.08
C29 POV OA . -30.41 28.11 21.62
C31 POV OA . -29.94 33.53 29.61
O31 POV OA . -30.74 34.24 28.70
C32 POV OA . -29.57 32.08 29.28
O32 POV OA . -29.57 34.04 30.60
C33 POV OA . -29.02 31.33 30.52
C34 POV OA . -29.84 30.06 30.84
C35 POV OA . -30.26 29.27 29.58
C36 POV OA . -31.23 28.12 29.91
C37 POV OA . -32.42 28.57 30.79
C38 POV OA . -33.62 27.58 30.75
C39 POV OA . -33.15 26.12 30.95
N POV PA . -6.88 13.93 -22.82
P POV PA . -10.70 14.18 -25.62
C1 POV PA . -10.59 16.45 -26.91
C2 POV PA . -11.52 17.57 -27.42
C3 POV PA . -11.64 17.48 -28.94
C210 POV PA . -14.80 23.13 -22.56
C310 POV PA . -14.72 25.31 -29.68
C11 POV PA . -9.09 13.15 -23.80
O11 POV PA . -11.28 15.71 -25.92
C211 POV PA . -14.48 24.38 -21.72
C311 POV PA . -15.87 25.65 -30.66
C12 POV PA . -7.54 13.04 -23.84
O12 POV PA . -9.43 14.28 -24.58
C212 POV PA . -14.62 24.05 -20.22
C312 POV PA . -17.11 26.22 -29.93
C13 POV PA . -5.68 13.19 -22.38
O13 POV PA . -11.78 13.31 -24.99
C213 POV PA . -13.75 22.84 -19.91
C313 POV PA . -18.00 27.12 -30.82
C14 POV PA . -7.60 14.33 -21.59
O14 POV PA . -10.25 13.58 -26.93
C214 POV PA . -12.84 23.10 -18.68
C314 POV PA . -18.47 28.38 -30.07
C15 POV PA . -6.49 15.18 -23.51
C215 POV PA . -12.21 21.80 -18.17
C315 POV PA . -17.37 29.47 -30.04
C216 POV PA . -11.86 21.89 -16.68
C316 POV PA . -16.82 29.74 -28.63
C217 POV PA . -13.00 22.53 -15.88
C218 POV PA . -12.83 22.31 -14.37
C21 POV PA . -10.06 19.53 -27.72
O21 POV PA . -11.06 18.84 -26.99
C22 POV PA . -10.38 20.88 -28.41
O22 POV PA . -8.94 19.11 -27.80
C23 POV PA . -10.06 22.10 -27.50
C24 POV PA . -10.04 21.77 -25.99
C25 POV PA . -11.15 22.50 -25.19
C26 POV PA . -12.51 22.56 -25.94
C27 POV PA . -13.16 23.97 -25.90
C28 POV PA . -13.68 24.30 -24.47
C29 POV PA . -14.43 23.10 -23.85
C31 POV PA . -12.88 18.30 -30.73
O31 POV PA . -12.63 18.41 -29.36
C32 POV PA . -12.07 19.17 -31.71
O32 POV PA . -13.72 17.56 -31.14
C33 POV PA . -12.70 19.23 -33.12
C34 POV PA . -13.65 20.44 -33.26
C35 POV PA . -15.11 20.10 -32.88
C36 POV PA . -15.73 21.17 -31.95
C37 POV PA . -14.79 21.56 -30.79
C38 POV PA . -15.28 22.84 -30.08
C39 POV PA . -14.15 23.89 -29.89
N POV QA . -8.90 49.90 -14.56
P POV QA . -12.33 49.83 -18.14
C1 POV QA . -14.70 49.65 -19.32
C2 POV QA . -15.41 48.57 -20.15
C3 POV QA . -16.82 48.34 -19.61
C210 POV QA . -11.28 38.43 -21.18
C310 POV QA . -22.39 40.16 -25.48
C11 POV QA . -10.07 49.32 -16.79
O11 POV QA . -13.73 49.01 -18.51
C211 POV QA . -11.31 36.91 -21.47
C311 POV QA . -21.65 38.84 -25.81
C12 POV QA . -10.09 49.27 -15.22
O12 POV QA . -11.32 48.83 -17.24
C212 POV QA . -11.90 36.61 -22.88
C312 POV QA . -21.08 38.10 -24.57
C13 POV QA . -7.73 49.02 -14.83
O13 POV QA . -11.62 50.22 -19.42
C213 POV QA . -11.35 35.33 -23.58
C313 POV QA . -20.77 36.62 -24.82
C14 POV QA . -8.93 50.11 -13.09
O14 POV QA . -12.66 51.07 -17.33
C214 POV QA . -10.86 34.23 -22.61
C314 POV QA . -21.95 35.86 -25.46
C15 POV QA . -8.69 51.25 -15.14
C215 POV QA . -10.96 32.80 -23.21
C315 POV QA . -22.42 34.67 -24.60
C216 POV QA . -12.40 32.47 -23.69
C316 POV QA . -22.54 33.37 -25.42
C217 POV QA . -12.72 30.96 -23.66
C218 POV QA . -13.62 30.50 -24.83
C21 POV QA . -13.67 47.15 -21.02
O21 POV QA . -14.71 47.36 -20.07
C22 POV QA . -12.80 45.87 -20.94
O22 POV QA . -13.48 47.94 -21.89
C23 POV QA . -11.44 46.08 -20.23
C24 POV QA . -11.17 45.00 -19.15
C25 POV QA . -10.61 43.68 -19.73
C26 POV QA . -11.68 42.56 -19.79
C27 POV QA . -11.21 41.25 -20.49
C28 POV QA . -12.33 40.72 -21.42
C29 POV QA . -12.27 39.19 -21.67
C31 POV QA . -18.25 46.47 -19.21
O31 POV QA . -17.16 47.01 -19.92
C32 POV QA . -18.48 44.96 -19.22
O32 POV QA . -18.99 47.18 -18.62
C33 POV QA . -19.96 44.56 -19.04
C34 POV QA . -20.52 43.73 -20.22
C35 POV QA . -19.48 42.83 -20.91
C36 POV QA . -20.08 42.04 -22.09
C37 POV QA . -20.86 42.93 -23.08
C38 POV QA . -21.17 42.19 -24.42
C39 POV QA . -21.92 40.86 -24.16
CAA Y01 RA . 2.52 16.03 23.19
CBA Y01 RA . 3.62 16.32 22.18
CAB Y01 RA . 3.03 16.81 20.88
CAN Y01 RA . 4.66 17.29 22.76
CAJ Y01 RA . 4.59 17.49 24.24
CAO Y01 RA . 4.75 18.93 24.63
CBB Y01 RA . 3.63 19.50 25.51
CAC Y01 RA . 2.96 18.39 26.30
CBE Y01 RA . 4.24 20.59 26.40
CAP Y01 RA . 5.37 21.34 25.64
CAQ Y01 RA . 5.15 22.83 25.89
CBG Y01 RA . 4.36 22.84 27.18
CBI Y01 RA . 3.34 21.71 27.00
CAE Y01 RA . 2.21 22.05 26.03
CAU Y01 RA . 2.75 21.47 28.39
CAS Y01 RA . 2.14 22.74 28.97
CBF Y01 RA . 3.10 23.93 29.03
CBD Y01 RA . 3.79 24.16 27.67
CAK Y01 RA . 4.91 25.16 27.82
CAI Y01 RA . 4.50 26.32 28.66
CAZ Y01 RA . 3.34 26.42 29.28
CAV Y01 RA . 2.88 27.73 29.86
CBH Y01 RA . 2.43 25.23 29.55
CAD Y01 RA . 1.08 25.45 28.88
CAT Y01 RA . 2.24 25.17 31.08
CAR Y01 RA . 1.87 26.51 31.71
CBC Y01 RA . 2.85 27.60 31.35
OAW Y01 RA . 2.41 28.85 31.99
CAY Y01 RA . 2.30 29.99 31.32
OAG Y01 RA . 3.16 30.49 30.64
CAM Y01 RA . 0.98 30.66 31.59
CAL Y01 RA . 0.85 32.08 31.09
CAX Y01 RA . 0.80 33.16 32.17
OAH Y01 RA . 0.56 34.33 31.82
OAF Y01 RA . 0.98 32.82 33.34
N POV SA . -4.67 35.85 34.91
P POV SA . -0.42 33.89 36.80
C1 POV SA . -1.18 32.09 38.59
C2 POV SA . -1.19 30.57 38.81
C3 POV SA . 0.21 30.04 38.53
C210 POV SA . -3.13 20.49 34.16
C310 POV SA . 1.49 19.48 31.81
C11 POV SA . -2.86 34.49 36.00
O11 POV SA . -0.35 32.37 37.47
C211 POV SA . -4.17 20.33 33.02
C311 POV SA . 2.65 18.49 31.55
C12 POV SA . -3.21 35.54 34.90
O12 POV SA . -1.62 33.88 35.66
C212 POV SA . -3.96 19.04 32.20
C312 POV SA . 2.37 17.56 30.36
C13 POV SA . -5.00 36.46 36.22
O13 POV SA . 0.91 34.22 36.15
C213 POV SA . -4.77 19.01 30.87
C313 POV SA . 0.99 16.86 30.47
C14 POV SA . -5.63 34.75 34.70
O14 POV SA . -0.74 34.92 37.87
C214 POV SA . -3.94 18.48 29.67
C314 POV SA . 0.39 16.49 29.09
C15 POV SA . -4.88 36.84 33.82
C215 POV SA . -3.42 19.62 28.77
C315 POV SA . 1.32 15.59 28.26
C216 POV SA . -2.05 19.29 28.12
C316 POV SA . 0.86 15.49 26.79
C217 POV SA . -1.26 20.57 27.85
C218 POV SA . -1.01 21.31 29.17
C21 POV SA . -3.45 29.95 38.29
O21 POV SA . -2.08 29.95 37.94
C22 POV SA . -4.04 28.79 39.14
O22 POV SA . -4.14 30.84 37.92
C23 POV SA . -3.43 27.40 38.83
C24 POV SA . -4.52 26.32 38.62
C25 POV SA . -3.92 24.98 38.11
C26 POV SA . -4.23 24.68 36.62
C27 POV SA . -4.49 23.18 36.39
C28 POV SA . -4.15 22.68 34.95
C29 POV SA . -3.12 21.52 35.01
C31 POV SA . 1.09 27.97 37.73
O31 POV SA . 0.14 28.62 38.54
C32 POV SA . 1.21 26.43 37.80
O32 POV SA . 1.77 28.58 36.99
C33 POV SA . 2.32 25.89 36.87
C34 POV SA . 1.94 24.51 36.27
C35 POV SA . 0.52 24.54 35.66
C36 POV SA . 0.15 23.20 34.98
C37 POV SA . 1.21 22.76 33.94
C38 POV SA . 0.71 21.54 33.13
C39 POV SA . 1.85 20.54 32.87
CAA Y01 TA . -28.31 34.44 -24.27
CBA Y01 TA . -27.44 33.24 -24.61
CAB Y01 TA . -26.32 33.66 -25.55
CAN Y01 TA . -26.87 32.61 -23.36
CAJ Y01 TA . -26.35 31.22 -23.54
CAO Y01 TA . -26.85 30.27 -22.51
CBB Y01 TA . -25.98 29.04 -22.32
CAC Y01 TA . -24.66 29.41 -21.67
CBE Y01 TA . -26.77 27.99 -21.53
CAP Y01 TA . -28.24 27.92 -22.02
CAQ Y01 TA . -28.67 26.44 -21.95
CBG Y01 TA . -27.61 25.86 -21.02
CBI Y01 TA . -26.31 26.51 -21.53
CAE Y01 TA . -25.94 26.05 -22.95
CAU Y01 TA . -25.21 26.14 -20.54
CAS Y01 TA . -25.11 24.63 -20.32
CBF Y01 TA . -26.43 24.03 -19.84
CBD Y01 TA . -27.57 24.36 -20.81
CAK Y01 TA . -28.91 23.91 -20.22
CAI Y01 TA . -28.80 22.60 -19.50
CAZ Y01 TA . -27.69 21.92 -19.33
CAV Y01 TA . -27.71 20.50 -18.85
CBH Y01 TA . -26.31 22.51 -19.55
CAD Y01 TA . -25.62 21.77 -20.71
CAT Y01 TA . -25.51 22.30 -18.26
CAR Y01 TA . -25.54 20.87 -17.74
CBC Y01 TA . -26.93 20.35 -17.58
OAW Y01 TA . -26.84 18.92 -17.32
CAY Y01 TA . -26.87 18.53 -16.08
OAG Y01 TA . -27.18 19.25 -15.19
CAM Y01 TA . -26.44 17.11 -15.90
CAL Y01 TA . -25.45 16.92 -14.78
CAX Y01 TA . -25.61 15.69 -13.92
OAH Y01 TA . -26.72 15.20 -13.81
OAF Y01 TA . -24.60 15.23 -13.35
CAA Y01 UA . -20.64 31.71 -1.48
CBA Y01 UA . -20.56 30.35 -0.83
CAB Y01 UA . -21.27 30.37 0.49
CAN Y01 UA . -21.13 29.27 -1.73
CAJ Y01 UA . -20.89 27.85 -1.30
CAO Y01 UA . -20.32 27.00 -2.38
CBB Y01 UA . -20.63 25.50 -2.27
CAC Y01 UA . -22.04 25.31 -1.70
CBE Y01 UA . -20.44 24.83 -3.63
CAP Y01 UA . -19.23 25.45 -4.38
CAQ Y01 UA . -18.44 24.27 -4.98
CBG Y01 UA . -19.48 23.17 -5.07
CBI Y01 UA . -20.19 23.29 -3.71
CAE Y01 UA . -19.27 22.86 -2.57
CAU Y01 UA . -21.44 22.41 -3.79
CAS Y01 UA . -21.10 20.97 -4.20
CBF Y01 UA . -20.29 20.87 -5.49
CBD Y01 UA . -19.05 21.76 -5.42
CAK Y01 UA . -18.34 21.76 -6.76
CAI Y01 UA . -18.22 20.40 -7.34
CAZ Y01 UA . -18.86 19.33 -6.91
CAV Y01 UA . -18.59 17.95 -7.49
CBH Y01 UA . -19.96 19.39 -5.86
CAD Y01 UA . -19.50 18.59 -4.63
CAT Y01 UA . -21.20 18.72 -6.46
CAR Y01 UA . -20.90 17.31 -6.95
CBC Y01 UA . -19.85 17.31 -8.02
OAW Y01 UA . -19.51 15.95 -8.38
CAY Y01 UA . -20.31 15.29 -9.22
OAG Y01 UA . -21.47 15.47 -9.32
CAM Y01 UA . -19.59 14.24 -9.99
CAL Y01 UA . -20.59 13.22 -10.46
CAX Y01 UA . -20.22 12.44 -11.71
OAH Y01 UA . -19.62 13.04 -12.62
OAF Y01 UA . -20.54 11.24 -11.77
C15 PCW VA . -23.90 9.90 8.34
C16 PCW VA . -24.03 10.96 9.47
C17 PCW VA . -25.22 10.65 10.42
C18 PCW VA . -25.64 11.89 11.27
C19 PCW VA . -24.97 11.86 12.67
C20 PCW VA . -25.39 12.65 13.67
C21 PCW VA . -26.55 13.64 13.49
C22 PCW VA . -26.67 14.55 14.75
C23 PCW VA . -27.80 15.58 14.68
C24 PCW VA . -27.67 16.63 15.82
C25 PCW VA . -28.98 17.43 16.04
C26 PCW VA . -28.73 18.95 16.12
C27 PCW VA . -28.77 19.64 14.73
C1 POV WA . -26.21 46.81 2.41
C2 POV WA . -26.52 46.52 3.88
C210 POV WA . -32.21 36.53 -0.95
C211 POV WA . -31.33 35.38 -0.43
C212 POV WA . -30.81 34.44 -1.53
C213 POV WA . -29.82 33.40 -0.94
C214 POV WA . -30.32 32.78 0.38
C215 POV WA . -29.50 31.55 0.79
C216 POV WA . -29.55 30.45 -0.27
C21 POV WA . -27.90 44.59 3.92
O21 POV WA . -27.82 46.00 3.97
C22 POV WA . -29.26 43.89 3.82
O22 POV WA . -26.92 43.92 3.96
C23 POV WA . -29.11 42.37 4.04
C24 POV WA . -29.36 41.55 2.75
C25 POV WA . -30.85 41.59 2.33
C26 POV WA . -31.11 40.59 1.18
C27 POV WA . -30.80 39.15 1.61
C28 POV WA . -30.82 38.18 0.41
C29 POV WA . -32.24 37.63 0.13
N POV XA . -23.05 38.75 26.78
P POV XA . -22.57 37.51 22.19
C1 POV XA . -24.42 36.42 20.67
C2 POV XA . -25.20 35.11 20.80
C3 POV XA . -25.03 34.58 22.23
C210 POV XA . -24.20 28.62 13.84
C310 POV XA . -25.68 23.22 18.99
C11 POV XA . -23.34 37.34 24.72
O11 POV XA . -23.16 36.24 21.30
C211 POV XA . -23.67 27.73 14.99
C311 POV XA . -25.54 22.29 17.75
C12 POV XA . -24.03 38.28 25.76
O12 POV XA . -23.66 37.79 23.42
C212 POV XA . -23.22 26.33 14.49
C312 POV XA . -25.17 20.85 18.19
C13 POV XA . -23.82 39.19 27.97
O13 POV XA . -21.23 37.17 22.77
C213 POV XA . -21.80 25.97 15.00
C313 POV XA . -25.01 19.91 16.97
C14 POV XA . -22.00 37.83 27.30
O14 POV XA . -22.42 38.71 21.30
C214 POV XA . -21.38 24.50 14.77
C314 POV XA . -23.54 19.71 16.59
C15 POV XA . -22.36 39.90 26.17
C215 POV XA . -21.77 23.98 13.37
C315 POV XA . -22.94 18.48 17.31
C216 POV XA . -22.71 22.75 13.43
C316 POV XA . -23.71 17.20 16.96
C217 POV XA . -23.02 22.18 12.04
C218 POV XA . -22.55 20.72 11.86
C21 POV XA . -25.54 33.74 18.86
O21 POV XA . -24.68 34.17 19.91
C22 POV XA . -26.48 34.73 18.13
O22 POV XA . -25.51 32.60 18.53
C23 POV XA . -25.80 35.42 16.92
C24 POV XA . -26.51 35.10 15.58
C25 POV XA . -25.64 34.24 14.62
C26 POV XA . -25.83 32.71 14.85
C27 POV XA . -24.56 32.03 15.43
C28 POV XA . -24.65 30.48 15.49
C29 POV XA . -24.65 29.86 14.06
C31 POV XA . -25.32 32.24 22.36
O31 POV XA . -25.93 33.51 22.37
C32 POV XA . -25.89 31.15 21.45
O32 POV XA . -24.38 32.04 23.04
C33 POV XA . -25.00 29.89 21.38
C34 POV XA . -25.28 28.92 22.55
C35 POV XA . -24.39 27.66 22.52
C36 POV XA . -24.31 27.09 21.10
C37 POV XA . -25.17 25.82 20.96
C38 POV XA . -25.70 25.69 19.52
C39 POV XA . -24.97 24.56 18.77
N POV YA . -18.62 6.91 -0.21
P POV YA . -22.03 9.70 -2.53
C1 POV YA . -24.06 9.94 -0.84
C2 POV YA . -24.86 11.15 -1.32
C3 POV YA . -25.99 11.44 -0.33
C210 POV YA . -25.31 20.22 -3.74
C310 POV YA . -23.10 20.89 0.98
C11 POV YA . -19.78 8.86 -1.37
O11 POV YA . -22.69 10.19 -1.08
C211 POV YA . -25.44 20.67 -2.26
C311 POV YA . -21.92 21.89 1.05
C12 POV YA . -19.80 7.82 -0.20
O12 POV YA . -20.87 8.55 -2.24
C212 POV YA . -26.25 21.98 -2.14
C312 POV YA . -20.57 21.23 0.70
C13 POV YA . -18.86 5.91 0.85
O13 POV YA . -21.40 10.89 -3.25
C213 POV YA . -25.59 23.12 -2.95
C313 POV YA . -19.54 21.45 1.82
C14 POV YA . -18.31 6.13 -1.44
O14 POV YA . -23.12 9.12 -3.39
C214 POV YA . -26.60 23.92 -3.80
C314 POV YA . -18.26 22.15 1.33
C15 POV YA . -17.42 7.72 0.09
C215 POV YA . -27.07 25.22 -3.13
C315 POV YA . -18.28 23.69 1.39
C216 POV YA . -25.95 25.91 -2.30
C316 POV YA . -19.32 24.27 2.37
C217 POV YA . -26.37 27.32 -1.83
C218 POV YA . -27.80 27.35 -1.26
C21 POV YA . -25.02 11.67 -3.69
O21 POV YA . -25.39 10.84 -2.59
C22 POV YA . -24.14 12.93 -3.50
O22 POV YA . -25.40 11.40 -4.78
C23 POV YA . -24.88 14.19 -3.99
C24 POV YA . -25.63 14.91 -2.85
C25 POV YA . -27.11 15.15 -3.20
C26 POV YA . -27.30 16.13 -4.38
C27 POV YA . -27.94 17.47 -3.95
C28 POV YA . -26.91 18.37 -3.21
C29 POV YA . -25.99 19.15 -4.19
C31 POV YA . -26.37 13.44 0.92
O31 POV YA . -26.31 12.83 -0.35
C32 POV YA . -27.38 14.57 1.18
O32 POV YA . -25.64 13.08 1.80
C33 POV YA . -26.73 15.98 1.23
C34 POV YA . -26.80 16.60 2.65
C35 POV YA . -26.29 18.07 2.69
C36 POV YA . -26.87 18.94 1.55
C37 POV YA . -26.71 20.46 1.80
C38 POV YA . -25.29 20.83 2.30
C39 POV YA . -24.46 21.59 1.24
C2 POV ZA . -33.25 53.69 -16.94
C210 POV ZA . -29.62 42.90 -14.50
C211 POV ZA . -28.80 42.93 -13.19
C212 POV ZA . -29.00 41.65 -12.36
C213 POV ZA . -28.82 40.38 -13.21
C214 POV ZA . -27.34 40.11 -13.48
C215 POV ZA . -26.45 40.08 -12.22
C216 POV ZA . -25.21 40.96 -12.42
C21 POV ZA . -33.77 51.37 -17.11
O21 POV ZA . -33.88 52.55 -16.35
C22 POV ZA . -34.22 50.04 -16.49
O22 POV ZA . -33.33 51.40 -18.20
C23 POV ZA . -33.72 48.82 -17.32
C24 POV ZA . -32.63 48.02 -16.57
C25 POV ZA . -33.18 47.36 -15.27
C26 POV ZA . -32.46 46.04 -14.90
C27 POV ZA . -32.21 45.11 -16.12
C28 POV ZA . -31.66 43.71 -15.77
C29 POV ZA . -30.98 43.62 -14.38
C3 POV AB . -36.59 42.74 0.86
C310 POV AB . -37.86 34.96 -9.11
C311 POV AB . -37.35 33.51 -8.91
C31 POV AB . -36.08 41.34 -0.99
O31 POV AB . -36.91 42.34 -0.45
C32 POV AB . -36.28 40.86 -2.43
O32 POV AB . -35.22 40.85 -0.32
C33 POV AB . -36.00 39.35 -2.56
C34 POV AB . -37.27 38.57 -3.02
C35 POV AB . -37.06 37.83 -4.35
C36 POV AB . -37.93 36.56 -4.43
C37 POV AB . -37.30 35.46 -5.31
C38 POV AB . -38.16 35.09 -6.54
C39 POV AB . -37.71 35.83 -7.84
#